data_6DCQ
#
_entry.id   6DCQ
#
_cell.length_a   1
_cell.length_b   1
_cell.length_c   1
_cell.angle_alpha   90.00
_cell.angle_beta   90.00
_cell.angle_gamma   90.00
#
_symmetry.space_group_name_H-M   'P 1'
#
loop_
_entity.id
_entity.type
_entity.pdbx_description
1 polymer 'Envelope glycoprotein gp160'
2 polymer 'Envelope glycoprotein gp160'
3 polymer 'Immunoglobulin G PGT151 Fab, Heavy chain'
4 polymer 'Immunoglobulin G PGT151 Fab, Light chain'
5 branched alpha-L-fucopyranose-(1-6)-2-acetamido-2-deoxy-beta-D-glucopyranose
6 branched 2-acetamido-2-deoxy-beta-D-glucopyranose-(1-4)-2-acetamido-2-deoxy-beta-D-glucopyranose
7 branched alpha-D-mannopyranose-(1-2)-alpha-D-mannopyranose-(1-3)-[alpha-D-mannopyranose-(1-6)]beta-D-mannopyranose-(1-4)-2-acetamido-2-deoxy-beta-D-glucopyranose-(1-4)-2-acetamido-2-deoxy-beta-D-glucopyranose
8 branched 2-acetamido-2-deoxy-beta-D-glucopyranose-(1-4)-[alpha-L-fucopyranose-(1-6)]2-acetamido-2-deoxy-beta-D-glucopyranose
9 branched alpha-D-mannopyranose-(1-3)-[alpha-D-mannopyranose-(1-6)]beta-D-mannopyranose-(1-4)-2-acetamido-2-deoxy-beta-D-glucopyranose-(1-4)-2-acetamido-2-deoxy-beta-D-glucopyranose
10 branched beta-D-galactopyranose-(1-4)-2-acetamido-2-deoxy-beta-D-glucopyranose-(1-2)-[beta-D-galactopyranose-(1-4)-2-acetamido-2-deoxy-beta-D-glucopyranose-(1-6)]alpha-D-mannopyranose-(1-6)-[alpha-D-mannopyranose-(1-3)]beta-D-mannopyranose-(1-4)-2-acetamido-2-deoxy-beta-D-glucopyranose-(1-4)-[alpha-L-fucopyranose-(1-6)]2-acetamido-2-deoxy-beta-D-glucopyranose
11 branched 2-acetamido-2-deoxy-beta-D-glucopyranose-(1-2)-[2-acetamido-2-deoxy-beta-D-glucopyranose-(1-4)]alpha-D-mannopyranose-(1-3)-[2-acetamido-2-deoxy-beta-D-glucopyranose-(1-2)-alpha-D-mannopyranose-(1-6)]beta-D-mannopyranose-(1-4)-2-acetamido-2-deoxy-beta-D-glucopyranose-(1-4)-[alpha-L-fucopyranose-(1-6)]2-acetamido-2-deoxy-beta-D-glucopyranose
12 branched alpha-D-mannopyranose-(1-2)-alpha-D-mannopyranose-(1-3)-[alpha-D-mannopyranose-(1-3)-alpha-D-mannopyranose-(1-6)]beta-D-mannopyranose-(1-4)-2-acetamido-2-deoxy-beta-D-glucopyranose-(1-4)-2-acetamido-2-deoxy-beta-D-glucopyranose
13 branched beta-D-galactopyranose-(1-4)-2-acetamido-2-deoxy-beta-D-glucopyranose-(1-2)-[beta-D-galactopyranose-(1-4)-2-acetamido-2-deoxy-beta-D-glucopyranose-(1-6)]alpha-D-mannopyranose-(1-6)-beta-D-mannopyranose-(1-4)-2-acetamido-2-deoxy-beta-D-glucopyranose-(1-4)-[alpha-L-fucopyranose-(1-6)]2-acetamido-2-deoxy-beta-D-glucopyranose
14 non-polymer 2-acetamido-2-deoxy-beta-D-glucopyranose
#
loop_
_entity_poly.entity_id
_entity_poly.type
_entity_poly.pdbx_seq_one_letter_code
_entity_poly.pdbx_strand_id
1 'polypeptide(L)'
;SAANNLWVTVYYGVPVWRDAETTLFCASDAKAYDTEVHNVWATHACVPTDPSPQEIHLANVTEKFDMWKNSMVEQMHTDI
ISLWDESLKPCVKLTPLCITLNCTNITRNVTGGNLTEEGKEELKNCSFNATTELRDKIQKVHSLFYRLDLVELNEGNSSD
SNTSMYRLINCNTSAITQACPKVSFEPIPIHYCAPAGFAILKCREKEFNGTGPCKKVSTVQCTHGIKPVVSTQLLLNGSL
AEGKVKIRCENISNNAKTILVQLTTPVRINCTRPSNNTRTSIRIGPGQSFYATGDIIGDIRKAYCNVSESEWKEALGKVV
EQLRNHFNKTITFASSSGGDLEITTHSFNCGGEFFYCNTSSLFNSTWDGNSATNSTQVPNGTITLPCRIKQIINMWQRTG
QAMYAPPIPGKIRCDSNITGLILIRDGGNNNNESETFRPGGGDMRNNWRSELYKYKVVKIDPLGVAPTGAKRRVVEREKR
;
A,C,E
2 'polypeptide(L)'
;AVGIGAVLFGFLGAAGSTMGAASLTLTVQARQLLSGIVQQQSNLLRAIEAQQHLLRLTVWGIKQLQARVLAVERYLSDQQ
LLGIWGCSGKLICTTNVPWNSSWSNKSQDEIWNNMTWLQWDKEISNYTDTIYYLIEKSQNQQEVNEKDLLALDKWTNLWN
WFGISNWLWYIRIFIMIVGGLIGLRIIFAVLSVINRVRQGYSPVSFQTLTPNPRELDRPGGIEEGDGELGKTRSIRLVGG
FLALFWDDLRSLCLFSYHRLRDFILIAARILELLGHNSLKGLRLGWEGLKYLGNLLLYWGRELKNSAVNLVDTIAIVVAG
WTDRVIEVLQGIGRAFLHIPRRIRQGFERALL
;
B,D,F
3 'polypeptide(L)'
;RVQLVESGGGVVQPGKSVRLSCVVSDFPFSKYPMYWVRQAPGKGLEWVAAISGDAWHVVYSNSVQGRFLVSRDNVKNTLY
LEMNSLKIEDTAVYRCARMFQESGPPRLDRWSGRNYYYYSGMDVWGQGTTVTVSSASTKGPSVFPLAPSSKSTSGGTAAL
GCLVKDYFPEPVTVSWNSGALTSGVHTFPAVLQSSGLYSLSSVVTVPSSSLGTQTYICNVNHKPSNTKVDKRVEPKSCDK
;
H,M
4 'polypeptide(L)'
;DIVMTQTPLSLSVTPGQPASISCKSSESLRQSNGKTSLYWYRQKPGQSPQLLVFEVSNRFSGVSDRFVGSGSGTDFTLRI
SRVEAEDVGFYYCMQSKDFPLTFGGGTKVDLKRTVAAPSVFIFPPSDEQLKSGTASVVCLLNNFYPREAKVQWKVDNALQ
SGNSQESVTEQDSKDSTYSLSSTLTLSKADYEKHKVYACEVTHQGLSSPVTKSFNRGEC
;
L,N
#
loop_
_chem_comp.id
_chem_comp.type
_chem_comp.name
_chem_comp.formula
BMA D-saccharide, beta linking beta-D-mannopyranose 'C6 H12 O6'
FUC L-saccharide, alpha linking alpha-L-fucopyranose 'C6 H12 O5'
GAL D-saccharide, beta linking beta-D-galactopyranose 'C6 H12 O6'
MAN D-saccharide, alpha linking alpha-D-mannopyranose 'C6 H12 O6'
NAG D-saccharide, beta linking 2-acetamido-2-deoxy-beta-D-glucopyranose 'C8 H15 N O6'
#
# COMPACT_ATOMS: atom_id res chain seq x y z
N ASN A 4 -15.69 51.82 27.34
CA ASN A 4 -15.62 50.41 26.99
C ASN A 4 -14.33 50.05 26.27
N ASN A 5 -13.93 48.79 26.39
CA ASN A 5 -12.72 48.29 25.75
C ASN A 5 -13.08 47.62 24.43
N LEU A 6 -12.09 46.93 23.85
CA LEU A 6 -12.25 46.31 22.54
C LEU A 6 -11.44 45.02 22.55
N TRP A 7 -12.04 43.93 22.13
CA TRP A 7 -11.51 42.61 22.43
C TRP A 7 -11.21 41.84 21.14
N VAL A 8 -10.35 40.84 21.27
CA VAL A 8 -9.91 40.02 20.15
C VAL A 8 -10.88 38.86 19.98
N THR A 9 -11.16 38.49 18.73
CA THR A 9 -11.87 37.26 18.42
C THR A 9 -11.04 36.44 17.45
N VAL A 10 -11.44 35.18 17.25
CA VAL A 10 -10.78 34.30 16.30
C VAL A 10 -11.84 33.68 15.42
N TYR A 11 -11.73 33.88 14.11
CA TYR A 11 -12.66 33.31 13.15
C TYR A 11 -11.95 32.20 12.38
N TYR A 12 -12.64 31.08 12.19
CA TYR A 12 -12.12 29.95 11.46
C TYR A 12 -12.99 29.74 10.22
N GLY A 13 -12.36 29.56 9.07
CA GLY A 13 -13.08 29.46 7.82
C GLY A 13 -13.03 30.70 6.97
N VAL A 14 -11.95 31.47 7.05
CA VAL A 14 -11.91 32.83 6.52
C VAL A 14 -11.38 32.80 5.10
N PRO A 15 -12.04 33.49 4.13
CA PRO A 15 -11.53 33.52 2.73
C PRO A 15 -10.26 34.35 2.54
N VAL A 16 -9.14 33.78 2.96
CA VAL A 16 -7.82 34.36 2.82
C VAL A 16 -6.91 33.32 2.20
N TRP A 17 -6.21 33.67 1.14
CA TRP A 17 -5.18 32.81 0.60
C TRP A 17 -3.85 33.54 0.58
N ARG A 18 -2.79 32.77 0.76
CA ARG A 18 -1.43 33.21 0.52
C ARG A 18 -0.86 32.45 -0.66
N ASP A 19 0.30 32.88 -1.11
CA ASP A 19 0.92 32.31 -2.31
C ASP A 19 1.97 31.30 -1.88
N ALA A 20 1.76 30.04 -2.24
CA ALA A 20 2.65 28.99 -1.80
C ALA A 20 2.89 28.02 -2.96
N GLU A 21 3.60 26.94 -2.66
CA GLU A 21 3.99 25.94 -3.65
C GLU A 21 3.67 24.56 -3.10
N THR A 22 3.07 23.72 -3.95
CA THR A 22 2.69 22.38 -3.57
C THR A 22 2.93 21.45 -4.76
N THR A 23 2.39 20.24 -4.67
CA THR A 23 2.44 19.26 -5.76
C THR A 23 1.01 18.96 -6.19
N LEU A 24 0.64 19.43 -7.37
CA LEU A 24 -0.63 19.10 -7.98
C LEU A 24 -0.59 17.67 -8.49
N PHE A 25 -1.76 17.09 -8.78
CA PHE A 25 -1.78 15.71 -9.24
C PHE A 25 -2.31 15.60 -10.66
N CYS A 26 -1.59 14.82 -11.47
CA CYS A 26 -1.79 14.71 -12.91
C CYS A 26 -3.03 13.87 -13.22
N ALA A 27 -4.00 14.46 -13.90
CA ALA A 27 -5.12 13.72 -14.45
C ALA A 27 -4.84 13.44 -15.94
N SER A 28 -5.82 12.86 -16.64
CA SER A 28 -5.70 12.56 -18.06
C SER A 28 -7.07 12.36 -18.67
N ASP A 29 -7.22 12.73 -19.94
CA ASP A 29 -8.48 12.60 -20.65
C ASP A 29 -8.72 11.13 -20.99
N ALA A 30 -9.59 10.48 -20.23
CA ALA A 30 -9.93 9.08 -20.47
C ALA A 30 -11.40 8.94 -20.85
N THR A 43 0.42 7.12 -16.18
CA THR A 43 0.16 5.70 -15.96
C THR A 43 0.66 5.30 -14.57
N HIS A 44 1.97 5.23 -14.43
CA HIS A 44 2.61 4.98 -13.14
C HIS A 44 2.76 6.27 -12.33
N ALA A 45 2.54 7.43 -12.97
CA ALA A 45 2.65 8.73 -12.33
C ALA A 45 1.37 9.57 -12.43
N CYS A 46 0.60 9.44 -13.50
CA CYS A 46 -0.65 10.17 -13.64
C CYS A 46 -1.83 9.29 -13.27
N VAL A 47 -3.01 9.91 -13.21
CA VAL A 47 -4.25 9.22 -12.83
C VAL A 47 -5.25 9.33 -13.97
N PRO A 48 -5.64 8.22 -14.59
CA PRO A 48 -6.53 8.30 -15.76
C PRO A 48 -8.00 8.53 -15.42
N THR A 49 -8.32 9.46 -14.52
CA THR A 49 -9.69 9.92 -14.37
C THR A 49 -9.86 11.19 -15.19
N ASP A 50 -11.05 11.35 -15.80
CA ASP A 50 -11.29 12.48 -16.68
C ASP A 50 -12.27 13.42 -16.00
N PRO A 51 -11.81 14.54 -15.45
CA PRO A 51 -12.71 15.41 -14.69
C PRO A 51 -13.43 16.41 -15.57
N SER A 52 -14.62 16.79 -15.10
CA SER A 52 -15.34 17.93 -15.63
C SER A 52 -15.16 19.08 -14.65
N PRO A 53 -14.24 20.01 -14.90
CA PRO A 53 -13.99 21.08 -13.94
C PRO A 53 -15.11 22.11 -13.95
N GLN A 54 -15.15 22.90 -12.89
CA GLN A 54 -16.11 23.98 -12.73
C GLN A 54 -15.34 25.26 -12.45
N GLU A 55 -16.02 26.39 -12.56
CA GLU A 55 -15.36 27.68 -12.39
C GLU A 55 -16.28 28.62 -11.65
N ILE A 56 -15.76 29.26 -10.62
CA ILE A 56 -16.52 30.18 -9.78
C ILE A 56 -15.98 31.57 -10.03
N HIS A 57 -16.77 32.41 -10.69
CA HIS A 57 -16.35 33.77 -10.96
C HIS A 57 -16.39 34.57 -9.66
N LEU A 58 -15.25 35.10 -9.25
CA LEU A 58 -15.19 35.91 -8.04
C LEU A 58 -15.59 37.35 -8.35
N ALA A 59 -15.34 38.24 -7.41
CA ALA A 59 -15.60 39.66 -7.61
C ALA A 59 -14.63 40.46 -6.76
N ASN A 60 -14.25 41.63 -7.27
CA ASN A 60 -13.58 42.69 -6.52
C ASN A 60 -12.20 42.33 -6.02
N VAL A 61 -11.57 41.28 -6.55
CA VAL A 61 -10.23 40.87 -6.14
C VAL A 61 -9.30 40.92 -7.33
N THR A 62 -8.01 41.19 -7.08
CA THR A 62 -7.08 41.47 -8.15
C THR A 62 -6.02 40.38 -8.34
N GLU A 63 -5.19 40.12 -7.33
CA GLU A 63 -4.24 39.00 -7.28
C GLU A 63 -3.26 38.97 -8.46
N LYS A 64 -2.27 39.86 -8.45
CA LYS A 64 -1.17 39.87 -9.41
C LYS A 64 -0.47 38.51 -9.52
N PHE A 65 0.04 38.20 -10.71
CA PHE A 65 0.51 36.84 -11.01
C PHE A 65 2.02 36.67 -11.03
N ASP A 66 2.75 37.46 -11.83
CA ASP A 66 4.20 37.29 -12.08
C ASP A 66 4.50 35.90 -12.69
N MET A 67 4.07 35.78 -13.94
CA MET A 67 4.18 34.56 -14.74
C MET A 67 5.58 33.95 -14.80
N TRP A 68 6.62 34.77 -14.77
CA TRP A 68 7.97 34.23 -14.94
C TRP A 68 8.48 33.54 -13.69
N LYS A 69 7.85 33.76 -12.54
CA LYS A 69 8.12 33.01 -11.33
C LYS A 69 6.87 32.20 -11.02
N ASN A 70 6.76 31.02 -11.64
CA ASN A 70 5.57 30.20 -11.54
C ASN A 70 6.01 28.77 -11.25
N SER A 71 5.46 28.20 -10.17
CA SER A 71 5.89 26.88 -9.73
C SER A 71 5.26 25.74 -10.52
N MET A 72 4.16 26.00 -11.24
CA MET A 72 3.54 24.97 -12.05
C MET A 72 4.38 24.59 -13.26
N VAL A 73 5.28 25.46 -13.68
CA VAL A 73 6.14 25.16 -14.82
C VAL A 73 7.27 24.23 -14.41
N GLU A 74 7.77 24.37 -13.18
CA GLU A 74 8.82 23.48 -12.71
C GLU A 74 8.28 22.09 -12.42
N GLN A 75 7.03 21.99 -11.96
CA GLN A 75 6.46 20.68 -11.70
C GLN A 75 6.11 19.95 -12.99
N MET A 76 5.57 20.68 -13.97
CA MET A 76 5.14 20.03 -15.21
C MET A 76 6.33 19.60 -16.05
N HIS A 77 7.44 20.32 -15.96
CA HIS A 77 8.68 19.88 -16.58
C HIS A 77 9.22 18.62 -15.92
N THR A 78 8.97 18.46 -14.61
CA THR A 78 9.44 17.28 -13.91
C THR A 78 8.62 16.05 -14.27
N ASP A 79 7.31 16.21 -14.40
CA ASP A 79 6.44 15.05 -14.59
C ASP A 79 6.54 14.49 -16.01
N ILE A 80 6.76 15.34 -17.01
CA ILE A 80 6.84 14.85 -18.38
C ILE A 80 8.15 14.10 -18.61
N ILE A 81 9.23 14.53 -17.97
CA ILE A 81 10.47 13.73 -17.96
C ILE A 81 10.25 12.40 -17.26
N SER A 82 9.44 12.40 -16.19
CA SER A 82 9.15 11.16 -15.47
C SER A 82 8.28 10.23 -16.30
N LEU A 83 7.37 10.76 -17.10
CA LEU A 83 6.58 9.92 -18.00
C LEU A 83 7.43 9.35 -19.13
N TRP A 84 8.42 10.09 -19.60
CA TRP A 84 9.22 9.64 -20.72
C TRP A 84 10.19 8.54 -20.30
N ASP A 85 10.71 8.61 -19.08
CA ASP A 85 11.58 7.56 -18.58
C ASP A 85 10.80 6.32 -18.17
N GLU A 86 9.53 6.50 -17.78
CA GLU A 86 8.74 5.38 -17.30
C GLU A 86 8.37 4.43 -18.44
N SER A 87 8.15 4.96 -19.63
CA SER A 87 7.80 4.15 -20.79
C SER A 87 9.03 3.58 -21.50
N LEU A 88 10.21 3.68 -20.88
CA LEU A 88 11.41 3.05 -21.41
C LEU A 88 11.97 1.98 -20.48
N LYS A 89 11.32 1.71 -19.36
CA LYS A 89 11.78 0.69 -18.44
C LYS A 89 11.50 -0.75 -18.91
N PRO A 90 10.34 -1.14 -19.45
CA PRO A 90 10.22 -2.50 -19.98
C PRO A 90 10.81 -2.70 -21.36
N CYS A 91 11.49 -1.70 -21.91
CA CYS A 91 11.96 -1.75 -23.28
C CYS A 91 13.32 -2.44 -23.35
N VAL A 92 13.85 -2.54 -24.57
CA VAL A 92 14.98 -3.42 -24.87
C VAL A 92 16.28 -2.63 -24.75
N LYS A 93 17.16 -3.06 -23.86
CA LYS A 93 18.50 -2.50 -23.82
C LYS A 93 19.32 -3.03 -24.98
N LEU A 94 20.24 -2.19 -25.48
CA LEU A 94 20.77 -2.38 -26.81
C LEU A 94 22.29 -2.50 -26.79
N THR A 95 22.88 -2.66 -25.60
CA THR A 95 24.31 -2.90 -25.41
C THR A 95 24.92 -4.11 -26.13
N PRO A 96 24.19 -5.17 -26.54
CA PRO A 96 24.79 -6.11 -27.50
C PRO A 96 24.92 -5.58 -28.92
N LEU A 97 24.57 -4.32 -29.20
CA LEU A 97 24.73 -3.78 -30.54
C LEU A 97 25.71 -2.61 -30.53
N CYS A 98 26.87 -2.83 -29.92
CA CYS A 98 27.99 -1.90 -29.98
C CYS A 98 29.18 -2.66 -30.53
N ILE A 99 29.29 -2.73 -31.86
CA ILE A 99 30.28 -3.53 -32.56
C ILE A 99 30.98 -2.56 -33.51
N THR A 100 32.20 -2.88 -33.91
CA THR A 100 32.76 -2.29 -35.11
C THR A 100 31.85 -2.62 -36.29
N LEU A 101 31.18 -1.61 -36.83
CA LEU A 101 30.35 -1.78 -38.02
C LEU A 101 31.19 -1.67 -39.28
N ASN A 102 30.64 -2.16 -40.38
CA ASN A 102 31.33 -2.23 -41.67
C ASN A 102 30.43 -1.52 -42.67
N CYS A 103 30.62 -0.21 -42.79
CA CYS A 103 29.66 0.64 -43.48
C CYS A 103 30.15 1.00 -44.87
N THR A 104 29.23 1.10 -45.82
CA THR A 104 29.56 1.49 -47.17
C THR A 104 28.42 2.31 -47.74
N ASN A 105 28.70 2.99 -48.84
CA ASN A 105 27.71 3.87 -49.46
C ASN A 105 26.65 3.07 -50.19
N ILE A 106 25.42 3.57 -50.14
CA ILE A 106 24.30 2.95 -50.83
C ILE A 106 24.36 3.31 -52.30
N THR A 107 24.17 2.31 -53.17
CA THR A 107 24.22 2.47 -54.62
C THR A 107 22.93 1.93 -55.22
N ARG A 108 22.21 2.78 -55.93
CA ARG A 108 20.96 2.36 -56.57
C ARG A 108 20.95 2.70 -58.05
N THR A 116 15.85 12.52 -58.16
CA THR A 116 15.33 12.15 -56.84
C THR A 116 16.40 11.45 -56.00
N GLU A 117 17.58 11.29 -56.59
CA GLU A 117 18.67 10.55 -55.95
C GLU A 117 19.61 11.47 -55.16
N GLU A 118 19.04 12.33 -54.32
CA GLU A 118 19.81 13.24 -53.49
C GLU A 118 19.72 12.90 -52.01
N GLY A 119 19.49 11.63 -51.69
CA GLY A 119 19.44 11.21 -50.30
C GLY A 119 20.42 10.11 -49.95
N LYS A 120 21.18 9.64 -50.95
CA LYS A 120 22.15 8.58 -50.72
C LYS A 120 23.40 9.09 -50.01
N GLU A 121 23.61 10.40 -49.92
CA GLU A 121 24.79 10.93 -49.27
C GLU A 121 24.70 10.78 -47.76
N GLU A 122 23.49 10.83 -47.20
CA GLU A 122 23.28 10.85 -45.76
C GLU A 122 22.97 9.49 -45.16
N LEU A 123 22.72 8.47 -45.98
CA LEU A 123 22.55 7.11 -45.50
C LEU A 123 23.81 6.29 -45.78
N LYS A 124 23.97 5.23 -44.99
CA LYS A 124 24.98 4.21 -45.22
C LYS A 124 24.27 2.86 -45.36
N ASN A 125 25.05 1.83 -45.63
CA ASN A 125 24.58 0.45 -45.66
C ASN A 125 25.55 -0.32 -44.79
N CYS A 126 25.26 -0.39 -43.50
CA CYS A 126 26.18 -0.94 -42.53
C CYS A 126 25.85 -2.40 -42.23
N SER A 127 26.89 -3.22 -42.16
CA SER A 127 26.78 -4.62 -41.78
C SER A 127 27.59 -4.85 -40.52
N PHE A 128 27.17 -5.83 -39.73
CA PHE A 128 27.77 -6.06 -38.43
C PHE A 128 27.44 -7.46 -37.95
N ASN A 129 28.40 -8.06 -37.26
CA ASN A 129 28.16 -9.32 -36.57
C ASN A 129 27.30 -9.07 -35.35
N ALA A 130 26.32 -9.93 -35.12
CA ALA A 130 25.38 -9.74 -34.03
C ALA A 130 25.35 -10.99 -33.16
N THR A 131 24.68 -10.86 -32.03
CA THR A 131 24.38 -11.97 -31.15
C THR A 131 22.97 -12.47 -31.43
N THR A 132 22.74 -13.74 -31.19
CA THR A 132 21.49 -14.38 -31.60
C THR A 132 20.72 -14.91 -30.40
N GLU A 133 19.66 -15.66 -30.72
CA GLU A 133 18.83 -16.32 -29.73
C GLU A 133 19.61 -17.38 -28.94
N LEU A 134 20.61 -18.00 -29.55
CA LEU A 134 21.54 -18.86 -28.83
C LEU A 134 22.75 -18.03 -28.40
N ARG A 135 23.82 -18.66 -27.97
CA ARG A 135 24.99 -17.96 -27.45
C ARG A 135 26.29 -18.34 -28.14
N ASP A 136 26.39 -19.56 -28.66
CA ASP A 136 27.62 -20.04 -29.26
C ASP A 136 27.72 -19.77 -30.75
N LYS A 137 26.74 -19.09 -31.34
CA LYS A 137 26.75 -18.82 -32.77
C LYS A 137 26.46 -17.35 -33.03
N ILE A 138 26.88 -16.89 -34.20
CA ILE A 138 26.91 -15.46 -34.53
C ILE A 138 26.06 -15.22 -35.76
N GLN A 139 25.18 -14.22 -35.69
CA GLN A 139 24.27 -13.85 -36.77
C GLN A 139 24.85 -12.65 -37.50
N LYS A 140 25.01 -12.77 -38.81
CA LYS A 140 25.53 -11.69 -39.64
C LYS A 140 24.36 -10.99 -40.33
N VAL A 141 24.09 -9.75 -39.92
CA VAL A 141 22.96 -8.98 -40.42
C VAL A 141 23.43 -7.61 -40.87
N HIS A 142 22.50 -6.87 -41.48
N HIS A 142 22.50 -6.87 -41.48
CA HIS A 142 22.77 -5.55 -42.03
CA HIS A 142 22.77 -5.55 -42.03
C HIS A 142 21.59 -4.64 -41.76
C HIS A 142 21.59 -4.64 -41.76
N SER A 143 21.85 -3.34 -41.86
CA SER A 143 20.81 -2.32 -41.70
C SER A 143 21.32 -1.03 -42.34
N LEU A 144 20.41 -0.08 -42.48
CA LEU A 144 20.70 1.22 -43.10
C LEU A 144 20.59 2.29 -42.03
N PHE A 145 21.72 2.81 -41.57
CA PHE A 145 21.69 3.88 -40.59
C PHE A 145 21.79 5.22 -41.30
N TYR A 146 21.93 6.28 -40.50
CA TYR A 146 22.13 7.63 -41.00
C TYR A 146 23.53 8.09 -40.64
N ARG A 147 24.01 9.09 -41.38
CA ARG A 147 25.35 9.60 -41.11
C ARG A 147 25.38 10.43 -39.84
N LEU A 148 24.24 10.97 -39.41
CA LEU A 148 24.15 11.64 -38.11
C LEU A 148 24.16 10.67 -36.94
N ASP A 149 24.11 9.36 -37.19
CA ASP A 149 24.06 8.37 -36.12
C ASP A 149 25.27 7.45 -36.16
N LEU A 150 26.37 7.90 -36.77
CA LEU A 150 27.57 7.09 -36.91
C LEU A 150 28.78 7.94 -36.58
N VAL A 151 29.81 7.28 -36.05
CA VAL A 151 31.08 7.92 -35.71
C VAL A 151 32.20 7.14 -36.39
N GLU A 152 33.08 7.85 -37.09
CA GLU A 152 34.26 7.21 -37.67
C GLU A 152 35.17 6.72 -36.57
N LEU A 153 35.72 5.53 -36.76
CA LEU A 153 36.59 4.89 -35.79
C LEU A 153 37.90 4.60 -36.49
N ASN A 154 39.00 5.17 -35.97
CA ASN A 154 40.30 5.27 -36.65
C ASN A 154 40.12 5.90 -38.03
N ASN A 162 35.34 2.97 -50.61
CA ASN A 162 34.73 3.85 -49.62
C ASN A 162 34.36 3.08 -48.35
N THR A 163 34.65 1.79 -48.34
CA THR A 163 34.31 0.94 -47.20
C THR A 163 35.25 1.23 -46.04
N SER A 164 34.67 1.55 -44.88
CA SER A 164 35.48 1.83 -43.70
C SER A 164 34.66 1.49 -42.46
N MET A 165 35.33 1.44 -41.32
CA MET A 165 34.76 0.94 -40.08
C MET A 165 34.22 2.10 -39.25
N TYR A 166 32.95 2.00 -38.85
CA TYR A 166 32.28 3.02 -38.06
C TYR A 166 31.85 2.46 -36.70
N ARG A 167 31.08 3.26 -35.98
CA ARG A 167 30.64 2.97 -34.62
C ARG A 167 29.46 3.89 -34.36
N LEU A 168 28.59 3.51 -33.43
CA LEU A 168 27.42 4.32 -33.12
C LEU A 168 27.80 5.56 -32.31
N ILE A 169 26.80 6.32 -31.86
CA ILE A 169 27.08 7.59 -31.21
C ILE A 169 27.52 7.39 -29.77
N ASN A 170 26.70 6.72 -28.97
CA ASN A 170 26.84 6.75 -27.53
C ASN A 170 27.08 5.37 -26.93
N CYS A 171 27.85 4.54 -27.61
CA CYS A 171 28.60 3.49 -26.92
C CYS A 171 29.56 4.08 -25.90
N ASN A 172 30.14 5.22 -26.28
CA ASN A 172 31.11 5.97 -25.50
C ASN A 172 30.61 6.27 -24.09
N THR A 173 29.40 6.80 -23.98
CA THR A 173 28.90 7.31 -22.71
C THR A 173 27.66 6.62 -22.19
N SER A 174 26.83 6.05 -23.05
CA SER A 174 25.48 5.68 -22.65
C SER A 174 25.23 4.20 -22.84
N ALA A 175 24.11 3.75 -22.29
CA ALA A 175 23.50 2.47 -22.63
C ALA A 175 22.23 2.81 -23.40
N ILE A 176 22.27 2.59 -24.72
CA ILE A 176 21.16 2.97 -25.57
C ILE A 176 20.00 2.01 -25.35
N THR A 177 18.79 2.55 -25.27
CA THR A 177 17.60 1.73 -25.09
C THR A 177 16.65 1.96 -26.25
N GLN A 178 16.16 0.87 -26.83
CA GLN A 178 15.23 0.97 -27.95
C GLN A 178 13.86 1.32 -27.43
N ALA A 179 13.20 2.29 -28.06
CA ALA A 179 11.84 2.63 -27.69
C ALA A 179 10.90 1.52 -28.12
N CYS A 180 9.96 1.17 -27.23
CA CYS A 180 9.02 0.07 -27.51
C CYS A 180 8.06 0.48 -28.62
N PRO A 181 7.88 -0.34 -29.66
CA PRO A 181 7.11 0.11 -30.83
C PRO A 181 5.61 0.23 -30.58
N LYS A 182 5.06 -0.47 -29.59
CA LYS A 182 3.63 -0.36 -29.32
C LYS A 182 3.28 0.94 -28.61
N VAL A 183 4.25 1.63 -28.04
CA VAL A 183 4.02 2.87 -27.32
C VAL A 183 4.19 4.03 -28.28
N SER A 184 3.09 4.70 -28.61
CA SER A 184 3.13 5.86 -29.50
C SER A 184 3.65 7.09 -28.76
N PHE A 185 4.20 8.02 -29.52
CA PHE A 185 4.73 9.27 -28.99
C PHE A 185 3.71 10.40 -29.06
N GLU A 186 2.42 10.09 -29.02
CA GLU A 186 1.39 11.11 -29.21
C GLU A 186 1.23 11.95 -27.94
N PRO A 187 1.17 13.27 -28.08
CA PRO A 187 0.85 14.13 -26.92
C PRO A 187 -0.60 13.94 -26.50
N ILE A 188 -0.80 13.50 -25.27
CA ILE A 188 -2.12 13.24 -24.71
C ILE A 188 -2.37 14.27 -23.61
N PRO A 189 -3.51 14.99 -23.65
CA PRO A 189 -3.67 16.17 -22.79
C PRO A 189 -3.74 15.83 -21.30
N ILE A 190 -3.28 16.79 -20.49
CA ILE A 190 -3.04 16.59 -19.07
C ILE A 190 -3.71 17.71 -18.29
N HIS A 191 -4.59 17.34 -17.37
CA HIS A 191 -5.15 18.27 -16.41
C HIS A 191 -4.34 18.24 -15.13
N TYR A 192 -4.22 19.41 -14.48
CA TYR A 192 -3.68 19.51 -13.14
C TYR A 192 -4.76 20.00 -12.21
N CYS A 193 -5.01 19.26 -11.14
CA CYS A 193 -6.10 19.54 -10.23
C CYS A 193 -5.55 19.89 -8.85
N ALA A 194 -6.41 20.46 -8.02
CA ALA A 194 -5.90 21.06 -6.79
C ALA A 194 -6.14 20.16 -5.59
N PRO A 195 -5.16 20.03 -4.71
CA PRO A 195 -5.31 19.15 -3.54
C PRO A 195 -6.17 19.77 -2.45
N ALA A 196 -6.25 19.10 -1.31
CA ALA A 196 -6.99 19.61 -0.17
C ALA A 196 -6.21 20.74 0.48
N GLY A 197 -6.86 21.89 0.66
CA GLY A 197 -6.26 23.03 1.30
C GLY A 197 -5.67 24.04 0.35
N PHE A 198 -5.58 23.73 -0.93
CA PHE A 198 -5.00 24.59 -1.95
C PHE A 198 -6.05 24.96 -2.97
N ALA A 199 -5.71 25.90 -3.85
CA ALA A 199 -6.64 26.32 -4.89
C ALA A 199 -5.85 26.70 -6.13
N ILE A 200 -6.56 26.93 -7.22
CA ILE A 200 -5.99 27.38 -8.49
C ILE A 200 -6.80 28.57 -8.96
N LEU A 201 -6.12 29.66 -9.28
CA LEU A 201 -6.77 30.88 -9.73
C LEU A 201 -6.55 31.05 -11.23
N LYS A 202 -7.35 31.91 -11.85
CA LYS A 202 -7.33 32.05 -13.31
C LYS A 202 -7.89 33.41 -13.71
N CYS A 203 -7.10 34.19 -14.45
CA CYS A 203 -7.58 35.47 -14.96
C CYS A 203 -8.49 35.25 -16.16
N ARG A 204 -9.74 35.68 -16.03
CA ARG A 204 -10.72 35.53 -17.09
C ARG A 204 -10.51 36.49 -18.25
N GLU A 205 -9.66 37.50 -18.09
CA GLU A 205 -9.60 38.58 -19.07
C GLU A 205 -8.82 38.14 -20.31
N LYS A 206 -8.94 38.95 -21.37
CA LYS A 206 -8.43 38.60 -22.69
C LYS A 206 -7.05 39.15 -22.96
N GLU A 207 -6.81 40.42 -22.65
CA GLU A 207 -5.53 41.07 -22.93
C GLU A 207 -4.76 41.16 -21.62
N PHE A 208 -4.08 40.08 -21.26
CA PHE A 208 -3.29 40.01 -20.05
C PHE A 208 -1.83 39.78 -20.43
N ASN A 209 -0.96 40.66 -19.95
CA ASN A 209 0.44 40.68 -20.36
C ASN A 209 1.28 39.56 -19.74
N GLY A 210 0.71 38.78 -18.82
CA GLY A 210 1.44 37.73 -18.16
C GLY A 210 1.75 38.09 -16.73
N THR A 211 2.23 39.31 -16.51
CA THR A 211 2.57 39.78 -15.18
C THR A 211 1.71 40.98 -14.84
N GLY A 212 1.53 41.23 -13.55
CA GLY A 212 0.77 42.35 -13.09
C GLY A 212 -0.62 41.96 -12.64
N PRO A 213 -1.36 42.91 -12.07
CA PRO A 213 -2.67 42.58 -11.51
C PRO A 213 -3.72 42.34 -12.58
N CYS A 214 -4.67 41.48 -12.26
CA CYS A 214 -5.92 41.37 -13.02
C CYS A 214 -7.04 42.09 -12.30
N LYS A 215 -8.19 42.11 -12.96
CA LYS A 215 -9.43 42.55 -12.36
C LYS A 215 -10.47 41.45 -12.30
N LYS A 216 -10.36 40.45 -13.18
CA LYS A 216 -11.30 39.35 -13.30
C LYS A 216 -10.55 38.06 -13.04
N VAL A 217 -10.69 37.49 -11.85
CA VAL A 217 -10.13 36.17 -11.57
C VAL A 217 -11.27 35.23 -11.21
N SER A 218 -10.98 33.95 -11.22
CA SER A 218 -11.96 32.92 -10.93
C SER A 218 -11.25 31.67 -10.44
N THR A 219 -11.93 30.92 -9.58
CA THR A 219 -11.38 29.69 -9.01
C THR A 219 -11.87 28.50 -9.82
N VAL A 220 -10.95 27.61 -10.17
CA VAL A 220 -11.28 26.40 -10.91
C VAL A 220 -10.95 25.19 -10.05
N GLN A 221 -11.49 24.03 -10.44
CA GLN A 221 -11.02 22.79 -9.84
C GLN A 221 -9.78 22.26 -10.53
N CYS A 222 -9.73 22.33 -11.86
CA CYS A 222 -8.63 21.76 -12.61
C CYS A 222 -8.29 22.72 -13.74
N THR A 223 -7.16 22.48 -14.41
CA THR A 223 -6.82 23.30 -15.55
C THR A 223 -7.57 22.82 -16.78
N HIS A 224 -7.39 23.52 -17.89
CA HIS A 224 -7.87 23.00 -19.16
C HIS A 224 -6.92 21.90 -19.63
N GLY A 225 -7.32 21.22 -20.71
CA GLY A 225 -6.47 20.16 -21.25
C GLY A 225 -5.26 20.75 -21.93
N ILE A 226 -4.08 20.32 -21.48
CA ILE A 226 -2.81 20.87 -21.95
C ILE A 226 -2.05 19.77 -22.68
N LYS A 227 -1.82 19.97 -23.96
CA LYS A 227 -1.16 18.95 -24.76
C LYS A 227 0.35 19.07 -24.60
N PRO A 228 1.06 17.98 -24.34
CA PRO A 228 2.53 18.02 -24.21
C PRO A 228 3.23 18.02 -25.56
N VAL A 229 3.20 19.16 -26.25
CA VAL A 229 3.84 19.26 -27.55
C VAL A 229 5.31 19.59 -27.32
N VAL A 230 6.18 18.61 -27.60
CA VAL A 230 7.61 18.77 -27.39
C VAL A 230 8.21 19.30 -28.68
N SER A 231 8.59 20.57 -28.68
CA SER A 231 9.13 21.21 -29.87
C SER A 231 10.02 22.38 -29.45
N THR A 232 11.00 22.67 -30.28
CA THR A 232 11.86 23.83 -30.10
C THR A 232 11.60 24.84 -31.20
N GLN A 233 11.84 26.12 -30.89
CA GLN A 233 12.01 27.22 -31.83
C GLN A 233 10.71 27.67 -32.51
N LEU A 234 9.66 26.87 -32.41
CA LEU A 234 8.35 27.20 -32.96
C LEU A 234 7.32 26.42 -32.18
N LEU A 235 6.29 27.10 -31.67
CA LEU A 235 5.26 26.43 -30.90
C LEU A 235 4.27 25.79 -31.86
N LEU A 236 4.08 24.49 -31.73
CA LEU A 236 3.20 23.74 -32.62
C LEU A 236 1.95 23.32 -31.88
N ASN A 237 0.82 23.36 -32.60
CA ASN A 237 -0.50 22.92 -32.13
C ASN A 237 -0.96 23.62 -30.85
N GLY A 238 -0.48 24.82 -30.57
CA GLY A 238 -0.78 25.48 -29.32
C GLY A 238 -2.09 26.22 -29.34
N SER A 239 -2.29 27.02 -28.30
CA SER A 239 -3.46 27.89 -28.22
C SER A 239 -3.25 29.12 -29.08
N LEU A 240 -4.23 30.03 -29.06
CA LEU A 240 -4.20 31.21 -29.90
C LEU A 240 -4.33 32.45 -29.04
N ALA A 241 -3.99 33.60 -29.65
CA ALA A 241 -4.05 34.86 -28.92
C ALA A 241 -5.48 35.33 -28.74
N GLU A 242 -6.27 35.27 -29.81
CA GLU A 242 -7.66 35.78 -29.87
C GLU A 242 -7.72 37.26 -29.50
N GLY A 243 -6.69 38.00 -29.88
CA GLY A 243 -6.59 39.43 -29.66
C GLY A 243 -5.89 40.06 -30.84
N LYS A 244 -4.93 40.96 -30.62
CA LYS A 244 -4.16 41.44 -31.76
C LYS A 244 -3.00 40.49 -32.05
N VAL A 245 -1.95 40.57 -31.22
CA VAL A 245 -0.77 39.70 -31.11
C VAL A 245 -0.18 40.02 -29.73
N LYS A 246 0.10 39.01 -28.93
CA LYS A 246 0.78 39.23 -27.66
C LYS A 246 2.23 38.80 -27.73
N ILE A 247 3.12 39.63 -27.19
CA ILE A 247 4.52 39.26 -27.00
C ILE A 247 4.88 39.53 -25.54
N ARG A 248 5.71 38.66 -24.98
CA ARG A 248 6.00 38.67 -23.54
C ARG A 248 7.48 38.36 -23.36
N CYS A 249 8.23 39.32 -22.82
CA CYS A 249 9.64 39.15 -22.54
C CYS A 249 9.86 39.17 -21.03
N GLU A 250 10.82 38.37 -20.56
CA GLU A 250 11.06 38.34 -19.12
C GLU A 250 11.91 39.53 -18.70
N ASN A 251 11.79 39.92 -17.44
CA ASN A 251 12.26 41.23 -17.02
C ASN A 251 13.41 41.13 -16.03
N ILE A 252 14.40 40.29 -16.31
CA ILE A 252 15.70 40.44 -15.66
C ILE A 252 16.35 41.68 -16.26
N SER A 253 17.42 42.17 -15.60
CA SER A 253 17.98 43.54 -15.72
C SER A 253 18.02 44.12 -17.13
N ASN A 254 18.46 43.32 -18.09
CA ASN A 254 18.16 43.51 -19.50
C ASN A 254 17.51 42.25 -20.03
N ASN A 255 16.65 42.40 -21.04
CA ASN A 255 15.95 41.24 -21.60
C ASN A 255 16.73 40.58 -22.72
N ALA A 256 17.99 40.25 -22.43
CA ALA A 256 18.85 39.49 -23.33
C ALA A 256 18.46 38.03 -23.43
N LYS A 257 17.58 37.56 -22.55
CA LYS A 257 17.03 36.23 -22.63
C LYS A 257 15.71 36.27 -23.41
N THR A 258 14.91 35.22 -23.30
CA THR A 258 13.88 34.86 -24.24
C THR A 258 12.71 35.85 -24.24
N ILE A 259 11.85 35.69 -25.24
CA ILE A 259 10.65 36.49 -25.47
C ILE A 259 9.68 35.63 -26.27
N LEU A 260 8.40 35.64 -25.88
CA LEU A 260 7.43 34.66 -26.37
C LEU A 260 6.32 35.35 -27.14
N VAL A 261 6.20 35.03 -28.41
CA VAL A 261 5.19 35.59 -29.31
C VAL A 261 3.97 34.68 -29.28
N GLN A 262 2.78 35.26 -29.29
CA GLN A 262 1.56 34.47 -29.14
C GLN A 262 0.87 34.16 -30.47
N LEU A 263 0.99 35.05 -31.46
CA LEU A 263 0.70 34.75 -32.87
C LEU A 263 -0.75 34.32 -33.15
N THR A 264 -1.65 35.32 -33.21
CA THR A 264 -3.10 35.13 -33.38
C THR A 264 -3.48 34.17 -34.49
N THR A 265 -3.08 34.46 -35.72
CA THR A 265 -3.50 33.63 -36.85
C THR A 265 -2.51 32.50 -37.06
N PRO A 266 -2.95 31.24 -36.99
CA PRO A 266 -2.01 30.11 -37.04
C PRO A 266 -1.50 29.84 -38.45
N VAL A 267 -0.22 30.10 -38.66
CA VAL A 267 0.46 29.72 -39.90
C VAL A 267 0.56 28.20 -39.96
N ARG A 268 0.21 27.61 -41.10
CA ARG A 268 0.15 26.17 -41.24
C ARG A 268 1.38 25.65 -41.98
N ILE A 269 2.05 24.66 -41.39
CA ILE A 269 3.23 24.03 -41.94
C ILE A 269 2.90 22.57 -42.26
N ASN A 270 3.45 22.07 -43.37
CA ASN A 270 3.20 20.71 -43.82
C ASN A 270 4.54 20.01 -43.92
N CYS A 271 4.73 18.97 -43.11
CA CYS A 271 6.02 18.27 -43.03
C CYS A 271 5.85 16.80 -43.40
N THR A 272 6.80 16.28 -44.16
CA THR A 272 6.67 14.92 -44.67
C THR A 272 8.04 14.35 -45.00
N ARG A 273 8.06 13.03 -45.12
CA ARG A 273 9.22 12.28 -45.60
C ARG A 273 8.77 11.41 -46.76
N PRO A 274 9.21 11.67 -48.00
CA PRO A 274 8.64 10.97 -49.17
C PRO A 274 9.39 9.70 -49.54
N SER A 275 9.39 8.72 -48.63
CA SER A 275 10.11 7.47 -48.89
C SER A 275 9.53 6.36 -48.02
N ASN A 276 9.07 5.28 -48.64
CA ASN A 276 8.68 4.10 -47.89
C ASN A 276 9.90 3.41 -47.28
N ASN A 277 9.66 2.66 -46.21
CA ASN A 277 10.74 1.96 -45.51
C ASN A 277 10.30 0.57 -45.12
N THR A 278 11.07 -0.43 -45.53
CA THR A 278 10.88 -1.78 -45.02
C THR A 278 11.61 -1.93 -43.69
N ARG A 279 10.93 -2.53 -42.72
CA ARG A 279 11.46 -2.68 -41.37
C ARG A 279 11.67 -4.17 -41.11
N THR A 280 12.92 -4.61 -41.13
CA THR A 280 13.26 -5.97 -40.76
C THR A 280 13.56 -6.03 -39.26
N SER A 281 13.22 -7.15 -38.64
CA SER A 281 13.41 -7.33 -37.21
C SER A 281 14.44 -8.43 -36.99
N ILE A 282 15.46 -8.10 -36.21
CA ILE A 282 16.61 -8.98 -35.98
C ILE A 282 16.60 -9.39 -34.53
N ARG A 283 16.67 -10.68 -34.26
CA ARG A 283 16.59 -11.21 -32.91
C ARG A 283 17.98 -11.19 -32.26
N ILE A 284 18.15 -10.30 -31.30
CA ILE A 284 19.43 -10.15 -30.62
C ILE A 284 19.58 -11.17 -29.51
N GLY A 285 18.54 -11.36 -28.71
CA GLY A 285 18.62 -12.27 -27.60
C GLY A 285 17.33 -13.00 -27.33
N PRO A 286 17.26 -13.70 -26.21
CA PRO A 286 16.05 -14.45 -25.87
C PRO A 286 14.90 -13.56 -25.45
N GLY A 287 13.89 -13.46 -26.31
CA GLY A 287 12.73 -12.64 -26.03
C GLY A 287 12.89 -11.17 -26.33
N GLN A 288 13.96 -10.78 -27.01
CA GLN A 288 14.22 -9.39 -27.37
C GLN A 288 14.73 -9.34 -28.81
N SER A 289 14.31 -8.32 -29.54
CA SER A 289 14.70 -8.22 -30.95
C SER A 289 14.88 -6.75 -31.33
N PHE A 290 15.66 -6.54 -32.39
CA PHE A 290 16.06 -5.22 -32.86
C PHE A 290 15.37 -4.92 -34.18
N TYR A 291 14.57 -3.86 -34.20
CA TYR A 291 13.85 -3.45 -35.39
C TYR A 291 14.76 -2.54 -36.22
N ALA A 292 15.27 -3.06 -37.33
CA ALA A 292 16.22 -2.37 -38.18
C ALA A 292 15.55 -1.91 -39.46
N THR A 293 16.33 -1.29 -40.33
CA THR A 293 15.83 -0.74 -41.59
C THR A 293 16.26 -1.65 -42.74
N GLY A 294 15.28 -2.20 -43.44
CA GLY A 294 15.57 -3.18 -44.47
C GLY A 294 16.07 -2.61 -45.78
N ASP A 295 15.23 -1.84 -46.47
CA ASP A 295 15.52 -1.45 -47.84
C ASP A 295 14.73 -0.18 -48.15
N ILE A 296 15.18 0.53 -49.17
CA ILE A 296 14.43 1.63 -49.75
C ILE A 296 13.84 1.14 -51.06
N ILE A 297 12.52 1.25 -51.21
CA ILE A 297 11.84 0.82 -52.42
C ILE A 297 11.62 2.05 -53.29
N GLY A 298 12.47 2.22 -54.30
CA GLY A 298 12.29 3.26 -55.29
C GLY A 298 13.16 4.49 -55.11
N ASP A 299 12.57 5.57 -54.63
CA ASP A 299 13.24 6.86 -54.56
C ASP A 299 13.72 7.18 -53.15
N ILE A 300 14.74 8.03 -53.08
CA ILE A 300 15.44 8.36 -51.84
C ILE A 300 15.37 9.86 -51.57
N ARG A 301 14.27 10.49 -51.98
CA ARG A 301 14.13 11.93 -51.88
C ARG A 301 14.07 12.40 -50.42
N LYS A 302 14.74 13.51 -50.14
CA LYS A 302 14.95 14.01 -48.79
C LYS A 302 13.64 14.46 -48.15
N ALA A 303 13.63 14.48 -46.83
CA ALA A 303 12.48 14.96 -46.07
C ALA A 303 12.53 16.48 -45.95
N TYR A 304 11.37 17.11 -45.91
CA TYR A 304 11.28 18.55 -46.00
C TYR A 304 10.02 19.04 -45.29
N CYS A 305 9.84 20.37 -45.28
CA CYS A 305 8.62 21.00 -44.82
C CYS A 305 8.28 22.18 -45.73
N ASN A 306 7.03 22.23 -46.17
CA ASN A 306 6.51 23.41 -46.85
C ASN A 306 5.96 24.43 -45.87
N VAL A 307 6.19 25.71 -46.16
CA VAL A 307 5.60 26.82 -45.42
C VAL A 307 4.99 27.77 -46.45
N SER A 308 3.74 28.18 -46.22
CA SER A 308 3.08 29.16 -47.08
C SER A 308 3.73 30.53 -46.92
N GLU A 309 4.26 31.07 -48.01
CA GLU A 309 5.07 32.29 -47.95
C GLU A 309 4.22 33.54 -47.77
N SER A 310 3.04 33.58 -48.38
CA SER A 310 2.17 34.75 -48.24
C SER A 310 1.63 34.88 -46.81
N GLU A 311 1.37 33.74 -46.17
CA GLU A 311 0.86 33.77 -44.81
C GLU A 311 1.97 33.96 -43.79
N TRP A 312 3.20 33.55 -44.13
CA TRP A 312 4.32 33.75 -43.22
C TRP A 312 4.78 35.20 -43.20
N LYS A 313 4.86 35.85 -44.37
CA LYS A 313 5.29 37.24 -44.40
C LYS A 313 4.20 38.16 -43.85
N GLU A 314 2.94 37.76 -44.00
CA GLU A 314 1.86 38.45 -43.28
C GLU A 314 2.02 38.30 -41.78
N ALA A 315 2.50 37.14 -41.32
CA ALA A 315 2.63 36.89 -39.90
C ALA A 315 3.78 37.68 -39.28
N LEU A 316 4.89 37.80 -40.00
CA LEU A 316 6.00 38.60 -39.49
C LEU A 316 5.69 40.09 -39.44
N GLY A 317 4.75 40.56 -40.27
CA GLY A 317 4.34 41.94 -40.19
C GLY A 317 3.57 42.24 -38.92
N LYS A 318 2.79 41.26 -38.44
CA LYS A 318 2.08 41.44 -37.18
C LYS A 318 3.03 41.42 -36.00
N VAL A 319 4.11 40.64 -36.09
CA VAL A 319 5.06 40.53 -34.98
C VAL A 319 5.91 41.79 -34.88
N VAL A 320 6.33 42.34 -36.03
CA VAL A 320 7.32 43.40 -36.03
C VAL A 320 6.73 44.73 -35.55
N GLU A 321 5.42 44.93 -35.69
CA GLU A 321 4.83 46.15 -35.16
C GLU A 321 4.61 46.06 -33.66
N GLN A 322 4.44 44.84 -33.12
CA GLN A 322 4.28 44.69 -31.68
C GLN A 322 5.62 44.80 -30.97
N LEU A 323 6.69 44.37 -31.63
CA LEU A 323 8.03 44.54 -31.08
C LEU A 323 8.47 46.00 -31.05
N ARG A 324 7.90 46.85 -31.91
CA ARG A 324 8.23 48.27 -31.86
C ARG A 324 7.64 48.94 -30.62
N ASN A 325 6.53 48.43 -30.10
CA ASN A 325 5.99 48.98 -28.87
C ASN A 325 6.77 48.55 -27.63
N HIS A 326 7.77 47.69 -27.78
CA HIS A 326 8.65 47.32 -26.69
C HIS A 326 10.12 47.65 -26.94
N PHE A 327 10.49 48.02 -28.16
CA PHE A 327 11.87 48.45 -28.39
C PHE A 327 11.97 49.78 -29.11
N ASN A 328 11.12 50.02 -30.12
CA ASN A 328 11.14 51.17 -31.02
C ASN A 328 12.50 51.39 -31.67
N LYS A 329 12.94 50.39 -32.44
CA LYS A 329 14.11 50.52 -33.30
C LYS A 329 13.78 49.84 -34.62
N THR A 330 14.78 49.64 -35.46
CA THR A 330 14.64 48.75 -36.61
C THR A 330 14.89 47.32 -36.16
N ILE A 331 14.18 46.38 -36.78
CA ILE A 331 14.05 45.03 -36.28
C ILE A 331 14.46 44.07 -37.39
N THR A 332 15.56 43.36 -37.19
CA THR A 332 16.02 42.35 -38.13
C THR A 332 16.11 41.00 -37.44
N PHE A 333 16.00 39.95 -38.24
CA PHE A 333 15.99 38.57 -37.75
C PHE A 333 17.22 37.86 -38.26
N ALA A 334 18.03 37.34 -37.34
CA ALA A 334 19.20 36.57 -37.71
C ALA A 334 18.88 35.09 -37.66
N SER A 335 19.86 34.26 -37.97
CA SER A 335 19.75 32.83 -37.85
C SER A 335 20.74 32.34 -36.80
N SER A 336 20.47 31.18 -36.24
CA SER A 336 21.35 30.60 -35.23
C SER A 336 22.65 30.13 -35.88
N SER A 337 23.78 30.48 -35.26
CA SER A 337 25.09 30.13 -35.79
C SER A 337 25.31 28.62 -35.73
N GLY A 338 26.20 28.14 -36.61
CA GLY A 338 26.33 26.71 -36.82
C GLY A 338 26.94 26.01 -35.62
N GLY A 339 26.37 24.85 -35.28
CA GLY A 339 26.75 24.12 -34.10
C GLY A 339 25.97 22.83 -33.94
N ASP A 340 25.47 22.59 -32.74
CA ASP A 340 24.73 21.36 -32.44
C ASP A 340 23.35 21.43 -33.06
N LEU A 341 22.74 20.26 -33.27
CA LEU A 341 21.45 20.21 -33.95
C LEU A 341 20.29 20.56 -33.03
N GLU A 342 20.37 20.22 -31.74
CA GLU A 342 19.25 20.48 -30.84
C GLU A 342 19.13 21.95 -30.48
N ILE A 343 20.17 22.75 -30.70
CA ILE A 343 20.15 24.15 -30.34
C ILE A 343 19.90 25.07 -31.53
N THR A 344 20.06 24.60 -32.76
CA THR A 344 19.92 25.44 -33.94
C THR A 344 18.69 25.10 -34.77
N THR A 345 18.49 23.83 -35.09
CA THR A 345 17.45 23.46 -36.02
C THR A 345 16.11 23.32 -35.32
N HIS A 346 15.07 23.17 -36.12
CA HIS A 346 13.71 23.05 -35.61
C HIS A 346 13.44 21.58 -35.28
N SER A 347 13.34 21.27 -34.00
CA SER A 347 13.16 19.91 -33.52
C SER A 347 11.69 19.66 -33.23
N PHE A 348 11.12 18.65 -33.86
CA PHE A 348 9.78 18.21 -33.49
C PHE A 348 9.66 16.72 -33.74
N ASN A 349 8.46 16.21 -33.46
CA ASN A 349 8.15 14.80 -33.56
C ASN A 349 6.77 14.67 -34.17
N CYS A 350 6.67 13.98 -35.30
CA CYS A 350 5.37 13.58 -35.81
C CYS A 350 5.54 12.29 -36.58
N GLY A 351 4.56 11.39 -36.44
CA GLY A 351 4.62 10.10 -37.06
C GLY A 351 5.50 9.09 -36.35
N GLY A 352 6.07 9.45 -35.21
CA GLY A 352 6.99 8.57 -34.51
C GLY A 352 8.45 8.77 -34.84
N GLU A 353 8.80 9.82 -35.60
CA GLU A 353 10.18 10.12 -35.91
C GLU A 353 10.47 11.60 -35.69
N PHE A 354 11.76 11.91 -35.61
CA PHE A 354 12.23 13.19 -35.09
C PHE A 354 12.88 14.00 -36.19
N PHE A 355 12.17 15.01 -36.67
CA PHE A 355 12.63 15.88 -37.74
C PHE A 355 13.46 17.02 -37.18
N TYR A 356 14.62 17.27 -37.76
CA TYR A 356 15.43 18.45 -37.46
C TYR A 356 15.49 19.31 -38.71
N CYS A 357 14.73 20.41 -38.70
CA CYS A 357 14.48 21.19 -39.90
C CYS A 357 15.24 22.52 -39.86
N ASN A 358 15.71 22.94 -41.03
CA ASN A 358 16.60 24.09 -41.18
C ASN A 358 15.76 25.33 -41.42
N THR A 359 15.73 26.23 -40.43
CA THR A 359 14.90 27.43 -40.50
C THR A 359 15.71 28.67 -40.84
N SER A 360 16.71 28.55 -41.72
CA SER A 360 17.43 29.74 -42.15
C SER A 360 16.63 30.54 -43.17
N SER A 361 15.77 29.88 -43.93
CA SER A 361 14.99 30.55 -44.96
C SER A 361 13.66 31.07 -44.43
N LEU A 362 13.47 31.10 -43.12
CA LEU A 362 12.34 31.78 -42.51
C LEU A 362 12.74 33.01 -41.71
N PHE A 363 13.99 33.07 -41.26
CA PHE A 363 14.44 34.12 -40.35
C PHE A 363 15.64 34.90 -40.87
N ASN A 364 15.59 35.40 -42.11
CA ASN A 364 16.32 36.62 -42.41
C ASN A 364 15.36 37.66 -42.99
N SER A 365 15.43 38.87 -42.44
CA SER A 365 14.61 40.01 -42.83
C SER A 365 15.22 41.24 -42.22
N THR A 366 14.79 42.40 -42.73
CA THR A 366 15.15 43.68 -42.14
C THR A 366 13.96 44.60 -42.31
N TRP A 367 13.61 45.31 -41.24
CA TRP A 367 12.41 46.14 -41.17
C TRP A 367 12.86 47.55 -40.79
N ASP A 368 13.20 48.36 -41.80
CA ASP A 368 13.80 49.67 -41.58
C ASP A 368 12.70 50.71 -41.39
N GLY A 369 12.07 50.65 -40.22
CA GLY A 369 11.07 51.65 -39.87
C GLY A 369 9.80 51.50 -40.67
N ASN A 370 9.27 52.62 -41.13
CA ASN A 370 8.01 52.64 -41.85
C ASN A 370 8.18 52.22 -43.31
N VAL A 378 0.85 40.54 -52.51
CA VAL A 378 0.88 39.17 -52.04
C VAL A 378 2.02 38.40 -52.70
N PRO A 379 2.95 37.88 -51.90
CA PRO A 379 4.04 37.07 -52.45
C PRO A 379 3.54 35.74 -52.99
N ASN A 380 3.92 35.44 -54.23
CA ASN A 380 3.62 34.17 -54.87
C ASN A 380 4.74 33.18 -54.54
N GLY A 381 4.36 32.04 -53.96
CA GLY A 381 5.34 30.99 -53.73
C GLY A 381 5.21 30.26 -52.42
N THR A 382 5.92 29.15 -52.29
CA THR A 382 6.05 28.40 -51.05
C THR A 382 7.51 28.33 -50.65
N ILE A 383 7.76 27.90 -49.42
CA ILE A 383 9.10 27.86 -48.86
C ILE A 383 9.46 26.40 -48.59
N THR A 384 10.67 26.01 -48.95
CA THR A 384 11.16 24.67 -48.70
C THR A 384 12.17 24.71 -47.56
N LEU A 385 11.92 23.90 -46.53
CA LEU A 385 12.83 23.80 -45.40
C LEU A 385 13.55 22.46 -45.47
N PRO A 386 14.88 22.44 -45.49
CA PRO A 386 15.60 21.16 -45.42
C PRO A 386 15.47 20.55 -44.04
N CYS A 387 15.21 19.24 -43.99
CA CYS A 387 14.99 18.54 -42.74
C CYS A 387 15.81 17.26 -42.74
N ARG A 388 16.59 17.08 -41.68
CA ARG A 388 17.28 15.82 -41.42
C ARG A 388 16.59 15.11 -40.27
N ILE A 389 16.70 13.79 -40.25
CA ILE A 389 16.11 12.97 -39.21
C ILE A 389 17.18 12.09 -38.58
N LYS A 390 17.00 11.84 -37.28
CA LYS A 390 17.89 11.03 -36.49
C LYS A 390 17.11 9.93 -35.78
N GLN A 391 17.83 8.94 -35.29
CA GLN A 391 17.20 7.81 -34.61
C GLN A 391 17.75 7.61 -33.21
N ILE A 392 19.04 7.87 -33.01
CA ILE A 392 19.63 7.84 -31.67
C ILE A 392 19.49 9.27 -31.14
N ILE A 393 18.42 9.50 -30.38
CA ILE A 393 18.09 10.83 -29.89
C ILE A 393 18.30 10.86 -28.38
N ASN A 394 18.87 11.95 -27.90
CA ASN A 394 19.18 12.13 -26.48
C ASN A 394 18.41 13.36 -26.04
N MET A 395 17.28 13.14 -25.38
CA MET A 395 16.26 14.16 -25.18
C MET A 395 16.47 14.83 -23.82
N TRP A 396 15.87 16.01 -23.68
CA TRP A 396 15.71 16.78 -22.43
C TRP A 396 17.05 17.34 -21.94
N GLN A 397 18.00 17.53 -22.85
CA GLN A 397 19.30 18.21 -22.62
C GLN A 397 20.09 17.53 -21.51
N ARG A 398 20.33 16.23 -21.69
CA ARG A 398 20.81 15.38 -20.62
C ARG A 398 21.72 14.32 -21.22
N THR A 399 22.73 13.92 -20.46
CA THR A 399 23.68 12.92 -20.90
C THR A 399 23.42 11.58 -20.20
N GLY A 400 23.67 10.49 -20.91
CA GLY A 400 23.68 9.16 -20.34
C GLY A 400 22.51 8.27 -20.72
N GLN A 401 21.46 8.80 -21.33
CA GLN A 401 20.20 8.06 -21.50
C GLN A 401 19.68 8.17 -22.93
N ALA A 402 20.53 7.86 -23.90
CA ALA A 402 20.15 7.89 -25.31
C ALA A 402 19.07 6.86 -25.63
N MET A 403 18.38 7.07 -26.74
CA MET A 403 17.24 6.25 -27.14
C MET A 403 17.28 6.01 -28.64
N TYR A 404 17.17 4.75 -29.04
CA TYR A 404 17.09 4.39 -30.46
C TYR A 404 15.62 4.37 -30.87
N ALA A 405 15.19 5.38 -31.59
CA ALA A 405 13.85 5.39 -32.15
C ALA A 405 13.78 4.45 -33.33
N PRO A 406 12.88 3.47 -33.33
CA PRO A 406 12.84 2.47 -34.40
C PRO A 406 12.34 3.08 -35.70
N PRO A 407 12.64 2.49 -36.84
CA PRO A 407 12.12 3.01 -38.10
C PRO A 407 10.63 2.73 -38.26
N ILE A 408 9.98 3.57 -39.04
CA ILE A 408 8.54 3.54 -39.23
C ILE A 408 8.26 3.08 -40.66
N PRO A 409 7.44 2.06 -40.86
CA PRO A 409 7.09 1.66 -42.23
C PRO A 409 6.16 2.67 -42.87
N GLY A 410 6.34 2.86 -44.17
CA GLY A 410 5.47 3.72 -44.93
C GLY A 410 6.08 5.08 -45.21
N LYS A 411 5.20 6.00 -45.61
CA LYS A 411 5.59 7.33 -46.06
C LYS A 411 4.93 8.35 -45.14
N ILE A 412 5.72 9.02 -44.32
CA ILE A 412 5.22 9.89 -43.26
C ILE A 412 4.71 11.20 -43.86
N ARG A 413 3.52 11.61 -43.45
CA ARG A 413 2.93 12.88 -43.87
C ARG A 413 2.23 13.46 -42.65
N CYS A 414 2.46 14.75 -42.39
CA CYS A 414 1.99 15.34 -41.13
C CYS A 414 1.74 16.83 -41.29
N ASP A 415 0.71 17.33 -40.59
CA ASP A 415 0.30 18.72 -40.67
C ASP A 415 0.19 19.29 -39.26
N SER A 416 0.57 20.55 -39.10
CA SER A 416 0.53 21.19 -37.78
C SER A 416 0.48 22.70 -37.95
N ASN A 417 -0.10 23.37 -36.96
CA ASN A 417 -0.19 24.82 -36.96
C ASN A 417 0.98 25.42 -36.20
N ILE A 418 1.58 26.45 -36.77
CA ILE A 418 2.56 27.26 -36.05
C ILE A 418 1.79 28.35 -35.31
N THR A 419 1.81 28.30 -33.97
CA THR A 419 1.04 29.23 -33.17
C THR A 419 1.91 30.02 -32.19
N GLY A 420 3.22 30.08 -32.42
CA GLY A 420 4.06 30.80 -31.50
C GLY A 420 5.49 30.84 -31.97
N LEU A 421 6.26 31.72 -31.34
CA LEU A 421 7.67 31.90 -31.61
C LEU A 421 8.43 31.92 -30.30
N ILE A 422 9.68 31.44 -30.34
CA ILE A 422 10.58 31.55 -29.22
C ILE A 422 11.82 32.28 -29.74
N LEU A 423 11.97 33.54 -29.34
CA LEU A 423 13.00 34.43 -29.84
C LEU A 423 13.97 34.79 -28.72
N ILE A 424 15.20 35.12 -29.09
CA ILE A 424 16.21 35.54 -28.13
C ILE A 424 16.89 36.80 -28.64
N ARG A 425 17.27 37.67 -27.72
CA ARG A 425 17.84 38.98 -28.05
C ARG A 425 19.34 38.95 -27.81
N ASP A 426 20.09 39.58 -28.72
CA ASP A 426 21.55 39.52 -28.64
C ASP A 426 22.16 40.66 -27.85
N GLY A 427 21.49 41.80 -27.75
CA GLY A 427 22.03 42.95 -27.05
C GLY A 427 22.08 42.80 -25.55
N GLU A 433 19.88 53.13 -33.53
CA GLU A 433 20.52 51.83 -33.48
C GLU A 433 19.57 50.72 -33.92
N SER A 434 20.10 49.49 -33.96
CA SER A 434 19.35 48.31 -34.37
C SER A 434 19.21 47.38 -33.17
N GLU A 435 18.44 46.31 -33.37
CA GLU A 435 18.53 45.13 -32.50
C GLU A 435 18.12 43.91 -33.29
N THR A 436 18.97 42.90 -33.30
CA THR A 436 18.73 41.66 -34.03
C THR A 436 18.21 40.57 -33.10
N PHE A 437 17.36 39.71 -33.66
CA PHE A 437 16.74 38.62 -32.94
C PHE A 437 17.13 37.29 -33.58
N ARG A 438 17.29 36.28 -32.74
CA ARG A 438 17.67 34.95 -33.16
C ARG A 438 16.64 33.94 -32.67
N PRO A 439 16.58 32.75 -33.28
CA PRO A 439 15.70 31.68 -32.75
C PRO A 439 16.13 31.26 -31.35
N GLY A 440 15.15 31.05 -30.48
CA GLY A 440 15.42 30.76 -29.10
C GLY A 440 15.90 29.34 -28.86
N GLY A 441 16.37 29.12 -27.66
CA GLY A 441 16.83 27.81 -27.24
C GLY A 441 16.69 27.67 -25.75
N GLY A 442 17.57 26.87 -25.16
CA GLY A 442 17.53 26.65 -23.73
C GLY A 442 16.60 25.53 -23.33
N ASP A 443 16.00 25.64 -22.16
CA ASP A 443 15.18 24.57 -21.62
C ASP A 443 13.84 24.48 -22.36
N MET A 444 13.10 23.43 -22.04
CA MET A 444 11.78 23.21 -22.63
C MET A 444 10.69 23.86 -21.80
N ARG A 445 11.05 24.56 -20.73
CA ARG A 445 10.07 25.19 -19.86
C ARG A 445 9.38 26.37 -20.52
N ASN A 446 10.01 26.99 -21.52
CA ASN A 446 9.39 28.09 -22.25
C ASN A 446 8.21 27.63 -23.08
N ASN A 447 8.11 26.33 -23.35
CA ASN A 447 6.88 25.76 -23.87
C ASN A 447 5.76 25.77 -22.83
N TRP A 448 6.08 25.97 -21.55
CA TRP A 448 5.05 25.87 -20.52
C TRP A 448 4.74 27.20 -19.86
N ARG A 449 5.59 28.21 -20.03
CA ARG A 449 5.16 29.58 -19.77
C ARG A 449 4.07 29.98 -20.73
N SER A 450 4.09 29.43 -21.96
CA SER A 450 3.12 29.76 -23.00
C SER A 450 1.77 29.09 -22.79
N GLU A 451 1.65 28.15 -21.86
CA GLU A 451 0.37 27.52 -21.55
C GLU A 451 -0.13 27.86 -20.15
N LEU A 452 0.75 27.78 -19.16
CA LEU A 452 0.40 27.95 -17.77
C LEU A 452 0.47 29.40 -17.32
N TYR A 453 0.41 30.36 -18.24
CA TYR A 453 0.46 31.76 -17.84
C TYR A 453 -0.85 32.24 -17.23
N LYS A 454 -1.92 31.48 -17.42
CA LYS A 454 -3.23 31.86 -16.91
C LYS A 454 -3.41 31.50 -15.44
N TYR A 455 -2.60 30.59 -14.91
CA TYR A 455 -2.92 29.91 -13.68
C TYR A 455 -1.97 30.30 -12.55
N LYS A 456 -2.43 30.02 -11.33
CA LYS A 456 -1.69 30.36 -10.13
C LYS A 456 -2.23 29.52 -8.98
N VAL A 457 -1.34 28.87 -8.23
CA VAL A 457 -1.72 27.99 -7.13
C VAL A 457 -1.52 28.75 -5.82
N VAL A 458 -2.54 28.73 -4.96
CA VAL A 458 -2.49 29.43 -3.68
C VAL A 458 -2.75 28.45 -2.55
N LYS A 459 -2.44 28.89 -1.33
CA LYS A 459 -2.69 28.12 -0.12
C LYS A 459 -3.60 28.92 0.79
N ILE A 460 -4.60 28.26 1.35
CA ILE A 460 -5.68 28.92 2.07
C ILE A 460 -5.38 28.88 3.56
N ASP A 461 -5.11 30.05 4.14
CA ASP A 461 -4.91 30.17 5.59
C ASP A 461 -6.26 30.43 6.23
N PRO A 462 -6.83 29.50 7.00
CA PRO A 462 -8.21 29.63 7.45
C PRO A 462 -8.41 30.41 8.74
N LEU A 463 -7.35 30.73 9.49
CA LEU A 463 -7.50 31.47 10.73
C LEU A 463 -7.33 32.96 10.51
N GLY A 464 -8.05 33.74 11.30
CA GLY A 464 -7.96 35.18 11.20
C GLY A 464 -8.57 35.86 12.41
N VAL A 465 -7.93 36.93 12.88
CA VAL A 465 -8.36 37.61 14.08
C VAL A 465 -8.79 39.02 13.72
N ALA A 466 -9.65 39.60 14.57
CA ALA A 466 -10.20 40.92 14.32
C ALA A 466 -10.63 41.51 15.65
N PRO A 467 -10.63 42.84 15.79
CA PRO A 467 -11.24 43.46 16.95
C PRO A 467 -12.76 43.42 16.82
N THR A 468 -13.44 43.20 17.94
CA THR A 468 -14.76 42.61 17.88
C THR A 468 -15.85 43.54 18.37
N GLY A 469 -15.71 44.07 19.56
CA GLY A 469 -16.71 44.88 20.18
C GLY A 469 -16.61 44.70 21.69
N ALA A 470 -17.76 44.68 22.35
CA ALA A 470 -17.84 44.33 23.77
C ALA A 470 -17.90 42.83 23.97
N LYS A 471 -17.54 42.07 22.95
CA LYS A 471 -17.55 40.61 22.95
C LYS A 471 -16.29 40.12 23.65
N ARG A 472 -16.40 39.86 24.94
CA ARG A 472 -15.37 39.20 25.71
C ARG A 472 -15.87 37.83 26.12
N ARG A 473 -14.95 36.90 26.33
CA ARG A 473 -15.31 35.55 26.73
C ARG A 473 -15.94 35.57 28.12
N VAL A 474 -17.09 34.90 28.24
CA VAL A 474 -17.87 34.97 29.47
C VAL A 474 -17.15 34.25 30.61
N VAL A 475 -17.31 34.78 31.81
CA VAL A 475 -16.58 34.31 32.99
C VAL A 475 -17.47 33.34 33.75
N GLU A 476 -16.90 32.21 34.14
CA GLU A 476 -17.64 31.20 34.87
C GLU A 476 -16.99 30.89 36.22
N ALA B 1 -27.33 15.45 -21.10
CA ALA B 1 -27.67 16.86 -21.04
C ALA B 1 -27.87 17.26 -19.60
N VAL B 2 -27.20 18.33 -19.19
CA VAL B 2 -27.17 18.77 -17.80
C VAL B 2 -27.54 20.24 -17.76
N GLY B 3 -28.60 20.57 -17.03
CA GLY B 3 -28.94 21.95 -16.76
C GLY B 3 -28.34 22.43 -15.46
N ILE B 4 -28.66 23.67 -15.11
CA ILE B 4 -28.17 24.29 -13.89
C ILE B 4 -29.35 24.92 -13.17
N GLY B 5 -29.65 24.42 -11.97
CA GLY B 5 -30.75 24.94 -11.20
C GLY B 5 -30.39 26.15 -10.37
N ALA B 6 -30.87 26.20 -9.13
CA ALA B 6 -30.61 27.33 -8.27
C ALA B 6 -29.14 27.39 -7.86
N VAL B 7 -28.71 28.58 -7.46
CA VAL B 7 -27.32 28.84 -7.13
C VAL B 7 -27.24 29.25 -5.67
N LEU B 8 -26.38 28.58 -4.91
CA LEU B 8 -26.13 28.84 -3.51
C LEU B 8 -24.67 29.30 -3.36
N PHE B 9 -24.20 29.37 -2.12
CA PHE B 9 -22.88 29.88 -1.83
C PHE B 9 -21.79 28.93 -2.35
N GLY B 10 -21.00 29.43 -3.30
CA GLY B 10 -19.87 28.69 -3.83
C GLY B 10 -18.67 28.77 -2.91
N PHE B 11 -17.57 28.19 -3.38
CA PHE B 11 -16.39 27.96 -2.55
C PHE B 11 -15.73 29.22 -2.01
N LEU B 12 -15.10 30.05 -2.83
CA LEU B 12 -14.60 31.29 -2.26
C LEU B 12 -15.70 32.33 -2.23
N GLY B 13 -16.15 32.78 -3.40
CA GLY B 13 -17.44 33.43 -3.54
C GLY B 13 -17.50 34.80 -2.90
N ALA B 14 -17.50 34.81 -1.57
CA ALA B 14 -17.45 36.01 -0.75
C ALA B 14 -16.04 36.43 -0.43
N ALA B 15 -15.06 36.06 -1.27
CA ALA B 15 -13.70 36.47 -1.05
C ALA B 15 -13.48 37.95 -1.31
N GLY B 16 -14.34 38.57 -2.12
CA GLY B 16 -14.21 39.97 -2.41
C GLY B 16 -15.22 40.83 -1.69
N SER B 17 -16.16 40.21 -1.00
CA SER B 17 -17.14 40.98 -0.26
C SER B 17 -16.55 41.42 1.08
N THR B 18 -17.33 42.19 1.82
CA THR B 18 -16.86 42.82 3.04
C THR B 18 -16.80 41.81 4.19
N MET B 19 -16.09 42.17 5.25
CA MET B 19 -15.91 41.26 6.38
C MET B 19 -17.13 41.15 7.27
N GLY B 20 -18.24 41.80 6.96
CA GLY B 20 -19.47 41.58 7.68
C GLY B 20 -20.32 40.58 6.94
N ALA B 21 -20.14 40.51 5.63
CA ALA B 21 -20.87 39.56 4.78
C ALA B 21 -20.06 38.33 4.45
N ALA B 22 -18.75 38.34 4.66
CA ALA B 22 -17.94 37.15 4.48
C ALA B 22 -17.92 36.26 5.70
N SER B 23 -18.36 36.75 6.86
CA SER B 23 -18.42 35.95 8.07
C SER B 23 -19.76 35.26 8.23
N LEU B 24 -20.54 35.14 7.17
CA LEU B 24 -21.72 34.30 7.13
C LEU B 24 -21.52 33.10 6.22
N THR B 25 -20.38 33.01 5.57
CA THR B 25 -20.03 31.91 4.66
C THR B 25 -18.81 31.17 5.16
N LEU B 26 -18.65 31.06 6.49
CA LEU B 26 -17.45 30.44 7.03
C LEU B 26 -17.47 28.93 6.88
N THR B 27 -18.65 28.31 6.81
CA THR B 27 -18.77 26.87 6.69
C THR B 27 -18.40 26.35 5.32
N VAL B 28 -18.36 27.20 4.30
CA VAL B 28 -18.16 26.70 2.94
C VAL B 28 -16.69 26.36 2.71
N GLN B 29 -15.81 27.16 3.28
CA GLN B 29 -14.37 27.01 3.07
C GLN B 29 -13.73 26.10 4.08
N ALA B 30 -14.40 25.84 5.20
CA ALA B 30 -13.91 24.87 6.16
C ALA B 30 -14.16 23.44 5.70
N ARG B 31 -15.06 23.22 4.74
CA ARG B 31 -15.29 21.88 4.23
C ARG B 31 -14.18 21.41 3.30
N GLN B 32 -13.45 22.33 2.70
CA GLN B 32 -12.51 22.00 1.64
C GLN B 32 -11.08 21.91 2.13
N LEU B 33 -10.86 22.05 3.44
CA LEU B 33 -9.51 22.01 3.98
C LEU B 33 -8.98 20.61 4.18
N LEU B 34 -9.82 19.62 4.11
CA LEU B 34 -9.41 18.26 4.38
C LEU B 34 -9.77 17.29 3.29
N SER B 35 -10.93 17.46 2.64
CA SER B 35 -11.44 16.43 1.73
C SER B 35 -10.64 16.36 0.44
N GLY B 36 -10.62 17.46 -0.31
CA GLY B 36 -9.92 17.47 -1.58
C GLY B 36 -10.67 16.71 -2.67
N ILE B 37 -10.04 16.68 -3.84
CA ILE B 37 -10.65 16.04 -5.00
C ILE B 37 -9.76 14.83 -5.30
N VAL B 38 -9.18 14.26 -4.25
CA VAL B 38 -8.34 13.09 -4.37
C VAL B 38 -9.15 11.83 -4.10
N GLY B 61 4.43 3.83 -5.13
CA GLY B 61 3.22 4.14 -4.41
C GLY B 61 3.44 4.55 -2.97
N ILE B 62 4.70 4.79 -2.63
CA ILE B 62 5.07 5.22 -1.28
C ILE B 62 4.90 6.73 -1.12
N LYS B 63 5.23 7.49 -2.16
CA LYS B 63 4.94 8.92 -2.17
C LYS B 63 3.46 9.22 -2.41
N GLN B 64 2.66 8.20 -2.71
CA GLN B 64 1.21 8.36 -2.67
C GLN B 64 0.70 8.54 -1.25
N LEU B 65 1.42 8.01 -0.26
CA LEU B 65 1.00 8.10 1.13
C LEU B 65 1.49 9.37 1.80
N GLN B 66 2.71 9.82 1.48
CA GLN B 66 3.26 11.03 2.07
C GLN B 66 2.51 12.27 1.66
N ALA B 67 1.80 12.22 0.53
CA ALA B 67 0.91 13.30 0.16
C ALA B 67 -0.30 13.35 1.08
N ARG B 68 -0.81 12.18 1.47
CA ARG B 68 -2.00 12.11 2.31
C ARG B 68 -1.71 12.50 3.76
N VAL B 69 -0.57 12.06 4.29
CA VAL B 69 -0.26 12.29 5.70
C VAL B 69 0.01 13.77 5.96
N LEU B 70 0.62 14.47 4.99
CA LEU B 70 0.75 15.92 5.10
C LEU B 70 -0.60 16.62 5.03
N ALA B 71 -1.53 16.08 4.25
CA ALA B 71 -2.87 16.67 4.16
C ALA B 71 -3.63 16.51 5.47
N VAL B 72 -3.39 15.42 6.19
CA VAL B 72 -4.02 15.21 7.48
C VAL B 72 -3.38 16.11 8.52
N GLU B 73 -2.06 16.19 8.52
CA GLU B 73 -1.34 16.93 9.56
C GLU B 73 -1.30 18.43 9.33
N ARG B 74 -1.66 18.90 8.15
CA ARG B 74 -1.93 20.33 8.03
C ARG B 74 -3.27 20.68 8.63
N TYR B 75 -4.22 19.73 8.61
CA TYR B 75 -5.53 19.96 9.20
C TYR B 75 -5.48 19.87 10.72
N LEU B 76 -4.79 18.86 11.25
CA LEU B 76 -4.75 18.67 12.69
C LEU B 76 -3.89 19.70 13.39
N SER B 77 -2.98 20.37 12.67
CA SER B 77 -2.20 21.43 13.28
C SER B 77 -3.05 22.64 13.61
N ASP B 78 -4.03 22.94 12.76
CA ASP B 78 -4.93 24.05 13.03
C ASP B 78 -6.04 23.69 13.99
N GLN B 79 -6.36 22.40 14.14
CA GLN B 79 -7.36 22.00 15.10
C GLN B 79 -6.80 21.91 16.52
N GLN B 80 -5.53 21.53 16.66
CA GLN B 80 -4.91 21.53 17.97
C GLN B 80 -4.68 22.94 18.48
N LEU B 81 -4.36 23.87 17.57
CA LEU B 81 -4.15 25.25 17.96
C LEU B 81 -5.43 25.90 18.43
N LEU B 82 -6.57 25.51 17.87
CA LEU B 82 -7.85 25.95 18.41
C LEU B 82 -8.21 25.26 19.71
N GLY B 83 -7.56 24.16 20.04
CA GLY B 83 -7.82 23.47 21.30
C GLY B 83 -6.99 24.02 22.43
N ILE B 84 -5.82 24.56 22.10
CA ILE B 84 -4.99 25.28 23.06
C ILE B 84 -5.75 26.48 23.60
N TRP B 85 -6.50 27.14 22.73
CA TRP B 85 -7.28 28.31 23.08
C TRP B 85 -8.61 27.80 23.60
N GLY B 86 -9.58 28.67 23.80
CA GLY B 86 -10.86 28.13 24.18
C GLY B 86 -11.74 27.68 23.04
N CYS B 87 -11.23 27.80 21.82
CA CYS B 87 -12.04 27.82 20.60
C CYS B 87 -12.14 26.46 19.94
N SER B 88 -12.52 25.40 20.65
CA SER B 88 -12.61 24.08 20.05
C SER B 88 -14.06 23.75 19.73
N GLY B 89 -14.32 23.45 18.46
CA GLY B 89 -15.65 23.06 18.05
C GLY B 89 -16.59 24.19 17.73
N LYS B 90 -16.05 25.34 17.32
CA LYS B 90 -16.89 26.45 16.91
C LYS B 90 -16.13 27.31 15.92
N LEU B 91 -16.88 28.06 15.11
CA LEU B 91 -16.32 28.87 14.04
C LEU B 91 -15.92 30.25 14.57
N ILE B 92 -16.88 30.99 15.07
CA ILE B 92 -16.61 32.25 15.76
C ILE B 92 -16.45 31.95 17.24
N CYS B 93 -15.27 32.23 17.78
CA CYS B 93 -15.07 32.14 19.21
C CYS B 93 -14.58 33.48 19.71
N THR B 94 -14.53 33.61 21.02
CA THR B 94 -14.26 34.88 21.66
C THR B 94 -13.22 34.67 22.76
N THR B 95 -12.19 35.48 22.76
CA THR B 95 -11.20 35.47 23.83
C THR B 95 -11.21 36.82 24.54
N ASN B 96 -10.64 36.82 25.74
CA ASN B 96 -10.60 38.02 26.59
C ASN B 96 -9.23 38.67 26.60
N VAL B 97 -8.58 38.70 25.44
CA VAL B 97 -7.38 39.49 25.23
C VAL B 97 -7.85 40.86 24.73
N PRO B 98 -7.40 41.96 25.33
CA PRO B 98 -7.81 43.27 24.84
C PRO B 98 -7.12 43.60 23.53
N TRP B 99 -7.84 44.27 22.65
CA TRP B 99 -7.25 44.67 21.37
C TRP B 99 -6.39 45.90 21.61
N ASN B 100 -5.08 45.71 21.52
CA ASN B 100 -4.13 46.81 21.66
C ASN B 100 -4.28 47.75 20.46
N SER B 101 -4.50 49.03 20.73
CA SER B 101 -4.84 50.00 19.70
C SER B 101 -3.68 50.40 18.82
N SER B 102 -2.49 49.83 19.01
CA SER B 102 -1.38 50.01 18.09
C SER B 102 -1.29 48.92 17.05
N TRP B 103 -2.05 47.83 17.22
CA TRP B 103 -2.10 46.78 16.21
C TRP B 103 -2.74 47.29 14.92
N SER B 104 -3.96 47.79 15.03
CA SER B 104 -4.59 48.60 14.00
C SER B 104 -5.64 49.47 14.69
N ASN B 105 -5.68 50.74 14.32
CA ASN B 105 -6.51 51.71 15.03
C ASN B 105 -7.75 52.10 14.24
N LYS B 106 -8.22 51.25 13.33
CA LYS B 106 -9.33 51.63 12.49
C LYS B 106 -10.65 51.46 13.25
N SER B 107 -11.65 52.19 12.78
CA SER B 107 -12.97 52.15 13.42
C SER B 107 -13.67 50.85 13.09
N GLN B 108 -14.79 50.61 13.79
CA GLN B 108 -15.50 49.35 13.62
C GLN B 108 -16.29 49.30 12.33
N ASP B 109 -16.79 50.44 11.86
CA ASP B 109 -17.55 50.43 10.61
C ASP B 109 -16.64 50.41 9.39
N GLU B 110 -15.43 50.93 9.49
CA GLU B 110 -14.50 50.83 8.39
C GLU B 110 -13.70 49.54 8.42
N ILE B 111 -13.93 48.67 9.39
CA ILE B 111 -13.45 47.30 9.37
C ILE B 111 -14.53 46.34 8.89
N TRP B 112 -15.70 46.35 9.52
CA TRP B 112 -16.69 45.34 9.19
C TRP B 112 -17.56 45.71 8.00
N ASN B 113 -17.44 46.90 7.43
CA ASN B 113 -18.26 47.28 6.30
C ASN B 113 -17.48 47.86 5.12
N ASN B 114 -16.17 48.04 5.23
CA ASN B 114 -15.45 48.73 4.17
C ASN B 114 -14.11 48.06 3.89
N MET B 115 -14.02 46.75 4.10
CA MET B 115 -12.73 46.08 4.12
C MET B 115 -12.96 44.60 3.86
N THR B 116 -12.09 43.98 3.09
CA THR B 116 -12.17 42.55 2.84
C THR B 116 -11.19 41.82 3.74
N TRP B 117 -11.26 40.49 3.72
CA TRP B 117 -10.34 39.69 4.51
C TRP B 117 -8.96 39.59 3.89
N LEU B 118 -8.84 39.71 2.58
CA LEU B 118 -7.53 39.69 1.93
C LEU B 118 -6.72 40.95 2.20
N GLN B 119 -7.39 42.06 2.50
CA GLN B 119 -6.71 43.31 2.81
C GLN B 119 -6.41 43.42 4.29
N TRP B 120 -7.30 42.92 5.13
CA TRP B 120 -7.04 42.86 6.56
C TRP B 120 -5.91 41.89 6.89
N ASP B 121 -5.73 40.86 6.06
CA ASP B 121 -4.62 39.93 6.25
C ASP B 121 -3.28 40.60 6.01
N LYS B 122 -3.22 41.56 5.10
CA LYS B 122 -1.98 42.30 4.88
C LYS B 122 -1.78 43.41 5.89
N GLU B 123 -2.84 43.83 6.57
CA GLU B 123 -2.70 44.90 7.56
C GLU B 123 -2.02 44.40 8.83
N ILE B 124 -2.40 43.21 9.31
CA ILE B 124 -1.88 42.73 10.58
C ILE B 124 -0.99 41.52 10.39
N SER B 125 -0.38 41.39 9.22
CA SER B 125 0.53 40.27 8.99
C SER B 125 1.82 40.38 9.81
N ASN B 126 2.21 41.60 10.19
CA ASN B 126 3.34 41.76 11.10
C ASN B 126 3.00 41.28 12.50
N TYR B 127 1.76 41.50 12.92
CA TYR B 127 1.38 41.40 14.32
C TYR B 127 0.68 40.09 14.62
N THR B 128 0.90 39.07 13.80
CA THR B 128 0.19 37.81 13.95
C THR B 128 0.77 36.98 15.09
N ASP B 129 2.10 36.89 15.16
CA ASP B 129 2.76 36.11 16.20
C ASP B 129 2.65 36.75 17.56
N THR B 130 2.43 38.07 17.62
CA THR B 130 2.23 38.73 18.91
C THR B 130 0.85 38.40 19.47
N ILE B 131 -0.17 38.38 18.61
CA ILE B 131 -1.54 38.17 19.08
C ILE B 131 -1.76 36.72 19.47
N TYR B 132 -1.18 35.78 18.73
CA TYR B 132 -1.32 34.36 19.05
C TYR B 132 -0.65 34.02 20.38
N TYR B 133 0.42 34.74 20.72
CA TYR B 133 1.11 34.51 21.97
C TYR B 133 0.29 34.99 23.15
N LEU B 134 -0.59 35.96 22.95
CA LEU B 134 -1.44 36.47 24.00
C LEU B 134 -2.73 35.68 24.17
N ILE B 135 -3.27 35.11 23.09
CA ILE B 135 -4.45 34.27 23.17
C ILE B 135 -4.12 32.99 23.94
N GLU B 136 -2.92 32.47 23.75
CA GLU B 136 -2.48 31.25 24.41
C GLU B 136 -2.19 31.49 25.90
N LYS B 137 -1.62 32.65 26.23
CA LYS B 137 -1.28 32.98 27.61
C LYS B 137 -2.52 33.17 28.47
N SER B 138 -3.55 33.82 27.91
CA SER B 138 -4.77 34.09 28.67
C SER B 138 -5.63 32.85 28.89
N GLN B 139 -5.26 31.71 28.32
CA GLN B 139 -5.89 30.45 28.65
C GLN B 139 -5.17 29.72 29.77
N ASN B 140 -3.86 29.92 29.89
CA ASN B 140 -3.14 29.41 31.05
C ASN B 140 -3.39 30.24 32.30
N GLN B 141 -3.87 31.48 32.15
CA GLN B 141 -4.21 32.34 33.26
C GLN B 141 -5.66 32.21 33.70
N GLN B 142 -6.33 31.12 33.32
CA GLN B 142 -7.65 30.84 33.88
C GLN B 142 -7.52 30.43 35.35
N GLU B 143 -6.68 29.42 35.61
CA GLU B 143 -6.41 28.85 36.95
C GLU B 143 -7.70 28.36 37.61
N VAL B 144 -8.57 27.74 36.82
CA VAL B 144 -9.90 27.36 37.27
C VAL B 144 -9.98 25.87 37.55
N ASN C 4 -19.88 6.70 51.56
CA ASN C 4 -21.31 6.64 51.28
C ASN C 4 -21.52 5.95 49.93
N ASN C 5 -21.66 6.75 48.89
CA ASN C 5 -21.75 6.24 47.53
C ASN C 5 -20.51 6.60 46.74
N LEU C 6 -20.15 5.75 45.80
CA LEU C 6 -18.99 5.94 44.97
C LEU C 6 -19.41 5.95 43.51
N TRP C 7 -18.65 6.66 42.68
CA TRP C 7 -19.03 6.87 41.30
C TRP C 7 -17.77 6.87 40.44
N VAL C 8 -17.84 6.31 39.25
CA VAL C 8 -16.71 6.29 38.33
C VAL C 8 -16.45 7.70 37.83
N THR C 9 -15.23 8.20 38.02
CA THR C 9 -14.81 9.46 37.42
C THR C 9 -13.59 9.25 36.55
N VAL C 10 -13.53 10.03 35.46
CA VAL C 10 -12.52 9.87 34.43
C VAL C 10 -11.51 11.01 34.56
N TYR C 11 -10.23 10.64 34.57
CA TYR C 11 -9.13 11.60 34.59
C TYR C 11 -8.34 11.46 33.31
N TYR C 12 -8.23 12.54 32.55
CA TYR C 12 -7.37 12.58 31.38
C TYR C 12 -6.10 13.34 31.73
N GLY C 13 -4.95 12.68 31.57
CA GLY C 13 -3.70 13.32 31.93
C GLY C 13 -3.01 12.60 33.06
N VAL C 14 -3.20 11.29 33.12
CA VAL C 14 -2.66 10.44 34.18
C VAL C 14 -1.22 10.06 33.87
N PRO C 15 -0.30 10.16 34.84
CA PRO C 15 1.12 9.82 34.58
C PRO C 15 1.48 8.35 34.73
N VAL C 16 1.07 7.52 33.77
CA VAL C 16 1.42 6.11 33.77
C VAL C 16 2.06 5.77 32.44
N TRP C 17 2.64 4.58 32.40
CA TRP C 17 3.26 4.06 31.19
C TRP C 17 3.30 2.54 31.26
N ARG C 18 3.51 1.94 30.10
CA ARG C 18 3.73 0.51 29.99
C ARG C 18 4.94 0.30 29.10
N ASP C 19 5.56 -0.87 29.22
CA ASP C 19 6.68 -1.19 28.36
C ASP C 19 6.19 -1.41 26.94
N ALA C 20 6.93 -0.89 25.97
CA ALA C 20 6.45 -0.85 24.60
C ALA C 20 7.59 -1.15 23.64
N GLU C 21 7.25 -1.12 22.35
CA GLU C 21 8.20 -1.43 21.28
C GLU C 21 7.66 -0.75 20.03
N THR C 22 8.33 0.32 19.59
CA THR C 22 7.77 1.17 18.55
C THR C 22 8.86 1.51 17.55
N THR C 23 8.52 2.39 16.60
CA THR C 23 9.42 2.85 15.56
C THR C 23 10.00 4.20 15.96
N LEU C 24 11.31 4.30 15.97
CA LEU C 24 12.02 5.50 16.37
C LEU C 24 12.67 6.12 15.14
N PHE C 25 12.83 7.44 15.14
CA PHE C 25 13.34 8.14 13.96
C PHE C 25 14.55 8.99 14.31
N CYS C 26 15.36 9.25 13.29
CA CYS C 26 16.62 9.99 13.42
C CYS C 26 16.40 11.48 13.54
N ALA C 27 17.29 12.13 14.30
CA ALA C 27 17.25 13.57 14.53
C ALA C 27 18.65 14.18 14.56
N SER C 28 19.46 13.89 13.55
CA SER C 28 20.83 14.42 13.53
C SER C 28 20.85 15.93 13.31
N ASP C 29 22.01 16.53 13.60
CA ASP C 29 22.19 17.97 13.52
C ASP C 29 22.13 18.46 12.08
N ALA C 30 21.67 19.70 11.91
CA ALA C 30 21.46 20.26 10.58
C ALA C 30 22.78 20.64 9.92
N LYS C 31 22.88 20.38 8.62
CA LYS C 31 24.09 20.64 7.86
C LYS C 31 23.70 20.84 6.40
N ALA C 32 24.43 21.72 5.72
CA ALA C 32 24.11 22.09 4.35
C ALA C 32 24.39 20.95 3.38
N TYR C 33 23.62 20.92 2.29
CA TYR C 33 23.75 19.90 1.26
C TYR C 33 25.04 20.12 0.48
N ASP C 34 26.06 19.31 0.74
CA ASP C 34 27.25 19.31 -0.09
C ASP C 34 26.99 18.40 -1.29
N THR C 35 27.20 18.94 -2.49
CA THR C 35 26.83 18.22 -3.71
C THR C 35 27.84 17.13 -4.04
N GLU C 36 29.12 17.40 -3.80
CA GLU C 36 30.20 16.53 -4.25
C GLU C 36 30.56 15.44 -3.26
N VAL C 37 29.83 15.32 -2.15
CA VAL C 37 30.09 14.25 -1.19
C VAL C 37 28.77 13.89 -0.52
N HIS C 38 28.64 12.62 -0.18
CA HIS C 38 27.52 12.12 0.60
C HIS C 38 28.05 11.13 1.61
N ASN C 39 27.20 10.73 2.53
CA ASN C 39 27.56 9.77 3.56
C ASN C 39 26.78 8.48 3.27
N VAL C 40 27.33 7.33 3.69
CA VAL C 40 26.55 6.09 3.71
C VAL C 40 25.33 6.27 4.61
N TRP C 41 25.54 6.92 5.74
CA TRP C 41 24.43 7.33 6.57
C TRP C 41 23.69 8.44 5.85
N ALA C 42 22.39 8.55 6.08
CA ALA C 42 21.70 9.66 5.48
C ALA C 42 22.09 10.96 6.16
N THR C 43 21.72 11.10 7.45
CA THR C 43 22.01 12.24 8.34
C THR C 43 21.59 13.60 7.77
N HIS C 44 20.77 13.58 6.74
CA HIS C 44 20.33 14.70 5.94
C HIS C 44 18.83 14.68 5.80
N ALA C 45 18.26 13.49 5.67
CA ALA C 45 16.84 13.23 5.77
C ALA C 45 16.36 13.14 7.21
N CYS C 46 17.24 13.31 8.18
CA CYS C 46 16.84 13.34 9.57
C CYS C 46 16.23 14.70 9.91
N VAL C 47 15.30 14.69 10.85
CA VAL C 47 14.62 15.91 11.32
C VAL C 47 15.67 16.74 12.05
N PRO C 48 15.63 18.08 12.00
CA PRO C 48 16.61 18.86 12.74
C PRO C 48 16.47 18.72 14.25
N THR C 49 17.61 18.80 14.92
CA THR C 49 17.69 18.57 16.35
C THR C 49 17.22 19.82 17.08
N ASP C 50 16.50 19.62 18.19
CA ASP C 50 16.08 20.74 19.02
C ASP C 50 17.29 21.43 19.66
N PRO C 51 17.22 22.75 19.83
CA PRO C 51 18.37 23.47 20.37
C PRO C 51 18.59 23.23 21.86
N SER C 52 17.51 23.24 22.62
CA SER C 52 17.59 23.02 24.07
C SER C 52 16.73 21.83 24.43
N PRO C 53 17.32 20.67 24.76
CA PRO C 53 16.52 19.53 25.17
C PRO C 53 15.94 19.74 26.57
N GLN C 54 14.99 18.87 26.91
CA GLN C 54 14.43 18.80 28.25
C GLN C 54 14.66 17.41 28.81
N GLU C 55 14.98 17.35 30.10
CA GLU C 55 15.27 16.09 30.77
C GLU C 55 14.70 16.19 32.19
N ILE C 56 13.50 15.66 32.36
CA ILE C 56 12.74 15.86 33.58
C ILE C 56 13.10 14.75 34.56
N HIS C 57 13.38 15.12 35.80
CA HIS C 57 13.80 14.15 36.80
C HIS C 57 12.58 13.60 37.53
N LEU C 58 12.56 12.28 37.71
CA LEU C 58 11.39 11.56 38.18
C LEU C 58 11.65 11.10 39.61
N ALA C 59 10.90 11.63 40.56
CA ALA C 59 11.11 11.34 41.96
C ALA C 59 10.32 10.10 42.39
N ASN C 60 10.98 9.25 43.18
CA ASN C 60 10.37 8.13 43.92
C ASN C 60 9.78 7.06 43.01
N VAL C 61 10.45 6.76 41.89
CA VAL C 61 10.03 5.67 41.02
C VAL C 61 11.22 4.77 40.71
N THR C 62 10.97 3.46 40.74
CA THR C 62 11.89 2.46 40.26
C THR C 62 11.36 1.87 38.97
N GLU C 63 12.27 1.27 38.20
CA GLU C 63 11.92 0.72 36.90
C GLU C 63 12.99 -0.29 36.53
N LYS C 64 12.58 -1.53 36.28
CA LYS C 64 13.53 -2.58 35.92
C LYS C 64 14.01 -2.39 34.50
N PHE C 65 15.32 -2.35 34.31
CA PHE C 65 15.85 -2.32 32.95
C PHE C 65 16.49 -3.67 32.64
N ASP C 66 16.81 -3.86 31.37
CA ASP C 66 17.59 -5.02 30.95
C ASP C 66 18.28 -4.64 29.66
N MET C 67 19.60 -4.43 29.72
CA MET C 67 20.35 -4.04 28.54
C MET C 67 20.52 -5.17 27.56
N TRP C 68 20.30 -6.41 27.97
CA TRP C 68 20.49 -7.55 27.08
C TRP C 68 19.21 -7.94 26.37
N LYS C 69 18.06 -7.50 26.88
CA LYS C 69 16.78 -7.70 26.22
C LYS C 69 16.16 -6.36 25.88
N ASN C 70 16.96 -5.46 25.32
CA ASN C 70 16.50 -4.13 24.94
C ASN C 70 16.14 -4.16 23.47
N SER C 71 14.93 -3.68 23.14
CA SER C 71 14.44 -3.76 21.77
C SER C 71 15.12 -2.77 20.84
N MET C 72 15.65 -1.66 21.35
CA MET C 72 16.28 -0.68 20.50
C MET C 72 17.61 -1.14 19.93
N VAL C 73 18.26 -2.12 20.56
CA VAL C 73 19.51 -2.63 20.05
C VAL C 73 19.29 -3.41 18.76
N GLU C 74 18.27 -4.27 18.74
CA GLU C 74 17.96 -4.99 17.52
C GLU C 74 17.29 -4.09 16.49
N GLN C 75 16.56 -3.07 16.95
CA GLN C 75 15.97 -2.10 16.04
C GLN C 75 17.02 -1.23 15.39
N MET C 76 18.11 -0.93 16.09
CA MET C 76 19.18 -0.15 15.48
C MET C 76 19.95 -0.97 14.46
N HIS C 77 20.26 -2.22 14.80
CA HIS C 77 21.13 -3.07 14.00
C HIS C 77 20.57 -3.39 12.62
N THR C 78 19.25 -3.39 12.46
CA THR C 78 18.67 -3.58 11.14
C THR C 78 18.67 -2.31 10.31
N ASP C 79 18.88 -1.15 10.94
CA ASP C 79 18.96 0.10 10.21
C ASP C 79 20.39 0.37 9.75
N ILE C 80 21.36 -0.11 10.53
CA ILE C 80 22.76 0.00 10.15
C ILE C 80 23.02 -0.80 8.89
N ILE C 81 22.35 -1.93 8.74
CA ILE C 81 22.53 -2.76 7.55
C ILE C 81 21.73 -2.22 6.37
N SER C 82 20.53 -1.67 6.63
CA SER C 82 19.67 -1.20 5.55
C SER C 82 20.24 0.04 4.87
N LEU C 83 20.85 0.93 5.65
CA LEU C 83 21.52 2.09 5.07
C LEU C 83 22.78 1.69 4.34
N TRP C 84 23.41 0.61 4.78
CA TRP C 84 24.59 0.10 4.09
C TRP C 84 24.24 -0.46 2.72
N ASP C 85 23.09 -1.11 2.61
CA ASP C 85 22.63 -1.69 1.36
C ASP C 85 21.80 -0.73 0.53
N GLU C 86 21.56 0.47 1.04
CA GLU C 86 20.83 1.49 0.29
C GLU C 86 21.75 2.28 -0.61
N SER C 87 22.99 2.49 -0.18
CA SER C 87 23.94 3.32 -0.90
C SER C 87 24.91 2.49 -1.73
N LEU C 88 24.59 1.24 -2.02
CA LEU C 88 25.42 0.41 -2.87
C LEU C 88 24.69 -0.14 -4.09
N LYS C 89 23.38 0.00 -4.16
CA LYS C 89 22.61 -0.40 -5.33
C LYS C 89 22.84 0.47 -6.56
N PRO C 90 22.97 1.83 -6.49
CA PRO C 90 23.30 2.56 -7.73
C PRO C 90 24.78 2.57 -8.08
N CYS C 91 25.57 1.68 -7.48
CA CYS C 91 27.00 1.64 -7.72
C CYS C 91 27.34 0.65 -8.84
N VAL C 92 28.64 0.49 -9.09
CA VAL C 92 29.14 -0.25 -10.24
C VAL C 92 29.39 -1.70 -9.85
N LYS C 93 28.82 -2.63 -10.61
CA LYS C 93 29.06 -4.04 -10.39
C LYS C 93 30.33 -4.46 -11.11
N LEU C 94 31.20 -5.18 -10.40
CA LEU C 94 32.50 -5.60 -10.92
C LEU C 94 32.50 -7.07 -11.33
N THR C 95 31.41 -7.50 -11.96
CA THR C 95 31.38 -8.81 -12.61
C THR C 95 32.50 -9.06 -13.64
N PRO C 96 32.94 -8.10 -14.52
CA PRO C 96 34.00 -8.48 -15.46
C PRO C 96 35.41 -8.59 -14.89
N LEU C 97 35.58 -8.59 -13.57
CA LEU C 97 36.91 -8.72 -12.99
C LEU C 97 37.23 -10.11 -12.48
N CYS C 98 36.22 -10.95 -12.23
CA CYS C 98 36.47 -12.32 -11.81
C CYS C 98 36.98 -13.10 -13.01
N ILE C 99 38.29 -13.01 -13.25
CA ILE C 99 38.99 -13.75 -14.30
C ILE C 99 40.32 -14.24 -13.75
N THR C 100 41.07 -14.91 -14.62
CA THR C 100 42.43 -15.31 -14.30
C THR C 100 43.33 -14.09 -14.34
N LEU C 101 44.15 -13.91 -13.30
CA LEU C 101 45.03 -12.76 -13.19
C LEU C 101 46.46 -13.23 -13.36
N ASN C 102 47.20 -12.58 -14.25
CA ASN C 102 48.61 -12.89 -14.47
C ASN C 102 49.39 -11.95 -13.57
N CYS C 103 49.74 -12.43 -12.38
CA CYS C 103 50.09 -11.53 -11.29
C CYS C 103 51.45 -11.92 -10.72
N THR C 104 52.34 -10.94 -10.61
CA THR C 104 53.72 -11.18 -10.21
C THR C 104 54.17 -10.07 -9.25
N ASN C 105 55.41 -10.18 -8.79
CA ASN C 105 55.97 -9.30 -7.78
C ASN C 105 56.30 -7.93 -8.36
N ILE C 106 56.77 -7.03 -7.49
CA ILE C 106 57.08 -5.66 -7.85
C ILE C 106 58.59 -5.52 -8.02
N THR C 107 59.01 -4.89 -9.12
CA THR C 107 60.42 -4.74 -9.46
C THR C 107 61.03 -3.45 -8.91
N ARG C 108 60.85 -3.21 -7.61
CA ARG C 108 61.47 -2.07 -6.96
C ARG C 108 62.58 -2.53 -6.01
N GLY C 113 69.29 2.64 2.22
CA GLY C 113 69.31 1.73 1.09
C GLY C 113 68.49 0.48 1.33
N ASN C 114 67.95 0.35 2.54
CA ASN C 114 67.13 -0.79 2.93
C ASN C 114 65.75 -0.38 3.42
N LEU C 115 65.65 0.75 4.11
CA LEU C 115 64.40 1.19 4.71
C LEU C 115 63.49 1.92 3.73
N THR C 116 63.93 2.14 2.49
CA THR C 116 63.11 2.82 1.50
C THR C 116 62.04 1.91 0.90
N GLU C 117 62.13 0.60 1.11
CA GLU C 117 61.08 -0.31 0.68
C GLU C 117 60.95 -1.43 1.71
N GLU C 118 59.77 -1.55 2.31
CA GLU C 118 59.54 -2.51 3.39
C GLU C 118 58.49 -3.56 3.03
N GLY C 119 57.28 -3.14 2.69
CA GLY C 119 56.18 -4.07 2.48
C GLY C 119 56.00 -4.48 1.03
N LYS C 120 57.01 -5.09 0.44
CA LYS C 120 56.86 -5.61 -0.92
C LYS C 120 55.97 -6.83 -0.95
N GLU C 121 56.01 -7.64 0.11
CA GLU C 121 55.38 -8.95 0.12
C GLU C 121 53.91 -8.91 0.51
N GLU C 122 53.32 -7.72 0.58
CA GLU C 122 51.89 -7.55 0.72
C GLU C 122 51.24 -7.18 -0.61
N LEU C 123 51.84 -6.26 -1.33
CA LEU C 123 51.38 -5.89 -2.65
C LEU C 123 51.86 -6.88 -3.70
N LYS C 124 51.11 -6.99 -4.79
CA LYS C 124 51.56 -7.67 -6.00
C LYS C 124 51.13 -6.86 -7.21
N ASN C 125 51.72 -7.18 -8.36
CA ASN C 125 51.53 -6.43 -9.59
C ASN C 125 50.79 -7.34 -10.57
N CYS C 126 49.46 -7.24 -10.58
CA CYS C 126 48.63 -8.12 -11.39
C CYS C 126 48.33 -7.48 -12.75
N SER C 127 48.05 -8.32 -13.73
CA SER C 127 47.70 -7.85 -15.06
C SER C 127 46.76 -8.85 -15.72
N PHE C 128 45.82 -8.34 -16.50
CA PHE C 128 44.70 -9.15 -16.96
C PHE C 128 43.98 -8.48 -18.12
N ASN C 129 43.26 -9.29 -18.90
CA ASN C 129 42.48 -8.82 -20.03
C ASN C 129 41.16 -8.23 -19.54
N ALA C 130 40.99 -6.93 -19.64
CA ALA C 130 39.75 -6.28 -19.26
C ALA C 130 38.97 -5.86 -20.50
N THR C 131 37.67 -5.74 -20.34
CA THR C 131 36.79 -5.33 -21.42
C THR C 131 36.84 -3.81 -21.58
N THR C 132 36.07 -3.29 -22.52
CA THR C 132 36.00 -1.85 -22.76
C THR C 132 34.60 -1.53 -23.27
N GLU C 133 34.43 -0.32 -23.80
CA GLU C 133 33.13 0.10 -24.33
C GLU C 133 32.78 -0.68 -25.60
N LEU C 134 33.75 -0.81 -26.50
CA LEU C 134 33.54 -1.54 -27.74
C LEU C 134 33.58 -3.03 -27.42
N ARG C 135 32.60 -3.78 -27.91
CA ARG C 135 32.43 -5.16 -27.49
CA ARG C 135 32.42 -5.16 -27.48
C ARG C 135 33.50 -6.09 -28.05
N ASP C 136 34.06 -5.76 -29.21
CA ASP C 136 35.06 -6.62 -29.81
C ASP C 136 36.48 -6.32 -29.36
N LYS C 137 36.73 -5.17 -28.73
CA LYS C 137 38.08 -4.80 -28.33
C LYS C 137 38.35 -5.29 -26.91
N ILE C 138 39.57 -5.79 -26.70
CA ILE C 138 40.02 -6.24 -25.39
C ILE C 138 41.23 -5.39 -25.04
N GLN C 139 41.49 -5.25 -23.73
CA GLN C 139 42.60 -4.44 -23.29
C GLN C 139 43.20 -5.03 -22.02
N LYS C 140 44.50 -4.79 -21.84
CA LYS C 140 45.19 -5.19 -20.63
C LYS C 140 45.43 -3.98 -19.73
N VAL C 141 45.32 -4.19 -18.42
CA VAL C 141 45.65 -3.19 -17.42
C VAL C 141 46.59 -3.83 -16.40
N HIS C 142 47.12 -2.99 -15.51
CA HIS C 142 48.23 -3.38 -14.63
CA HIS C 142 48.23 -3.37 -14.64
C HIS C 142 47.97 -2.95 -13.20
N SER C 143 46.78 -3.26 -12.68
CA SER C 143 46.43 -2.87 -11.32
C SER C 143 47.25 -3.59 -10.26
N LEU C 144 47.39 -2.93 -9.11
CA LEU C 144 48.03 -3.50 -7.94
C LEU C 144 46.98 -4.08 -7.00
N PHE C 145 47.34 -5.16 -6.34
CA PHE C 145 46.43 -5.82 -5.41
C PHE C 145 47.20 -6.34 -4.20
N TYR C 146 46.52 -6.34 -3.06
CA TYR C 146 47.04 -6.96 -1.85
C TYR C 146 47.04 -8.47 -1.99
N ARG C 147 47.73 -9.15 -1.08
CA ARG C 147 47.66 -10.60 -1.04
C ARG C 147 46.56 -11.13 -0.13
N LEU C 148 45.88 -10.25 0.59
CA LEU C 148 44.64 -10.61 1.27
C LEU C 148 43.42 -10.43 0.39
N ASP C 149 43.63 -10.36 -0.92
CA ASP C 149 42.54 -10.29 -1.88
C ASP C 149 42.63 -11.39 -2.94
N LEU C 150 43.64 -12.25 -2.87
CA LEU C 150 43.91 -13.22 -3.92
C LEU C 150 43.95 -14.64 -3.37
N VAL C 151 43.59 -15.59 -4.23
CA VAL C 151 43.60 -17.03 -3.93
C VAL C 151 44.32 -17.73 -5.06
N GLU C 152 45.26 -18.62 -4.70
CA GLU C 152 46.03 -19.41 -5.66
C GLU C 152 45.14 -20.29 -6.53
N LEU C 153 45.68 -20.66 -7.70
CA LEU C 153 45.01 -21.62 -8.59
C LEU C 153 45.92 -22.80 -8.92
N ASN C 154 46.53 -23.40 -7.90
CA ASN C 154 47.32 -24.60 -8.12
C ASN C 154 46.43 -25.84 -8.04
N THR C 163 56.16 -15.86 -11.39
CA THR C 163 54.77 -15.53 -11.65
C THR C 163 53.89 -16.79 -11.71
N SER C 164 52.60 -16.60 -11.45
CA SER C 164 51.62 -17.67 -11.55
C SER C 164 50.26 -17.03 -11.76
N MET C 165 49.30 -17.85 -12.19
CA MET C 165 48.04 -17.39 -12.75
C MET C 165 46.95 -17.63 -11.70
N TYR C 166 46.56 -16.60 -10.95
CA TYR C 166 45.54 -16.86 -9.94
C TYR C 166 44.70 -15.63 -9.60
N ARG C 167 43.51 -15.92 -9.08
CA ARG C 167 42.33 -15.08 -9.10
C ARG C 167 42.11 -14.36 -7.77
N LEU C 168 40.94 -13.71 -7.63
CA LEU C 168 40.51 -13.02 -6.43
C LEU C 168 39.84 -13.98 -5.46
N ILE C 169 39.57 -13.50 -4.24
CA ILE C 169 38.97 -14.36 -3.22
C ILE C 169 37.50 -14.60 -3.51
N ASN C 170 36.71 -13.53 -3.55
CA ASN C 170 35.27 -13.63 -3.42
C ASN C 170 34.57 -14.20 -4.64
N CYS C 171 35.28 -14.50 -5.71
CA CYS C 171 34.67 -14.97 -6.93
C CYS C 171 34.30 -16.45 -6.88
N ASN C 172 34.53 -17.12 -5.74
CA ASN C 172 33.96 -18.44 -5.57
C ASN C 172 32.50 -18.33 -5.13
N THR C 173 32.19 -17.35 -4.28
CA THR C 173 30.94 -17.34 -3.55
C THR C 173 30.07 -16.12 -3.75
N SER C 174 30.60 -15.02 -4.28
CA SER C 174 29.85 -13.78 -4.18
C SER C 174 30.13 -12.88 -5.37
N ALA C 175 29.17 -11.98 -5.61
CA ALA C 175 29.31 -10.92 -6.59
C ALA C 175 29.81 -9.66 -5.89
N ILE C 176 30.72 -8.96 -6.55
CA ILE C 176 31.45 -7.84 -5.98
C ILE C 176 30.91 -6.54 -6.56
N THR C 177 30.70 -5.55 -5.70
CA THR C 177 30.19 -4.24 -6.09
C THR C 177 31.15 -3.18 -5.58
N GLN C 178 31.63 -2.33 -6.49
CA GLN C 178 32.53 -1.26 -6.10
C GLN C 178 31.77 -0.18 -5.34
N ALA C 179 32.35 0.30 -4.25
CA ALA C 179 31.75 1.41 -3.52
C ALA C 179 31.85 2.69 -4.33
N CYS C 180 30.75 3.44 -4.39
CA CYS C 180 30.72 4.71 -5.11
C CYS C 180 31.64 5.72 -4.43
N PRO C 181 32.62 6.27 -5.14
CA PRO C 181 33.70 7.04 -4.48
C PRO C 181 33.31 8.44 -4.06
N LYS C 182 32.11 8.91 -4.36
CA LYS C 182 31.61 10.18 -3.85
C LYS C 182 30.86 10.03 -2.53
N VAL C 183 31.05 8.91 -1.83
CA VAL C 183 30.27 8.59 -0.65
C VAL C 183 31.23 8.36 0.52
N SER C 184 31.00 9.07 1.63
CA SER C 184 31.88 8.97 2.77
C SER C 184 31.55 7.77 3.65
N PHE C 185 32.56 7.35 4.41
CA PHE C 185 32.43 6.36 5.48
C PHE C 185 32.73 7.11 6.76
N GLU C 186 31.72 7.76 7.33
CA GLU C 186 32.02 8.61 8.48
C GLU C 186 30.88 8.56 9.49
N PRO C 187 31.16 8.23 10.75
CA PRO C 187 30.11 8.28 11.77
C PRO C 187 29.78 9.71 12.15
N ILE C 188 28.49 10.04 12.04
CA ILE C 188 27.97 11.34 12.45
C ILE C 188 26.90 11.07 13.51
N PRO C 189 26.92 11.77 14.67
CA PRO C 189 26.03 11.42 15.77
C PRO C 189 24.54 11.59 15.46
N ILE C 190 23.83 10.47 15.40
CA ILE C 190 22.40 10.46 15.16
C ILE C 190 21.69 10.23 16.47
N HIS C 191 20.53 10.85 16.62
CA HIS C 191 19.68 10.68 17.80
C HIS C 191 18.54 9.72 17.48
N TYR C 192 17.83 9.31 18.51
CA TYR C 192 16.67 8.44 18.38
C TYR C 192 15.55 9.02 19.20
N CYS C 193 14.52 9.54 18.54
CA CYS C 193 13.46 10.26 19.21
C CYS C 193 12.19 9.44 19.21
N ALA C 194 11.46 9.58 20.24
CA ALA C 194 10.19 8.89 20.34
C ALA C 194 9.09 9.72 19.71
N PRO C 195 8.11 9.09 19.09
CA PRO C 195 6.98 9.83 18.54
C PRO C 195 6.03 10.32 19.64
N ALA C 196 4.91 10.89 19.23
CA ALA C 196 3.93 11.37 20.21
C ALA C 196 3.28 10.21 20.93
N GLY C 197 3.01 10.40 22.21
CA GLY C 197 2.42 9.36 23.04
C GLY C 197 3.40 8.35 23.58
N PHE C 198 4.65 8.37 23.14
CA PHE C 198 5.71 7.54 23.67
C PHE C 198 6.72 8.42 24.39
N ALA C 199 7.63 7.79 25.10
CA ALA C 199 8.67 8.49 25.84
C ALA C 199 9.85 7.55 26.01
N ILE C 200 10.96 8.10 26.46
CA ILE C 200 12.16 7.31 26.74
C ILE C 200 12.57 7.59 28.17
N LEU C 201 12.85 6.53 28.93
CA LEU C 201 13.30 6.64 30.31
C LEU C 201 14.80 6.42 30.37
N LYS C 202 15.48 7.25 31.15
CA LYS C 202 16.93 7.22 31.23
C LYS C 202 17.36 7.04 32.67
N CYS C 203 18.15 5.99 32.93
CA CYS C 203 18.69 5.75 34.27
C CYS C 203 19.91 6.62 34.46
N ARG C 204 19.75 7.74 35.16
CA ARG C 204 20.88 8.59 35.50
C ARG C 204 21.63 8.09 36.73
N GLU C 205 21.22 6.96 37.30
CA GLU C 205 21.95 6.35 38.41
C GLU C 205 23.22 5.71 37.90
N LYS C 206 24.36 6.23 38.35
CA LYS C 206 25.62 5.54 38.13
C LYS C 206 25.79 4.42 39.17
N GLU C 207 26.86 3.65 39.01
CA GLU C 207 27.05 2.34 39.64
C GLU C 207 25.84 1.43 39.37
N PHE C 208 25.56 1.26 38.08
CA PHE C 208 24.41 0.49 37.61
C PHE C 208 24.90 -0.50 36.56
N ASN C 209 24.73 -1.79 36.84
CA ASN C 209 25.30 -2.87 36.04
C ASN C 209 24.46 -3.26 34.83
N GLY C 210 23.58 -2.38 34.34
CA GLY C 210 22.82 -2.68 33.16
C GLY C 210 21.46 -3.29 33.43
N THR C 211 21.42 -4.38 34.19
CA THR C 211 20.18 -5.09 34.47
C THR C 211 19.72 -4.86 35.90
N GLY C 212 18.47 -5.22 36.16
CA GLY C 212 17.89 -5.04 37.47
C GLY C 212 17.26 -3.68 37.59
N PRO C 213 16.84 -3.31 38.80
CA PRO C 213 16.13 -2.04 38.99
C PRO C 213 17.06 -0.84 38.99
N CYS C 214 16.53 0.28 38.52
CA CYS C 214 17.17 1.58 38.64
C CYS C 214 16.34 2.45 39.59
N LYS C 215 17.02 3.28 40.37
CA LYS C 215 16.35 4.14 41.33
C LYS C 215 16.29 5.59 40.87
N LYS C 216 17.33 6.09 40.21
CA LYS C 216 17.36 7.44 39.66
C LYS C 216 17.03 7.35 38.17
N VAL C 217 15.76 7.48 37.83
CA VAL C 217 15.35 7.51 36.43
C VAL C 217 14.86 8.92 36.10
N SER C 218 14.82 9.20 34.80
CA SER C 218 14.46 10.52 34.30
C SER C 218 14.01 10.39 32.85
N THR C 219 12.96 11.10 32.49
CA THR C 219 12.42 10.99 31.15
C THR C 219 13.10 11.94 30.20
N VAL C 220 13.25 11.50 28.96
CA VAL C 220 13.76 12.29 27.86
C VAL C 220 12.83 12.10 26.67
N GLN C 221 13.13 12.80 25.60
CA GLN C 221 12.41 12.63 24.34
C GLN C 221 13.30 12.08 23.24
N CYS C 222 14.59 12.35 23.27
CA CYS C 222 15.56 11.82 22.34
C CYS C 222 16.74 11.29 23.13
N THR C 223 17.60 10.53 22.48
CA THR C 223 18.78 10.02 23.16
C THR C 223 19.91 11.05 23.06
N HIS C 224 21.11 10.66 23.42
CA HIS C 224 22.29 11.46 23.10
C HIS C 224 22.78 11.08 21.71
N GLY C 225 23.77 11.81 21.24
CA GLY C 225 24.29 11.55 19.90
C GLY C 225 25.15 10.30 19.83
N ILE C 226 24.71 9.31 19.08
CA ILE C 226 25.39 8.03 18.98
C ILE C 226 26.14 7.96 17.66
N LYS C 227 27.42 7.68 17.72
CA LYS C 227 28.14 7.49 16.48
C LYS C 227 28.12 6.03 16.08
N PRO C 228 27.68 5.69 14.88
CA PRO C 228 27.65 4.27 14.46
C PRO C 228 29.02 3.79 14.00
N VAL C 229 29.93 3.61 14.96
CA VAL C 229 31.32 3.27 14.65
C VAL C 229 31.45 1.76 14.57
N VAL C 230 31.84 1.26 13.39
CA VAL C 230 32.07 -0.17 13.20
C VAL C 230 33.48 -0.51 13.64
N SER C 231 33.59 -1.34 14.67
CA SER C 231 34.87 -1.77 15.18
C SER C 231 34.69 -3.05 15.97
N THR C 232 35.73 -3.87 15.98
CA THR C 232 35.78 -5.10 16.76
C THR C 232 36.91 -5.02 17.76
N GLN C 233 36.69 -5.64 18.93
CA GLN C 233 37.60 -5.82 20.07
C GLN C 233 37.86 -4.56 20.88
N LEU C 234 37.47 -3.39 20.37
CA LEU C 234 37.66 -2.13 21.06
C LEU C 234 36.53 -1.20 20.67
N LEU C 235 36.05 -0.42 21.62
CA LEU C 235 34.89 0.44 21.41
C LEU C 235 35.41 1.85 21.16
N LEU C 236 35.72 2.14 19.90
CA LEU C 236 36.35 3.41 19.54
C LEU C 236 35.33 4.54 19.53
N ASN C 237 35.82 5.75 19.87
CA ASN C 237 35.05 7.00 19.86
C ASN C 237 33.74 6.94 20.64
N GLY C 238 33.74 6.22 21.76
CA GLY C 238 32.51 6.03 22.51
C GLY C 238 32.28 7.04 23.61
N SER C 239 31.69 6.59 24.72
CA SER C 239 31.41 7.44 25.86
C SER C 239 32.00 6.81 27.11
N LEU C 240 32.23 7.65 28.11
CA LEU C 240 33.02 7.28 29.28
C LEU C 240 32.12 6.92 30.46
N ALA C 241 32.70 6.26 31.45
CA ALA C 241 31.92 5.63 32.51
C ALA C 241 31.63 6.56 33.69
N GLU C 242 32.44 7.61 33.88
CA GLU C 242 32.29 8.60 34.95
C GLU C 242 32.37 7.94 36.34
N GLY C 243 33.58 7.52 36.67
CA GLY C 243 33.92 7.21 38.05
C GLY C 243 34.70 5.93 38.30
N LYS C 244 34.35 4.84 37.61
CA LYS C 244 35.09 3.60 37.72
C LYS C 244 34.78 2.72 36.52
N VAL C 245 35.69 1.79 36.25
CA VAL C 245 35.54 0.87 35.13
C VAL C 245 34.36 -0.05 35.40
N LYS C 246 33.39 -0.05 34.49
CA LYS C 246 32.15 -0.78 34.68
C LYS C 246 32.16 -2.02 33.81
N ILE C 247 31.75 -3.14 34.39
CA ILE C 247 31.86 -4.45 33.78
C ILE C 247 30.48 -5.08 33.73
N ARG C 248 30.03 -5.45 32.54
CA ARG C 248 28.68 -5.90 32.29
C ARG C 248 28.75 -7.29 31.67
N CYS C 249 28.19 -8.28 32.35
CA CYS C 249 28.26 -9.67 31.93
C CYS C 249 26.90 -10.16 31.43
N GLU C 250 26.94 -11.19 30.59
CA GLU C 250 25.76 -11.83 30.03
C GLU C 250 24.78 -12.33 31.08
N ASN C 251 25.21 -13.33 31.84
CA ASN C 251 24.38 -14.05 32.78
C ASN C 251 24.75 -13.72 34.22
N ILE C 252 23.82 -14.03 35.12
CA ILE C 252 24.16 -14.07 36.54
C ILE C 252 24.88 -15.36 36.88
N SER C 253 24.74 -16.39 36.04
CA SER C 253 25.38 -17.67 36.29
C SER C 253 26.86 -17.61 35.91
N ASN C 254 27.52 -18.75 36.02
CA ASN C 254 28.94 -18.86 35.73
C ASN C 254 29.27 -18.94 34.25
N ASN C 255 28.26 -19.00 33.39
CA ASN C 255 28.47 -19.00 31.94
C ASN C 255 28.31 -17.59 31.37
N ALA C 256 29.13 -16.67 31.88
CA ALA C 256 29.15 -15.29 31.39
C ALA C 256 30.27 -15.17 30.37
N LYS C 257 29.94 -15.52 29.12
CA LYS C 257 30.95 -15.57 28.07
C LYS C 257 31.36 -14.18 27.62
N THR C 258 30.40 -13.29 27.39
CA THR C 258 30.67 -11.97 26.85
C THR C 258 30.71 -10.93 27.96
N ILE C 259 31.79 -10.15 27.99
CA ILE C 259 32.00 -9.10 28.97
C ILE C 259 32.11 -7.78 28.21
N LEU C 260 31.38 -6.76 28.65
CA LEU C 260 31.46 -5.43 28.07
C LEU C 260 32.07 -4.48 29.09
N VAL C 261 33.35 -4.20 28.91
CA VAL C 261 34.11 -3.32 29.79
C VAL C 261 34.01 -1.89 29.26
N GLN C 262 33.77 -0.93 30.16
CA GLN C 262 33.70 0.48 29.81
C GLN C 262 34.70 1.26 30.64
N LEU C 263 35.51 2.09 29.98
CA LEU C 263 36.59 2.81 30.64
C LEU C 263 36.14 4.22 31.03
N THR C 264 36.94 4.87 31.87
CA THR C 264 36.69 6.22 32.33
C THR C 264 37.61 7.26 31.70
N THR C 265 38.86 6.92 31.46
CA THR C 265 39.75 7.79 30.72
C THR C 265 40.05 7.17 29.36
N PRO C 266 40.03 7.97 28.30
CA PRO C 266 40.34 7.45 26.98
C PRO C 266 41.81 7.07 26.84
N VAL C 267 42.06 6.21 25.86
CA VAL C 267 43.42 5.78 25.50
C VAL C 267 43.58 6.08 24.02
N ARG C 268 44.37 7.10 23.71
CA ARG C 268 44.54 7.52 22.32
C ARG C 268 45.34 6.50 21.54
N ILE C 269 44.86 6.17 20.34
CA ILE C 269 45.55 5.27 19.43
C ILE C 269 45.75 5.99 18.09
N ASN C 270 47.00 6.26 17.74
CA ASN C 270 47.33 6.89 16.47
C ASN C 270 47.45 5.78 15.42
N CYS C 271 46.69 5.88 14.34
CA CYS C 271 46.78 4.90 13.25
C CYS C 271 47.01 5.61 11.92
N THR C 272 47.89 5.03 11.10
CA THR C 272 48.29 5.68 9.86
C THR C 272 48.58 4.64 8.80
N ARG C 273 48.74 5.12 7.56
CA ARG C 273 49.14 4.30 6.42
C ARG C 273 50.21 5.10 5.70
N PRO C 274 51.49 4.77 5.89
CA PRO C 274 52.55 5.66 5.41
C PRO C 274 52.87 5.55 3.93
N SER C 275 52.28 4.62 3.20
CA SER C 275 52.51 4.55 1.76
C SER C 275 51.75 5.68 1.06
N ASN C 276 52.11 5.92 -0.21
CA ASN C 276 51.50 6.99 -0.98
C ASN C 276 50.95 6.39 -2.26
N ASN C 277 49.68 6.01 -2.23
CA ASN C 277 49.03 5.34 -3.34
C ASN C 277 48.55 6.34 -4.39
N THR C 278 48.46 5.87 -5.62
CA THR C 278 47.94 6.63 -6.74
C THR C 278 46.79 5.86 -7.36
N ARG C 279 45.64 6.50 -7.48
CA ARG C 279 44.43 5.88 -8.00
C ARG C 279 44.24 6.25 -9.46
N THR C 280 44.35 5.27 -10.35
CA THR C 280 44.00 5.45 -11.75
C THR C 280 42.70 4.72 -12.03
N SER C 281 42.06 5.09 -13.14
CA SER C 281 40.73 4.62 -13.47
C SER C 281 40.75 3.81 -14.77
N ILE C 282 40.01 2.71 -14.77
CA ILE C 282 39.93 1.79 -15.89
C ILE C 282 38.47 1.70 -16.28
N ARG C 283 38.17 1.92 -17.55
CA ARG C 283 36.78 1.95 -18.00
C ARG C 283 36.40 0.60 -18.57
N ILE C 284 35.52 -0.09 -17.86
CA ILE C 284 34.90 -1.33 -18.30
C ILE C 284 33.42 -1.02 -18.56
N GLY C 285 32.89 -1.53 -19.66
CA GLY C 285 31.53 -1.21 -20.04
C GLY C 285 31.39 0.24 -20.51
N PRO C 286 30.14 0.68 -20.76
CA PRO C 286 29.93 2.03 -21.31
C PRO C 286 30.33 3.18 -20.41
N GLY C 287 29.75 3.26 -19.21
CA GLY C 287 30.00 4.40 -18.36
C GLY C 287 30.33 4.07 -16.93
N GLN C 288 31.09 2.99 -16.72
CA GLN C 288 31.32 2.44 -15.39
C GLN C 288 32.81 2.23 -15.17
N SER C 289 33.49 3.25 -14.65
CA SER C 289 34.94 3.16 -14.50
C SER C 289 35.32 2.38 -13.26
N PHE C 290 36.38 1.60 -13.38
CA PHE C 290 36.97 0.84 -12.28
C PHE C 290 38.20 1.58 -11.77
N TYR C 291 38.15 2.03 -10.52
CA TYR C 291 39.25 2.78 -9.92
C TYR C 291 40.23 1.79 -9.30
N ALA C 292 41.41 1.69 -9.89
CA ALA C 292 42.42 0.73 -9.49
C ALA C 292 43.60 1.44 -8.84
N THR C 293 44.44 0.66 -8.16
CA THR C 293 45.68 1.19 -7.61
C THR C 293 46.71 1.30 -8.73
N GLY C 294 47.11 2.52 -9.06
CA GLY C 294 47.99 2.73 -10.18
C GLY C 294 49.43 2.33 -9.90
N ASP C 295 50.09 3.05 -9.01
CA ASP C 295 51.53 2.93 -8.83
C ASP C 295 51.85 3.58 -7.48
N ILE C 296 53.08 3.33 -7.01
CA ILE C 296 53.54 3.84 -5.72
C ILE C 296 54.45 5.03 -5.97
N ILE C 297 54.12 6.18 -5.40
CA ILE C 297 54.93 7.38 -5.52
C ILE C 297 55.71 7.48 -4.21
N GLY C 298 56.93 6.98 -4.21
CA GLY C 298 57.78 7.10 -3.05
C GLY C 298 58.19 5.78 -2.43
N ASP C 299 58.04 5.66 -1.12
CA ASP C 299 58.45 4.49 -0.38
C ASP C 299 57.27 3.55 -0.14
N ILE C 300 57.58 2.30 0.18
CA ILE C 300 56.60 1.30 0.57
C ILE C 300 56.88 0.93 2.01
N ARG C 301 56.01 1.35 2.92
CA ARG C 301 56.13 1.05 4.33
C ARG C 301 54.83 0.43 4.81
N LYS C 302 54.92 -0.39 5.85
CA LYS C 302 53.76 -1.10 6.34
C LYS C 302 52.94 -0.20 7.26
N ALA C 303 51.62 -0.30 7.15
CA ALA C 303 50.72 0.41 8.04
C ALA C 303 50.83 -0.13 9.46
N TYR C 304 50.51 0.73 10.43
CA TYR C 304 50.70 0.39 11.83
C TYR C 304 49.79 1.25 12.69
N CYS C 305 49.81 0.99 14.00
CA CYS C 305 49.13 1.82 14.99
C CYS C 305 49.98 1.95 16.24
N ASN C 306 50.03 3.15 16.80
CA ASN C 306 50.68 3.41 18.08
C ASN C 306 49.68 3.36 19.22
N VAL C 307 50.07 2.74 20.32
CA VAL C 307 49.36 2.82 21.59
C VAL C 307 50.34 3.32 22.63
N SER C 308 50.02 4.43 23.29
CA SER C 308 50.95 4.97 24.26
C SER C 308 51.22 3.94 25.34
N GLU C 309 52.50 3.73 25.64
CA GLU C 309 52.87 2.75 26.64
C GLU C 309 52.78 3.42 28.00
N SER C 310 52.06 2.76 28.89
CA SER C 310 51.80 3.17 30.26
C SER C 310 50.49 3.94 30.37
N GLU C 311 50.07 4.57 29.28
CA GLU C 311 48.78 5.26 29.23
C GLU C 311 47.70 4.20 29.25
N TRP C 312 48.01 3.16 28.48
CA TRP C 312 47.19 1.98 28.26
C TRP C 312 47.33 1.04 29.42
N LYS C 313 48.56 0.94 29.92
CA LYS C 313 48.89 0.04 31.00
C LYS C 313 48.30 0.50 32.33
N GLU C 314 48.16 1.83 32.51
CA GLU C 314 47.45 2.35 33.67
C GLU C 314 45.97 1.99 33.61
N ALA C 315 45.36 2.16 32.43
CA ALA C 315 43.95 1.87 32.28
C ALA C 315 43.65 0.38 32.35
N LEU C 316 44.62 -0.45 31.99
CA LEU C 316 44.41 -1.89 32.06
C LEU C 316 44.46 -2.37 33.51
N GLY C 317 45.23 -1.71 34.36
CA GLY C 317 45.22 -2.05 35.77
C GLY C 317 43.92 -1.71 36.45
N LYS C 318 43.23 -0.66 35.98
CA LYS C 318 41.94 -0.31 36.55
C LYS C 318 40.86 -1.32 36.16
N VAL C 319 41.03 -2.01 35.04
CA VAL C 319 40.09 -3.04 34.63
C VAL C 319 40.18 -4.24 35.56
N VAL C 320 41.41 -4.67 35.85
CA VAL C 320 41.65 -5.88 36.64
C VAL C 320 41.21 -5.67 38.07
N GLU C 321 41.30 -4.43 38.57
CA GLU C 321 40.83 -4.11 39.92
C GLU C 321 39.33 -4.28 40.04
N GLN C 322 38.58 -3.97 38.99
CA GLN C 322 37.14 -4.14 39.00
C GLN C 322 36.70 -5.54 38.57
N LEU C 323 37.58 -6.32 37.92
CA LEU C 323 37.22 -7.68 37.54
C LEU C 323 37.13 -8.61 38.74
N ARG C 324 37.91 -8.35 39.80
CA ARG C 324 37.98 -9.28 40.92
C ARG C 324 36.70 -9.27 41.74
N ASN C 325 35.94 -8.17 41.70
CA ASN C 325 34.71 -8.07 42.47
C ASN C 325 33.62 -8.99 41.96
N HIS C 326 33.73 -9.44 40.71
CA HIS C 326 32.81 -10.44 40.17
C HIS C 326 33.28 -11.86 40.39
N PHE C 327 34.58 -12.11 40.35
CA PHE C 327 35.09 -13.47 40.18
C PHE C 327 35.93 -13.96 41.35
N ASN C 328 36.95 -13.20 41.74
CA ASN C 328 38.04 -13.65 42.63
C ASN C 328 38.65 -14.98 42.19
N LYS C 329 39.25 -14.97 41.02
CA LYS C 329 40.21 -16.01 40.64
C LYS C 329 41.44 -15.30 40.09
N THR C 330 42.38 -16.05 39.50
CA THR C 330 43.47 -15.39 38.83
C THR C 330 43.00 -14.86 37.48
N ILE C 331 43.64 -13.78 37.05
CA ILE C 331 43.20 -13.04 35.86
C ILE C 331 44.37 -12.99 34.90
N THR C 332 44.21 -13.62 33.75
CA THR C 332 45.24 -13.61 32.72
C THR C 332 44.59 -13.36 31.38
N PHE C 333 45.35 -12.70 30.50
CA PHE C 333 44.87 -12.29 29.19
C PHE C 333 45.62 -13.06 28.12
N ALA C 334 44.89 -13.60 27.16
CA ALA C 334 45.47 -14.28 26.02
C ALA C 334 44.98 -13.63 24.74
N SER C 335 45.75 -13.81 23.68
CA SER C 335 45.32 -13.43 22.35
C SER C 335 44.40 -14.49 21.78
N SER C 336 43.38 -14.07 21.07
CA SER C 336 42.46 -15.00 20.41
C SER C 336 43.20 -15.67 19.25
N SER C 337 43.59 -16.92 19.45
CA SER C 337 44.49 -17.58 18.50
C SER C 337 43.74 -18.09 17.27
N GLY C 338 42.79 -19.01 17.48
CA GLY C 338 42.15 -19.66 16.35
C GLY C 338 41.08 -18.81 15.70
N GLY C 339 40.97 -18.95 14.40
CA GLY C 339 39.97 -18.24 13.62
C GLY C 339 40.58 -17.76 12.31
N ASP C 340 39.85 -16.86 11.67
CA ASP C 340 40.32 -16.23 10.43
C ASP C 340 41.06 -14.94 10.80
N LEU C 341 41.29 -14.07 9.82
CA LEU C 341 41.81 -12.75 10.10
C LEU C 341 40.72 -11.79 10.57
N GLU C 342 39.45 -12.17 10.50
CA GLU C 342 38.37 -11.26 10.87
C GLU C 342 37.93 -11.39 12.33
N ILE C 343 37.90 -12.61 12.89
CA ILE C 343 37.65 -12.75 14.32
C ILE C 343 38.88 -12.34 15.14
N THR C 344 40.08 -12.54 14.59
CA THR C 344 41.32 -12.39 15.35
C THR C 344 41.63 -10.92 15.65
N THR C 345 41.48 -10.05 14.66
CA THR C 345 42.15 -8.76 14.66
C THR C 345 41.24 -7.62 15.14
N HIS C 346 41.84 -6.44 15.28
CA HIS C 346 41.12 -5.20 15.55
C HIS C 346 40.78 -4.54 14.22
N SER C 347 39.54 -4.70 13.78
CA SER C 347 39.11 -4.27 12.47
C SER C 347 38.32 -2.98 12.58
N PHE C 348 38.73 -1.96 11.83
CA PHE C 348 38.05 -0.68 11.90
C PHE C 348 38.21 0.03 10.57
N ASN C 349 37.70 1.25 10.51
CA ASN C 349 37.54 1.98 9.26
C ASN C 349 38.21 3.34 9.41
N CYS C 350 39.23 3.60 8.60
CA CYS C 350 40.04 4.81 8.70
C CYS C 350 39.91 5.60 7.41
N GLY C 351 38.89 6.45 7.33
CA GLY C 351 38.70 7.33 6.19
C GLY C 351 38.35 6.64 4.89
N GLY C 352 37.95 5.38 4.94
CA GLY C 352 37.65 4.65 3.73
C GLY C 352 38.41 3.35 3.66
N GLU C 353 39.66 3.33 4.12
CA GLU C 353 40.44 2.10 4.18
C GLU C 353 40.04 1.27 5.39
N PHE C 354 40.01 -0.04 5.21
CA PHE C 354 39.61 -0.97 6.26
C PHE C 354 40.87 -1.63 6.82
N PHE C 355 41.19 -1.32 8.07
CA PHE C 355 42.40 -1.82 8.70
C PHE C 355 42.11 -3.09 9.49
N TYR C 356 43.17 -3.85 9.74
CA TYR C 356 43.10 -5.10 10.51
C TYR C 356 44.37 -5.19 11.33
N CYS C 357 44.29 -4.81 12.60
CA CYS C 357 45.48 -4.65 13.43
C CYS C 357 45.60 -5.79 14.44
N ASN C 358 46.84 -6.10 14.79
CA ASN C 358 47.19 -7.33 15.49
C ASN C 358 47.43 -6.99 16.96
N THR C 359 46.45 -7.28 17.80
CA THR C 359 46.46 -6.90 19.22
C THR C 359 47.12 -7.94 20.10
N SER C 360 48.04 -8.75 19.56
CA SER C 360 48.70 -9.77 20.36
C SER C 360 49.65 -9.16 21.39
N SER C 361 50.25 -8.02 21.09
CA SER C 361 51.17 -7.39 22.03
C SER C 361 50.47 -6.60 23.12
N LEU C 362 49.15 -6.60 23.14
CA LEU C 362 48.40 -5.97 24.22
C LEU C 362 47.85 -6.96 25.22
N PHE C 363 47.50 -8.17 24.79
CA PHE C 363 46.78 -9.07 25.68
C PHE C 363 47.62 -10.28 26.03
N ASN C 364 48.88 -10.07 26.38
CA ASN C 364 49.75 -11.10 26.95
C ASN C 364 50.06 -10.86 28.42
N SER C 365 49.08 -10.45 29.21
CA SER C 365 49.36 -10.10 30.59
C SER C 365 48.86 -11.20 31.53
N THR C 366 49.38 -11.20 32.75
CA THR C 366 49.23 -12.30 33.71
C THR C 366 48.94 -11.80 35.13
N TRP C 367 47.91 -10.98 35.27
CA TRP C 367 47.62 -10.27 36.51
C TRP C 367 47.13 -11.19 37.63
N ASP C 368 46.66 -10.55 38.72
CA ASP C 368 46.11 -11.16 39.94
C ASP C 368 47.18 -11.95 40.72
N GLY C 369 48.29 -11.28 41.04
CA GLY C 369 49.08 -11.71 42.18
C GLY C 369 48.82 -10.83 43.39
N ASN C 370 48.78 -9.52 43.17
CA ASN C 370 48.28 -8.55 44.14
C ASN C 370 47.65 -7.41 43.34
N SER C 371 47.48 -6.24 43.98
CA SER C 371 47.01 -5.07 43.26
C SER C 371 48.09 -4.56 42.30
N ALA C 372 49.24 -4.19 42.82
CA ALA C 372 50.34 -3.71 42.01
C ALA C 372 51.68 -4.04 42.66
N VAL C 378 55.92 1.77 34.30
CA VAL C 378 57.16 2.04 33.58
C VAL C 378 56.85 2.34 32.11
N PRO C 379 57.05 3.60 31.70
CA PRO C 379 56.76 3.99 30.31
C PRO C 379 57.82 3.47 29.35
N ASN C 380 57.43 2.47 28.55
CA ASN C 380 58.30 1.93 27.52
C ASN C 380 58.05 2.56 26.15
N GLY C 381 57.65 3.83 26.13
CA GLY C 381 57.41 4.53 24.89
C GLY C 381 56.04 4.24 24.32
N THR C 382 56.01 3.72 23.09
CA THR C 382 54.77 3.38 22.41
C THR C 382 54.78 1.91 22.03
N ILE C 383 53.59 1.40 21.76
CA ILE C 383 53.40 0.01 21.33
C ILE C 383 53.03 0.04 19.85
N THR C 384 53.82 -0.64 19.03
CA THR C 384 53.62 -0.66 17.59
C THR C 384 52.81 -1.89 17.22
N LEU C 385 51.61 -1.68 16.71
CA LEU C 385 50.73 -2.77 16.32
C LEU C 385 50.80 -2.97 14.82
N PRO C 386 51.19 -4.14 14.33
CA PRO C 386 51.23 -4.36 12.88
C PRO C 386 49.83 -4.53 12.31
N CYS C 387 49.56 -3.84 11.20
CA CYS C 387 48.22 -3.78 10.65
C CYS C 387 48.27 -4.16 9.18
N ARG C 388 47.31 -4.98 8.77
CA ARG C 388 47.11 -5.33 7.37
C ARG C 388 45.84 -4.67 6.86
N ILE C 389 45.76 -4.51 5.55
CA ILE C 389 44.66 -3.82 4.90
C ILE C 389 44.03 -4.76 3.89
N LYS C 390 42.69 -4.77 3.83
CA LYS C 390 41.96 -5.46 2.79
C LYS C 390 41.15 -4.45 1.98
N GLN C 391 40.80 -4.84 0.76
CA GLN C 391 39.92 -4.04 -0.07
C GLN C 391 38.65 -4.76 -0.47
N ILE C 392 38.56 -6.07 -0.26
CA ILE C 392 37.36 -6.85 -0.52
C ILE C 392 36.76 -7.23 0.82
N ILE C 393 35.58 -6.71 1.11
CA ILE C 393 35.06 -6.65 2.47
C ILE C 393 33.71 -7.37 2.50
N ASN C 394 33.70 -8.58 3.02
CA ASN C 394 32.44 -9.19 3.49
C ASN C 394 32.08 -8.47 4.78
N MET C 395 31.15 -7.53 4.68
CA MET C 395 31.03 -6.47 5.69
C MET C 395 30.43 -6.98 7.00
N TRP C 396 29.33 -7.70 6.91
CA TRP C 396 28.70 -8.23 8.11
C TRP C 396 29.06 -9.71 8.18
N GLN C 397 28.47 -10.46 9.10
CA GLN C 397 28.65 -11.91 9.09
C GLN C 397 27.65 -12.51 8.11
N ARG C 398 27.93 -12.31 6.83
CA ARG C 398 27.09 -12.83 5.76
C ARG C 398 27.91 -12.97 4.50
N THR C 399 27.49 -13.91 3.66
CA THR C 399 28.16 -14.21 2.42
C THR C 399 27.23 -13.95 1.25
N GLY C 400 27.82 -13.81 0.06
CA GLY C 400 27.07 -13.53 -1.14
C GLY C 400 27.08 -12.08 -1.56
N GLN C 401 27.45 -11.17 -0.66
CA GLN C 401 27.25 -9.73 -0.85
C GLN C 401 28.51 -8.95 -0.50
N ALA C 402 29.63 -9.34 -1.09
CA ALA C 402 30.92 -8.67 -0.87
C ALA C 402 30.95 -7.23 -1.37
N MET C 403 32.04 -6.53 -1.10
CA MET C 403 32.17 -5.14 -1.50
C MET C 403 33.63 -4.85 -1.80
N TYR C 404 33.87 -4.13 -2.88
CA TYR C 404 35.19 -3.62 -3.21
C TYR C 404 35.31 -2.18 -2.72
N ALA C 405 36.33 -1.91 -1.92
CA ALA C 405 36.58 -0.55 -1.46
C ALA C 405 37.64 0.08 -2.34
N PRO C 406 37.37 1.20 -3.00
CA PRO C 406 38.32 1.76 -3.96
C PRO C 406 39.52 2.35 -3.26
N PRO C 407 40.65 2.47 -3.96
CA PRO C 407 41.85 3.04 -3.33
C PRO C 407 41.68 4.52 -3.03
N ILE C 408 42.48 4.99 -2.08
CA ILE C 408 42.49 6.38 -1.66
C ILE C 408 43.87 6.94 -1.91
N PRO C 409 44.01 8.06 -2.62
CA PRO C 409 45.34 8.62 -2.89
C PRO C 409 45.84 9.48 -1.74
N GLY C 410 47.12 9.30 -1.42
CA GLY C 410 47.78 10.13 -0.43
C GLY C 410 48.26 9.31 0.76
N LYS C 411 48.29 9.95 1.92
CA LYS C 411 48.68 9.33 3.17
C LYS C 411 47.58 9.57 4.20
N ILE C 412 47.07 8.49 4.77
CA ILE C 412 45.88 8.52 5.62
C ILE C 412 46.32 8.36 7.06
N ARG C 413 45.72 9.15 7.95
CA ARG C 413 46.03 9.06 9.37
C ARG C 413 44.79 9.36 10.18
N CYS C 414 44.43 8.44 11.08
CA CYS C 414 43.28 8.57 11.96
C CYS C 414 43.75 8.55 13.40
N ASP C 415 43.16 9.41 14.23
CA ASP C 415 43.38 9.38 15.67
C ASP C 415 42.04 9.12 16.35
N SER C 416 42.03 8.18 17.29
CA SER C 416 40.78 7.78 17.92
C SER C 416 41.01 7.43 19.38
N ASN C 417 39.98 7.62 20.20
CA ASN C 417 39.98 7.22 21.59
C ASN C 417 39.53 5.77 21.72
N ILE C 418 40.10 5.06 22.68
CA ILE C 418 39.63 3.75 23.09
C ILE C 418 38.79 3.93 24.34
N THR C 419 37.53 3.55 24.27
CA THR C 419 36.60 3.77 25.37
C THR C 419 36.03 2.50 25.96
N GLY C 420 36.31 1.33 25.40
CA GLY C 420 35.72 0.12 25.89
C GLY C 420 36.47 -1.11 25.47
N LEU C 421 35.92 -2.26 25.82
CA LEU C 421 36.53 -3.56 25.56
C LEU C 421 35.44 -4.60 25.40
N ILE C 422 35.70 -5.59 24.55
CA ILE C 422 34.80 -6.72 24.35
C ILE C 422 35.59 -7.99 24.53
N LEU C 423 35.25 -8.77 25.56
CA LEU C 423 36.06 -9.91 26.00
C LEU C 423 35.23 -11.19 26.00
N ILE C 424 35.84 -12.28 25.54
CA ILE C 424 35.25 -13.60 25.63
C ILE C 424 35.90 -14.36 26.77
N ARG C 425 35.09 -14.78 27.74
CA ARG C 425 35.57 -15.65 28.82
C ARG C 425 35.66 -17.08 28.33
N ASP C 426 36.74 -17.76 28.72
CA ASP C 426 36.92 -19.16 28.32
C ASP C 426 36.49 -20.10 29.42
N ASN C 430 38.49 -23.32 32.04
CA ASN C 430 37.30 -23.89 32.66
C ASN C 430 37.69 -24.93 33.70
N ASN C 431 38.92 -25.43 33.56
CA ASN C 431 39.41 -26.53 34.40
C ASN C 431 39.55 -26.20 35.89
N ASN C 432 40.46 -25.29 36.26
CA ASN C 432 40.77 -25.02 37.67
C ASN C 432 41.32 -23.61 37.77
N GLU C 433 40.52 -22.69 38.34
CA GLU C 433 40.97 -21.46 38.98
C GLU C 433 41.50 -20.40 38.00
N SER C 434 41.68 -20.76 36.73
CA SER C 434 42.27 -19.85 35.75
C SER C 434 41.17 -19.22 34.91
N GLU C 435 41.18 -17.89 34.81
CA GLU C 435 40.22 -17.15 34.01
C GLU C 435 40.96 -16.48 32.87
N THR C 436 40.85 -17.07 31.68
CA THR C 436 41.48 -16.53 30.49
C THR C 436 40.48 -15.64 29.75
N PHE C 437 40.86 -14.38 29.53
CA PHE C 437 40.03 -13.44 28.81
C PHE C 437 40.73 -13.08 27.50
N ARG C 438 40.17 -13.45 26.45
CA ARG C 438 40.60 -13.20 25.09
C ARG C 438 39.69 -12.15 24.46
N PRO C 439 40.19 -11.34 23.52
CA PRO C 439 39.35 -10.33 22.90
C PRO C 439 38.32 -10.95 21.97
N GLY C 440 37.11 -10.39 21.98
CA GLY C 440 36.02 -10.90 21.19
C GLY C 440 35.57 -9.91 20.14
N GLY C 441 34.73 -10.38 19.24
CA GLY C 441 34.23 -9.51 18.20
C GLY C 441 33.43 -10.30 17.19
N GLY C 442 32.74 -9.55 16.33
CA GLY C 442 31.93 -10.13 15.28
C GLY C 442 30.46 -9.90 15.50
N ASP C 443 29.98 -10.12 16.72
CA ASP C 443 28.60 -9.78 17.04
C ASP C 443 28.50 -8.27 17.13
N MET C 444 27.99 -7.65 16.06
CA MET C 444 27.99 -6.20 15.96
C MET C 444 26.97 -5.53 16.86
N ARG C 445 26.07 -6.28 17.50
CA ARG C 445 25.13 -5.68 18.42
C ARG C 445 25.79 -5.22 19.70
N ASN C 446 26.95 -5.81 20.05
CA ASN C 446 27.68 -5.39 21.23
C ASN C 446 28.23 -3.99 21.11
N ASN C 447 28.46 -3.52 19.88
CA ASN C 447 28.89 -2.16 19.66
C ASN C 447 27.81 -1.14 19.92
N TRP C 448 26.53 -1.54 20.03
CA TRP C 448 25.49 -0.59 20.36
C TRP C 448 24.69 -0.96 21.59
N ARG C 449 25.04 -2.06 22.28
CA ARG C 449 24.55 -2.21 23.65
C ARG C 449 25.30 -1.28 24.58
N SER C 450 26.54 -0.94 24.23
CA SER C 450 27.36 -0.08 25.07
C SER C 450 26.89 1.36 25.06
N GLU C 451 26.12 1.75 24.04
CA GLU C 451 25.57 3.09 23.98
C GLU C 451 24.13 3.14 24.49
N LEU C 452 23.37 2.09 24.24
CA LEU C 452 21.94 2.05 24.55
C LEU C 452 21.63 1.32 25.84
N TYR C 453 22.57 1.24 26.77
CA TYR C 453 22.34 0.43 27.96
C TYR C 453 21.38 1.09 28.95
N LYS C 454 21.19 2.40 28.86
CA LYS C 454 20.47 3.14 29.89
C LYS C 454 19.18 3.78 29.38
N TYR C 455 18.66 3.30 28.25
CA TYR C 455 17.41 3.82 27.72
C TYR C 455 16.39 2.70 27.57
N LYS C 456 15.12 3.04 27.70
CA LYS C 456 14.04 2.13 27.34
C LYS C 456 12.85 2.96 26.87
N VAL C 457 11.96 2.31 26.13
CA VAL C 457 10.85 2.98 25.46
C VAL C 457 9.56 2.60 26.17
N VAL C 458 8.73 3.61 26.49
CA VAL C 458 7.48 3.40 27.19
C VAL C 458 6.34 4.04 26.40
N LYS C 459 5.12 3.64 26.74
CA LYS C 459 3.92 4.08 26.06
C LYS C 459 2.98 4.72 27.07
N ILE C 460 2.86 6.04 26.99
CA ILE C 460 2.04 6.79 27.95
C ILE C 460 0.57 6.54 27.69
N ASP C 461 -0.19 6.29 28.75
CA ASP C 461 -1.60 5.94 28.66
C ASP C 461 -2.38 6.88 29.57
N PRO C 462 -2.70 8.07 29.11
CA PRO C 462 -3.09 9.15 30.03
C PRO C 462 -4.54 9.13 30.49
N LEU C 463 -5.26 8.02 30.33
CA LEU C 463 -6.70 8.01 30.58
C LEU C 463 -6.99 6.96 31.64
N GLY C 464 -7.32 7.41 32.85
CA GLY C 464 -7.52 6.51 33.96
C GLY C 464 -8.79 6.83 34.72
N VAL C 465 -9.31 5.82 35.41
CA VAL C 465 -10.56 5.91 36.15
C VAL C 465 -10.31 5.57 37.62
N ALA C 466 -11.17 6.13 38.49
CA ALA C 466 -11.06 6.01 39.94
C ALA C 466 -12.37 6.46 40.58
N PRO C 467 -12.72 5.97 41.78
CA PRO C 467 -13.95 6.42 42.41
C PRO C 467 -13.76 7.61 43.34
N THR C 468 -14.72 8.54 43.30
CA THR C 468 -14.59 9.73 44.14
C THR C 468 -15.79 9.97 45.06
N GLY C 469 -17.00 9.71 44.58
CA GLY C 469 -18.17 10.09 45.33
C GLY C 469 -18.81 11.39 44.92
N ALA C 470 -18.53 11.88 43.72
CA ALA C 470 -19.18 13.06 43.16
C ALA C 470 -19.98 12.63 41.93
N LYS C 471 -21.29 12.77 42.01
CA LYS C 471 -22.20 12.35 40.94
C LYS C 471 -22.46 13.52 39.99
N ARG C 472 -22.49 13.23 38.70
CA ARG C 472 -22.82 14.24 37.71
C ARG C 472 -24.30 14.60 37.77
N ARG C 473 -24.59 15.90 37.74
CA ARG C 473 -25.96 16.40 37.84
C ARG C 473 -26.75 16.03 36.59
N VAL C 474 -27.69 15.10 36.73
CA VAL C 474 -28.62 14.73 35.67
C VAL C 474 -30.03 14.71 36.26
N VAL C 475 -30.96 15.43 35.61
CA VAL C 475 -32.34 15.51 36.07
C VAL C 475 -33.05 14.18 35.92
N LEU D 8 6.62 19.21 41.54
CA LEU D 8 6.03 18.18 40.70
C LEU D 8 5.86 18.66 39.27
N PHE D 9 5.99 19.98 39.06
CA PHE D 9 5.79 20.55 37.74
C PHE D 9 6.95 20.19 36.82
N GLY D 10 6.60 19.78 35.61
CA GLY D 10 7.51 19.14 34.68
C GLY D 10 6.78 17.91 34.18
N PHE D 11 7.15 17.46 32.98
CA PHE D 11 6.43 16.37 32.31
C PHE D 11 6.70 15.04 33.02
N LEU D 12 5.61 14.41 33.47
CA LEU D 12 5.57 13.15 34.24
C LEU D 12 6.21 13.27 35.61
N GLY D 13 6.36 14.48 36.15
CA GLY D 13 7.02 14.64 37.44
C GLY D 13 6.21 14.13 38.61
N ALA D 14 4.90 14.01 38.45
CA ALA D 14 4.04 13.50 39.50
C ALA D 14 4.00 11.98 39.55
N ALA D 15 4.70 11.30 38.64
CA ALA D 15 4.86 9.86 38.74
C ALA D 15 5.73 9.55 39.94
N GLY D 16 5.15 8.92 40.94
CA GLY D 16 5.86 8.71 42.19
C GLY D 16 5.12 9.27 43.37
N SER D 17 4.50 10.44 43.19
CA SER D 17 3.64 10.96 44.23
C SER D 17 2.35 10.15 44.26
N THR D 18 1.64 10.25 45.38
CA THR D 18 0.35 9.59 45.52
C THR D 18 -0.67 10.24 44.59
N MET D 19 -1.73 9.50 44.29
CA MET D 19 -2.66 9.98 43.27
C MET D 19 -3.62 11.05 43.79
N GLY D 20 -3.53 11.43 45.06
CA GLY D 20 -4.28 12.58 45.51
C GLY D 20 -3.59 13.85 45.05
N ALA D 21 -2.27 13.86 45.13
CA ALA D 21 -1.49 15.02 44.74
C ALA D 21 -1.01 14.97 43.30
N ALA D 22 -1.00 13.79 42.69
CA ALA D 22 -0.64 13.68 41.27
C ALA D 22 -1.76 14.12 40.35
N SER D 23 -2.97 14.26 40.86
CA SER D 23 -4.11 14.67 40.05
C SER D 23 -4.40 16.16 40.17
N LEU D 24 -3.59 16.90 40.91
CA LEU D 24 -3.76 18.34 41.01
C LEU D 24 -3.05 19.08 39.89
N THR D 25 -2.15 18.42 39.18
CA THR D 25 -1.34 19.02 38.13
C THR D 25 -1.50 18.25 36.83
N LEU D 26 -2.75 17.98 36.45
CA LEU D 26 -3.02 17.23 35.23
C LEU D 26 -2.85 18.06 33.97
N THR D 27 -2.73 19.38 34.11
CA THR D 27 -2.56 20.27 32.96
C THR D 27 -1.23 20.03 32.27
N VAL D 28 -0.23 19.57 33.02
CA VAL D 28 1.11 19.32 32.49
C VAL D 28 1.09 18.20 31.47
N GLN D 29 0.23 17.21 31.67
CA GLN D 29 0.19 16.06 30.78
C GLN D 29 -0.74 16.30 29.60
N ALA D 30 -1.88 16.95 29.84
CA ALA D 30 -2.86 17.24 28.80
C ALA D 30 -2.51 18.48 27.99
N ARG D 31 -1.33 19.04 28.16
CA ARG D 31 -0.80 20.03 27.24
C ARG D 31 0.30 19.48 26.36
N GLN D 32 1.15 18.61 26.91
CA GLN D 32 2.15 17.92 26.10
C GLN D 32 1.52 16.92 25.15
N LEU D 33 0.33 16.42 25.47
CA LEU D 33 -0.34 15.39 24.67
C LEU D 33 -1.45 15.93 23.78
N LEU D 34 -1.73 17.23 23.85
CA LEU D 34 -2.70 17.83 22.95
C LEU D 34 -2.08 18.90 22.08
N SER D 35 -1.31 19.81 22.68
CA SER D 35 -0.61 20.84 21.92
C SER D 35 0.68 20.31 21.34
N GLY D 36 1.60 19.91 22.21
CA GLY D 36 2.96 19.63 21.80
C GLY D 36 3.17 18.31 21.08
N ILE D 37 2.33 18.00 20.11
CA ILE D 37 2.49 16.75 19.37
C ILE D 37 2.52 16.96 17.87
N VAL D 38 1.51 17.64 17.32
CA VAL D 38 1.41 17.88 15.88
C VAL D 38 1.50 19.36 15.56
N GLN D 39 0.80 20.20 16.34
CA GLN D 39 0.85 21.64 16.15
C GLN D 39 2.23 22.20 16.45
N GLN D 40 2.95 21.60 17.39
CA GLN D 40 4.15 22.24 17.94
C GLN D 40 5.31 22.21 16.96
N GLN D 41 5.47 21.12 16.22
CA GLN D 41 6.64 20.96 15.38
C GLN D 41 6.39 21.50 13.97
N SER D 42 7.31 22.34 13.51
CA SER D 42 7.37 22.82 12.13
C SER D 42 8.62 22.34 11.42
N ASN D 43 9.49 21.63 12.12
CA ASN D 43 10.75 21.12 11.59
C ASN D 43 10.58 19.81 10.83
N LEU D 44 9.37 19.23 10.80
CA LEU D 44 9.14 18.09 9.92
C LEU D 44 9.08 18.53 8.47
N LEU D 45 8.60 19.73 8.19
CA LEU D 45 8.66 20.24 6.84
C LEU D 45 9.93 21.03 6.56
N ARG D 46 10.91 20.97 7.46
CA ARG D 46 12.26 21.39 7.09
C ARG D 46 13.12 20.21 6.66
N ALA D 47 12.72 19.00 7.02
CA ALA D 47 13.38 17.80 6.53
C ALA D 47 12.78 17.28 5.23
N ILE D 48 11.66 17.85 4.77
CA ILE D 48 11.07 17.40 3.52
C ILE D 48 11.87 17.89 2.32
N GLU D 49 12.32 19.15 2.35
CA GLU D 49 13.13 19.67 1.24
C GLU D 49 14.50 19.01 1.20
N ALA D 50 15.04 18.63 2.36
CA ALA D 50 16.27 17.87 2.36
C ALA D 50 16.07 16.46 1.79
N GLN D 51 14.85 15.93 1.90
CA GLN D 51 14.49 14.73 1.17
C GLN D 51 14.16 15.01 -0.29
N GLN D 52 13.94 16.28 -0.66
CA GLN D 52 13.76 16.62 -2.06
C GLN D 52 15.09 16.77 -2.77
N HIS D 53 16.16 17.12 -2.03
CA HIS D 53 17.48 17.24 -2.64
C HIS D 53 18.01 15.89 -3.10
N LEU D 54 17.90 14.87 -2.26
CA LEU D 54 18.26 13.53 -2.67
C LEU D 54 17.13 12.91 -3.47
N LEU D 55 17.50 12.15 -4.50
CA LEU D 55 16.54 11.61 -5.44
C LEU D 55 16.15 10.18 -5.12
N ARG D 56 16.50 9.69 -3.95
CA ARG D 56 16.24 8.31 -3.56
C ARG D 56 15.51 8.29 -2.22
N LEU D 57 14.50 7.43 -2.12
CA LEU D 57 13.80 7.25 -0.85
C LEU D 57 14.70 6.51 0.14
N THR D 58 14.99 7.14 1.25
CA THR D 58 15.93 6.61 2.22
C THR D 58 15.20 5.84 3.30
N VAL D 59 15.99 5.26 4.21
CA VAL D 59 15.44 4.50 5.32
C VAL D 59 14.79 5.44 6.33
N TRP D 60 15.38 6.61 6.53
CA TRP D 60 14.83 7.55 7.50
C TRP D 60 13.62 8.30 6.97
N GLY D 61 13.21 8.07 5.74
CA GLY D 61 12.00 8.67 5.22
C GLY D 61 10.82 7.77 5.44
N ILE D 62 11.08 6.47 5.51
CA ILE D 62 10.03 5.52 5.83
C ILE D 62 9.65 5.61 7.30
N LYS D 63 10.65 5.74 8.17
CA LYS D 63 10.40 5.80 9.61
C LYS D 63 9.70 7.07 10.03
N GLN D 64 9.75 8.12 9.22
CA GLN D 64 8.97 9.30 9.54
C GLN D 64 7.51 9.19 9.11
N LEU D 65 7.18 8.28 8.20
CA LEU D 65 5.78 7.95 7.99
C LEU D 65 5.22 7.24 9.19
N GLN D 66 5.93 6.24 9.68
CA GLN D 66 5.43 5.38 10.73
C GLN D 66 5.43 6.06 12.08
N ALA D 67 6.21 7.13 12.24
CA ALA D 67 6.17 7.92 13.45
C ALA D 67 5.17 9.07 13.37
N ARG D 68 4.67 9.37 12.17
CA ARG D 68 3.55 10.29 12.02
C ARG D 68 2.21 9.58 12.13
N VAL D 69 2.08 8.40 11.53
CA VAL D 69 0.80 7.71 11.59
C VAL D 69 0.59 7.10 12.98
N LEU D 70 1.66 6.83 13.72
CA LEU D 70 1.48 6.47 15.11
C LEU D 70 1.18 7.69 15.96
N ALA D 71 1.62 8.88 15.54
CA ALA D 71 1.35 10.08 16.31
C ALA D 71 -0.06 10.59 16.10
N VAL D 72 -0.62 10.39 14.91
CA VAL D 72 -1.99 10.82 14.65
C VAL D 72 -2.97 9.89 15.36
N GLU D 73 -2.78 8.58 15.20
CA GLU D 73 -3.69 7.59 15.77
C GLU D 73 -3.69 7.60 17.28
N ARG D 74 -2.56 7.93 17.90
CA ARG D 74 -2.49 7.98 19.36
C ARG D 74 -3.21 9.22 19.87
N TYR D 75 -3.30 10.26 19.05
CA TYR D 75 -4.03 11.46 19.43
C TYR D 75 -5.53 11.31 19.25
N LEU D 76 -5.97 10.63 18.19
CA LEU D 76 -7.40 10.54 17.90
C LEU D 76 -8.10 9.41 18.65
N SER D 77 -7.37 8.39 19.08
CA SER D 77 -7.96 7.30 19.83
C SER D 77 -7.99 7.58 21.32
N ASP D 78 -7.69 8.80 21.73
CA ASP D 78 -7.94 9.26 23.08
C ASP D 78 -8.90 10.43 23.12
N GLN D 79 -9.12 11.09 21.99
CA GLN D 79 -10.15 12.12 21.85
C GLN D 79 -11.48 11.56 21.40
N GLN D 80 -11.47 10.48 20.62
CA GLN D 80 -12.71 9.76 20.33
C GLN D 80 -13.31 9.19 21.59
N LEU D 81 -12.47 8.59 22.42
CA LEU D 81 -12.95 7.90 23.59
C LEU D 81 -13.43 8.88 24.64
N LEU D 82 -12.86 10.08 24.67
CA LEU D 82 -13.42 11.18 25.43
C LEU D 82 -14.59 11.88 24.75
N GLY D 83 -14.90 11.51 23.51
CA GLY D 83 -16.02 12.13 22.82
C GLY D 83 -17.29 11.29 22.93
N ILE D 84 -17.11 9.98 22.98
CA ILE D 84 -18.24 9.07 23.18
C ILE D 84 -18.82 9.28 24.57
N TRP D 85 -17.99 9.61 25.53
CA TRP D 85 -18.40 9.95 26.88
C TRP D 85 -18.78 11.43 26.88
N GLY D 86 -19.26 11.92 28.02
CA GLY D 86 -19.62 13.32 28.04
C GLY D 86 -18.49 14.29 28.32
N CYS D 87 -17.25 13.80 28.34
CA CYS D 87 -16.10 14.54 28.86
C CYS D 87 -15.28 15.07 27.68
N SER D 88 -15.78 16.11 27.03
CA SER D 88 -15.21 16.48 25.74
C SER D 88 -13.94 17.30 25.89
N GLY D 89 -14.03 18.48 26.47
CA GLY D 89 -12.89 19.37 26.51
C GLY D 89 -12.42 19.69 27.91
N LYS D 90 -12.37 18.69 28.77
CA LYS D 90 -12.06 18.89 30.17
C LYS D 90 -11.20 17.74 30.66
N LEU D 91 -10.70 17.87 31.89
CA LEU D 91 -9.69 16.97 32.41
C LEU D 91 -10.17 16.10 33.56
N ILE D 92 -11.10 16.58 34.37
CA ILE D 92 -11.72 15.79 35.44
C ILE D 92 -13.21 15.86 35.25
N CYS D 93 -13.84 14.73 34.96
CA CYS D 93 -15.28 14.71 34.74
C CYS D 93 -15.91 13.58 35.55
N THR D 94 -17.15 13.79 35.94
CA THR D 94 -17.89 12.82 36.75
C THR D 94 -18.93 12.12 35.89
N THR D 95 -19.27 10.89 36.27
CA THR D 95 -20.26 10.10 35.56
C THR D 95 -21.29 9.58 36.55
N ASN D 96 -22.37 8.99 36.02
CA ASN D 96 -23.42 8.41 36.83
C ASN D 96 -23.25 6.92 37.04
N VAL D 97 -22.08 6.36 36.76
CA VAL D 97 -21.84 4.92 36.84
C VAL D 97 -21.46 4.60 38.28
N PRO D 98 -22.27 3.86 39.03
CA PRO D 98 -21.90 3.53 40.41
C PRO D 98 -20.75 2.55 40.46
N TRP D 99 -19.83 2.77 41.39
CA TRP D 99 -18.63 1.96 41.48
C TRP D 99 -18.97 0.60 42.06
N ASN D 100 -18.75 -0.44 41.27
CA ASN D 100 -18.99 -1.81 41.69
C ASN D 100 -17.82 -2.28 42.53
N SER D 101 -18.10 -2.75 43.74
CA SER D 101 -17.05 -3.11 44.69
C SER D 101 -16.33 -4.40 44.34
N SER D 102 -16.77 -5.13 43.30
CA SER D 102 -16.03 -6.28 42.81
C SER D 102 -14.97 -5.90 41.79
N TRP D 103 -14.85 -4.61 41.48
CA TRP D 103 -13.73 -4.07 40.72
C TRP D 103 -12.56 -3.76 41.63
N SER D 104 -12.84 -3.21 42.82
CA SER D 104 -11.88 -3.00 43.89
C SER D 104 -12.65 -2.72 45.18
N ASN D 105 -12.37 -3.48 46.25
CA ASN D 105 -13.01 -3.26 47.54
C ASN D 105 -12.26 -2.28 48.41
N LYS D 106 -11.37 -1.48 47.83
CA LYS D 106 -10.37 -0.75 48.58
C LYS D 106 -10.89 0.65 48.93
N SER D 107 -10.52 1.11 50.12
CA SER D 107 -11.07 2.35 50.66
C SER D 107 -10.44 3.57 50.00
N GLN D 108 -11.09 4.72 50.19
CA GLN D 108 -10.62 5.96 49.58
C GLN D 108 -9.29 6.44 50.15
N ASP D 109 -9.06 6.22 51.45
CA ASP D 109 -7.81 6.69 52.03
C ASP D 109 -6.63 5.85 51.58
N GLU D 110 -6.86 4.57 51.26
CA GLU D 110 -5.79 3.76 50.71
C GLU D 110 -5.54 4.11 49.25
N ILE D 111 -6.60 4.42 48.50
CA ILE D 111 -6.45 4.73 47.09
C ILE D 111 -5.82 6.11 46.91
N TRP D 112 -6.47 7.13 47.45
CA TRP D 112 -6.04 8.49 47.14
C TRP D 112 -4.82 8.95 47.91
N ASN D 113 -4.39 8.22 48.95
CA ASN D 113 -3.31 8.71 49.79
C ASN D 113 -2.21 7.70 50.07
N ASN D 114 -2.32 6.45 49.58
CA ASN D 114 -1.21 5.53 49.74
C ASN D 114 -1.04 4.67 48.50
N MET D 115 -1.32 5.23 47.32
CA MET D 115 -1.22 4.47 46.08
C MET D 115 -1.03 5.45 44.92
N THR D 116 -0.08 5.16 44.06
CA THR D 116 0.19 6.03 42.93
C THR D 116 -0.73 5.68 41.77
N TRP D 117 -0.67 6.48 40.71
CA TRP D 117 -1.40 6.13 39.49
C TRP D 117 -0.80 4.93 38.80
N LEU D 118 0.52 4.76 38.91
CA LEU D 118 1.20 3.66 38.26
C LEU D 118 1.03 2.35 39.01
N GLN D 119 0.58 2.40 40.27
CA GLN D 119 0.13 1.22 40.99
C GLN D 119 -1.35 0.96 40.82
N TRP D 120 -2.09 1.90 40.23
CA TRP D 120 -3.48 1.70 39.91
C TRP D 120 -3.65 1.10 38.52
N ASP D 121 -2.69 1.37 37.63
CA ASP D 121 -2.64 0.71 36.33
C ASP D 121 -2.49 -0.80 36.48
N LYS D 122 -1.68 -1.23 37.43
CA LYS D 122 -1.40 -2.65 37.59
C LYS D 122 -2.37 -3.34 38.52
N GLU D 123 -3.52 -2.73 38.78
CA GLU D 123 -4.57 -3.34 39.57
C GLU D 123 -5.90 -3.39 38.85
N ILE D 124 -6.22 -2.35 38.08
CA ILE D 124 -7.56 -2.18 37.52
C ILE D 124 -7.61 -2.49 36.03
N SER D 125 -6.46 -2.82 35.41
CA SER D 125 -6.37 -2.95 33.96
C SER D 125 -7.17 -4.11 33.40
N ASN D 126 -7.44 -5.15 34.18
CA ASN D 126 -8.31 -6.22 33.67
C ASN D 126 -9.77 -5.79 33.59
N TYR D 127 -10.14 -4.69 34.22
CA TYR D 127 -11.52 -4.30 34.41
C TYR D 127 -11.95 -3.13 33.54
N THR D 128 -11.02 -2.44 32.90
CA THR D 128 -11.37 -1.19 32.21
C THR D 128 -12.17 -1.41 30.95
N ASP D 129 -12.06 -2.57 30.31
CA ASP D 129 -12.91 -2.85 29.16
C ASP D 129 -14.36 -3.04 29.59
N THR D 130 -14.59 -3.52 30.81
CA THR D 130 -15.93 -3.61 31.35
C THR D 130 -16.42 -2.24 31.81
N ILE D 131 -15.51 -1.42 32.35
CA ILE D 131 -15.88 -0.11 32.86
C ILE D 131 -16.24 0.83 31.72
N TYR D 132 -15.52 0.75 30.60
CA TYR D 132 -15.76 1.62 29.46
C TYR D 132 -17.10 1.32 28.80
N TYR D 133 -17.56 0.07 28.83
CA TYR D 133 -18.87 -0.28 28.30
C TYR D 133 -19.98 0.41 29.07
N LEU D 134 -19.82 0.57 30.37
CA LEU D 134 -20.86 1.14 31.20
C LEU D 134 -20.86 2.66 31.20
N ILE D 135 -19.79 3.30 30.75
CA ILE D 135 -19.77 4.75 30.61
C ILE D 135 -20.38 5.16 29.28
N GLU D 136 -20.11 4.39 28.23
CA GLU D 136 -20.70 4.65 26.92
C GLU D 136 -22.19 4.35 26.90
N LYS D 137 -22.62 3.34 27.66
CA LYS D 137 -24.03 2.99 27.69
C LYS D 137 -24.84 4.01 28.46
N SER D 138 -24.32 4.50 29.59
CA SER D 138 -25.04 5.49 30.36
C SER D 138 -25.00 6.88 29.73
N GLN D 139 -23.98 7.19 28.94
CA GLN D 139 -23.99 8.43 28.18
C GLN D 139 -25.02 8.37 27.06
N ASN D 140 -25.20 7.20 26.46
CA ASN D 140 -26.17 7.03 25.40
C ASN D 140 -27.59 7.04 25.94
N GLN D 141 -27.80 6.53 27.14
CA GLN D 141 -29.13 6.60 27.75
C GLN D 141 -29.46 8.02 28.19
N GLN D 142 -28.45 8.82 28.50
CA GLN D 142 -28.69 10.18 28.97
C GLN D 142 -29.16 11.09 27.83
N GLU D 143 -28.51 11.00 26.67
CA GLU D 143 -28.81 11.93 25.58
C GLU D 143 -30.13 11.59 24.90
N VAL D 144 -30.56 10.33 25.01
CA VAL D 144 -31.90 9.98 24.57
C VAL D 144 -32.94 10.59 25.51
N ASN D 145 -32.65 10.56 26.81
CA ASN D 145 -33.61 11.07 27.79
C ASN D 145 -33.72 12.58 27.75
N GLU D 146 -32.63 13.27 27.40
CA GLU D 146 -32.70 14.73 27.37
C GLU D 146 -33.07 15.23 25.97
N LYS D 147 -33.48 14.33 25.09
CA LYS D 147 -34.00 14.75 23.80
C LYS D 147 -35.53 14.81 23.83
N ASP D 148 -36.17 13.76 24.33
CA ASP D 148 -37.62 13.73 24.36
C ASP D 148 -38.19 14.46 25.56
N LEU D 149 -37.37 14.69 26.60
CA LEU D 149 -37.70 15.68 27.60
C LEU D 149 -37.73 17.08 26.98
N LEU D 150 -36.77 17.33 26.11
CA LEU D 150 -36.68 18.60 25.42
C LEU D 150 -37.91 18.79 24.52
N ALA D 151 -38.36 17.70 23.91
CA ALA D 151 -39.45 17.80 22.95
C ALA D 151 -40.81 17.76 23.65
N LEU D 152 -40.82 17.68 24.98
CA LEU D 152 -42.06 17.49 25.70
C LEU D 152 -42.81 18.81 25.88
N ASP D 153 -42.09 19.88 26.22
CA ASP D 153 -42.72 21.15 26.59
C ASP D 153 -43.38 21.89 25.42
N ASN E 4 -46.56 18.52 15.60
CA ASN E 4 -46.87 19.57 14.65
C ASN E 4 -45.59 19.99 13.94
N ASN E 5 -44.81 20.84 14.60
CA ASN E 5 -43.54 21.29 14.04
C ASN E 5 -42.48 20.21 14.23
N LEU E 6 -41.93 19.74 13.13
CA LEU E 6 -40.86 18.76 13.16
C LEU E 6 -39.54 19.46 12.85
N TRP E 7 -38.45 18.89 13.37
CA TRP E 7 -37.16 19.54 13.31
C TRP E 7 -36.10 18.52 12.97
N VAL E 8 -35.04 18.98 12.31
CA VAL E 8 -33.95 18.10 11.92
C VAL E 8 -33.08 17.79 13.13
N THR E 9 -32.82 16.51 13.37
CA THR E 9 -31.87 16.07 14.40
C THR E 9 -30.97 15.00 13.81
N VAL E 10 -29.67 15.18 13.95
CA VAL E 10 -28.70 14.28 13.33
C VAL E 10 -28.15 13.33 14.37
N TYR E 11 -27.89 12.09 13.95
CA TYR E 11 -27.41 11.03 14.82
C TYR E 11 -26.05 10.58 14.34
N TYR E 12 -25.22 10.13 15.28
CA TYR E 12 -23.87 9.68 14.96
C TYR E 12 -23.66 8.31 15.58
N GLY E 13 -23.46 7.30 14.74
CA GLY E 13 -23.34 5.93 15.21
C GLY E 13 -24.40 5.02 14.63
N VAL E 14 -24.90 5.39 13.47
CA VAL E 14 -26.08 4.75 12.87
C VAL E 14 -25.66 3.48 12.16
N PRO E 15 -26.37 2.35 12.35
CA PRO E 15 -26.02 1.10 11.63
C PRO E 15 -26.54 1.03 10.20
N VAL E 16 -25.90 1.76 9.29
CA VAL E 16 -26.18 1.63 7.86
C VAL E 16 -24.87 1.36 7.13
N TRP E 17 -25.00 1.00 5.87
CA TRP E 17 -23.83 0.71 5.04
C TRP E 17 -24.15 0.87 3.58
N ARG E 18 -23.19 1.43 2.84
CA ARG E 18 -23.18 1.37 1.39
C ARG E 18 -22.47 0.08 0.98
N ASP E 19 -22.14 -0.05 -0.29
CA ASP E 19 -21.53 -1.27 -0.80
C ASP E 19 -20.23 -0.96 -1.52
N ALA E 20 -19.39 -0.14 -0.90
CA ALA E 20 -18.14 0.28 -1.52
C ALA E 20 -17.11 -0.84 -1.45
N GLU E 21 -15.94 -0.59 -2.04
CA GLU E 21 -14.87 -1.59 -2.15
C GLU E 21 -13.55 -0.92 -1.84
N THR E 22 -12.62 -1.68 -1.28
CA THR E 22 -11.46 -1.08 -0.63
C THR E 22 -10.28 -2.05 -0.63
N THR E 23 -9.23 -1.71 0.12
CA THR E 23 -8.01 -2.49 0.24
C THR E 23 -8.06 -3.32 1.50
N LEU E 24 -8.06 -4.63 1.35
CA LEU E 24 -8.07 -5.57 2.46
C LEU E 24 -6.62 -5.83 2.92
N PHE E 25 -6.46 -6.62 3.97
CA PHE E 25 -5.14 -7.10 4.36
C PHE E 25 -5.30 -8.48 4.97
N CYS E 26 -4.17 -9.17 5.15
CA CYS E 26 -4.20 -10.56 5.55
C CYS E 26 -4.04 -10.72 7.05
N ALA E 27 -4.29 -11.95 7.53
CA ALA E 27 -4.01 -12.32 8.90
C ALA E 27 -3.38 -13.71 8.93
N SER E 28 -2.71 -14.00 10.03
CA SER E 28 -1.95 -15.24 10.19
C SER E 28 -2.79 -16.31 10.86
N ASP E 29 -2.60 -17.55 10.44
CA ASP E 29 -3.39 -18.68 10.92
C ASP E 29 -2.49 -19.69 11.61
N ALA E 30 -2.19 -19.44 12.90
CA ALA E 30 -1.72 -20.44 13.87
C ALA E 30 -0.44 -21.16 13.43
N LYS E 31 0.47 -20.43 12.77
CA LYS E 31 1.67 -21.05 12.23
C LYS E 31 2.72 -21.20 13.31
N ALA E 32 2.94 -22.46 13.74
CA ALA E 32 3.93 -22.82 14.74
C ALA E 32 5.36 -22.77 14.22
N TYR E 33 5.56 -22.48 12.93
CA TYR E 33 6.87 -22.15 12.43
C TYR E 33 7.39 -20.88 13.09
N ASP E 34 6.69 -19.77 12.84
CA ASP E 34 7.10 -18.42 13.21
C ASP E 34 8.52 -18.13 12.69
N THR E 35 8.58 -18.07 11.35
CA THR E 35 9.79 -17.86 10.54
C THR E 35 10.84 -18.94 10.80
N GLU E 36 10.46 -20.17 10.43
CA GLU E 36 11.43 -21.25 10.27
C GLU E 36 11.94 -21.32 8.84
N VAL E 37 11.03 -21.53 7.89
CA VAL E 37 11.37 -21.43 6.48
C VAL E 37 10.62 -20.24 5.90
N HIS E 38 10.88 -19.90 4.65
CA HIS E 38 10.11 -18.89 3.94
C HIS E 38 9.37 -19.55 2.79
N ASN E 39 8.27 -18.93 2.38
CA ASN E 39 7.46 -19.43 1.29
C ASN E 39 7.17 -18.30 0.30
N VAL E 40 6.36 -18.63 -0.70
CA VAL E 40 5.96 -17.63 -1.69
C VAL E 40 5.07 -16.58 -1.03
N TRP E 41 4.19 -17.01 -0.14
CA TRP E 41 3.02 -16.19 0.14
C TRP E 41 3.28 -15.17 1.24
N ALA E 42 4.47 -15.19 1.84
CA ALA E 42 4.93 -14.23 2.86
C ALA E 42 3.95 -14.14 4.03
N THR E 43 3.55 -15.30 4.55
CA THR E 43 2.51 -15.34 5.56
C THR E 43 3.00 -14.89 6.93
N HIS E 44 4.31 -14.69 7.10
CA HIS E 44 4.80 -14.12 8.35
C HIS E 44 4.53 -12.62 8.41
N ALA E 45 4.37 -11.98 7.25
CA ALA E 45 4.09 -10.54 7.20
C ALA E 45 2.67 -10.19 7.59
N CYS E 46 1.80 -11.18 7.73
CA CYS E 46 0.44 -10.96 8.17
C CYS E 46 0.39 -10.63 9.66
N VAL E 47 -0.75 -10.13 10.11
CA VAL E 47 -0.87 -9.68 11.50
C VAL E 47 -1.35 -10.83 12.38
N PRO E 48 -0.99 -10.85 13.66
CA PRO E 48 -1.56 -11.82 14.58
C PRO E 48 -2.83 -11.29 15.23
N THR E 49 -3.55 -12.19 15.91
CA THR E 49 -4.77 -11.81 16.60
C THR E 49 -4.94 -12.66 17.85
N ASP E 50 -5.18 -12.00 19.00
CA ASP E 50 -5.21 -12.71 20.26
C ASP E 50 -6.59 -13.37 20.45
N PRO E 51 -7.72 -12.75 20.10
CA PRO E 51 -8.89 -13.57 19.79
C PRO E 51 -8.84 -14.00 18.33
N SER E 52 -9.27 -15.23 18.08
CA SER E 52 -9.50 -15.66 16.72
C SER E 52 -10.68 -14.86 16.14
N PRO E 53 -10.70 -14.65 14.82
CA PRO E 53 -11.78 -13.83 14.22
C PRO E 53 -13.15 -14.44 14.42
N GLN E 54 -14.14 -13.56 14.56
CA GLN E 54 -15.43 -13.93 15.11
C GLN E 54 -16.55 -13.66 14.11
N GLU E 55 -17.78 -13.80 14.58
CA GLU E 55 -18.95 -13.82 13.69
C GLU E 55 -20.18 -13.47 14.50
N ILE E 56 -20.81 -12.35 14.19
CA ILE E 56 -22.01 -11.88 14.87
C ILE E 56 -23.20 -12.11 13.96
N HIS E 57 -24.18 -12.85 14.44
CA HIS E 57 -25.39 -13.11 13.67
C HIS E 57 -26.27 -11.87 13.68
N LEU E 58 -26.61 -11.35 12.50
CA LEU E 58 -27.40 -10.15 12.37
C LEU E 58 -28.84 -10.54 12.09
N ALA E 59 -29.77 -10.07 12.92
CA ALA E 59 -31.16 -10.49 12.83
C ALA E 59 -31.95 -9.54 11.94
N ASN E 60 -32.91 -10.10 11.20
CA ASN E 60 -33.94 -9.43 10.43
C ASN E 60 -33.41 -8.62 9.26
N VAL E 61 -32.18 -8.85 8.80
CA VAL E 61 -31.64 -8.13 7.66
C VAL E 61 -31.47 -9.07 6.48
N THR E 62 -31.85 -8.60 5.31
CA THR E 62 -31.60 -9.24 4.03
C THR E 62 -30.63 -8.39 3.22
N GLU E 63 -29.96 -9.02 2.27
CA GLU E 63 -28.90 -8.35 1.55
C GLU E 63 -28.65 -9.08 0.25
N LYS E 64 -28.49 -8.32 -0.84
CA LYS E 64 -28.25 -8.91 -2.15
C LYS E 64 -26.76 -9.18 -2.33
N PHE E 65 -26.43 -10.43 -2.66
CA PHE E 65 -25.06 -10.76 -3.02
C PHE E 65 -24.98 -11.06 -4.52
N ASP E 66 -23.76 -11.05 -5.04
CA ASP E 66 -23.53 -11.26 -6.45
C ASP E 66 -22.09 -11.76 -6.59
N MET E 67 -21.93 -13.06 -6.82
CA MET E 67 -20.60 -13.64 -6.82
C MET E 67 -19.86 -13.41 -8.12
N TRP E 68 -20.52 -12.90 -9.15
CA TRP E 68 -19.86 -12.69 -10.44
C TRP E 68 -19.42 -11.25 -10.62
N LYS E 69 -19.85 -10.35 -9.73
CA LYS E 69 -19.39 -8.97 -9.72
C LYS E 69 -18.73 -8.61 -8.39
N ASN E 70 -18.30 -9.61 -7.62
CA ASN E 70 -17.58 -9.37 -6.39
C ASN E 70 -16.14 -9.00 -6.74
N SER E 71 -15.66 -7.90 -6.15
CA SER E 71 -14.32 -7.42 -6.46
C SER E 71 -13.27 -7.95 -5.51
N MET E 72 -13.67 -8.74 -4.51
CA MET E 72 -12.69 -9.45 -3.70
C MET E 72 -11.93 -10.49 -4.49
N VAL E 73 -12.49 -10.97 -5.60
CA VAL E 73 -11.83 -11.96 -6.43
C VAL E 73 -10.77 -11.31 -7.30
N GLU E 74 -11.07 -10.14 -7.85
CA GLU E 74 -10.10 -9.45 -8.68
C GLU E 74 -9.00 -8.82 -7.84
N GLN E 75 -9.29 -8.46 -6.59
CA GLN E 75 -8.25 -7.99 -5.70
C GLN E 75 -7.34 -9.12 -5.24
N MET E 76 -7.91 -10.30 -5.00
CA MET E 76 -7.10 -11.45 -4.61
C MET E 76 -6.26 -11.96 -5.77
N HIS E 77 -6.73 -11.81 -7.01
CA HIS E 77 -5.97 -12.28 -8.14
C HIS E 77 -4.74 -11.43 -8.41
N THR E 78 -4.84 -10.11 -8.18
CA THR E 78 -3.66 -9.25 -8.33
C THR E 78 -2.67 -9.40 -7.19
N ASP E 79 -3.11 -9.93 -6.04
CA ASP E 79 -2.21 -10.10 -4.91
C ASP E 79 -1.42 -11.39 -5.01
N ILE E 80 -2.03 -12.46 -5.53
CA ILE E 80 -1.34 -13.73 -5.67
C ILE E 80 -0.29 -13.64 -6.76
N ILE E 81 -0.52 -12.82 -7.78
CA ILE E 81 0.51 -12.58 -8.78
C ILE E 81 1.60 -11.68 -8.24
N SER E 82 1.23 -10.70 -7.41
CA SER E 82 2.21 -9.76 -6.85
C SER E 82 3.15 -10.45 -5.88
N LEU E 83 2.62 -11.35 -5.04
CA LEU E 83 3.46 -12.12 -4.14
C LEU E 83 4.31 -13.12 -4.88
N TRP E 84 3.84 -13.58 -6.05
CA TRP E 84 4.62 -14.52 -6.84
C TRP E 84 5.86 -13.85 -7.42
N ASP E 85 5.70 -12.65 -7.97
CA ASP E 85 6.80 -11.96 -8.63
C ASP E 85 7.77 -11.33 -7.65
N GLU E 86 7.36 -11.13 -6.40
CA GLU E 86 8.27 -10.61 -5.39
C GLU E 86 9.35 -11.62 -5.05
N SER E 87 9.00 -12.92 -5.06
CA SER E 87 9.95 -13.94 -4.64
C SER E 87 10.95 -14.28 -5.73
N LEU E 88 10.54 -14.29 -7.00
CA LEU E 88 11.43 -14.69 -8.07
C LEU E 88 12.44 -13.62 -8.43
N LYS E 89 12.23 -12.39 -8.00
CA LYS E 89 13.12 -11.30 -8.39
C LYS E 89 14.54 -11.38 -7.79
N PRO E 90 14.77 -11.75 -6.53
CA PRO E 90 16.16 -11.94 -6.10
C PRO E 90 16.79 -13.26 -6.51
N CYS E 91 16.07 -14.14 -7.19
CA CYS E 91 16.65 -15.43 -7.56
C CYS E 91 17.52 -15.25 -8.82
N VAL E 92 18.23 -16.32 -9.18
CA VAL E 92 19.31 -16.21 -10.16
C VAL E 92 18.75 -16.20 -11.59
N LYS E 93 19.19 -15.22 -12.37
CA LYS E 93 18.92 -15.18 -13.80
C LYS E 93 19.69 -16.30 -14.48
N LEU E 94 19.08 -16.90 -15.50
CA LEU E 94 19.61 -18.17 -16.00
C LEU E 94 19.78 -18.11 -17.51
N THR E 95 20.31 -16.98 -18.00
CA THR E 95 20.72 -16.82 -19.39
C THR E 95 21.85 -17.71 -19.92
N PRO E 96 22.81 -18.27 -19.11
CA PRO E 96 23.78 -19.18 -19.74
C PRO E 96 23.25 -20.54 -20.19
N LEU E 97 21.95 -20.81 -20.13
CA LEU E 97 21.42 -22.02 -20.71
C LEU E 97 20.86 -21.85 -22.11
N CYS E 98 20.73 -20.61 -22.60
CA CYS E 98 20.44 -20.43 -24.01
C CYS E 98 21.64 -20.71 -24.89
N ILE E 99 21.94 -22.00 -25.03
CA ILE E 99 22.97 -22.53 -25.89
C ILE E 99 22.40 -23.79 -26.53
N THR E 100 23.22 -24.43 -27.36
CA THR E 100 22.83 -25.70 -27.94
C THR E 100 22.96 -26.80 -26.90
N LEU E 101 22.17 -27.86 -27.08
CA LEU E 101 22.14 -28.98 -26.15
C LEU E 101 22.33 -30.27 -26.94
N ASN E 102 23.57 -30.74 -27.06
CA ASN E 102 23.82 -31.97 -27.81
C ASN E 102 23.70 -33.18 -26.89
N CYS E 103 22.74 -34.06 -27.18
CA CYS E 103 22.52 -35.26 -26.36
C CYS E 103 21.81 -36.40 -27.08
N THR E 104 21.89 -37.59 -26.48
CA THR E 104 21.25 -38.80 -26.99
C THR E 104 20.47 -39.38 -25.82
N ASN E 105 19.35 -40.06 -26.09
CA ASN E 105 18.56 -40.57 -24.98
C ASN E 105 19.46 -41.19 -23.90
N ILE E 106 18.84 -41.68 -22.84
CA ILE E 106 19.56 -42.19 -21.66
C ILE E 106 20.22 -43.52 -21.97
N THR E 107 21.08 -43.96 -21.06
CA THR E 107 21.88 -45.17 -21.27
C THR E 107 21.05 -46.43 -21.06
N ARG E 108 20.60 -46.66 -19.84
CA ARG E 108 19.90 -47.90 -19.52
C ARG E 108 18.66 -47.61 -18.66
N ASN E 114 13.30 -56.47 -14.32
CA ASN E 114 14.73 -56.22 -14.13
C ASN E 114 15.12 -54.95 -14.86
N LEU E 115 14.69 -54.84 -16.11
CA LEU E 115 15.06 -53.72 -16.95
C LEU E 115 14.32 -52.46 -16.54
N THR E 116 14.90 -51.31 -16.84
CA THR E 116 14.25 -50.03 -16.53
C THR E 116 13.02 -49.83 -17.42
N GLU E 117 13.20 -49.89 -18.74
CA GLU E 117 12.20 -50.05 -19.80
C GLU E 117 11.02 -49.08 -19.77
N GLU E 118 11.13 -48.00 -19.01
CA GLU E 118 10.14 -46.94 -18.97
C GLU E 118 10.87 -45.61 -18.88
N GLY E 119 10.22 -44.56 -19.38
CA GLY E 119 10.87 -43.26 -19.40
C GLY E 119 12.00 -43.14 -20.39
N LYS E 120 12.08 -44.03 -21.37
CA LYS E 120 13.11 -43.95 -22.39
C LYS E 120 12.83 -42.87 -23.42
N GLU E 121 11.56 -42.49 -23.59
CA GLU E 121 11.17 -41.56 -24.65
C GLU E 121 10.60 -40.27 -24.07
N GLU E 122 10.86 -39.97 -22.80
CA GLU E 122 10.35 -38.75 -22.20
C GLU E 122 11.39 -38.05 -21.34
N LEU E 123 12.66 -38.45 -21.43
CA LEU E 123 13.72 -37.99 -20.54
C LEU E 123 15.09 -38.35 -21.07
N LYS E 124 16.03 -37.39 -21.10
CA LYS E 124 17.36 -37.65 -21.64
C LYS E 124 18.41 -36.75 -21.01
N ASN E 125 19.61 -37.31 -20.78
CA ASN E 125 20.74 -36.49 -20.37
C ASN E 125 21.21 -35.60 -21.50
N CYS E 126 21.47 -34.34 -21.20
CA CYS E 126 21.94 -33.40 -22.22
C CYS E 126 23.18 -32.67 -21.74
N SER E 127 24.27 -32.80 -22.49
CA SER E 127 25.55 -32.20 -22.16
C SER E 127 25.74 -30.90 -22.92
N PHE E 128 26.41 -29.96 -22.28
CA PHE E 128 26.54 -28.61 -22.82
C PHE E 128 27.71 -27.89 -22.16
N ASN E 129 28.21 -26.86 -22.84
CA ASN E 129 29.29 -26.02 -22.34
C ASN E 129 28.71 -24.91 -21.48
N ALA E 130 28.90 -25.00 -20.17
CA ALA E 130 28.41 -23.98 -19.28
C ALA E 130 29.48 -22.93 -19.06
N THR E 131 29.16 -21.94 -18.23
CA THR E 131 30.13 -20.95 -17.79
C THR E 131 30.66 -21.33 -16.42
N THR E 132 31.87 -20.90 -16.12
CA THR E 132 32.44 -21.06 -14.80
C THR E 132 32.35 -19.74 -14.06
N GLU E 133 32.99 -19.66 -12.89
CA GLU E 133 33.03 -18.42 -12.13
C GLU E 133 34.19 -17.53 -12.54
N LEU E 134 34.74 -17.72 -13.74
CA LEU E 134 35.87 -16.94 -14.19
C LEU E 134 35.66 -16.25 -15.53
N ARG E 135 34.60 -16.56 -16.24
CA ARG E 135 34.31 -15.86 -17.50
C ARG E 135 35.50 -15.87 -18.45
N ASP E 136 36.21 -16.98 -18.45
CA ASP E 136 37.34 -17.22 -19.31
C ASP E 136 37.47 -18.71 -19.58
N LYS E 137 36.77 -19.53 -18.83
CA LYS E 137 36.85 -20.97 -18.89
C LYS E 137 35.47 -21.55 -19.15
N ILE E 138 35.44 -22.68 -19.85
CA ILE E 138 34.21 -23.41 -20.09
C ILE E 138 34.29 -24.74 -19.35
N GLN E 139 33.12 -25.29 -19.03
CA GLN E 139 33.02 -26.57 -18.36
C GLN E 139 31.99 -27.43 -19.08
N LYS E 140 32.33 -28.70 -19.26
CA LYS E 140 31.47 -29.62 -20.00
C LYS E 140 30.56 -30.32 -18.99
N VAL E 141 29.27 -30.06 -19.10
CA VAL E 141 28.30 -30.30 -18.04
C VAL E 141 27.07 -31.00 -18.62
N HIS E 142 26.70 -32.13 -18.03
N HIS E 142 26.71 -32.14 -18.03
CA HIS E 142 25.51 -32.85 -18.43
CA HIS E 142 25.52 -32.90 -18.41
C HIS E 142 24.36 -32.60 -17.46
C HIS E 142 24.36 -32.61 -17.45
N SER E 143 23.15 -32.86 -17.93
CA SER E 143 21.95 -32.67 -17.13
C SER E 143 20.81 -33.43 -17.77
N LEU E 144 19.95 -34.01 -16.95
CA LEU E 144 18.76 -34.67 -17.45
C LEU E 144 17.68 -33.64 -17.74
N PHE E 145 17.06 -33.76 -18.90
CA PHE E 145 15.98 -32.86 -19.28
C PHE E 145 14.79 -33.66 -19.78
N TYR E 146 13.60 -33.18 -19.43
CA TYR E 146 12.36 -33.76 -19.93
C TYR E 146 12.21 -33.46 -21.42
N ARG E 147 11.51 -34.38 -22.11
CA ARG E 147 11.31 -34.27 -23.54
C ARG E 147 10.43 -33.07 -23.89
N LEU E 148 9.51 -32.70 -23.00
CA LEU E 148 8.69 -31.53 -23.22
C LEU E 148 9.50 -30.25 -23.19
N ASP E 149 10.58 -30.21 -22.41
CA ASP E 149 11.38 -29.01 -22.23
C ASP E 149 12.53 -28.91 -23.23
N LEU E 150 12.43 -29.57 -24.38
CA LEU E 150 13.45 -29.53 -25.41
C LEU E 150 12.77 -29.32 -26.75
N VAL E 151 13.50 -28.73 -27.68
CA VAL E 151 13.02 -28.48 -29.05
C VAL E 151 14.10 -28.96 -30.01
N GLU E 152 13.69 -29.67 -31.07
CA GLU E 152 14.59 -30.06 -32.15
C GLU E 152 15.22 -28.85 -32.82
N LEU E 153 16.40 -29.05 -33.38
CA LEU E 153 17.02 -28.09 -34.28
C LEU E 153 17.10 -28.73 -35.66
N ASN E 154 16.68 -27.98 -36.68
CA ASN E 154 16.44 -28.46 -38.05
C ASN E 154 15.49 -29.66 -38.05
N ASN E 162 21.01 -39.78 -34.13
CA ASN E 162 21.06 -40.25 -32.75
C ASN E 162 21.32 -39.06 -31.82
N THR E 163 22.50 -38.46 -31.93
CA THR E 163 22.88 -37.34 -31.09
C THR E 163 22.58 -36.05 -31.85
N SER E 164 21.32 -35.64 -31.80
CA SER E 164 20.90 -34.41 -32.46
C SER E 164 21.18 -33.23 -31.54
N MET E 165 20.69 -32.04 -31.92
CA MET E 165 20.99 -30.82 -31.20
C MET E 165 19.68 -30.21 -30.74
N TYR E 166 19.64 -29.77 -29.49
CA TYR E 166 18.40 -29.29 -28.88
C TYR E 166 18.62 -27.94 -28.23
N ARG E 167 17.50 -27.32 -27.82
CA ARG E 167 17.52 -26.11 -27.03
C ARG E 167 16.20 -26.03 -26.27
N LEU E 168 16.15 -25.19 -25.25
CA LEU E 168 15.01 -25.11 -24.34
C LEU E 168 13.80 -24.49 -25.04
N ILE E 169 12.65 -24.54 -24.37
CA ILE E 169 11.40 -24.10 -25.00
C ILE E 169 11.40 -22.61 -25.21
N ASN E 170 11.42 -21.87 -24.11
CA ASN E 170 11.16 -20.44 -24.12
C ASN E 170 12.43 -19.63 -24.25
N CYS E 171 13.50 -20.25 -24.73
CA CYS E 171 14.69 -19.49 -25.10
C CYS E 171 14.44 -18.65 -26.35
N ASN E 172 13.43 -18.99 -27.15
CA ASN E 172 13.00 -18.12 -28.22
C ASN E 172 12.26 -16.89 -27.70
N THR E 173 11.49 -17.03 -26.61
CA THR E 173 10.51 -16.02 -26.23
C THR E 173 10.71 -15.38 -24.88
N SER E 174 11.54 -15.94 -24.00
CA SER E 174 11.50 -15.53 -22.61
C SER E 174 12.92 -15.42 -22.08
N ALA E 175 13.04 -15.18 -20.78
CA ALA E 175 14.31 -15.16 -20.06
C ALA E 175 14.12 -15.93 -18.77
N ILE E 176 14.76 -17.06 -18.67
CA ILE E 176 14.46 -18.06 -17.65
C ILE E 176 15.14 -17.69 -16.35
N THR E 177 14.40 -17.79 -15.24
CA THR E 177 14.94 -17.62 -13.89
C THR E 177 14.53 -18.82 -13.07
N GLN E 178 15.47 -19.41 -12.34
CA GLN E 178 15.05 -20.56 -11.56
C GLN E 178 14.50 -20.10 -10.22
N ALA E 179 13.76 -20.97 -9.57
CA ALA E 179 13.16 -20.67 -8.29
C ALA E 179 14.15 -20.99 -7.17
N CYS E 180 14.19 -20.11 -6.17
CA CYS E 180 15.05 -20.33 -5.01
C CYS E 180 14.51 -21.49 -4.19
N PRO E 181 15.32 -22.51 -3.91
CA PRO E 181 14.79 -23.75 -3.32
C PRO E 181 14.42 -23.65 -1.85
N LYS E 182 14.79 -22.57 -1.16
CA LYS E 182 14.32 -22.40 0.21
C LYS E 182 12.88 -21.95 0.26
N VAL E 183 12.42 -21.24 -0.78
CA VAL E 183 11.06 -20.74 -0.83
C VAL E 183 10.09 -21.89 -1.09
N SER E 184 9.08 -22.02 -0.24
CA SER E 184 8.12 -23.11 -0.33
C SER E 184 6.90 -22.73 -1.15
N PHE E 185 6.37 -23.71 -1.88
CA PHE E 185 5.17 -23.54 -2.67
C PHE E 185 3.91 -24.04 -1.96
N GLU E 186 4.02 -24.37 -0.68
CA GLU E 186 2.88 -24.91 0.05
C GLU E 186 1.82 -23.84 0.28
N PRO E 187 0.57 -24.09 -0.09
CA PRO E 187 -0.48 -23.09 0.15
C PRO E 187 -0.93 -23.02 1.60
N ILE E 188 -0.20 -22.26 2.39
CA ILE E 188 -0.62 -21.91 3.75
C ILE E 188 -1.84 -20.99 3.68
N PRO E 189 -2.87 -21.20 4.51
CA PRO E 189 -4.10 -20.41 4.39
C PRO E 189 -3.90 -18.95 4.76
N ILE E 190 -4.64 -18.09 4.08
CA ILE E 190 -4.60 -16.65 4.31
C ILE E 190 -6.01 -16.16 4.60
N HIS E 191 -6.13 -15.32 5.62
CA HIS E 191 -7.38 -14.63 5.89
C HIS E 191 -7.40 -13.30 5.15
N TYR E 192 -8.55 -12.66 5.11
CA TYR E 192 -8.68 -11.31 4.60
C TYR E 192 -9.51 -10.49 5.56
N CYS E 193 -9.01 -9.31 5.93
CA CYS E 193 -9.59 -8.53 6.99
C CYS E 193 -9.86 -7.13 6.46
N ALA E 194 -10.80 -6.45 7.10
CA ALA E 194 -11.23 -5.15 6.63
C ALA E 194 -10.73 -4.05 7.56
N PRO E 195 -10.38 -2.88 7.02
CA PRO E 195 -10.00 -1.76 7.88
C PRO E 195 -11.20 -1.21 8.63
N ALA E 196 -10.92 -0.31 9.56
CA ALA E 196 -11.96 0.27 10.40
C ALA E 196 -12.91 1.12 9.57
N GLY E 197 -14.19 1.05 9.89
CA GLY E 197 -15.21 1.66 9.06
C GLY E 197 -15.72 0.80 7.94
N PHE E 198 -15.21 -0.41 7.80
CA PHE E 198 -15.62 -1.39 6.80
C PHE E 198 -16.05 -2.67 7.49
N ALA E 199 -16.67 -3.56 6.73
CA ALA E 199 -17.17 -4.81 7.28
C ALA E 199 -17.29 -5.85 6.18
N ILE E 200 -17.23 -7.11 6.57
CA ILE E 200 -17.45 -8.24 5.68
C ILE E 200 -18.72 -8.95 6.15
N LEU E 201 -19.69 -9.10 5.25
CA LEU E 201 -20.98 -9.70 5.57
C LEU E 201 -21.07 -11.05 4.87
N LYS E 202 -21.23 -12.13 5.62
CA LYS E 202 -21.32 -13.43 4.97
C LYS E 202 -22.74 -13.98 4.98
N CYS E 203 -23.04 -14.84 4.00
CA CYS E 203 -24.34 -15.48 3.87
C CYS E 203 -24.26 -16.91 4.40
N ARG E 204 -25.04 -17.19 5.44
CA ARG E 204 -25.05 -18.50 6.08
C ARG E 204 -26.11 -19.42 5.52
N GLU E 205 -26.94 -18.95 4.60
CA GLU E 205 -28.07 -19.73 4.13
C GLU E 205 -27.58 -20.86 3.24
N LYS E 206 -28.09 -22.07 3.50
CA LYS E 206 -27.58 -23.27 2.85
C LYS E 206 -27.99 -23.34 1.38
N GLU E 207 -29.12 -22.75 1.03
CA GLU E 207 -29.69 -22.84 -0.32
C GLU E 207 -29.33 -21.60 -1.13
N PHE E 208 -28.11 -21.11 -0.94
CA PHE E 208 -27.67 -19.89 -1.60
C PHE E 208 -27.02 -20.25 -2.94
N ASN E 209 -27.59 -19.73 -4.03
CA ASN E 209 -27.19 -20.08 -5.38
C ASN E 209 -26.23 -19.09 -6.01
N GLY E 210 -25.42 -18.41 -5.20
CA GLY E 210 -24.46 -17.47 -5.75
C GLY E 210 -24.92 -16.03 -5.80
N THR E 211 -26.07 -15.77 -6.40
CA THR E 211 -26.60 -14.41 -6.51
C THR E 211 -27.93 -14.34 -5.76
N GLY E 212 -28.61 -13.21 -5.89
CA GLY E 212 -29.89 -13.02 -5.25
C GLY E 212 -29.76 -12.58 -3.81
N PRO E 213 -30.88 -12.53 -3.10
CA PRO E 213 -30.86 -12.07 -1.70
C PRO E 213 -30.40 -13.18 -0.76
N CYS E 214 -30.38 -12.85 0.54
CA CYS E 214 -29.96 -13.77 1.58
C CYS E 214 -30.62 -13.34 2.89
N LYS E 215 -31.45 -14.22 3.46
CA LYS E 215 -32.16 -13.89 4.69
C LYS E 215 -31.38 -14.22 5.95
N LYS E 216 -30.22 -14.86 5.84
CA LYS E 216 -29.36 -15.17 6.98
C LYS E 216 -27.98 -14.59 6.71
N VAL E 217 -27.75 -13.35 7.12
CA VAL E 217 -26.42 -12.76 7.00
C VAL E 217 -25.85 -12.52 8.38
N SER E 218 -24.53 -12.64 8.46
CA SER E 218 -23.77 -12.36 9.67
C SER E 218 -22.51 -11.62 9.28
N THR E 219 -21.99 -10.81 10.19
CA THR E 219 -20.78 -10.04 9.91
C THR E 219 -19.59 -10.62 10.65
N VAL E 220 -18.44 -10.56 10.01
CA VAL E 220 -17.22 -11.20 10.48
C VAL E 220 -16.09 -10.19 10.51
N GLN E 221 -15.10 -10.44 11.36
CA GLN E 221 -13.88 -9.63 11.31
C GLN E 221 -13.03 -10.02 10.12
N CYS E 222 -12.82 -11.30 9.91
CA CYS E 222 -11.97 -11.78 8.83
C CYS E 222 -12.62 -13.02 8.22
N THR E 223 -12.15 -13.41 7.04
CA THR E 223 -12.72 -14.57 6.37
C THR E 223 -12.14 -15.85 6.98
N HIS E 224 -12.54 -16.99 6.44
CA HIS E 224 -11.92 -18.24 6.85
C HIS E 224 -10.59 -18.42 6.12
N GLY E 225 -9.91 -19.53 6.39
CA GLY E 225 -8.64 -19.78 5.76
C GLY E 225 -8.77 -20.20 4.31
N ILE E 226 -8.35 -19.35 3.39
CA ILE E 226 -8.37 -19.67 1.98
C ILE E 226 -6.97 -20.12 1.56
N LYS E 227 -6.88 -21.34 1.05
CA LYS E 227 -5.61 -21.87 0.62
C LYS E 227 -5.38 -21.51 -0.84
N PRO E 228 -4.31 -20.80 -1.16
CA PRO E 228 -4.04 -20.43 -2.57
C PRO E 228 -3.55 -21.60 -3.40
N VAL E 229 -4.47 -22.51 -3.71
CA VAL E 229 -4.15 -23.72 -4.48
C VAL E 229 -4.37 -23.42 -5.95
N VAL E 230 -3.36 -23.63 -6.77
CA VAL E 230 -3.42 -23.35 -8.20
C VAL E 230 -3.67 -24.65 -8.95
N SER E 231 -4.80 -24.74 -9.64
CA SER E 231 -5.16 -25.97 -10.33
C SER E 231 -6.12 -25.67 -11.47
N THR E 232 -6.10 -26.52 -12.49
CA THR E 232 -7.02 -26.43 -13.63
C THR E 232 -7.88 -27.67 -13.67
N GLN E 233 -9.13 -27.50 -14.13
CA GLN E 233 -10.16 -28.50 -14.43
C GLN E 233 -10.76 -29.15 -13.19
N LEU E 234 -10.09 -29.00 -12.06
CA LEU E 234 -10.56 -29.56 -10.80
C LEU E 234 -10.19 -28.64 -9.63
N LEU E 235 -10.95 -28.71 -8.55
CA LEU E 235 -10.67 -27.89 -7.38
C LEU E 235 -10.11 -28.78 -6.29
N LEU E 236 -9.04 -28.33 -5.65
CA LEU E 236 -8.30 -29.17 -4.71
C LEU E 236 -8.18 -28.49 -3.37
N ASN E 237 -8.39 -29.27 -2.30
CA ASN E 237 -8.25 -28.84 -0.90
C ASN E 237 -9.13 -27.63 -0.57
N GLY E 238 -10.34 -27.61 -1.11
CA GLY E 238 -11.23 -26.48 -0.93
C GLY E 238 -12.26 -26.72 0.14
N SER E 239 -13.41 -26.06 -0.01
CA SER E 239 -14.55 -26.25 0.89
C SER E 239 -15.55 -27.21 0.25
N LEU E 240 -16.51 -27.63 1.06
CA LEU E 240 -17.53 -28.57 0.62
C LEU E 240 -18.89 -27.90 0.70
N ALA E 241 -19.94 -28.68 0.46
CA ALA E 241 -21.31 -28.19 0.49
C ALA E 241 -22.05 -28.75 1.71
N GLU E 242 -22.99 -27.97 2.24
CA GLU E 242 -23.77 -28.42 3.38
C GLU E 242 -24.80 -29.46 2.96
N GLY E 243 -25.66 -29.11 2.01
CA GLY E 243 -26.72 -30.00 1.59
C GLY E 243 -26.29 -30.88 0.43
N LYS E 244 -26.90 -30.67 -0.72
CA LYS E 244 -26.59 -31.42 -1.91
C LYS E 244 -25.67 -30.59 -2.81
N VAL E 245 -25.39 -31.10 -4.00
CA VAL E 245 -24.41 -30.49 -4.89
C VAL E 245 -24.98 -29.22 -5.49
N LYS E 246 -24.29 -28.10 -5.26
CA LYS E 246 -24.66 -26.82 -5.86
C LYS E 246 -23.92 -26.60 -7.16
N ILE E 247 -24.63 -26.05 -8.13
CA ILE E 247 -24.15 -25.81 -9.48
C ILE E 247 -24.45 -24.36 -9.83
N ARG E 248 -23.43 -23.60 -10.21
CA ARG E 248 -23.53 -22.16 -10.35
C ARG E 248 -22.99 -21.74 -11.71
N CYS E 249 -23.83 -21.08 -12.49
CA CYS E 249 -23.45 -20.46 -13.76
C CYS E 249 -23.70 -18.96 -13.64
N GLU E 250 -23.25 -18.21 -14.65
CA GLU E 250 -23.33 -16.75 -14.59
C GLU E 250 -24.76 -16.26 -14.71
N ASN E 251 -25.36 -16.51 -15.87
CA ASN E 251 -26.67 -15.99 -16.20
C ASN E 251 -27.36 -17.00 -17.09
N ILE E 252 -28.66 -17.20 -16.86
CA ILE E 252 -29.39 -18.27 -17.56
C ILE E 252 -29.88 -17.66 -18.87
N SER E 253 -28.96 -17.58 -19.84
CA SER E 253 -29.26 -16.95 -21.12
C SER E 253 -28.61 -17.69 -22.29
N ASN E 254 -28.19 -18.95 -22.08
CA ASN E 254 -27.59 -19.82 -23.10
C ASN E 254 -26.30 -19.24 -23.68
N ASN E 255 -25.59 -18.45 -22.87
CA ASN E 255 -24.26 -17.97 -23.22
C ASN E 255 -23.34 -18.01 -22.00
N ALA E 256 -23.56 -18.97 -21.11
CA ALA E 256 -22.86 -19.00 -19.83
C ALA E 256 -21.42 -19.49 -19.98
N LYS E 257 -21.26 -20.68 -20.55
CA LYS E 257 -20.00 -21.31 -20.93
C LYS E 257 -19.07 -21.71 -19.78
N THR E 258 -19.38 -21.36 -18.53
CA THR E 258 -18.63 -21.89 -17.40
C THR E 258 -19.59 -22.32 -16.32
N ILE E 259 -19.32 -23.48 -15.72
CA ILE E 259 -20.16 -24.07 -14.69
C ILE E 259 -19.29 -24.34 -13.48
N LEU E 260 -19.71 -23.86 -12.31
CA LEU E 260 -19.01 -24.13 -11.06
C LEU E 260 -19.77 -25.18 -10.28
N VAL E 261 -19.22 -26.40 -10.23
CA VAL E 261 -19.78 -27.49 -9.45
C VAL E 261 -19.05 -27.53 -8.11
N GLN E 262 -19.81 -27.61 -7.02
CA GLN E 262 -19.26 -27.75 -5.69
C GLN E 262 -19.79 -29.04 -5.08
N LEU E 263 -18.89 -29.98 -4.79
CA LEU E 263 -19.30 -31.29 -4.31
C LEU E 263 -19.67 -31.24 -2.84
N THR E 264 -20.15 -32.36 -2.32
CA THR E 264 -20.49 -32.52 -0.91
C THR E 264 -19.53 -33.40 -0.16
N THR E 265 -19.16 -34.53 -0.75
CA THR E 265 -18.12 -35.39 -0.21
C THR E 265 -16.97 -35.48 -1.19
N PRO E 266 -15.73 -35.48 -0.71
CA PRO E 266 -14.58 -35.42 -1.62
C PRO E 266 -14.31 -36.77 -2.29
N VAL E 267 -13.40 -36.72 -3.25
CA VAL E 267 -12.92 -37.89 -3.98
C VAL E 267 -11.41 -37.85 -3.86
N ARG E 268 -10.83 -38.71 -3.02
CA ARG E 268 -9.46 -38.49 -2.56
C ARG E 268 -8.51 -38.91 -3.67
N ILE E 269 -8.04 -37.92 -4.45
CA ILE E 269 -6.88 -38.10 -5.31
C ILE E 269 -5.68 -38.47 -4.47
N ASN E 270 -4.99 -39.55 -4.85
CA ASN E 270 -3.64 -39.75 -4.36
C ASN E 270 -2.79 -39.79 -5.62
N CYS E 271 -1.58 -39.22 -5.57
CA CYS E 271 -0.86 -39.00 -6.82
C CYS E 271 0.62 -38.88 -6.55
N THR E 272 1.44 -39.48 -7.40
CA THR E 272 2.86 -39.61 -7.10
C THR E 272 3.69 -39.67 -8.37
N ARG E 273 4.99 -39.49 -8.21
CA ARG E 273 5.97 -39.90 -9.21
C ARG E 273 6.97 -40.84 -8.54
N PRO E 274 7.04 -42.09 -8.93
CA PRO E 274 8.08 -42.96 -8.39
C PRO E 274 9.38 -42.87 -9.15
N SER E 275 10.39 -42.23 -8.55
CA SER E 275 11.76 -42.17 -9.02
C SER E 275 12.63 -41.64 -7.90
N ASN E 276 13.79 -42.23 -7.71
CA ASN E 276 14.77 -41.72 -6.75
C ASN E 276 15.82 -40.91 -7.52
N ASN E 277 15.38 -39.78 -8.06
CA ASN E 277 16.30 -38.90 -8.77
C ASN E 277 17.11 -38.06 -7.79
N THR E 278 18.23 -37.55 -8.28
CA THR E 278 19.18 -36.79 -7.49
C THR E 278 19.17 -35.33 -7.93
N ARG E 279 20.07 -34.54 -7.34
CA ARG E 279 20.21 -33.15 -7.70
C ARG E 279 21.64 -32.71 -7.46
N THR E 280 22.27 -32.13 -8.48
CA THR E 280 23.63 -31.63 -8.40
C THR E 280 23.62 -30.11 -8.48
N SER E 281 24.71 -29.50 -8.01
CA SER E 281 24.85 -28.05 -8.01
C SER E 281 25.98 -27.68 -8.96
N ILE E 282 25.69 -26.78 -9.90
CA ILE E 282 26.60 -26.45 -10.99
C ILE E 282 26.78 -24.94 -10.98
N ARG E 283 28.01 -24.48 -10.81
CA ARG E 283 28.28 -23.05 -10.72
C ARG E 283 28.42 -22.45 -12.11
N ILE E 284 27.69 -21.37 -12.36
CA ILE E 284 27.73 -20.67 -13.63
C ILE E 284 28.23 -19.25 -13.50
N GLY E 285 28.63 -18.83 -12.30
CA GLY E 285 29.15 -17.50 -12.11
C GLY E 285 29.61 -17.24 -10.69
N PRO E 286 29.67 -15.97 -10.30
CA PRO E 286 30.13 -15.63 -8.94
C PRO E 286 29.11 -15.95 -7.87
N GLY E 287 29.10 -17.19 -7.39
CA GLY E 287 28.17 -17.62 -6.39
C GLY E 287 26.87 -18.17 -6.92
N GLN E 288 26.53 -17.85 -8.16
CA GLN E 288 25.27 -18.27 -8.76
C GLN E 288 25.37 -19.72 -9.24
N SER E 289 24.45 -20.56 -8.78
CA SER E 289 24.53 -21.99 -8.98
C SER E 289 23.27 -22.50 -9.65
N PHE E 290 23.46 -23.31 -10.69
CA PHE E 290 22.38 -23.99 -11.39
C PHE E 290 22.19 -25.39 -10.83
N TYR E 291 20.95 -25.72 -10.46
CA TYR E 291 20.63 -27.00 -9.84
C TYR E 291 20.01 -27.92 -10.90
N ALA E 292 20.77 -28.92 -11.33
CA ALA E 292 20.35 -29.81 -12.39
C ALA E 292 19.88 -31.13 -11.83
N THR E 293 19.59 -32.08 -12.72
CA THR E 293 19.10 -33.40 -12.36
C THR E 293 20.22 -34.40 -12.68
N GLY E 294 20.84 -34.95 -11.66
CA GLY E 294 22.01 -35.78 -11.86
C GLY E 294 21.75 -37.15 -12.46
N ASP E 295 21.06 -38.01 -11.72
CA ASP E 295 20.81 -39.37 -12.14
C ASP E 295 19.66 -39.91 -11.33
N ILE E 296 18.95 -40.88 -11.91
CA ILE E 296 17.83 -41.54 -11.24
C ILE E 296 18.32 -42.88 -10.70
N ILE E 297 18.11 -43.09 -9.41
CA ILE E 297 18.58 -44.30 -8.73
C ILE E 297 17.45 -45.32 -8.76
N GLY E 298 17.66 -46.41 -9.50
CA GLY E 298 16.67 -47.46 -9.56
C GLY E 298 15.87 -47.50 -10.84
N ASP E 299 14.63 -47.98 -10.75
CA ASP E 299 13.80 -48.17 -11.93
C ASP E 299 13.05 -46.88 -12.23
N ILE E 300 13.19 -46.40 -13.47
CA ILE E 300 12.45 -45.24 -13.92
C ILE E 300 11.02 -45.66 -14.22
N ARG E 301 10.05 -44.92 -13.66
CA ARG E 301 8.64 -45.21 -13.87
C ARG E 301 7.95 -43.97 -14.38
N LYS E 302 6.70 -44.13 -14.79
CA LYS E 302 5.86 -43.00 -15.13
C LYS E 302 5.31 -42.35 -13.86
N ALA E 303 4.80 -41.13 -14.01
CA ALA E 303 4.06 -40.48 -12.95
C ALA E 303 2.57 -40.72 -13.15
N TYR E 304 1.83 -40.84 -12.04
CA TYR E 304 0.43 -41.22 -12.14
C TYR E 304 -0.34 -40.74 -10.93
N CYS E 305 -1.62 -40.47 -11.15
CA CYS E 305 -2.59 -40.27 -10.09
C CYS E 305 -3.57 -41.44 -10.08
N ASN E 306 -3.99 -41.88 -8.89
CA ASN E 306 -5.08 -42.82 -8.77
C ASN E 306 -6.38 -42.10 -8.41
N VAL E 307 -7.48 -42.54 -9.01
CA VAL E 307 -8.81 -42.14 -8.62
C VAL E 307 -9.58 -43.40 -8.29
N SER E 308 -10.28 -43.40 -7.16
CA SER E 308 -11.10 -44.56 -6.81
C SER E 308 -12.36 -44.58 -7.67
N GLU E 309 -12.51 -45.63 -8.47
CA GLU E 309 -13.58 -45.71 -9.46
C GLU E 309 -14.95 -45.86 -8.81
N SER E 310 -15.00 -46.34 -7.56
CA SER E 310 -16.24 -46.46 -6.82
C SER E 310 -16.90 -45.11 -6.58
N GLU E 311 -16.26 -44.23 -5.81
CA GLU E 311 -16.93 -43.00 -5.43
C GLU E 311 -16.71 -41.85 -6.40
N TRP E 312 -15.86 -42.02 -7.42
CA TRP E 312 -15.92 -41.09 -8.54
C TRP E 312 -17.17 -41.31 -9.36
N LYS E 313 -17.59 -42.58 -9.51
CA LYS E 313 -18.84 -42.88 -10.20
C LYS E 313 -20.03 -42.39 -9.39
N GLU E 314 -19.94 -42.45 -8.06
CA GLU E 314 -21.00 -41.91 -7.21
C GLU E 314 -21.05 -40.39 -7.31
N ALA E 315 -19.90 -39.73 -7.23
CA ALA E 315 -19.87 -38.27 -7.18
C ALA E 315 -20.19 -37.66 -8.53
N LEU E 316 -19.81 -38.32 -9.63
CA LEU E 316 -20.12 -37.79 -10.95
C LEU E 316 -21.60 -37.98 -11.28
N GLY E 317 -22.25 -38.95 -10.65
CA GLY E 317 -23.67 -39.15 -10.88
C GLY E 317 -24.53 -38.11 -10.20
N LYS E 318 -24.13 -37.66 -9.00
CA LYS E 318 -24.88 -36.64 -8.29
C LYS E 318 -24.79 -35.29 -8.98
N VAL E 319 -23.70 -35.04 -9.71
CA VAL E 319 -23.58 -33.83 -10.51
C VAL E 319 -24.61 -33.83 -11.64
N VAL E 320 -24.82 -35.00 -12.25
CA VAL E 320 -25.77 -35.13 -13.35
C VAL E 320 -27.20 -34.95 -12.84
N GLU E 321 -27.47 -35.40 -11.61
CA GLU E 321 -28.80 -35.25 -11.03
C GLU E 321 -29.17 -33.79 -10.80
N GLN E 322 -28.19 -32.93 -10.52
CA GLN E 322 -28.47 -31.53 -10.28
C GLN E 322 -28.29 -30.67 -11.51
N LEU E 323 -27.64 -31.18 -12.56
CA LEU E 323 -27.66 -30.51 -13.85
C LEU E 323 -29.02 -30.64 -14.53
N ARG E 324 -29.83 -31.63 -14.15
CA ARG E 324 -31.16 -31.78 -14.72
C ARG E 324 -32.09 -30.65 -14.27
N ASN E 325 -31.88 -30.12 -13.07
CA ASN E 325 -32.75 -29.06 -12.57
C ASN E 325 -32.49 -27.72 -13.26
N HIS E 326 -31.34 -27.58 -13.91
CA HIS E 326 -31.11 -26.39 -14.72
C HIS E 326 -31.45 -26.63 -16.18
N PHE E 327 -31.11 -27.81 -16.70
CA PHE E 327 -31.13 -28.11 -18.13
C PHE E 327 -31.89 -29.42 -18.34
N ASN E 328 -32.80 -29.46 -19.32
CA ASN E 328 -33.45 -30.73 -19.64
C ASN E 328 -32.75 -31.60 -20.68
N LYS E 329 -31.68 -31.13 -21.33
CA LYS E 329 -31.10 -31.98 -22.36
C LYS E 329 -30.31 -33.12 -21.72
N THR E 330 -29.95 -34.10 -22.54
CA THR E 330 -29.13 -35.18 -22.03
C THR E 330 -27.68 -34.72 -21.87
N ILE E 331 -26.93 -35.45 -21.05
CA ILE E 331 -25.66 -34.99 -20.53
C ILE E 331 -24.55 -35.87 -21.09
N THR E 332 -23.59 -35.25 -21.75
CA THR E 332 -22.41 -35.96 -22.26
C THR E 332 -21.16 -35.30 -21.69
N PHE E 333 -20.41 -36.05 -20.90
CA PHE E 333 -19.14 -35.60 -20.36
C PHE E 333 -18.05 -36.05 -21.33
N ALA E 334 -17.54 -35.11 -22.11
CA ALA E 334 -16.50 -35.38 -23.09
C ALA E 334 -15.26 -34.57 -22.74
N SER E 335 -14.10 -35.19 -22.89
CA SER E 335 -12.84 -34.54 -22.53
C SER E 335 -12.53 -33.39 -23.47
N SER E 336 -11.83 -32.40 -22.94
CA SER E 336 -11.53 -31.20 -23.71
C SER E 336 -10.42 -31.46 -24.72
N SER E 337 -10.52 -30.80 -25.87
CA SER E 337 -9.52 -30.88 -26.93
C SER E 337 -9.04 -29.47 -27.23
N GLY E 338 -7.74 -29.23 -27.02
CA GLY E 338 -7.15 -27.94 -27.24
C GLY E 338 -5.71 -28.08 -27.67
N GLY E 339 -5.09 -26.95 -27.97
CA GLY E 339 -3.72 -26.96 -28.46
C GLY E 339 -2.67 -27.09 -27.38
N ASP E 340 -2.61 -26.10 -26.50
CA ASP E 340 -1.59 -26.07 -25.46
C ASP E 340 -1.90 -27.08 -24.35
N LEU E 341 -0.85 -27.47 -23.64
CA LEU E 341 -0.94 -28.56 -22.67
C LEU E 341 -1.51 -28.09 -21.33
N GLU E 342 -1.66 -26.79 -21.11
CA GLU E 342 -2.09 -26.33 -19.79
C GLU E 342 -3.60 -26.46 -19.60
N ILE E 343 -4.40 -26.01 -20.55
CA ILE E 343 -5.85 -26.07 -20.43
C ILE E 343 -6.40 -27.37 -21.01
N THR E 344 -5.53 -28.31 -21.34
CA THR E 344 -5.91 -29.62 -21.85
C THR E 344 -5.79 -30.70 -20.80
N THR E 345 -4.89 -30.54 -19.83
CA THR E 345 -4.65 -31.51 -18.77
C THR E 345 -5.03 -30.93 -17.41
N HIS E 346 -4.76 -31.71 -16.37
CA HIS E 346 -4.99 -31.32 -14.98
C HIS E 346 -3.67 -30.95 -14.34
N SER E 347 -3.40 -29.65 -14.26
CA SER E 347 -2.16 -29.16 -13.70
C SER E 347 -2.31 -28.87 -12.21
N PHE E 348 -1.32 -29.28 -11.43
CA PHE E 348 -1.29 -28.98 -10.00
C PHE E 348 0.17 -28.94 -9.56
N ASN E 349 0.41 -28.98 -8.26
CA ASN E 349 1.74 -28.80 -7.71
C ASN E 349 1.91 -29.68 -6.48
N CYS E 350 2.99 -30.46 -6.45
CA CYS E 350 3.37 -31.26 -5.28
C CYS E 350 4.72 -30.80 -4.73
N GLY E 351 4.70 -29.78 -3.89
CA GLY E 351 5.88 -29.35 -3.17
C GLY E 351 7.01 -28.82 -4.01
N GLY E 352 6.74 -28.44 -5.26
CA GLY E 352 7.78 -27.94 -6.11
C GLY E 352 7.87 -28.65 -7.45
N GLU E 353 6.99 -29.62 -7.69
CA GLU E 353 6.91 -30.29 -8.98
C GLU E 353 5.55 -30.04 -9.61
N PHE E 354 5.58 -29.70 -10.89
CA PHE E 354 4.38 -29.29 -11.62
C PHE E 354 3.90 -30.45 -12.48
N PHE E 355 2.81 -31.08 -12.08
CA PHE E 355 2.27 -32.22 -12.81
C PHE E 355 1.28 -31.77 -13.88
N TYR E 356 1.09 -32.64 -14.87
CA TYR E 356 0.14 -32.43 -15.96
C TYR E 356 -0.50 -33.78 -16.25
N CYS E 357 -1.73 -33.96 -15.80
CA CYS E 357 -2.37 -35.27 -15.79
C CYS E 357 -3.48 -35.33 -16.81
N ASN E 358 -3.46 -36.37 -17.64
CA ASN E 358 -4.46 -36.60 -18.67
C ASN E 358 -5.71 -37.18 -18.01
N THR E 359 -6.76 -36.37 -17.90
CA THR E 359 -8.03 -36.77 -17.31
C THR E 359 -9.05 -37.15 -18.36
N SER E 360 -8.63 -37.79 -19.45
CA SER E 360 -9.57 -38.19 -20.50
C SER E 360 -10.47 -39.33 -20.07
N SER E 361 -10.08 -40.11 -19.07
CA SER E 361 -10.91 -41.22 -18.63
C SER E 361 -11.92 -40.83 -17.55
N LEU E 362 -11.67 -39.72 -16.84
CA LEU E 362 -12.66 -39.26 -15.86
C LEU E 362 -13.84 -38.58 -16.53
N PHE E 363 -13.69 -38.14 -17.78
CA PHE E 363 -14.69 -37.40 -18.53
C PHE E 363 -14.96 -38.07 -19.86
N ASN E 364 -15.23 -39.37 -19.83
CA ASN E 364 -15.48 -40.16 -21.03
C ASN E 364 -16.96 -40.42 -21.25
N SER E 365 -17.71 -40.76 -20.21
CA SER E 365 -19.05 -41.35 -20.36
C SER E 365 -20.08 -40.30 -20.77
N THR E 366 -21.22 -40.81 -21.23
CA THR E 366 -22.41 -40.01 -21.51
C THR E 366 -23.55 -40.52 -20.64
N TRP E 367 -24.56 -39.66 -20.46
CA TRP E 367 -25.59 -39.89 -19.47
C TRP E 367 -26.95 -39.66 -20.09
N ASP E 368 -27.97 -40.28 -19.50
CA ASP E 368 -29.31 -40.25 -20.06
C ASP E 368 -30.30 -40.31 -18.91
N GLY E 369 -31.52 -39.83 -19.17
CA GLY E 369 -32.56 -39.87 -18.17
C GLY E 369 -33.06 -41.27 -17.91
N ASN E 370 -32.69 -41.82 -16.76
CA ASN E 370 -33.07 -43.18 -16.39
C ASN E 370 -33.02 -43.31 -14.87
N VAL E 378 -18.60 -52.35 -11.72
CA VAL E 378 -17.74 -51.16 -11.67
C VAL E 378 -16.91 -50.88 -10.37
N PRO E 379 -17.44 -51.07 -9.09
CA PRO E 379 -16.74 -50.45 -7.96
C PRO E 379 -15.48 -51.17 -7.50
N ASN E 380 -14.98 -52.13 -8.28
CA ASN E 380 -13.79 -52.87 -7.86
C ASN E 380 -12.52 -52.05 -8.05
N GLY E 381 -12.30 -51.56 -9.26
CA GLY E 381 -11.01 -51.03 -9.64
C GLY E 381 -10.78 -49.60 -9.19
N THR E 382 -9.60 -49.10 -9.57
CA THR E 382 -9.22 -47.70 -9.36
C THR E 382 -8.83 -47.12 -10.70
N ILE E 383 -9.34 -45.92 -11.01
CA ILE E 383 -8.94 -45.23 -12.22
C ILE E 383 -7.53 -44.71 -12.07
N THR E 384 -6.68 -45.01 -13.04
CA THR E 384 -5.29 -44.56 -13.03
C THR E 384 -5.06 -43.62 -14.19
N LEU E 385 -4.51 -42.44 -13.90
CA LEU E 385 -4.34 -41.37 -14.87
C LEU E 385 -2.88 -41.24 -15.24
N PRO E 386 -2.54 -41.09 -16.51
CA PRO E 386 -1.14 -40.82 -16.87
C PRO E 386 -0.78 -39.34 -16.72
N CYS E 387 0.27 -39.05 -15.96
CA CYS E 387 0.67 -37.69 -15.66
C CYS E 387 2.04 -37.43 -16.26
N ARG E 388 2.13 -36.40 -17.10
CA ARG E 388 3.43 -35.91 -17.52
C ARG E 388 3.91 -34.88 -16.49
N ILE E 389 5.12 -34.37 -16.69
CA ILE E 389 5.72 -33.42 -15.76
C ILE E 389 6.77 -32.63 -16.52
N LYS E 390 6.89 -31.34 -16.19
CA LYS E 390 7.84 -30.48 -16.88
C LYS E 390 8.38 -29.47 -15.88
N GLN E 391 9.45 -28.78 -16.29
CA GLN E 391 10.21 -27.91 -15.40
C GLN E 391 10.12 -26.44 -15.74
N ILE E 392 10.02 -26.08 -17.01
CA ILE E 392 9.91 -24.69 -17.42
C ILE E 392 8.43 -24.32 -17.52
N ILE E 393 8.02 -23.33 -16.73
CA ILE E 393 6.61 -23.07 -16.45
C ILE E 393 6.26 -21.65 -16.86
N ASN E 394 5.20 -21.51 -17.66
CA ASN E 394 4.65 -20.20 -18.00
C ASN E 394 3.44 -19.95 -17.09
N MET E 395 3.72 -19.44 -15.90
CA MET E 395 2.68 -19.20 -14.91
C MET E 395 1.77 -18.05 -15.32
N TRP E 396 0.52 -18.14 -14.87
CA TRP E 396 -0.48 -17.08 -14.83
C TRP E 396 -0.86 -16.57 -16.20
N GLN E 397 -0.71 -17.40 -17.23
CA GLN E 397 -1.03 -17.08 -18.64
C GLN E 397 -0.29 -15.84 -19.13
N ARG E 398 0.98 -15.76 -18.78
CA ARG E 398 1.81 -14.66 -19.22
C ARG E 398 2.96 -15.20 -20.06
N THR E 399 3.45 -14.37 -20.98
CA THR E 399 4.49 -14.76 -21.91
C THR E 399 5.68 -13.83 -21.73
N GLY E 400 6.87 -14.41 -21.61
CA GLY E 400 8.09 -13.66 -21.45
C GLY E 400 8.75 -13.81 -20.11
N GLN E 401 8.09 -14.43 -19.15
CA GLN E 401 8.58 -14.53 -17.77
C GLN E 401 8.50 -15.96 -17.28
N ALA E 402 9.06 -16.89 -18.06
CA ALA E 402 9.14 -18.30 -17.68
C ALA E 402 9.96 -18.50 -16.40
N MET E 403 9.82 -19.69 -15.83
CA MET E 403 10.42 -19.97 -14.53
C MET E 403 10.83 -21.43 -14.49
N TYR E 404 12.04 -21.71 -14.04
CA TYR E 404 12.60 -23.06 -14.03
C TYR E 404 12.47 -23.65 -12.63
N ALA E 405 11.60 -24.62 -12.46
CA ALA E 405 11.47 -25.29 -11.18
C ALA E 405 12.60 -26.30 -11.03
N PRO E 406 13.43 -26.22 -9.98
CA PRO E 406 14.53 -27.16 -9.82
C PRO E 406 14.02 -28.52 -9.43
N PRO E 407 14.78 -29.59 -9.66
CA PRO E 407 14.31 -30.93 -9.29
C PRO E 407 14.36 -31.14 -7.78
N ILE E 408 13.56 -32.10 -7.34
CA ILE E 408 13.46 -32.48 -5.93
C ILE E 408 14.03 -33.88 -5.79
N PRO E 409 14.98 -34.11 -4.89
CA PRO E 409 15.54 -35.46 -4.74
C PRO E 409 14.55 -36.40 -4.05
N GLY E 410 14.62 -37.66 -4.46
CA GLY E 410 13.77 -38.68 -3.87
C GLY E 410 12.40 -38.75 -4.53
N LYS E 411 11.46 -39.34 -3.78
CA LYS E 411 10.11 -39.57 -4.25
C LYS E 411 9.16 -38.60 -3.57
N ILE E 412 8.15 -38.15 -4.30
CA ILE E 412 7.14 -37.26 -3.74
C ILE E 412 5.78 -37.94 -3.86
N ARG E 413 4.87 -37.54 -2.97
N ARG E 413 4.88 -37.55 -2.96
CA ARG E 413 3.55 -38.17 -2.92
CA ARG E 413 3.56 -38.15 -2.87
C ARG E 413 2.54 -37.15 -2.41
C ARG E 413 2.56 -37.11 -2.41
N CYS E 414 1.47 -36.95 -3.15
CA CYS E 414 0.37 -36.09 -2.75
C CYS E 414 -0.89 -36.90 -2.54
N ASP E 415 -1.76 -36.36 -1.69
CA ASP E 415 -3.04 -37.00 -1.39
C ASP E 415 -4.06 -35.90 -1.05
N SER E 416 -4.81 -35.48 -2.07
CA SER E 416 -5.66 -34.32 -1.99
C SER E 416 -7.11 -34.70 -2.22
N ASN E 417 -7.99 -33.71 -2.13
CA ASN E 417 -9.43 -33.89 -2.24
C ASN E 417 -9.96 -33.14 -3.45
N ILE E 418 -10.76 -33.80 -4.27
CA ILE E 418 -11.57 -33.08 -5.25
C ILE E 418 -12.78 -32.54 -4.51
N THR E 419 -12.81 -31.22 -4.30
CA THR E 419 -13.93 -30.57 -3.64
C THR E 419 -14.73 -29.71 -4.61
N GLY E 420 -14.70 -30.07 -5.88
CA GLY E 420 -15.39 -29.30 -6.90
C GLY E 420 -14.66 -29.40 -8.22
N LEU E 421 -15.33 -28.91 -9.26
CA LEU E 421 -14.81 -29.04 -10.61
C LEU E 421 -15.43 -27.97 -11.50
N ILE E 422 -14.75 -27.66 -12.59
CA ILE E 422 -15.09 -26.55 -13.46
C ILE E 422 -15.46 -27.12 -14.83
N LEU E 423 -16.68 -26.83 -15.29
CA LEU E 423 -17.18 -27.33 -16.56
C LEU E 423 -17.34 -26.19 -17.54
N ILE E 424 -16.71 -26.33 -18.70
CA ILE E 424 -16.87 -25.38 -19.79
C ILE E 424 -17.83 -26.00 -20.81
N ARG E 425 -18.67 -25.16 -21.39
CA ARG E 425 -19.79 -25.59 -22.22
C ARG E 425 -19.52 -25.21 -23.67
N ASP E 426 -19.78 -26.12 -24.59
CA ASP E 426 -19.51 -25.87 -26.00
C ASP E 426 -20.77 -25.62 -26.83
N ASN E 432 -29.64 -31.40 -32.33
CA ASN E 432 -28.85 -32.33 -31.53
C ASN E 432 -29.51 -32.66 -30.18
N GLU E 433 -29.91 -31.62 -29.43
CA GLU E 433 -30.62 -31.70 -28.15
C GLU E 433 -29.84 -32.52 -27.11
N SER E 434 -28.51 -32.46 -27.16
CA SER E 434 -27.64 -33.17 -26.21
C SER E 434 -26.44 -32.28 -25.95
N GLU E 435 -26.49 -31.57 -24.82
CA GLU E 435 -25.43 -30.63 -24.47
C GLU E 435 -24.20 -31.37 -23.93
N THR E 436 -23.05 -30.73 -24.07
CA THR E 436 -21.77 -31.35 -23.77
C THR E 436 -20.98 -30.42 -22.85
N PHE E 437 -20.41 -30.97 -21.79
CA PHE E 437 -19.63 -30.18 -20.84
C PHE E 437 -18.19 -30.68 -20.85
N ARG E 438 -17.33 -29.94 -21.55
CA ARG E 438 -15.91 -30.18 -21.53
C ARG E 438 -15.35 -29.77 -20.16
N PRO E 439 -14.22 -30.34 -19.75
CA PRO E 439 -13.55 -29.84 -18.55
C PRO E 439 -12.95 -28.47 -18.77
N GLY E 440 -13.01 -27.64 -17.74
CA GLY E 440 -12.66 -26.24 -17.87
C GLY E 440 -11.18 -25.93 -17.79
N GLY E 441 -10.82 -24.96 -16.97
CA GLY E 441 -9.43 -24.57 -16.77
C GLY E 441 -9.14 -23.21 -17.36
N GLY E 442 -7.87 -22.84 -17.28
CA GLY E 442 -7.44 -21.57 -17.82
C GLY E 442 -7.35 -20.44 -16.80
N ASP E 443 -8.41 -19.64 -16.73
CA ASP E 443 -8.47 -18.51 -15.81
C ASP E 443 -8.49 -19.01 -14.38
N MET E 444 -7.69 -18.37 -13.54
CA MET E 444 -7.59 -18.69 -12.12
C MET E 444 -8.54 -17.90 -11.25
N ARG E 445 -9.26 -16.93 -11.81
CA ARG E 445 -10.27 -16.23 -11.04
C ARG E 445 -11.45 -17.12 -10.71
N ASN E 446 -11.67 -18.18 -11.49
CA ASN E 446 -12.72 -19.12 -11.16
C ASN E 446 -12.36 -20.01 -9.99
N ASN E 447 -11.07 -20.12 -9.67
CA ASN E 447 -10.68 -20.77 -8.44
C ASN E 447 -11.09 -19.93 -7.24
N TRP E 448 -11.09 -18.60 -7.37
CA TRP E 448 -11.30 -17.81 -6.18
C TRP E 448 -12.76 -17.44 -5.99
N ARG E 449 -13.60 -17.68 -7.00
CA ARG E 449 -15.03 -17.51 -6.80
C ARG E 449 -15.63 -18.71 -6.10
N SER E 450 -14.92 -19.84 -6.09
CA SER E 450 -15.34 -21.00 -5.32
C SER E 450 -15.29 -20.74 -3.82
N GLU E 451 -14.47 -19.81 -3.37
CA GLU E 451 -14.23 -19.58 -1.96
C GLU E 451 -14.78 -18.26 -1.46
N LEU E 452 -14.70 -17.21 -2.27
CA LEU E 452 -15.11 -15.86 -1.90
C LEU E 452 -16.54 -15.56 -2.31
N TYR E 453 -17.36 -16.57 -2.59
CA TYR E 453 -18.69 -16.30 -3.11
C TYR E 453 -19.64 -15.83 -2.03
N LYS E 454 -19.41 -16.25 -0.79
CA LYS E 454 -20.42 -16.12 0.24
C LYS E 454 -20.26 -14.90 1.10
N TYR E 455 -19.38 -13.97 0.74
CA TYR E 455 -19.27 -12.71 1.47
C TYR E 455 -18.74 -11.58 0.61
N LYS E 456 -19.10 -10.36 1.01
CA LYS E 456 -18.75 -9.13 0.32
C LYS E 456 -18.34 -8.09 1.33
N VAL E 457 -17.91 -6.91 0.84
CA VAL E 457 -17.42 -5.83 1.68
C VAL E 457 -18.42 -4.68 1.62
N VAL E 458 -18.79 -4.14 2.79
CA VAL E 458 -19.62 -2.94 2.86
C VAL E 458 -18.84 -1.83 3.55
N LYS E 459 -19.47 -0.68 3.73
CA LYS E 459 -18.80 0.53 4.24
C LYS E 459 -19.75 1.27 5.15
N ILE E 460 -19.44 1.32 6.45
CA ILE E 460 -20.34 1.87 7.45
C ILE E 460 -20.33 3.40 7.37
N ASP E 461 -21.51 4.00 7.31
CA ASP E 461 -21.66 5.47 7.30
C ASP E 461 -22.39 5.92 8.56
N PRO E 462 -21.69 6.53 9.52
CA PRO E 462 -22.29 6.72 10.84
C PRO E 462 -23.27 7.89 10.94
N LEU E 463 -23.22 8.87 10.06
CA LEU E 463 -24.11 10.01 10.17
C LEU E 463 -25.47 9.68 9.56
N GLY E 464 -26.52 9.76 10.39
CA GLY E 464 -27.88 9.63 9.92
C GLY E 464 -28.66 10.88 10.33
N VAL E 465 -29.82 11.05 9.71
CA VAL E 465 -30.63 12.24 9.95
C VAL E 465 -32.10 11.87 9.81
N ALA E 466 -32.94 12.40 10.70
CA ALA E 466 -34.34 12.03 10.78
C ALA E 466 -35.08 13.15 11.48
N PRO E 467 -36.40 13.28 11.22
CA PRO E 467 -37.17 14.33 11.92
C PRO E 467 -37.77 13.90 13.24
N THR E 468 -37.47 14.64 14.31
CA THR E 468 -38.12 14.47 15.59
C THR E 468 -38.74 15.80 16.00
N GLY E 469 -39.37 15.81 17.18
CA GLY E 469 -40.05 16.99 17.66
C GLY E 469 -39.24 17.92 18.51
N ALA E 470 -37.94 17.70 18.64
CA ALA E 470 -37.08 18.51 19.50
C ALA E 470 -36.31 19.53 18.68
N LYS E 471 -36.32 20.79 19.10
CA LYS E 471 -35.57 21.84 18.44
C LYS E 471 -34.55 22.43 19.39
N ARG E 472 -33.48 22.97 18.80
CA ARG E 472 -32.36 23.52 19.57
C ARG E 472 -32.81 24.74 20.35
N ARG E 473 -32.88 24.59 21.68
CA ARG E 473 -33.21 25.69 22.58
C ARG E 473 -32.12 26.75 22.50
N VAL E 474 -32.44 27.88 21.86
CA VAL E 474 -31.43 28.86 21.53
C VAL E 474 -31.00 29.64 22.78
N VAL E 475 -29.77 30.16 22.72
CA VAL E 475 -29.00 30.85 23.78
C VAL E 475 -29.28 30.41 25.22
N ALA F 1 -8.23 -23.49 25.35
CA ALA F 1 -9.50 -23.80 25.97
C ALA F 1 -10.18 -22.53 26.47
N VAL F 2 -11.25 -22.13 25.79
CA VAL F 2 -12.02 -20.95 26.12
C VAL F 2 -13.49 -21.33 26.27
N GLY F 3 -14.32 -20.32 26.52
CA GLY F 3 -15.74 -20.54 26.65
C GLY F 3 -16.50 -19.22 26.67
N ILE F 4 -17.69 -19.21 26.07
CA ILE F 4 -18.46 -17.98 25.92
C ILE F 4 -19.13 -17.66 27.25
N GLY F 5 -18.81 -16.50 27.81
CA GLY F 5 -19.47 -16.03 29.01
C GLY F 5 -20.77 -15.32 28.68
N ALA F 6 -21.08 -14.30 29.47
CA ALA F 6 -22.28 -13.50 29.21
C ALA F 6 -22.07 -12.63 27.98
N VAL F 7 -23.16 -12.29 27.31
CA VAL F 7 -23.11 -11.53 26.07
C VAL F 7 -23.70 -10.14 26.30
N LEU F 8 -23.21 -9.18 25.51
CA LEU F 8 -23.67 -7.80 25.56
C LEU F 8 -24.02 -7.38 24.14
N PHE F 9 -24.21 -6.09 23.90
CA PHE F 9 -24.42 -5.64 22.53
C PHE F 9 -23.13 -5.75 21.72
N GLY F 10 -23.29 -5.96 20.41
CA GLY F 10 -22.17 -6.15 19.52
C GLY F 10 -22.28 -5.26 18.31
N PHE F 11 -21.23 -5.29 17.49
CA PHE F 11 -21.11 -4.39 16.35
C PHE F 11 -22.12 -4.74 15.27
N LEU F 12 -22.89 -3.73 14.86
CA LEU F 12 -24.01 -3.78 13.91
C LEU F 12 -25.16 -4.65 14.37
N GLY F 13 -25.22 -5.01 15.65
CA GLY F 13 -26.25 -5.92 16.13
C GLY F 13 -27.66 -5.36 16.10
N ALA F 14 -27.81 -4.05 15.97
CA ALA F 14 -29.12 -3.43 15.87
C ALA F 14 -29.48 -3.04 14.45
N ALA F 15 -28.70 -3.49 13.47
CA ALA F 15 -29.06 -3.27 12.07
C ALA F 15 -30.32 -4.08 11.75
N GLY F 16 -31.33 -3.39 11.24
CA GLY F 16 -32.59 -4.05 10.99
C GLY F 16 -33.37 -4.38 12.22
N SER F 17 -33.12 -3.69 13.34
CA SER F 17 -33.97 -3.90 14.51
C SER F 17 -35.24 -3.07 14.37
N THR F 18 -35.09 -1.76 14.46
CA THR F 18 -36.11 -0.73 14.28
C THR F 18 -35.33 0.58 14.24
N MET F 19 -36.02 1.71 14.36
CA MET F 19 -35.31 2.97 14.33
C MET F 19 -35.18 3.60 15.71
N GLY F 20 -36.03 3.22 16.66
CA GLY F 20 -36.02 3.83 17.97
C GLY F 20 -35.25 3.06 19.01
N ALA F 21 -35.04 1.76 18.79
CA ALA F 21 -34.21 0.95 19.66
C ALA F 21 -32.84 0.66 19.07
N ALA F 22 -32.60 1.03 17.82
CA ALA F 22 -31.27 1.03 17.25
C ALA F 22 -30.52 2.32 17.52
N SER F 23 -31.19 3.33 18.07
CA SER F 23 -30.55 4.56 18.51
C SER F 23 -30.16 4.51 19.97
N LEU F 24 -30.40 3.40 20.65
CA LEU F 24 -29.89 3.16 21.98
C LEU F 24 -28.55 2.42 21.95
N THR F 25 -28.03 2.15 20.76
CA THR F 25 -26.77 1.44 20.59
C THR F 25 -25.84 2.23 19.68
N LEU F 26 -25.84 3.54 19.78
CA LEU F 26 -25.04 4.35 18.87
C LEU F 26 -23.56 4.28 19.19
N THR F 27 -23.20 4.08 20.45
CA THR F 27 -21.80 4.02 20.85
C THR F 27 -21.12 2.73 20.41
N VAL F 28 -21.90 1.70 20.08
CA VAL F 28 -21.31 0.41 19.75
C VAL F 28 -20.68 0.46 18.36
N GLN F 29 -21.32 1.16 17.42
CA GLN F 29 -20.68 1.34 16.12
C GLN F 29 -19.67 2.47 16.15
N ALA F 30 -19.88 3.49 16.98
CA ALA F 30 -18.97 4.62 17.06
C ALA F 30 -17.66 4.28 17.75
N ARG F 31 -17.56 3.13 18.38
CA ARG F 31 -16.33 2.65 19.00
C ARG F 31 -15.43 1.92 18.02
N GLN F 32 -16.00 1.36 16.95
CA GLN F 32 -15.28 0.55 16.00
C GLN F 32 -14.92 1.30 14.72
N LEU F 33 -14.92 2.63 14.75
CA LEU F 33 -14.69 3.39 13.53
C LEU F 33 -13.24 3.82 13.34
N LEU F 34 -12.45 3.90 14.40
CA LEU F 34 -11.09 4.40 14.29
C LEU F 34 -10.04 3.30 14.43
N SER F 35 -10.17 2.45 15.43
CA SER F 35 -9.23 1.37 15.67
C SER F 35 -9.87 0.04 15.29
N GLY F 36 -9.19 -0.73 14.44
CA GLY F 36 -9.70 -2.03 14.05
C GLY F 36 -8.86 -3.17 14.58
N ILE F 37 -8.77 -4.24 13.78
CA ILE F 37 -7.91 -5.38 14.13
C ILE F 37 -6.47 -5.13 13.70
N VAL F 38 -6.20 -3.98 13.06
CA VAL F 38 -4.88 -3.67 12.54
C VAL F 38 -3.88 -3.49 13.67
N GLN F 39 -4.34 -3.04 14.84
CA GLN F 39 -3.46 -2.79 15.98
C GLN F 39 -3.44 -4.01 16.88
N GLN F 40 -2.27 -4.62 17.01
CA GLN F 40 -2.06 -5.86 17.73
C GLN F 40 -1.44 -5.56 19.10
N GLN F 41 -1.01 -6.63 19.79
CA GLN F 41 -0.16 -6.53 20.97
C GLN F 41 1.13 -5.77 20.68
N LEU F 55 11.65 -7.20 6.59
CA LEU F 55 11.03 -6.42 7.66
C LEU F 55 10.48 -5.11 7.14
N ARG F 56 10.68 -4.85 5.85
CA ARG F 56 10.28 -3.58 5.27
C ARG F 56 9.81 -3.78 3.83
N LEU F 57 8.78 -3.00 3.46
CA LEU F 57 8.26 -2.86 2.09
C LEU F 57 7.81 -4.19 1.50
N THR F 58 7.11 -4.98 2.30
CA THR F 58 6.47 -6.19 1.80
C THR F 58 5.16 -5.78 1.11
N VAL F 59 4.62 -6.68 0.29
CA VAL F 59 3.32 -6.45 -0.33
C VAL F 59 2.23 -6.35 0.73
N TRP F 60 2.32 -7.20 1.76
CA TRP F 60 1.38 -7.09 2.88
C TRP F 60 1.73 -5.97 3.84
N GLY F 61 2.86 -5.30 3.66
CA GLY F 61 3.24 -4.24 4.56
C GLY F 61 2.66 -2.91 4.14
N ILE F 62 2.65 -2.65 2.82
CA ILE F 62 2.06 -1.43 2.31
C ILE F 62 0.54 -1.50 2.41
N LYS F 63 -0.03 -2.68 2.14
CA LYS F 63 -1.47 -2.87 2.22
C LYS F 63 -2.01 -2.78 3.64
N GLN F 64 -1.16 -2.97 4.64
CA GLN F 64 -1.56 -2.70 6.01
C GLN F 64 -1.44 -1.22 6.35
N LEU F 65 -0.43 -0.55 5.80
CA LEU F 65 -0.24 0.87 6.05
C LEU F 65 -1.25 1.73 5.32
N GLN F 66 -1.72 1.27 4.15
CA GLN F 66 -2.76 2.00 3.44
C GLN F 66 -4.11 1.91 4.14
N ALA F 67 -4.34 0.82 4.88
CA ALA F 67 -5.57 0.68 5.63
C ALA F 67 -5.60 1.56 6.87
N ARG F 68 -4.44 2.03 7.32
CA ARG F 68 -4.37 2.89 8.49
C ARG F 68 -4.47 4.36 8.12
N VAL F 69 -4.06 4.73 6.91
CA VAL F 69 -4.20 6.11 6.46
C VAL F 69 -5.63 6.36 5.98
N LEU F 70 -6.28 5.34 5.41
CA LEU F 70 -7.68 5.45 5.00
C LEU F 70 -8.59 5.56 6.20
N ALA F 71 -8.27 4.87 7.29
CA ALA F 71 -9.17 4.86 8.45
C ALA F 71 -9.15 6.17 9.23
N VAL F 72 -8.12 6.99 9.05
CA VAL F 72 -8.07 8.30 9.67
C VAL F 72 -8.76 9.34 8.79
N GLU F 73 -8.63 9.20 7.47
CA GLU F 73 -9.25 10.15 6.55
C GLU F 73 -10.76 10.07 6.57
N ARG F 74 -11.32 8.87 6.72
CA ARG F 74 -12.77 8.75 6.79
C ARG F 74 -13.31 9.17 8.14
N TYR F 75 -12.54 8.93 9.21
CA TYR F 75 -12.97 9.34 10.54
C TYR F 75 -12.97 10.84 10.68
N LEU F 76 -11.93 11.51 10.19
CA LEU F 76 -11.85 12.95 10.27
C LEU F 76 -12.85 13.64 9.36
N SER F 77 -13.34 12.94 8.34
CA SER F 77 -14.34 13.51 7.45
C SER F 77 -15.65 13.75 8.17
N ASP F 78 -16.16 12.74 8.88
CA ASP F 78 -17.41 12.90 9.61
C ASP F 78 -17.21 13.70 10.88
N GLN F 79 -16.00 13.70 11.43
CA GLN F 79 -15.76 14.43 12.67
C GLN F 79 -15.61 15.91 12.40
N GLN F 80 -15.11 16.27 11.21
CA GLN F 80 -15.14 17.66 10.76
C GLN F 80 -16.56 18.15 10.61
N LEU F 81 -17.40 17.33 10.00
CA LEU F 81 -18.75 17.70 9.63
C LEU F 81 -19.64 17.84 10.85
N LEU F 82 -19.28 17.19 11.95
CA LEU F 82 -19.98 17.39 13.20
C LEU F 82 -19.66 18.75 13.82
N GLY F 83 -18.43 19.22 13.68
CA GLY F 83 -18.02 20.46 14.32
C GLY F 83 -18.42 21.70 13.54
N ILE F 84 -18.58 21.57 12.23
CA ILE F 84 -19.16 22.63 11.41
C ILE F 84 -20.60 22.87 11.81
N TRP F 85 -21.29 21.80 12.20
CA TRP F 85 -22.63 21.90 12.76
C TRP F 85 -22.50 22.34 14.21
N GLY F 86 -23.59 22.32 14.96
CA GLY F 86 -23.47 22.70 16.35
C GLY F 86 -23.18 21.55 17.27
N CYS F 87 -22.75 20.42 16.72
CA CYS F 87 -22.84 19.13 17.40
C CYS F 87 -21.46 18.49 17.45
N SER F 88 -20.67 18.88 18.44
CA SER F 88 -19.32 18.33 18.58
C SER F 88 -19.25 17.56 19.89
N GLY F 89 -18.68 16.36 19.84
CA GLY F 89 -18.57 15.53 21.01
C GLY F 89 -19.88 14.95 21.50
N LYS F 90 -20.91 14.95 20.66
CA LYS F 90 -22.23 14.47 21.04
C LYS F 90 -22.69 13.38 20.08
N LEU F 91 -23.73 12.68 20.50
CA LEU F 91 -24.29 11.57 19.72
C LEU F 91 -25.68 11.86 19.18
N ILE F 92 -26.51 12.60 19.91
CA ILE F 92 -27.79 13.07 19.44
C ILE F 92 -27.86 14.56 19.73
N CYS F 93 -27.97 15.36 18.69
CA CYS F 93 -28.13 16.80 18.86
C CYS F 93 -29.30 17.29 18.03
N THR F 94 -29.81 18.46 18.40
CA THR F 94 -31.01 19.03 17.80
C THR F 94 -30.64 20.32 17.08
N THR F 95 -31.28 20.58 15.96
CA THR F 95 -31.01 21.76 15.16
C THR F 95 -32.25 22.66 15.10
N ASN F 96 -32.10 23.80 14.45
CA ASN F 96 -33.20 24.72 14.21
C ASN F 96 -33.74 24.64 12.79
N VAL F 97 -33.35 23.63 12.03
CA VAL F 97 -33.82 23.50 10.65
C VAL F 97 -35.16 22.78 10.65
N PRO F 98 -36.25 23.43 10.24
CA PRO F 98 -37.54 22.74 10.21
C PRO F 98 -37.57 21.72 9.09
N TRP F 99 -38.19 20.58 9.39
CA TRP F 99 -38.27 19.50 8.42
C TRP F 99 -39.25 19.85 7.31
N ASN F 100 -38.87 19.52 6.09
CA ASN F 100 -39.64 19.85 4.89
C ASN F 100 -40.25 18.57 4.36
N SER F 101 -41.56 18.59 4.15
CA SER F 101 -42.28 17.36 3.81
C SER F 101 -42.02 16.89 2.38
N SER F 102 -41.41 17.72 1.54
CA SER F 102 -41.00 17.26 0.22
C SER F 102 -39.77 16.36 0.29
N TRP F 103 -39.03 16.42 1.40
CA TRP F 103 -37.94 15.49 1.60
C TRP F 103 -38.46 14.09 1.90
N SER F 104 -39.42 13.99 2.81
CA SER F 104 -40.17 12.79 3.12
C SER F 104 -41.41 13.19 3.89
N ASN F 105 -42.53 12.55 3.60
CA ASN F 105 -43.82 12.89 4.18
C ASN F 105 -44.28 11.95 5.27
N LYS F 106 -43.43 11.05 5.73
CA LYS F 106 -43.91 9.97 6.58
C LYS F 106 -44.23 10.44 7.99
N SER F 107 -45.06 9.65 8.66
CA SER F 107 -45.58 10.02 9.97
C SER F 107 -44.53 9.79 11.04
N GLN F 108 -44.86 10.26 12.25
CA GLN F 108 -43.91 10.19 13.36
C GLN F 108 -43.86 8.79 13.95
N ASP F 109 -44.99 8.10 13.99
CA ASP F 109 -45.06 6.70 14.40
C ASP F 109 -44.84 5.76 13.22
N GLU F 110 -44.49 6.29 12.06
CA GLU F 110 -44.29 5.47 10.88
C GLU F 110 -42.82 5.25 10.57
N ILE F 111 -41.95 6.20 10.93
CA ILE F 111 -40.51 6.00 10.83
C ILE F 111 -39.92 5.55 12.16
N TRP F 112 -40.47 6.00 13.27
CA TRP F 112 -40.16 5.37 14.54
C TRP F 112 -41.13 4.24 14.77
N ASN F 113 -40.64 3.15 15.37
CA ASN F 113 -41.36 1.94 15.79
C ASN F 113 -41.80 1.06 14.62
N ASN F 114 -41.60 1.51 13.40
CA ASN F 114 -42.01 0.74 12.23
C ASN F 114 -40.92 0.61 11.17
N MET F 115 -40.15 1.67 10.94
CA MET F 115 -39.07 1.69 9.97
C MET F 115 -37.78 1.30 10.67
N THR F 116 -36.83 0.79 9.89
CA THR F 116 -35.47 0.65 10.36
C THR F 116 -34.55 1.54 9.55
N TRP F 117 -33.36 1.79 10.09
CA TRP F 117 -32.28 2.32 9.27
C TRP F 117 -31.91 1.28 8.22
N LEU F 118 -31.30 1.75 7.11
CA LEU F 118 -31.05 1.09 5.82
C LEU F 118 -32.31 0.94 4.98
N GLN F 119 -33.47 1.26 5.55
CA GLN F 119 -34.66 1.55 4.77
C GLN F 119 -34.92 3.04 4.71
N TRP F 120 -34.65 3.74 5.80
CA TRP F 120 -34.63 5.20 5.79
C TRP F 120 -33.41 5.74 5.07
N ASP F 121 -32.33 4.95 4.98
CA ASP F 121 -31.15 5.41 4.27
C ASP F 121 -31.38 5.44 2.78
N LYS F 122 -32.07 4.43 2.24
CA LYS F 122 -32.37 4.38 0.82
C LYS F 122 -33.50 5.32 0.41
N GLU F 123 -34.08 6.05 1.35
CA GLU F 123 -35.19 6.95 1.07
C GLU F 123 -34.75 8.40 0.95
N ILE F 124 -33.87 8.88 1.82
CA ILE F 124 -33.50 10.28 1.81
C ILE F 124 -32.07 10.49 1.31
N SER F 125 -31.47 9.50 0.65
CA SER F 125 -30.08 9.66 0.24
C SER F 125 -29.90 10.61 -0.93
N ASN F 126 -30.99 11.00 -1.61
CA ASN F 126 -30.90 12.07 -2.59
C ASN F 126 -30.99 13.46 -1.97
N TYR F 127 -31.47 13.56 -0.72
CA TYR F 127 -31.75 14.84 -0.13
C TYR F 127 -30.76 15.24 0.95
N THR F 128 -29.73 14.42 1.23
CA THR F 128 -28.83 14.71 2.35
C THR F 128 -27.92 15.89 2.05
N ASP F 129 -27.52 16.06 0.78
CA ASP F 129 -26.67 17.19 0.42
C ASP F 129 -27.42 18.51 0.55
N THR F 130 -28.73 18.50 0.32
CA THR F 130 -29.56 19.67 0.55
C THR F 130 -29.80 19.91 2.03
N ILE F 131 -29.95 18.82 2.81
CA ILE F 131 -30.15 18.94 4.26
C ILE F 131 -28.88 19.44 4.93
N TYR F 132 -27.72 18.92 4.51
CA TYR F 132 -26.44 19.28 5.14
C TYR F 132 -26.13 20.75 4.96
N TYR F 133 -26.52 21.33 3.83
CA TYR F 133 -26.27 22.75 3.59
C TYR F 133 -27.08 23.63 4.54
N LEU F 134 -28.29 23.21 4.89
CA LEU F 134 -29.12 24.04 5.76
C LEU F 134 -28.71 23.97 7.21
N ILE F 135 -28.08 22.88 7.65
CA ILE F 135 -27.59 22.81 9.01
C ILE F 135 -26.38 23.71 9.18
N GLU F 136 -25.51 23.74 8.17
CA GLU F 136 -24.32 24.59 8.21
C GLU F 136 -24.69 26.07 8.11
N LYS F 137 -25.75 26.39 7.37
CA LYS F 137 -26.13 27.77 7.17
C LYS F 137 -26.74 28.36 8.43
N SER F 138 -27.53 27.59 9.16
CA SER F 138 -28.11 28.07 10.41
C SER F 138 -27.11 28.07 11.56
N GLN F 139 -25.91 27.50 11.36
CA GLN F 139 -24.88 27.59 12.38
C GLN F 139 -24.04 28.85 12.23
N ASN F 140 -23.80 29.30 10.99
CA ASN F 140 -23.25 30.63 10.78
C ASN F 140 -24.19 31.71 11.30
N GLN F 141 -25.49 31.55 11.05
CA GLN F 141 -26.42 32.58 11.46
C GLN F 141 -26.59 32.61 12.97
N GLN F 142 -26.38 31.47 13.64
CA GLN F 142 -26.51 31.44 15.08
C GLN F 142 -25.27 31.99 15.77
N GLU F 143 -24.07 31.69 15.25
CA GLU F 143 -22.86 32.11 15.92
C GLU F 143 -22.57 33.60 15.74
N VAL F 144 -23.05 34.19 14.65
CA VAL F 144 -23.02 35.64 14.52
C VAL F 144 -23.97 36.28 15.51
N ASN F 145 -25.15 35.67 15.71
CA ASN F 145 -26.10 36.21 16.66
C ASN F 145 -25.65 36.02 18.10
N GLU F 146 -24.93 34.94 18.39
CA GLU F 146 -24.40 34.79 19.74
C GLU F 146 -23.20 35.71 19.98
N LYS F 147 -22.49 36.08 18.92
CA LYS F 147 -21.55 37.19 19.02
C LYS F 147 -22.29 38.49 19.28
N ASP F 148 -23.21 38.85 18.39
CA ASP F 148 -23.92 40.12 18.45
C ASP F 148 -24.89 40.23 19.62
N LEU F 149 -25.12 39.16 20.39
CA LEU F 149 -25.80 39.28 21.66
C LEU F 149 -24.85 39.63 22.79
N LEU F 150 -23.54 39.38 22.61
CA LEU F 150 -22.54 39.73 23.61
C LEU F 150 -21.98 41.14 23.42
N ALA F 151 -22.74 42.03 22.79
CA ALA F 151 -22.42 43.44 22.71
C ALA F 151 -23.58 44.20 23.35
N LEU F 152 -23.55 44.31 24.68
CA LEU F 152 -24.55 45.06 25.42
C LEU F 152 -23.88 45.83 26.56
N VAL G 2 -49.94 3.60 -21.10
CA VAL G 2 -49.46 4.98 -21.08
C VAL G 2 -49.75 5.65 -22.42
N GLN G 3 -50.22 6.90 -22.36
CA GLN G 3 -50.56 7.64 -23.57
C GLN G 3 -50.48 9.13 -23.28
N LEU G 4 -50.22 9.90 -24.33
CA LEU G 4 -50.11 11.35 -24.24
C LEU G 4 -50.92 11.96 -25.37
N VAL G 5 -51.96 12.72 -25.03
CA VAL G 5 -52.91 13.26 -26.00
C VAL G 5 -52.69 14.76 -26.10
N GLU G 6 -52.25 15.21 -27.27
CA GLU G 6 -52.03 16.63 -27.51
C GLU G 6 -53.35 17.34 -27.80
N SER G 7 -53.29 18.65 -27.92
CA SER G 7 -54.46 19.46 -28.23
C SER G 7 -54.01 20.71 -28.97
N GLY G 8 -54.88 21.72 -29.03
CA GLY G 8 -54.49 23.02 -29.52
C GLY G 8 -54.38 23.16 -31.02
N GLY G 9 -54.94 22.23 -31.79
CA GLY G 9 -54.89 22.34 -33.24
C GLY G 9 -55.75 23.47 -33.76
N GLY G 10 -55.32 24.03 -34.89
CA GLY G 10 -56.05 25.13 -35.50
C GLY G 10 -55.17 25.86 -36.50
N VAL G 11 -55.61 27.06 -36.84
CA VAL G 11 -54.91 27.92 -37.81
C VAL G 11 -55.15 29.37 -37.41
N VAL G 12 -54.07 30.14 -37.38
CA VAL G 12 -54.15 31.58 -37.14
C VAL G 12 -53.40 32.29 -38.25
N GLN G 13 -53.31 33.60 -38.15
CA GLN G 13 -52.50 34.35 -39.09
C GLN G 13 -51.08 34.53 -38.55
N PRO G 14 -50.09 34.67 -39.44
CA PRO G 14 -48.70 34.85 -38.96
C PRO G 14 -48.51 36.17 -38.24
N GLY G 15 -48.02 36.10 -37.01
CA GLY G 15 -47.80 37.27 -36.18
C GLY G 15 -48.57 37.23 -34.88
N LYS G 16 -49.14 36.07 -34.55
CA LYS G 16 -50.04 35.96 -33.39
C LYS G 16 -49.65 34.84 -32.45
N SER G 17 -50.53 34.53 -31.50
CA SER G 17 -50.26 33.60 -30.40
C SER G 17 -51.18 32.39 -30.46
N VAL G 18 -50.63 31.23 -30.11
CA VAL G 18 -51.40 30.00 -29.99
C VAL G 18 -51.09 29.35 -28.65
N ARG G 19 -51.65 28.16 -28.40
CA ARG G 19 -51.36 27.39 -27.21
C ARG G 19 -51.61 25.92 -27.51
N LEU G 20 -50.67 25.06 -27.09
CA LEU G 20 -50.81 23.62 -27.19
C LEU G 20 -50.83 23.03 -25.79
N SER G 21 -51.37 21.81 -25.69
CA SER G 21 -51.50 21.17 -24.37
C SER G 21 -51.55 19.65 -24.56
N CYS G 22 -50.43 18.98 -24.27
CA CYS G 22 -50.47 17.53 -24.15
C CYS G 22 -51.15 17.14 -22.85
N VAL G 23 -51.97 16.08 -22.90
CA VAL G 23 -52.74 15.60 -21.77
C VAL G 23 -52.24 14.20 -21.43
N VAL G 24 -52.13 13.91 -20.13
CA VAL G 24 -51.27 12.87 -19.61
C VAL G 24 -52.11 11.75 -18.99
N SER G 25 -51.72 10.49 -19.27
CA SER G 25 -52.35 9.31 -18.68
C SER G 25 -51.85 9.05 -17.26
N ASP G 26 -52.11 7.86 -16.72
CA ASP G 26 -51.83 7.55 -15.33
C ASP G 26 -50.38 7.09 -15.18
N PHE G 27 -49.52 8.02 -14.80
CA PHE G 27 -48.18 7.73 -14.28
C PHE G 27 -47.74 8.95 -13.47
N PRO G 28 -46.66 8.83 -12.62
CA PRO G 28 -46.27 9.99 -11.81
C PRO G 28 -45.64 11.10 -12.64
N PHE G 29 -46.52 11.98 -13.14
CA PHE G 29 -46.17 13.02 -14.09
C PHE G 29 -45.11 13.98 -13.55
N SER G 30 -45.13 14.26 -12.25
CA SER G 30 -44.22 15.23 -11.67
C SER G 30 -42.84 14.65 -11.34
N LYS G 31 -42.48 13.51 -11.94
CA LYS G 31 -41.14 12.96 -11.84
C LYS G 31 -40.51 12.76 -13.20
N TYR G 32 -41.12 13.32 -14.26
CA TYR G 32 -40.64 13.15 -15.62
C TYR G 32 -40.57 14.53 -16.28
N PRO G 33 -39.42 14.92 -16.81
CA PRO G 33 -39.32 16.19 -17.55
C PRO G 33 -39.82 16.04 -18.97
N MET G 34 -40.90 16.77 -19.29
CA MET G 34 -41.53 16.63 -20.59
C MET G 34 -40.81 17.47 -21.65
N TYR G 35 -41.07 17.16 -22.91
CA TYR G 35 -40.39 17.72 -24.06
C TYR G 35 -41.39 18.37 -25.02
N TRP G 36 -40.84 19.01 -26.05
CA TRP G 36 -41.58 19.42 -27.24
C TRP G 36 -40.66 19.29 -28.44
N VAL G 37 -41.17 18.75 -29.54
CA VAL G 37 -40.37 18.49 -30.72
C VAL G 37 -41.12 19.05 -31.92
N ARG G 38 -40.41 19.24 -33.02
CA ARG G 38 -41.00 19.86 -34.21
C ARG G 38 -40.46 19.18 -35.46
N GLN G 39 -41.33 18.97 -36.44
CA GLN G 39 -40.98 18.27 -37.68
C GLN G 39 -41.72 18.92 -38.84
N ALA G 40 -41.01 19.65 -39.68
CA ALA G 40 -41.60 20.28 -40.85
C ALA G 40 -41.98 19.23 -41.88
N PRO G 41 -43.04 19.46 -42.67
CA PRO G 41 -43.53 18.41 -43.59
C PRO G 41 -42.56 18.15 -44.73
N GLY G 42 -42.18 16.89 -44.88
CA GLY G 42 -41.20 16.47 -45.88
C GLY G 42 -39.83 17.04 -45.66
N LYS G 43 -39.40 17.15 -44.41
CA LYS G 43 -38.15 17.84 -44.05
C LYS G 43 -37.45 17.01 -42.97
N GLY G 44 -36.51 17.64 -42.29
CA GLY G 44 -35.82 17.02 -41.18
C GLY G 44 -36.57 17.07 -39.87
N LEU G 45 -35.88 17.43 -38.79
CA LEU G 45 -36.41 17.29 -37.43
C LEU G 45 -35.81 18.35 -36.52
N GLU G 46 -36.59 18.77 -35.52
CA GLU G 46 -36.20 19.86 -34.63
C GLU G 46 -36.72 19.63 -33.23
N TRP G 47 -35.83 19.52 -32.26
CA TRP G 47 -36.18 19.62 -30.85
C TRP G 47 -36.52 21.07 -30.49
N VAL G 48 -37.41 21.27 -29.50
CA VAL G 48 -37.76 22.62 -29.10
C VAL G 48 -37.50 22.95 -27.62
N ALA G 49 -38.23 22.33 -26.68
CA ALA G 49 -38.49 23.00 -25.42
C ALA G 49 -37.89 22.38 -24.17
N ALA G 50 -38.24 21.13 -23.81
CA ALA G 50 -37.72 20.44 -22.61
C ALA G 50 -37.90 21.12 -21.25
N ILE G 51 -39.11 21.07 -20.66
CA ILE G 51 -39.33 21.48 -19.27
C ILE G 51 -38.62 20.49 -18.35
N SER G 52 -38.44 20.84 -17.07
CA SER G 52 -37.95 19.90 -16.07
C SER G 52 -39.12 19.22 -15.36
N GLY G 53 -38.82 18.46 -14.31
CA GLY G 53 -39.84 17.84 -13.50
C GLY G 53 -40.56 18.76 -12.56
N ASP G 54 -40.07 19.99 -12.44
CA ASP G 54 -40.70 21.05 -11.65
C ASP G 54 -40.96 22.23 -12.56
N ALA G 55 -41.44 23.32 -11.99
CA ALA G 55 -41.52 24.56 -12.75
C ALA G 55 -40.27 25.41 -12.57
N TRP G 56 -39.11 24.78 -12.74
CA TRP G 56 -37.82 25.44 -12.75
C TRP G 56 -37.03 24.90 -13.92
N HIS G 57 -36.15 25.72 -14.48
CA HIS G 57 -35.19 25.34 -15.52
C HIS G 57 -35.85 24.83 -16.80
N VAL G 58 -36.39 25.74 -17.60
CA VAL G 58 -36.83 25.42 -18.95
C VAL G 58 -35.83 25.99 -19.95
N VAL G 59 -35.23 25.10 -20.74
CA VAL G 59 -34.30 25.48 -21.81
C VAL G 59 -35.10 25.82 -23.06
N TYR G 60 -34.43 26.34 -24.09
CA TYR G 60 -35.08 26.57 -25.37
C TYR G 60 -34.11 26.28 -26.50
N SER G 61 -34.66 26.03 -27.68
CA SER G 61 -33.85 25.94 -28.87
C SER G 61 -33.45 27.33 -29.33
N ASN G 62 -32.50 27.38 -30.26
CA ASN G 62 -31.94 28.67 -30.68
C ASN G 62 -32.92 29.45 -31.54
N SER G 63 -33.57 28.76 -32.48
CA SER G 63 -34.47 29.42 -33.42
C SER G 63 -35.77 29.90 -32.79
N VAL G 64 -36.08 29.46 -31.56
CA VAL G 64 -37.33 29.81 -30.90
C VAL G 64 -37.10 30.56 -29.59
N GLN G 65 -35.86 30.93 -29.30
CA GLN G 65 -35.52 31.51 -28.01
C GLN G 65 -36.01 32.96 -27.92
N GLY G 66 -36.56 33.30 -26.76
CA GLY G 66 -37.12 34.62 -26.53
C GLY G 66 -38.54 34.78 -26.98
N ARG G 67 -39.11 33.78 -27.63
CA ARG G 67 -40.44 33.85 -28.20
C ARG G 67 -41.46 32.98 -27.50
N PHE G 68 -41.05 31.82 -27.00
CA PHE G 68 -41.98 30.87 -26.44
C PHE G 68 -42.03 31.01 -24.92
N LEU G 69 -42.95 30.26 -24.30
CA LEU G 69 -43.10 30.27 -22.86
C LEU G 69 -43.74 28.94 -22.48
N VAL G 70 -42.92 27.99 -22.04
CA VAL G 70 -43.38 26.63 -21.81
C VAL G 70 -43.59 26.45 -20.32
N SER G 71 -44.59 25.64 -19.96
CA SER G 71 -44.90 25.40 -18.55
C SER G 71 -45.53 24.02 -18.42
N ARG G 72 -45.81 23.65 -17.17
CA ARG G 72 -46.48 22.40 -16.85
C ARG G 72 -47.24 22.60 -15.55
N ASP G 73 -48.27 21.79 -15.35
CA ASP G 73 -49.02 21.80 -14.11
C ASP G 73 -49.02 20.39 -13.55
N ASN G 74 -48.52 20.24 -12.31
CA ASN G 74 -48.33 18.93 -11.73
C ASN G 74 -49.62 18.35 -11.15
N VAL G 75 -50.67 19.15 -11.02
CA VAL G 75 -51.95 18.66 -10.52
C VAL G 75 -52.84 18.22 -11.67
N LYS G 76 -53.03 19.08 -12.67
CA LYS G 76 -53.92 18.79 -13.79
C LYS G 76 -53.31 17.81 -14.79
N ASN G 77 -52.02 17.52 -14.67
CA ASN G 77 -51.23 16.73 -15.63
C ASN G 77 -51.35 17.31 -17.05
N THR G 78 -51.12 18.61 -17.16
CA THR G 78 -51.25 19.32 -18.43
C THR G 78 -49.96 20.05 -18.76
N LEU G 79 -49.64 20.11 -20.04
CA LEU G 79 -48.51 20.87 -20.56
C LEU G 79 -49.02 22.12 -21.26
N TYR G 80 -48.10 23.04 -21.54
CA TYR G 80 -48.47 24.32 -22.14
C TYR G 80 -47.30 24.84 -22.98
N LEU G 81 -47.54 25.07 -24.27
CA LEU G 81 -46.75 25.99 -25.06
C LEU G 81 -47.50 27.31 -25.18
N GLU G 82 -46.76 28.40 -25.29
CA GLU G 82 -47.38 29.71 -25.49
C GLU G 82 -46.51 30.46 -26.51
N MET G 83 -46.84 30.29 -27.78
CA MET G 83 -46.05 30.90 -28.84
C MET G 83 -46.39 32.37 -28.98
N ASN G 84 -45.40 33.16 -29.39
CA ASN G 84 -45.58 34.59 -29.58
C ASN G 84 -44.78 35.04 -30.78
N SER G 85 -45.36 35.98 -31.53
CA SER G 85 -44.80 36.53 -32.78
C SER G 85 -44.50 35.42 -33.79
N LEU G 86 -45.57 34.72 -34.16
CA LEU G 86 -45.44 33.47 -34.91
C LEU G 86 -45.12 33.76 -36.37
N LYS G 87 -44.04 33.17 -36.87
CA LYS G 87 -43.56 33.41 -38.22
C LYS G 87 -44.20 32.42 -39.19
N ILE G 88 -43.65 32.34 -40.41
CA ILE G 88 -44.16 31.38 -41.38
C ILE G 88 -43.42 30.04 -41.32
N GLU G 89 -42.46 29.89 -40.42
CA GLU G 89 -41.77 28.62 -40.24
C GLU G 89 -42.35 27.80 -39.10
N ASP G 90 -43.17 28.40 -38.24
CA ASP G 90 -43.77 27.68 -37.11
C ASP G 90 -45.12 27.10 -37.56
N THR G 91 -45.04 26.16 -38.49
CA THR G 91 -46.22 25.56 -39.11
C THR G 91 -46.31 24.07 -38.92
N ALA G 92 -45.38 23.46 -38.20
CA ALA G 92 -45.11 22.03 -38.26
C ALA G 92 -45.86 21.26 -37.18
N VAL G 93 -45.45 20.00 -36.96
CA VAL G 93 -46.06 19.02 -36.07
C VAL G 93 -45.38 19.10 -34.69
N TYR G 94 -46.13 18.82 -33.61
CA TYR G 94 -45.60 18.94 -32.25
C TYR G 94 -45.97 17.72 -31.41
N ARG G 95 -45.04 17.28 -30.55
CA ARG G 95 -45.22 16.08 -29.74
C ARG G 95 -44.67 16.31 -28.33
N CYS G 96 -44.73 15.25 -27.51
CA CYS G 96 -44.37 15.29 -26.08
C CYS G 96 -43.95 13.88 -25.68
N ALA G 97 -42.89 13.78 -24.85
CA ALA G 97 -42.40 12.48 -24.36
C ALA G 97 -41.43 12.69 -23.20
N ARG G 98 -41.00 11.57 -22.57
CA ARG G 98 -39.89 11.44 -21.62
C ARG G 98 -39.57 9.96 -21.33
N MET G 99 -38.27 9.62 -21.21
CA MET G 99 -37.83 8.23 -21.12
C MET G 99 -37.91 7.67 -19.70
N PHE G 100 -37.32 8.35 -18.72
CA PHE G 100 -37.23 7.78 -17.37
C PHE G 100 -37.05 8.90 -16.35
N GLN G 101 -37.32 8.58 -15.08
CA GLN G 101 -37.21 9.53 -13.97
C GLN G 101 -35.75 9.95 -13.79
N GLU G 102 -35.50 11.25 -13.77
CA GLU G 102 -34.18 11.74 -14.15
C GLU G 102 -33.17 11.58 -13.02
N SER G 103 -33.38 12.24 -11.89
CA SER G 103 -32.52 12.10 -10.72
C SER G 103 -33.38 12.23 -9.48
N GLY G 104 -34.70 12.27 -9.69
CA GLY G 104 -35.58 12.76 -8.66
C GLY G 104 -35.37 14.24 -8.46
N PRO G 105 -34.77 14.62 -7.33
CA PRO G 105 -34.39 16.01 -7.11
C PRO G 105 -33.08 16.33 -7.82
N PRO G 106 -32.64 17.60 -7.84
CA PRO G 106 -31.31 17.92 -8.36
C PRO G 106 -30.18 17.50 -7.43
N ARG G 107 -28.94 17.83 -7.79
CA ARG G 107 -27.77 17.22 -7.15
C ARG G 107 -27.11 18.07 -6.08
N LEU G 108 -26.92 19.38 -6.32
CA LEU G 108 -26.18 20.30 -5.43
C LEU G 108 -24.74 19.81 -5.23
N ASP G 109 -23.96 19.97 -6.30
CA ASP G 109 -22.51 19.99 -6.16
C ASP G 109 -22.13 21.10 -5.19
N ARG G 110 -21.40 20.73 -4.14
CA ARG G 110 -21.14 21.63 -3.02
C ARG G 110 -19.89 22.47 -3.19
N TRP G 111 -19.02 22.14 -4.14
CA TRP G 111 -17.85 22.98 -4.39
C TRP G 111 -18.28 24.33 -4.97
N SER G 112 -19.26 24.32 -5.86
CA SER G 112 -19.72 25.54 -6.51
C SER G 112 -21.11 25.96 -6.08
N GLY G 113 -21.81 25.14 -5.30
CA GLY G 113 -23.10 25.52 -4.75
C GLY G 113 -24.22 25.63 -5.76
N ARG G 114 -24.21 24.80 -6.80
CA ARG G 114 -25.17 24.89 -7.88
C ARG G 114 -25.90 23.57 -8.04
N ASN G 115 -27.23 23.62 -7.98
CA ASN G 115 -28.07 22.48 -8.30
C ASN G 115 -27.97 22.15 -9.78
N TYR G 116 -28.01 20.85 -10.09
CA TYR G 116 -27.88 20.37 -11.46
C TYR G 116 -29.09 19.51 -11.81
N TYR G 117 -29.88 19.98 -12.77
CA TYR G 117 -30.93 19.16 -13.35
C TYR G 117 -30.35 18.23 -14.39
N TYR G 118 -31.07 17.15 -14.67
CA TYR G 118 -30.58 16.10 -15.53
C TYR G 118 -31.56 15.82 -16.65
N TYR G 119 -31.02 15.59 -17.86
CA TYR G 119 -31.84 15.30 -19.03
C TYR G 119 -31.19 14.23 -19.87
N SER G 120 -31.97 13.22 -20.23
CA SER G 120 -31.59 12.25 -21.24
C SER G 120 -32.70 12.26 -22.29
N GLY G 121 -32.71 11.29 -23.20
CA GLY G 121 -33.71 11.31 -24.26
C GLY G 121 -35.12 10.93 -23.87
N MET G 122 -35.91 10.42 -24.81
CA MET G 122 -37.33 10.26 -24.57
C MET G 122 -37.82 8.91 -25.11
N ASP G 123 -38.95 8.46 -24.56
CA ASP G 123 -39.52 7.16 -24.88
C ASP G 123 -40.90 7.25 -25.52
N VAL G 124 -41.87 7.85 -24.83
CA VAL G 124 -43.27 7.64 -25.21
C VAL G 124 -43.85 8.90 -25.84
N TRP G 125 -43.79 8.93 -27.17
CA TRP G 125 -44.12 10.10 -27.96
C TRP G 125 -45.63 10.36 -27.95
N GLY G 126 -45.99 11.55 -28.39
CA GLY G 126 -47.39 11.89 -28.62
C GLY G 126 -47.85 11.43 -29.98
N GLN G 127 -48.77 12.18 -30.58
CA GLN G 127 -49.22 11.88 -31.93
C GLN G 127 -48.93 13.02 -32.91
N GLY G 128 -49.35 14.24 -32.57
CA GLY G 128 -49.07 15.38 -33.42
C GLY G 128 -50.28 16.26 -33.66
N THR G 129 -50.14 17.57 -33.40
CA THR G 129 -51.25 18.49 -33.53
C THR G 129 -51.15 19.37 -34.78
N THR G 130 -49.99 19.39 -35.46
CA THR G 130 -49.68 20.01 -36.77
C THR G 130 -50.37 21.36 -37.01
N VAL G 131 -50.12 22.30 -36.10
CA VAL G 131 -50.69 23.64 -36.20
C VAL G 131 -49.93 24.43 -37.25
N THR G 132 -50.62 24.84 -38.31
CA THR G 132 -50.03 25.61 -39.40
C THR G 132 -50.80 26.91 -39.58
N VAL G 133 -50.18 27.85 -40.30
CA VAL G 133 -50.81 29.14 -40.56
C VAL G 133 -50.93 29.39 -42.06
N ASP H 1 -22.49 23.11 -30.38
CA ASP H 1 -23.44 22.21 -31.03
C ASP H 1 -22.70 20.99 -31.55
N ILE H 2 -23.31 19.83 -31.41
CA ILE H 2 -22.75 18.56 -31.87
C ILE H 2 -23.63 18.04 -33.00
N VAL H 3 -23.00 17.64 -34.10
CA VAL H 3 -23.67 17.29 -35.34
C VAL H 3 -23.58 15.78 -35.54
N MET H 4 -24.70 15.17 -35.92
CA MET H 4 -24.78 13.74 -36.20
C MET H 4 -25.05 13.53 -37.68
N THR H 5 -24.28 12.64 -38.30
CA THR H 5 -24.37 12.38 -39.74
C THR H 5 -24.52 10.89 -39.97
N GLN H 6 -25.56 10.50 -40.70
CA GLN H 6 -25.74 9.12 -41.15
C GLN H 6 -25.65 9.06 -42.67
N THR H 7 -24.85 8.12 -43.17
CA THR H 7 -24.50 8.10 -44.60
C THR H 7 -25.48 7.45 -45.59
N PRO H 8 -26.10 6.28 -45.36
CA PRO H 8 -27.02 5.77 -46.39
C PRO H 8 -28.36 6.50 -46.35
N LEU H 9 -28.86 6.86 -47.53
CA LEU H 9 -30.04 7.72 -47.60
C LEU H 9 -31.34 6.91 -47.54
N SER H 10 -31.35 5.69 -48.07
CA SER H 10 -32.52 4.82 -48.03
C SER H 10 -32.07 3.39 -47.75
N LEU H 11 -33.03 2.48 -47.74
CA LEU H 11 -32.77 1.07 -47.47
C LEU H 11 -33.03 0.26 -48.74
N SER H 12 -32.31 -0.85 -48.88
CA SER H 12 -32.52 -1.77 -49.99
C SER H 12 -33.89 -2.44 -49.88
N VAL H 13 -34.48 -2.73 -51.03
CA VAL H 13 -35.88 -3.18 -51.07
C VAL H 13 -36.01 -4.65 -50.72
N THR H 14 -34.94 -5.42 -50.78
CA THR H 14 -35.03 -6.86 -50.62
C THR H 14 -35.19 -7.24 -49.15
N PRO H 15 -36.21 -8.02 -48.79
CA PRO H 15 -36.36 -8.49 -47.40
C PRO H 15 -35.50 -9.70 -47.05
N GLY H 16 -34.56 -10.08 -47.90
CA GLY H 16 -33.68 -11.20 -47.60
C GLY H 16 -32.38 -10.78 -46.96
N GLN H 17 -31.66 -9.86 -47.60
CA GLN H 17 -30.33 -9.53 -47.09
C GLN H 17 -30.41 -8.37 -46.11
N PRO H 18 -29.72 -8.44 -44.97
CA PRO H 18 -29.69 -7.30 -44.06
C PRO H 18 -28.54 -6.34 -44.34
N ALA H 19 -28.85 -5.04 -44.43
CA ALA H 19 -27.87 -4.01 -44.76
C ALA H 19 -27.71 -3.07 -43.56
N SER H 20 -26.58 -3.18 -42.86
CA SER H 20 -26.37 -2.39 -41.65
C SER H 20 -26.07 -0.93 -42.00
N ILE H 21 -26.61 -0.02 -41.21
CA ILE H 21 -26.40 1.42 -41.41
C ILE H 21 -25.62 1.96 -40.22
N SER H 22 -25.25 3.24 -40.26
CA SER H 22 -24.39 3.80 -39.23
C SER H 22 -24.57 5.31 -39.15
N CYS H 23 -24.31 5.85 -37.96
CA CYS H 23 -24.19 7.28 -37.74
C CYS H 23 -22.75 7.63 -37.39
N LYS H 24 -22.43 8.91 -37.52
CA LYS H 24 -21.12 9.43 -37.14
C LYS H 24 -21.32 10.64 -36.27
N SER H 25 -20.45 10.80 -35.27
CA SER H 25 -20.55 11.87 -34.30
C SER H 25 -19.43 12.89 -34.53
N SER H 26 -19.77 14.17 -34.42
CA SER H 26 -18.78 15.23 -34.52
C SER H 26 -18.00 15.43 -33.23
N GLU H 27 -18.46 14.84 -32.12
CA GLU H 27 -17.76 14.91 -30.85
C GLU H 27 -18.15 13.67 -30.05
N SER H 28 -17.26 13.24 -29.16
CA SER H 28 -17.49 12.03 -28.38
C SER H 28 -18.62 12.25 -27.39
N LEU H 29 -19.61 11.36 -27.42
CA LEU H 29 -20.85 11.53 -26.70
C LEU H 29 -20.87 10.82 -25.35
N ARG H 30 -19.70 10.44 -24.82
CA ARG H 30 -19.66 9.82 -23.50
C ARG H 30 -19.88 10.90 -22.46
N GLN H 31 -20.88 10.70 -21.62
CA GLN H 31 -21.23 11.66 -20.59
C GLN H 31 -20.49 11.29 -19.30
N SER H 32 -20.34 12.27 -18.42
CA SER H 32 -19.55 12.11 -17.20
C SER H 32 -20.14 11.13 -16.19
N ASN H 33 -21.35 10.64 -16.41
CA ASN H 33 -21.91 9.56 -15.61
C ASN H 33 -21.31 8.20 -15.96
N GLY H 34 -20.57 8.11 -17.07
CA GLY H 34 -20.14 6.82 -17.58
C GLY H 34 -21.08 6.20 -18.58
N LYS H 35 -21.99 6.99 -19.15
CA LYS H 35 -22.98 6.49 -20.10
C LYS H 35 -22.95 7.37 -21.35
N THR H 36 -23.45 6.82 -22.45
CA THR H 36 -23.42 7.49 -23.74
C THR H 36 -24.78 8.11 -24.04
N SER H 37 -24.95 8.61 -25.27
CA SER H 37 -26.14 9.35 -25.64
C SER H 37 -26.76 8.94 -26.97
N LEU H 38 -26.12 8.07 -27.75
CA LEU H 38 -26.59 7.73 -29.09
C LEU H 38 -27.86 6.90 -29.01
N TYR H 39 -28.92 7.35 -29.69
CA TYR H 39 -30.14 6.59 -29.79
C TYR H 39 -30.38 6.17 -31.25
N TRP H 40 -31.50 5.48 -31.47
CA TRP H 40 -31.94 5.05 -32.80
C TRP H 40 -33.46 4.94 -32.77
N TYR H 41 -34.13 5.57 -33.73
CA TYR H 41 -35.59 5.60 -33.77
C TYR H 41 -36.12 5.00 -35.08
N ARG H 42 -37.44 5.07 -35.25
CA ARG H 42 -38.10 4.62 -36.47
C ARG H 42 -39.44 5.37 -36.59
N GLN H 43 -39.47 6.38 -37.45
CA GLN H 43 -40.71 7.13 -37.69
C GLN H 43 -41.41 6.53 -38.90
N LYS H 44 -42.46 5.74 -38.65
CA LYS H 44 -43.28 5.20 -39.72
C LYS H 44 -43.95 6.34 -40.47
N PRO H 45 -43.91 6.35 -41.82
CA PRO H 45 -44.43 7.49 -42.58
C PRO H 45 -45.95 7.62 -42.47
N GLY H 46 -46.38 8.63 -41.73
CA GLY H 46 -47.76 8.80 -41.32
C GLY H 46 -47.97 8.67 -39.83
N GLN H 47 -47.00 8.15 -39.09
CA GLN H 47 -47.14 7.90 -37.67
C GLN H 47 -45.98 8.50 -36.89
N SER H 48 -46.16 8.55 -35.57
CA SER H 48 -45.13 9.06 -34.67
C SER H 48 -43.98 8.08 -34.57
N PRO H 49 -42.77 8.56 -34.28
CA PRO H 49 -41.64 7.64 -34.10
C PRO H 49 -41.72 6.92 -32.77
N GLN H 50 -40.85 5.92 -32.61
CA GLN H 50 -40.79 5.12 -31.40
C GLN H 50 -39.34 4.83 -31.06
N LEU H 51 -39.10 4.56 -29.78
CA LEU H 51 -37.76 4.23 -29.30
C LEU H 51 -37.38 2.81 -29.69
N LEU H 52 -36.13 2.64 -30.10
CA LEU H 52 -35.57 1.32 -30.40
C LEU H 52 -34.29 1.06 -29.63
N VAL H 53 -33.46 2.08 -29.41
CA VAL H 53 -32.15 1.95 -28.79
C VAL H 53 -31.97 3.10 -27.82
N PHE H 54 -31.78 2.79 -26.53
CA PHE H 54 -31.60 3.80 -25.50
C PHE H 54 -30.16 3.94 -25.04
N GLU H 55 -29.26 3.09 -25.53
CA GLU H 55 -27.83 3.15 -25.28
C GLU H 55 -27.19 2.18 -26.26
N VAL H 56 -25.95 2.46 -26.64
CA VAL H 56 -25.14 1.65 -27.55
C VAL H 56 -25.07 0.20 -27.08
N SER H 57 -25.58 -0.70 -27.93
CA SER H 57 -25.79 -2.12 -27.63
C SER H 57 -26.70 -2.32 -26.41
N ASN H 58 -27.82 -1.61 -26.40
CA ASN H 58 -28.90 -1.84 -25.44
C ASN H 58 -30.24 -1.64 -26.15
N ARG H 59 -31.14 -2.59 -25.96
CA ARG H 59 -32.37 -2.67 -26.73
C ARG H 59 -33.59 -2.43 -25.86
N PHE H 60 -34.51 -1.62 -26.36
CA PHE H 60 -35.75 -1.28 -25.67
C PHE H 60 -36.67 -2.50 -25.62
N SER H 61 -37.61 -2.48 -24.67
CA SER H 61 -38.55 -3.58 -24.49
C SER H 61 -39.53 -3.69 -25.65
N GLY H 62 -39.87 -4.91 -26.03
CA GLY H 62 -40.79 -5.14 -27.12
C GLY H 62 -40.20 -4.83 -28.48
N VAL H 63 -38.92 -5.10 -28.67
CA VAL H 63 -38.19 -4.80 -29.89
C VAL H 63 -37.54 -6.09 -30.39
N SER H 64 -37.65 -6.35 -31.69
CA SER H 64 -37.10 -7.56 -32.29
C SER H 64 -35.57 -7.54 -32.28
N ASP H 65 -35.00 -8.72 -32.52
CA ASP H 65 -33.57 -8.94 -32.37
C ASP H 65 -32.75 -8.40 -33.54
N ARG H 66 -33.41 -7.98 -34.63
CA ARG H 66 -32.71 -7.33 -35.74
C ARG H 66 -32.10 -6.00 -35.30
N PHE H 67 -32.77 -5.29 -34.42
CA PHE H 67 -32.34 -3.97 -34.00
C PHE H 67 -31.26 -4.09 -32.92
N VAL H 68 -30.02 -3.81 -33.30
CA VAL H 68 -28.91 -3.74 -32.34
C VAL H 68 -27.87 -2.75 -32.88
N GLY H 69 -27.40 -1.86 -32.00
CA GLY H 69 -26.47 -0.83 -32.42
C GLY H 69 -25.18 -0.77 -31.61
N SER H 70 -24.07 -1.08 -32.25
CA SER H 70 -22.77 -1.03 -31.60
C SER H 70 -22.10 0.32 -31.87
N GLY H 71 -20.95 0.51 -31.24
CA GLY H 71 -20.21 1.74 -31.40
C GLY H 71 -19.21 1.98 -30.29
N SER H 72 -18.03 2.47 -30.66
CA SER H 72 -16.92 2.64 -29.71
C SER H 72 -16.38 4.06 -29.86
N GLY H 73 -16.54 4.87 -28.82
CA GLY H 73 -16.03 6.22 -28.83
C GLY H 73 -16.85 7.15 -29.71
N THR H 74 -16.27 7.57 -30.83
CA THR H 74 -16.99 8.41 -31.78
C THR H 74 -17.55 7.63 -32.97
N ASP H 75 -16.98 6.47 -33.28
CA ASP H 75 -17.53 5.61 -34.32
C ASP H 75 -18.76 4.88 -33.78
N PHE H 76 -19.79 4.77 -34.62
CA PHE H 76 -21.01 4.10 -34.22
C PHE H 76 -21.58 3.33 -35.41
N THR H 77 -22.18 2.17 -35.11
CA THR H 77 -22.82 1.31 -36.11
C THR H 77 -24.24 0.97 -35.67
N LEU H 78 -24.91 0.18 -36.51
CA LEU H 78 -26.23 -0.38 -36.20
C LEU H 78 -26.31 -1.73 -36.91
N ARG H 79 -26.00 -2.79 -36.18
CA ARG H 79 -25.97 -4.12 -36.79
C ARG H 79 -27.38 -4.62 -37.08
N ILE H 80 -27.55 -5.17 -38.27
CA ILE H 80 -28.86 -5.59 -38.77
C ILE H 80 -28.74 -7.02 -39.29
N SER H 81 -29.65 -7.89 -38.87
CA SER H 81 -29.63 -9.29 -39.25
C SER H 81 -31.04 -9.86 -39.17
N ARG H 82 -31.36 -10.76 -40.10
CA ARG H 82 -32.64 -11.47 -40.19
C ARG H 82 -33.82 -10.50 -40.34
N VAL H 83 -33.86 -9.86 -41.51
CA VAL H 83 -34.94 -8.94 -41.87
C VAL H 83 -36.27 -9.69 -41.91
N GLU H 84 -37.16 -9.35 -40.98
CA GLU H 84 -38.30 -10.20 -40.67
C GLU H 84 -39.64 -9.71 -41.20
N ALA H 85 -39.78 -8.42 -41.51
CA ALA H 85 -41.07 -7.90 -41.94
C ALA H 85 -40.85 -6.63 -42.75
N GLU H 86 -41.95 -6.04 -43.20
CA GLU H 86 -41.96 -4.80 -43.98
C GLU H 86 -42.29 -3.60 -43.12
N ASP H 87 -41.78 -3.57 -41.89
CA ASP H 87 -42.02 -2.45 -40.98
C ASP H 87 -41.26 -1.21 -41.43
N VAL H 88 -41.93 -0.37 -42.22
CA VAL H 88 -41.30 0.82 -42.79
C VAL H 88 -41.15 1.89 -41.73
N GLY H 89 -40.25 2.83 -41.99
CA GLY H 89 -40.02 3.90 -41.03
C GLY H 89 -38.97 4.87 -41.52
N PHE H 90 -38.66 5.84 -40.66
CA PHE H 90 -37.63 6.83 -40.91
C PHE H 90 -36.57 6.69 -39.83
N TYR H 91 -35.34 6.37 -40.22
CA TYR H 91 -34.27 6.13 -39.26
C TYR H 91 -33.44 7.40 -39.06
N TYR H 92 -33.15 7.70 -37.79
CA TYR H 92 -32.32 8.84 -37.42
C TYR H 92 -31.82 8.65 -35.98
N CYS H 93 -30.64 9.21 -35.70
CA CYS H 93 -29.96 9.05 -34.42
C CYS H 93 -30.35 10.17 -33.46
N MET H 94 -29.60 10.27 -32.35
CA MET H 94 -29.79 11.35 -31.39
C MET H 94 -28.49 11.68 -30.68
N GLN H 95 -28.18 12.97 -30.61
CA GLN H 95 -27.19 13.52 -29.68
C GLN H 95 -27.93 14.06 -28.46
N SER H 96 -27.81 13.37 -27.34
CA SER H 96 -28.41 13.83 -26.09
C SER H 96 -27.37 14.02 -24.99
N LYS H 97 -26.17 14.43 -25.39
CA LYS H 97 -25.08 14.70 -24.46
C LYS H 97 -25.06 16.16 -24.02
N ASP H 98 -25.59 17.07 -24.82
CA ASP H 98 -25.60 18.50 -24.54
C ASP H 98 -26.93 19.09 -25.01
N PHE H 99 -26.98 20.40 -25.07
CA PHE H 99 -28.08 21.13 -25.69
C PHE H 99 -27.58 21.93 -26.88
N PRO H 100 -28.38 22.05 -27.96
CA PRO H 100 -29.71 21.48 -28.19
C PRO H 100 -29.67 20.02 -28.59
N LEU H 101 -30.80 19.34 -28.42
CA LEU H 101 -30.93 17.94 -28.82
C LEU H 101 -31.02 17.87 -30.34
N THR H 102 -29.98 17.34 -30.97
CA THR H 102 -29.92 17.24 -32.42
C THR H 102 -30.10 15.80 -32.83
N PHE H 103 -31.00 15.57 -33.79
CA PHE H 103 -31.32 14.23 -34.25
C PHE H 103 -30.39 13.88 -35.41
N GLY H 104 -30.71 12.82 -36.15
CA GLY H 104 -29.98 12.49 -37.36
C GLY H 104 -30.43 13.32 -38.54
N GLY H 105 -30.67 12.67 -39.68
CA GLY H 105 -31.12 13.39 -40.86
C GLY H 105 -32.31 12.75 -41.55
N GLY H 106 -32.65 11.53 -41.16
CA GLY H 106 -33.72 10.80 -41.82
C GLY H 106 -33.21 9.77 -42.81
N THR H 107 -33.85 8.61 -42.83
CA THR H 107 -33.52 7.56 -43.78
C THR H 107 -34.76 6.74 -44.05
N LYS H 108 -35.23 6.75 -45.29
CA LYS H 108 -36.45 6.05 -45.65
C LYS H 108 -36.24 4.54 -45.69
N VAL H 109 -37.30 3.80 -45.40
CA VAL H 109 -37.26 2.35 -45.31
C VAL H 109 -38.32 1.79 -46.25
N ASP H 110 -37.89 1.03 -47.25
CA ASP H 110 -38.80 0.27 -48.12
C ASP H 110 -38.00 -0.86 -48.75
N VAL I 2 -0.07 -27.83 48.58
CA VAL I 2 -1.35 -27.53 49.20
C VAL I 2 -2.14 -28.81 49.37
N GLN I 3 -3.24 -28.72 50.11
CA GLN I 3 -4.03 -29.89 50.49
C GLN I 3 -5.39 -29.83 49.82
N LEU I 4 -5.80 -30.95 49.22
CA LEU I 4 -7.08 -31.04 48.51
C LEU I 4 -7.78 -32.31 48.97
N VAL I 5 -8.91 -32.14 49.68
CA VAL I 5 -9.57 -33.22 50.40
C VAL I 5 -10.91 -33.50 49.73
N GLU I 6 -11.27 -34.78 49.63
CA GLU I 6 -12.51 -35.22 49.00
C GLU I 6 -13.31 -36.07 49.97
N SER I 7 -14.60 -36.25 49.64
CA SER I 7 -15.50 -37.13 50.37
C SER I 7 -16.69 -37.44 49.47
N GLY I 8 -17.72 -38.06 50.04
CA GLY I 8 -19.01 -38.22 49.38
C GLY I 8 -19.16 -39.42 48.48
N GLY I 9 -18.16 -40.28 48.36
CA GLY I 9 -18.20 -41.42 47.46
C GLY I 9 -18.64 -42.70 48.14
N GLY I 10 -19.32 -43.55 47.38
CA GLY I 10 -19.82 -44.80 47.91
C GLY I 10 -20.41 -45.75 46.89
N VAL I 11 -21.45 -46.49 47.28
CA VAL I 11 -22.07 -47.52 46.46
C VAL I 11 -23.55 -47.24 46.34
N VAL I 12 -24.06 -47.20 45.11
CA VAL I 12 -25.47 -46.93 44.82
C VAL I 12 -25.97 -47.96 43.80
N GLN I 13 -27.24 -47.78 43.40
CA GLN I 13 -27.99 -48.53 42.41
C GLN I 13 -28.02 -47.76 41.09
N PRO I 14 -28.36 -48.41 39.98
CA PRO I 14 -28.62 -47.64 38.75
C PRO I 14 -29.90 -46.83 38.88
N GLY I 15 -29.83 -45.58 38.44
CA GLY I 15 -30.96 -44.69 38.54
C GLY I 15 -31.07 -43.96 39.87
N LYS I 16 -29.95 -43.57 40.45
CA LYS I 16 -29.92 -42.88 41.73
C LYS I 16 -29.21 -41.54 41.59
N SER I 17 -29.02 -40.87 42.72
CA SER I 17 -28.42 -39.55 42.77
C SER I 17 -27.41 -39.50 43.90
N VAL I 18 -26.20 -39.03 43.60
CA VAL I 18 -25.15 -38.88 44.62
C VAL I 18 -24.80 -37.41 44.73
N ARG I 19 -23.88 -37.08 45.63
CA ARG I 19 -23.38 -35.72 45.79
C ARG I 19 -21.96 -35.81 46.31
N LEU I 20 -20.98 -35.75 45.41
CA LEU I 20 -19.60 -35.73 45.81
C LEU I 20 -19.23 -34.37 46.41
N SER I 21 -18.05 -34.30 47.01
CA SER I 21 -17.60 -33.06 47.62
C SER I 21 -16.08 -33.00 47.59
N CYS I 22 -15.55 -31.78 47.53
CA CYS I 22 -14.11 -31.56 47.41
C CYS I 22 -13.79 -30.23 48.11
N VAL I 23 -13.34 -30.32 49.36
CA VAL I 23 -13.06 -29.15 50.18
C VAL I 23 -11.57 -28.82 50.09
N VAL I 24 -11.24 -27.54 49.98
CA VAL I 24 -9.88 -27.11 49.75
C VAL I 24 -9.28 -26.58 51.04
N SER I 25 -7.98 -26.32 51.02
CA SER I 25 -7.25 -25.84 52.20
C SER I 25 -6.33 -24.69 51.80
N ASP I 26 -6.66 -23.50 52.29
CA ASP I 26 -5.83 -22.28 52.21
C ASP I 26 -5.56 -21.84 50.77
N PHE I 27 -6.63 -21.52 50.07
CA PHE I 27 -6.63 -20.88 48.77
C PHE I 27 -7.26 -19.51 48.86
N PRO I 28 -7.13 -18.69 47.82
CA PRO I 28 -8.13 -17.64 47.59
C PRO I 28 -9.43 -18.26 47.12
N PHE I 29 -9.32 -19.18 46.16
CA PHE I 29 -10.32 -20.12 45.67
C PHE I 29 -11.42 -19.46 44.83
N SER I 30 -11.50 -18.14 44.84
CA SER I 30 -12.36 -17.44 43.89
C SER I 30 -11.59 -17.07 42.64
N LYS I 31 -10.30 -17.42 42.59
CA LYS I 31 -9.47 -17.13 41.45
C LYS I 31 -9.19 -18.36 40.60
N TYR I 32 -9.34 -19.55 41.16
CA TYR I 32 -8.93 -20.78 40.51
C TYR I 32 -10.15 -21.58 40.06
N PRO I 33 -10.28 -21.82 38.76
CA PRO I 33 -11.29 -22.76 38.28
C PRO I 33 -10.87 -24.21 38.46
N MET I 34 -11.85 -25.06 38.76
CA MET I 34 -11.64 -26.43 39.19
C MET I 34 -12.18 -27.41 38.15
N TYR I 35 -11.74 -28.66 38.26
CA TYR I 35 -12.00 -29.70 37.26
C TYR I 35 -12.55 -30.95 37.94
N TRP I 36 -12.86 -31.95 37.12
CA TRP I 36 -13.23 -33.29 37.60
C TRP I 36 -12.77 -34.29 36.55
N VAL I 37 -11.78 -35.13 36.90
CA VAL I 37 -11.33 -36.18 36.01
C VAL I 37 -11.88 -37.51 36.50
N ARG I 38 -11.83 -38.53 35.64
CA ARG I 38 -12.42 -39.83 35.93
C ARG I 38 -11.52 -40.94 35.42
N GLN I 39 -11.22 -41.92 36.28
CA GLN I 39 -10.32 -43.02 35.94
C GLN I 39 -11.01 -44.33 36.24
N ALA I 40 -11.41 -45.04 35.19
CA ALA I 40 -11.95 -46.38 35.33
C ALA I 40 -10.85 -47.34 35.76
N PRO I 41 -11.20 -48.46 36.42
CA PRO I 41 -10.17 -49.43 36.83
C PRO I 41 -9.49 -50.07 35.62
N GLY I 42 -8.16 -49.98 35.61
CA GLY I 42 -7.38 -50.54 34.53
C GLY I 42 -7.50 -49.78 33.22
N LYS I 43 -7.85 -48.50 33.27
CA LYS I 43 -8.01 -47.68 32.08
C LYS I 43 -7.18 -46.41 32.23
N GLY I 44 -7.28 -45.54 31.23
CA GLY I 44 -6.66 -44.24 31.30
C GLY I 44 -7.62 -43.19 31.82
N LEU I 45 -7.10 -41.97 31.99
CA LEU I 45 -7.88 -40.88 32.54
C LEU I 45 -8.88 -40.35 31.52
N GLU I 46 -9.97 -39.80 32.03
CA GLU I 46 -10.94 -39.06 31.23
C GLU I 46 -11.14 -37.68 31.82
N TRP I 47 -12.02 -36.91 31.19
CA TRP I 47 -12.41 -35.59 31.65
C TRP I 47 -13.93 -35.55 31.72
N VAL I 48 -14.45 -34.94 32.78
CA VAL I 48 -15.88 -34.92 33.05
C VAL I 48 -16.46 -33.51 32.98
N ALA I 49 -15.94 -32.60 33.81
CA ALA I 49 -16.58 -31.31 33.95
C ALA I 49 -15.56 -30.27 34.38
N ALA I 50 -16.00 -29.01 34.35
CA ALA I 50 -15.13 -27.88 34.66
C ALA I 50 -15.98 -26.68 34.98
N ILE I 51 -15.82 -26.12 36.19
CA ILE I 51 -16.49 -24.89 36.57
C ILE I 51 -15.41 -23.82 36.73
N SER I 52 -15.82 -22.57 36.60
CA SER I 52 -14.92 -21.43 36.69
C SER I 52 -14.90 -20.86 38.10
N GLY I 53 -13.96 -19.96 38.35
CA GLY I 53 -13.89 -19.31 39.64
C GLY I 53 -14.96 -18.26 39.83
N ASP I 54 -15.54 -17.80 38.72
CA ASP I 54 -16.68 -16.90 38.70
C ASP I 54 -17.95 -17.62 39.10
N ALA I 55 -17.92 -18.96 39.01
CA ALA I 55 -19.05 -19.87 39.10
C ALA I 55 -20.14 -19.51 38.12
N TRP I 56 -19.76 -19.17 36.90
CA TRP I 56 -20.82 -18.79 35.97
C TRP I 56 -20.86 -19.71 34.76
N HIS I 57 -19.71 -20.03 34.18
CA HIS I 57 -19.64 -20.85 32.99
C HIS I 57 -19.10 -22.23 33.34
N VAL I 58 -19.89 -23.25 33.07
CA VAL I 58 -19.56 -24.64 33.35
C VAL I 58 -19.65 -25.41 32.03
N VAL I 59 -18.78 -26.41 31.87
CA VAL I 59 -18.81 -27.28 30.71
C VAL I 59 -18.76 -28.72 31.16
N TYR I 60 -19.27 -29.59 30.30
CA TYR I 60 -19.41 -31.02 30.57
C TYR I 60 -18.78 -31.79 29.43
N SER I 61 -18.56 -33.08 29.64
CA SER I 61 -18.12 -33.93 28.55
C SER I 61 -19.33 -34.36 27.72
N ASN I 62 -19.06 -34.96 26.56
CA ASN I 62 -20.13 -35.30 25.63
C ASN I 62 -20.98 -36.44 26.15
N SER I 63 -20.34 -37.46 26.74
CA SER I 63 -21.05 -38.63 27.22
C SER I 63 -21.89 -38.35 28.47
N VAL I 64 -21.55 -37.33 29.23
CA VAL I 64 -22.17 -37.07 30.52
C VAL I 64 -23.11 -35.87 30.46
N GLN I 65 -23.52 -35.47 29.26
CA GLN I 65 -24.28 -34.24 29.07
C GLN I 65 -25.71 -34.41 29.55
N GLY I 66 -26.22 -33.40 30.24
CA GLY I 66 -27.60 -33.39 30.70
C GLY I 66 -27.88 -34.25 31.91
N ARG I 67 -26.86 -34.86 32.50
CA ARG I 67 -27.01 -35.73 33.64
C ARG I 67 -26.36 -35.20 34.91
N PHE I 68 -25.30 -34.41 34.79
CA PHE I 68 -24.52 -33.97 35.94
C PHE I 68 -24.86 -32.51 36.25
N LEU I 69 -24.28 -32.02 37.35
CA LEU I 69 -24.52 -30.66 37.80
C LEU I 69 -23.37 -30.26 38.71
N VAL I 70 -22.61 -29.25 38.30
CA VAL I 70 -21.44 -28.79 39.04
C VAL I 70 -21.77 -27.42 39.62
N SER I 71 -21.53 -27.26 40.92
CA SER I 71 -21.65 -25.96 41.56
C SER I 71 -20.51 -25.82 42.56
N ARG I 72 -20.42 -24.64 43.15
CA ARG I 72 -19.38 -24.35 44.13
C ARG I 72 -19.90 -23.25 45.04
N ASP I 73 -19.29 -23.15 46.22
CA ASP I 73 -19.64 -22.12 47.19
C ASP I 73 -18.34 -21.45 47.61
N ASN I 74 -18.14 -20.21 47.17
CA ASN I 74 -16.89 -19.50 47.41
C ASN I 74 -16.75 -19.03 48.86
N VAL I 75 -17.81 -19.08 49.65
CA VAL I 75 -17.69 -18.83 51.08
C VAL I 75 -17.17 -20.08 51.79
N LYS I 76 -17.79 -21.22 51.53
CA LYS I 76 -17.46 -22.47 52.20
C LYS I 76 -16.24 -23.17 51.62
N ASN I 77 -15.72 -22.71 50.46
CA ASN I 77 -14.56 -23.26 49.78
C ASN I 77 -14.76 -24.75 49.42
N THR I 78 -15.86 -25.05 48.74
CA THR I 78 -16.26 -26.43 48.46
C THR I 78 -16.63 -26.60 46.99
N LEU I 79 -16.59 -27.85 46.54
CA LEU I 79 -17.15 -28.26 45.25
C LEU I 79 -18.31 -29.21 45.47
N TYR I 80 -19.34 -29.08 44.66
CA TYR I 80 -20.60 -29.81 44.82
C TYR I 80 -20.96 -30.45 43.49
N LEU I 81 -20.53 -31.70 43.30
CA LEU I 81 -20.83 -32.44 42.07
C LEU I 81 -22.07 -33.30 42.28
N GLU I 82 -23.16 -32.93 41.63
CA GLU I 82 -24.35 -33.76 41.59
C GLU I 82 -24.23 -34.77 40.46
N MET I 83 -24.96 -35.88 40.60
CA MET I 83 -25.11 -36.84 39.51
C MET I 83 -26.56 -37.31 39.48
N ASN I 84 -27.05 -37.62 38.29
CA ASN I 84 -28.43 -38.04 38.11
C ASN I 84 -28.51 -39.12 37.06
N SER I 85 -29.40 -40.10 37.29
CA SER I 85 -29.68 -41.22 36.38
C SER I 85 -28.42 -42.02 36.06
N LEU I 86 -27.88 -42.64 37.10
CA LEU I 86 -26.57 -43.27 37.02
C LEU I 86 -26.61 -44.54 36.18
N LYS I 87 -25.70 -44.63 35.22
CA LYS I 87 -25.54 -45.81 34.39
C LYS I 87 -24.63 -46.81 35.09
N ILE I 88 -24.18 -47.84 34.37
CA ILE I 88 -23.41 -48.92 34.95
C ILE I 88 -21.93 -48.67 34.73
N GLU I 89 -21.59 -48.06 33.59
CA GLU I 89 -20.21 -47.85 33.18
C GLU I 89 -19.51 -46.70 33.92
N ASP I 90 -20.14 -46.09 34.91
CA ASP I 90 -19.54 -44.99 35.67
C ASP I 90 -18.79 -45.48 36.91
N THR I 91 -18.50 -46.77 37.01
CA THR I 91 -17.75 -47.29 38.15
C THR I 91 -16.29 -46.91 37.96
N ALA I 92 -15.86 -45.88 38.70
CA ALA I 92 -14.52 -45.31 38.52
C ALA I 92 -14.16 -44.49 39.75
N VAL I 93 -13.05 -43.75 39.65
CA VAL I 93 -12.55 -42.90 40.72
C VAL I 93 -12.63 -41.46 40.25
N TYR I 94 -13.22 -40.59 41.07
CA TYR I 94 -13.48 -39.20 40.71
C TYR I 94 -12.54 -38.30 41.49
N ARG I 95 -11.66 -37.61 40.78
CA ARG I 95 -10.70 -36.68 41.37
C ARG I 95 -11.04 -35.26 40.96
N CYS I 96 -11.16 -34.37 41.95
CA CYS I 96 -11.17 -32.94 41.68
C CYS I 96 -9.75 -32.45 41.44
N ALA I 97 -9.63 -31.26 40.86
CA ALA I 97 -8.32 -30.76 40.43
C ALA I 97 -8.34 -29.25 40.32
N ARG I 98 -7.15 -28.67 40.17
CA ARG I 98 -6.96 -27.22 40.15
C ARG I 98 -5.96 -26.85 39.06
N MET I 99 -6.29 -25.79 38.32
CA MET I 99 -5.41 -25.24 37.29
C MET I 99 -4.11 -24.74 37.91
N PHE I 100 -3.01 -24.78 37.14
CA PHE I 100 -1.73 -24.44 37.72
C PHE I 100 -1.53 -22.94 37.89
N GLN I 101 -2.32 -22.11 37.21
CA GLN I 101 -2.31 -20.68 37.47
C GLN I 101 -3.75 -20.23 37.53
N GLU I 102 -3.98 -19.09 38.15
CA GLU I 102 -5.36 -18.62 38.21
C GLU I 102 -5.69 -17.90 36.91
N SER I 103 -6.80 -18.31 36.31
CA SER I 103 -7.40 -17.50 35.27
C SER I 103 -7.83 -16.18 35.87
N GLY I 104 -7.68 -15.12 35.09
CA GLY I 104 -8.11 -13.83 35.54
C GLY I 104 -9.61 -13.66 35.45
N PRO I 105 -10.04 -12.42 35.29
CA PRO I 105 -11.46 -12.14 35.12
C PRO I 105 -11.90 -12.51 33.71
N PRO I 106 -13.20 -12.51 33.43
CA PRO I 106 -13.65 -12.55 32.04
C PRO I 106 -13.15 -11.35 31.25
N ARG I 107 -12.68 -11.63 30.05
CA ARG I 107 -12.15 -10.60 29.17
C ARG I 107 -13.21 -10.22 28.14
N LEU I 108 -13.74 -9.00 28.24
CA LEU I 108 -14.77 -8.53 27.34
C LEU I 108 -14.17 -8.24 25.96
N ASP I 109 -14.73 -8.85 24.94
CA ASP I 109 -14.38 -8.52 23.57
C ASP I 109 -15.32 -7.44 23.09
N ARG I 110 -14.75 -6.34 22.61
CA ARG I 110 -15.56 -5.18 22.29
C ARG I 110 -16.31 -5.35 20.98
N TRP I 111 -15.72 -6.05 20.01
CA TRP I 111 -16.31 -6.15 18.68
C TRP I 111 -17.59 -6.97 18.68
N SER I 112 -17.68 -8.00 19.51
CA SER I 112 -18.89 -8.81 19.57
C SER I 112 -19.61 -8.77 20.90
N GLY I 113 -19.06 -8.12 21.92
CA GLY I 113 -19.77 -7.93 23.16
C GLY I 113 -19.90 -9.19 23.99
N ARG I 114 -18.91 -10.06 23.96
CA ARG I 114 -18.93 -11.30 24.70
C ARG I 114 -17.85 -11.30 25.77
N ASN I 115 -18.07 -12.08 26.80
CA ASN I 115 -17.05 -12.34 27.80
C ASN I 115 -16.46 -13.71 27.59
N TYR I 116 -15.17 -13.84 27.86
CA TYR I 116 -14.43 -15.05 27.57
C TYR I 116 -13.71 -15.53 28.82
N TYR I 117 -13.81 -16.82 29.09
CA TYR I 117 -13.05 -17.41 30.19
C TYR I 117 -11.89 -18.20 29.60
N TYR I 118 -10.88 -18.45 30.42
CA TYR I 118 -9.65 -19.08 29.95
C TYR I 118 -9.35 -20.31 30.80
N TYR I 119 -9.08 -21.43 30.16
CA TYR I 119 -8.82 -22.68 30.83
C TYR I 119 -7.50 -23.27 30.39
N SER I 120 -6.88 -24.02 31.30
CA SER I 120 -5.52 -24.54 31.17
C SER I 120 -5.42 -25.82 32.00
N GLY I 121 -4.20 -26.21 32.37
CA GLY I 121 -3.94 -27.53 32.94
C GLY I 121 -4.20 -27.81 34.41
N MET I 122 -3.21 -28.41 35.10
CA MET I 122 -3.42 -29.01 36.41
C MET I 122 -2.27 -28.67 37.35
N ASP I 123 -2.59 -28.52 38.64
CA ASP I 123 -1.60 -28.66 39.71
C ASP I 123 -1.86 -29.89 40.58
N VAL I 124 -3.00 -29.91 41.24
CA VAL I 124 -3.22 -30.73 42.42
C VAL I 124 -4.47 -31.54 42.17
N TRP I 125 -4.32 -32.83 41.89
CA TRP I 125 -5.46 -33.72 41.97
C TRP I 125 -5.83 -33.96 43.43
N GLY I 126 -7.05 -34.41 43.64
CA GLY I 126 -7.53 -34.66 44.98
C GLY I 126 -7.01 -35.97 45.54
N GLN I 127 -7.63 -36.39 46.64
CA GLN I 127 -7.31 -37.69 47.23
C GLN I 127 -7.74 -38.83 46.31
N GLY I 128 -8.98 -38.77 45.85
CA GLY I 128 -9.50 -39.76 44.94
C GLY I 128 -10.56 -40.62 45.60
N THR I 129 -11.81 -40.26 45.41
CA THR I 129 -12.94 -41.02 45.92
C THR I 129 -13.60 -41.75 44.76
N THR I 130 -14.33 -42.81 45.09
CA THR I 130 -14.88 -43.69 44.07
C THR I 130 -16.39 -43.85 44.25
N VAL I 131 -17.05 -44.13 43.13
CA VAL I 131 -18.46 -44.47 43.11
C VAL I 131 -18.61 -45.76 42.32
N THR I 132 -19.13 -46.80 42.97
CA THR I 132 -19.34 -48.10 42.34
C THR I 132 -20.83 -48.41 42.35
N VAL I 133 -21.40 -48.54 41.17
CA VAL I 133 -22.83 -48.80 40.99
C VAL I 133 -23.04 -50.31 40.88
N SER I 134 -24.03 -50.82 41.61
CA SER I 134 -24.28 -52.26 41.68
C SER I 134 -25.78 -52.49 41.83
N SER I 135 -26.15 -53.77 41.79
CA SER I 135 -27.55 -54.18 41.90
C SER I 135 -27.92 -54.63 43.32
N ALA I 136 -27.08 -55.45 43.96
CA ALA I 136 -27.33 -55.91 45.32
C ALA I 136 -26.02 -56.25 46.01
N ILE J 2 -10.02 -33.67 19.33
CA ILE J 2 -8.59 -33.90 19.15
C ILE J 2 -8.22 -35.26 19.72
N VAL J 3 -7.57 -36.09 18.92
CA VAL J 3 -7.14 -37.40 19.34
C VAL J 3 -5.68 -37.34 19.76
N MET J 4 -5.24 -38.36 20.50
CA MET J 4 -3.86 -38.45 20.95
C MET J 4 -3.37 -39.89 20.79
N THR J 5 -2.15 -40.05 20.28
CA THR J 5 -1.52 -41.35 20.20
C THR J 5 -0.07 -41.22 20.62
N GLN J 6 0.45 -42.31 21.20
CA GLN J 6 1.79 -42.32 21.80
C GLN J 6 2.60 -43.48 21.26
N THR J 7 3.91 -43.31 21.26
CA THR J 7 4.84 -44.39 20.99
C THR J 7 5.90 -44.40 22.08
N PRO J 8 6.19 -45.54 22.72
CA PRO J 8 5.48 -46.82 22.57
C PRO J 8 4.34 -46.94 23.58
N LEU J 9 3.88 -48.16 23.81
CA LEU J 9 2.95 -48.43 24.91
C LEU J 9 3.66 -48.79 26.20
N SER J 10 4.92 -49.20 26.14
CA SER J 10 5.68 -49.59 27.31
C SER J 10 7.17 -49.54 26.98
N LEU J 11 7.98 -49.18 27.96
CA LEU J 11 9.43 -49.20 27.82
C LEU J 11 10.02 -50.31 28.68
N SER J 12 11.19 -50.79 28.26
CA SER J 12 11.98 -51.74 29.02
C SER J 12 13.43 -51.27 28.92
N VAL J 13 13.90 -50.56 29.95
CA VAL J 13 15.16 -49.83 29.87
C VAL J 13 16.13 -50.32 30.93
N THR J 14 17.29 -49.69 30.99
CA THR J 14 18.35 -50.00 31.93
C THR J 14 18.60 -48.79 32.82
N PRO J 15 18.72 -48.97 34.14
CA PRO J 15 19.01 -47.83 35.02
C PRO J 15 20.37 -47.22 34.74
N GLY J 16 20.39 -45.90 34.55
CA GLY J 16 21.56 -45.20 34.09
C GLY J 16 21.57 -44.92 32.60
N GLN J 17 20.62 -45.48 31.86
CA GLN J 17 20.53 -45.28 30.42
C GLN J 17 19.35 -44.38 30.09
N PRO J 18 19.56 -43.27 29.38
CA PRO J 18 18.44 -42.37 29.06
C PRO J 18 17.53 -42.96 28.00
N ALA J 19 16.25 -42.59 28.07
CA ALA J 19 15.24 -43.04 27.13
C ALA J 19 14.34 -41.85 26.79
N SER J 20 13.29 -42.11 26.01
CA SER J 20 12.42 -41.04 25.56
C SER J 20 11.04 -41.59 25.20
N ILE J 21 10.02 -40.78 25.45
CA ILE J 21 8.63 -41.10 25.11
C ILE J 21 8.04 -39.93 24.34
N SER J 22 7.45 -40.22 23.18
CA SER J 22 6.89 -39.21 22.29
C SER J 22 5.37 -39.29 22.26
N CYS J 23 4.73 -38.13 22.11
CA CYS J 23 3.30 -38.03 21.87
C CYS J 23 3.05 -37.41 20.50
N LYS J 24 1.91 -37.76 19.92
CA LYS J 24 1.54 -37.30 18.59
C LYS J 24 0.11 -36.78 18.63
N SER J 25 -0.07 -35.54 18.15
CA SER J 25 -1.37 -34.90 18.11
C SER J 25 -1.85 -34.79 16.66
N SER J 26 -3.17 -34.79 16.49
CA SER J 26 -3.72 -34.65 15.15
C SER J 26 -3.70 -33.20 14.70
N GLU J 27 -4.33 -32.32 15.47
CA GLU J 27 -4.34 -30.90 15.19
C GLU J 27 -3.20 -30.22 15.95
N SER J 28 -2.65 -29.16 15.38
CA SER J 28 -1.62 -28.39 16.06
C SER J 28 -2.19 -27.70 17.29
N LEU J 29 -1.40 -27.67 18.36
CA LEU J 29 -1.86 -27.21 19.67
C LEU J 29 -1.32 -25.83 20.03
N ARG J 30 -0.95 -25.04 19.02
CA ARG J 30 -0.49 -23.68 19.27
C ARG J 30 -1.72 -22.79 19.45
N GLN J 31 -1.91 -22.27 20.67
CA GLN J 31 -3.03 -21.40 20.94
C GLN J 31 -2.80 -20.02 20.33
N SER J 32 -3.82 -19.16 20.45
CA SER J 32 -3.67 -17.80 19.98
C SER J 32 -2.78 -16.94 20.88
N ASN J 33 -2.40 -17.45 22.05
CA ASN J 33 -1.40 -16.76 22.88
C ASN J 33 0.01 -16.94 22.33
N GLY J 34 0.22 -17.90 21.44
CA GLY J 34 1.53 -18.26 20.97
C GLY J 34 2.18 -19.37 21.76
N LYS J 35 1.66 -19.67 22.95
CA LYS J 35 2.14 -20.77 23.77
C LYS J 35 1.27 -22.01 23.55
N THR J 36 1.91 -23.17 23.58
CA THR J 36 1.22 -24.43 23.31
C THR J 36 0.46 -24.87 24.55
N SER J 37 -0.10 -26.07 24.49
CA SER J 37 -0.95 -26.58 25.57
C SER J 37 -0.66 -28.05 25.83
N LEU J 38 0.62 -28.39 25.92
CA LEU J 38 1.00 -29.77 26.16
C LEU J 38 1.44 -29.95 27.61
N TYR J 39 1.00 -31.05 28.21
CA TYR J 39 1.14 -31.33 29.63
C TYR J 39 1.66 -32.75 29.81
N TRP J 40 2.66 -32.91 30.68
CA TRP J 40 3.29 -34.20 30.93
C TRP J 40 3.05 -34.60 32.38
N TYR J 41 2.41 -35.74 32.58
CA TYR J 41 1.94 -36.17 33.88
C TYR J 41 2.67 -37.43 34.33
N ARG J 42 2.42 -37.83 35.58
CA ARG J 42 2.99 -39.06 36.11
C ARG J 42 2.08 -39.61 37.19
N GLN J 43 1.61 -40.84 37.00
CA GLN J 43 0.81 -41.55 37.98
C GLN J 43 1.57 -42.79 38.42
N LYS J 44 2.02 -42.79 39.68
CA LYS J 44 2.47 -44.02 40.30
C LYS J 44 1.26 -44.92 40.53
N PRO J 45 1.45 -46.25 40.57
CA PRO J 45 0.31 -47.15 40.76
C PRO J 45 -0.34 -46.99 42.13
N GLY J 46 -1.66 -46.83 42.12
CA GLY J 46 -2.39 -46.56 43.33
C GLY J 46 -2.17 -45.18 43.90
N GLN J 47 -1.73 -44.22 43.08
CA GLN J 47 -1.36 -42.90 43.55
C GLN J 47 -2.03 -41.82 42.71
N SER J 48 -2.07 -40.61 43.28
CA SER J 48 -2.56 -39.45 42.58
C SER J 48 -1.60 -39.06 41.46
N PRO J 49 -2.11 -38.46 40.38
CA PRO J 49 -1.21 -38.02 39.30
C PRO J 49 -0.36 -36.83 39.72
N GLN J 50 0.62 -36.53 38.88
CA GLN J 50 1.65 -35.54 39.22
C GLN J 50 2.16 -34.89 37.95
N LEU J 51 2.12 -33.57 37.88
CA LEU J 51 2.64 -32.84 36.75
C LEU J 51 4.16 -32.85 36.73
N LEU J 52 4.73 -32.95 35.53
CA LEU J 52 6.17 -32.90 35.35
C LEU J 52 6.61 -31.73 34.49
N VAL J 53 5.98 -31.53 33.33
CA VAL J 53 6.29 -30.46 32.38
C VAL J 53 4.97 -29.86 31.92
N PHE J 54 4.79 -28.56 32.13
CA PHE J 54 3.49 -27.93 31.86
C PHE J 54 3.50 -27.04 30.63
N GLU J 55 4.47 -27.20 29.74
CA GLU J 55 4.44 -26.61 28.40
C GLU J 55 5.15 -27.61 27.49
N VAL J 56 5.62 -27.12 26.34
CA VAL J 56 6.67 -27.83 25.63
C VAL J 56 7.88 -28.03 26.54
N SER J 57 8.34 -26.96 27.17
CA SER J 57 9.67 -26.92 27.74
C SER J 57 9.68 -26.92 29.27
N ASN J 58 8.99 -25.98 29.91
CA ASN J 58 9.33 -25.62 31.28
C ASN J 58 8.85 -26.67 32.29
N ARG J 59 9.61 -26.79 33.37
CA ARG J 59 9.49 -27.88 34.31
C ARG J 59 8.75 -27.40 35.56
N PHE J 60 7.97 -28.31 36.15
CA PHE J 60 7.19 -27.98 37.33
C PHE J 60 8.09 -27.74 38.54
N SER J 61 7.66 -26.84 39.41
CA SER J 61 8.42 -26.46 40.61
C SER J 61 8.42 -27.62 41.59
N GLY J 62 9.51 -28.38 41.62
CA GLY J 62 9.63 -29.52 42.49
C GLY J 62 9.93 -30.80 41.74
N VAL J 63 10.38 -30.67 40.50
CA VAL J 63 10.74 -31.80 39.65
C VAL J 63 12.21 -31.64 39.28
N SER J 64 12.96 -32.75 39.36
CA SER J 64 14.39 -32.74 39.06
C SER J 64 14.62 -32.53 37.57
N ASP J 65 15.81 -32.04 37.25
CA ASP J 65 16.16 -31.56 35.91
C ASP J 65 16.42 -32.67 34.89
N ARG J 66 16.17 -33.94 35.24
CA ARG J 66 16.36 -35.03 34.29
C ARG J 66 15.32 -35.00 33.19
N PHE J 67 14.14 -34.47 33.48
CA PHE J 67 13.03 -34.46 32.55
C PHE J 67 13.12 -33.21 31.68
N VAL J 68 13.38 -33.39 30.40
CA VAL J 68 13.42 -32.28 29.45
C VAL J 68 12.34 -32.50 28.41
N GLY J 69 11.72 -31.40 27.97
CA GLY J 69 10.67 -31.47 26.98
C GLY J 69 11.04 -30.72 25.72
N SER J 70 10.41 -31.08 24.61
CA SER J 70 10.77 -30.50 23.31
C SER J 70 9.57 -30.61 22.37
N GLY J 71 9.71 -30.01 21.21
CA GLY J 71 8.75 -30.16 20.14
C GLY J 71 8.03 -28.86 19.84
N SER J 72 7.31 -28.88 18.71
CA SER J 72 6.48 -27.78 18.25
C SER J 72 5.53 -28.31 17.18
N GLY J 73 4.37 -27.67 17.08
CA GLY J 73 3.36 -28.12 16.13
C GLY J 73 2.56 -29.27 16.68
N THR J 74 2.83 -30.48 16.16
CA THR J 74 2.19 -31.70 16.65
C THR J 74 3.17 -32.73 17.18
N ASP J 75 4.44 -32.70 16.77
CA ASP J 75 5.43 -33.68 17.20
C ASP J 75 6.04 -33.22 18.50
N PHE J 76 6.00 -34.08 19.52
CA PHE J 76 6.53 -33.74 20.83
C PHE J 76 7.18 -34.97 21.45
N THR J 77 8.17 -34.75 22.31
CA THR J 77 8.89 -35.82 22.98
C THR J 77 9.07 -35.51 24.46
N LEU J 78 9.54 -36.49 25.21
CA LEU J 78 9.92 -36.32 26.61
C LEU J 78 11.12 -37.22 26.88
N ARG J 79 12.30 -36.63 27.03
CA ARG J 79 13.54 -37.39 27.11
C ARG J 79 14.01 -37.48 28.56
N ILE J 80 13.82 -38.65 29.17
CA ILE J 80 14.30 -38.88 30.52
C ILE J 80 15.81 -39.06 30.48
N SER J 81 16.52 -38.35 31.36
CA SER J 81 17.96 -38.47 31.46
C SER J 81 18.30 -39.35 32.67
N ARG J 82 18.93 -40.51 32.39
CA ARG J 82 19.45 -41.44 33.41
C ARG J 82 18.33 -41.96 34.31
N VAL J 83 17.48 -42.80 33.70
CA VAL J 83 16.33 -43.44 34.33
C VAL J 83 16.72 -44.08 35.66
N GLU J 84 15.96 -43.76 36.72
CA GLU J 84 16.24 -44.30 38.05
C GLU J 84 15.00 -44.94 38.65
N ALA J 85 15.07 -45.29 39.93
CA ALA J 85 14.02 -46.06 40.60
C ALA J 85 12.78 -45.25 40.94
N GLU J 86 12.82 -43.93 40.74
CA GLU J 86 11.67 -43.06 40.95
C GLU J 86 11.01 -42.66 39.63
N ASP J 87 11.31 -43.37 38.55
CA ASP J 87 10.87 -43.01 37.20
C ASP J 87 10.15 -44.17 36.54
N VAL J 88 9.31 -44.88 37.28
CA VAL J 88 8.53 -45.98 36.74
C VAL J 88 7.05 -45.74 37.03
N GLY J 89 6.20 -46.22 36.13
CA GLY J 89 4.78 -46.02 36.27
C GLY J 89 4.07 -45.63 34.98
N PHE J 90 3.26 -44.58 35.03
CA PHE J 90 2.40 -44.18 33.92
C PHE J 90 2.70 -42.74 33.52
N TYR J 91 2.88 -42.51 32.22
CA TYR J 91 3.16 -41.19 31.67
C TYR J 91 2.07 -40.81 30.69
N TYR J 92 1.55 -39.59 30.83
CA TYR J 92 0.36 -39.16 30.10
C TYR J 92 0.63 -37.88 29.33
N CYS J 93 -0.11 -37.69 28.24
CA CYS J 93 -0.20 -36.42 27.54
C CYS J 93 -1.60 -35.86 27.62
N MET J 94 -1.68 -34.55 27.86
CA MET J 94 -2.94 -33.84 27.92
C MET J 94 -2.85 -32.57 27.06
N GLN J 95 -3.89 -32.34 26.27
CA GLN J 95 -4.06 -31.08 25.57
C GLN J 95 -5.03 -30.18 26.33
N SER J 96 -4.87 -28.88 26.19
CA SER J 96 -5.86 -27.94 26.67
C SER J 96 -6.11 -26.86 25.64
N LYS J 97 -6.12 -27.24 24.36
CA LYS J 97 -6.41 -26.27 23.32
C LYS J 97 -7.90 -26.03 23.19
N ASP J 98 -8.71 -27.09 23.22
CA ASP J 98 -10.15 -26.92 23.15
C ASP J 98 -10.82 -28.05 23.92
N PHE J 99 -12.05 -27.79 24.32
CA PHE J 99 -12.86 -28.78 25.02
C PHE J 99 -13.33 -29.85 24.03
N PRO J 100 -13.40 -31.12 24.46
CA PRO J 100 -13.06 -31.68 25.77
C PRO J 100 -11.57 -31.87 26.00
N LEU J 101 -11.14 -31.74 27.24
CA LEU J 101 -9.72 -31.78 27.58
C LEU J 101 -9.31 -33.24 27.60
N THR J 102 -8.81 -33.74 26.48
CA THR J 102 -8.54 -35.15 26.35
C THR J 102 -7.15 -35.50 26.90
N PHE J 103 -7.04 -36.72 27.41
CA PHE J 103 -5.78 -37.30 27.83
C PHE J 103 -5.27 -38.26 26.76
N GLY J 104 -3.97 -38.55 26.81
CA GLY J 104 -3.35 -39.46 25.88
C GLY J 104 -3.64 -40.91 26.21
N GLY J 105 -2.92 -41.79 25.53
CA GLY J 105 -3.07 -43.22 25.76
C GLY J 105 -2.43 -43.65 27.07
N GLY J 106 -1.12 -43.49 27.16
CA GLY J 106 -0.45 -43.82 28.41
C GLY J 106 0.56 -44.93 28.23
N THR J 107 1.79 -44.66 28.67
CA THR J 107 2.87 -45.63 28.64
C THR J 107 3.01 -46.31 30.00
N LYS J 108 3.74 -47.43 30.01
CA LYS J 108 4.03 -48.16 31.24
C LYS J 108 5.54 -48.43 31.26
N VAL J 109 6.29 -47.59 31.98
CA VAL J 109 7.74 -47.69 32.02
C VAL J 109 8.13 -48.73 33.06
N ASP J 110 8.87 -49.75 32.62
CA ASP J 110 9.30 -50.85 33.48
C ASP J 110 10.78 -51.15 33.23
N LEU J 111 11.36 -51.87 34.18
CA LEU J 111 12.70 -52.40 34.09
C LEU J 111 12.62 -53.91 33.81
N LYS J 112 13.77 -54.57 33.80
CA LYS J 112 13.88 -55.98 33.43
C LYS J 112 14.38 -56.76 34.65
N ARG J 113 13.44 -57.22 35.48
CA ARG J 113 13.79 -58.02 36.65
C ARG J 113 14.22 -59.43 36.25
C1 NAG K . 33.61 10.34 -26.40
C2 NAG K . 34.92 10.28 -25.57
C3 NAG K . 35.66 11.61 -25.66
C4 NAG K . 35.89 12.00 -27.11
C5 NAG K . 34.57 11.99 -27.88
C6 NAG K . 34.76 12.21 -29.37
C7 NAG K . 33.92 10.48 -23.27
C8 NAG K . 33.87 9.81 -21.93
N2 NAG K . 34.69 9.87 -24.18
O3 NAG K . 36.91 11.49 -24.98
O4 NAG K . 36.47 13.30 -27.19
O5 NAG K . 33.93 10.72 -27.74
O6 NAG K . 35.87 11.50 -29.89
O7 NAG K . 33.31 11.53 -23.48
C1 FUC K . 35.41 10.34 -30.63
C2 FUC K . 36.11 10.28 -31.99
C3 FUC K . 37.61 9.98 -31.81
C4 FUC K . 37.80 8.70 -30.96
C5 FUC K . 37.05 8.83 -29.64
C6 FUC K . 37.06 7.56 -28.82
O2 FUC K . 35.92 11.47 -32.77
O3 FUC K . 38.23 9.77 -33.07
O4 FUC K . 37.30 7.58 -31.68
O5 FUC K . 35.66 9.16 -29.87
C1 NAG L . 5.05 20.95 -51.02
C2 NAG L . 6.17 20.78 -52.02
C3 NAG L . 5.56 20.55 -53.41
C4 NAG L . 4.50 19.44 -53.40
C5 NAG L . 3.57 19.53 -52.18
C6 NAG L . 2.76 18.27 -51.96
C7 NAG L . 8.41 21.85 -52.11
C8 NAG L . 9.01 20.47 -52.11
N2 NAG L . 7.07 21.93 -52.05
O3 NAG L . 6.59 20.23 -54.33
O4 NAG L . 3.64 19.59 -54.53
O5 NAG L . 4.29 19.76 -50.96
O6 NAG L . 2.84 17.84 -50.61
O7 NAG L . 9.11 22.86 -52.14
C1 NAG L . 4.03 18.80 -55.67
C2 NAG L . 2.79 18.43 -56.50
C3 NAG L . 3.21 17.69 -57.77
C4 NAG L . 4.23 18.52 -58.56
C5 NAG L . 5.41 18.89 -57.67
C6 NAG L . 6.38 19.83 -58.34
C7 NAG L . 0.55 17.64 -55.87
C8 NAG L . -0.24 16.73 -54.99
N2 NAG L . 1.88 17.61 -55.71
O3 NAG L . 2.07 17.43 -58.58
O4 NAG L . 4.69 17.76 -59.68
O5 NAG L . 4.93 19.57 -56.50
O6 NAG L . 7.05 20.64 -57.39
O7 NAG L . 0.02 18.36 -56.71
C1 NAG M . -0.48 22.63 -46.45
C2 NAG M . -0.55 23.23 -47.86
C3 NAG M . -1.95 23.73 -48.17
C4 NAG M . -3.00 22.66 -47.91
C5 NAG M . -2.83 22.15 -46.48
C6 NAG M . -3.78 21.03 -46.11
C7 NAG M . 1.68 24.12 -48.45
C8 NAG M . 2.52 25.34 -48.55
N2 NAG M . 0.42 24.31 -48.02
O3 NAG M . -1.99 24.16 -49.53
O4 NAG M . -4.31 23.20 -48.04
O5 NAG M . -1.51 21.65 -46.30
O6 NAG M . -3.82 20.83 -44.70
O7 NAG M . 2.09 23.01 -48.73
C1 NAG M . -4.93 22.75 -49.26
C2 NAG M . -6.44 22.65 -49.08
C3 NAG M . -7.10 22.24 -50.39
C4 NAG M . -6.69 23.18 -51.52
C5 NAG M . -5.17 23.24 -51.62
C6 NAG M . -4.68 24.25 -52.64
C7 NAG M . -7.21 22.13 -46.82
C8 NAG M . -7.54 21.03 -45.83
N2 NAG M . -6.78 21.73 -48.02
O3 NAG M . -8.52 22.26 -50.23
O4 NAG M . -7.23 22.72 -52.76
O5 NAG M . -4.62 23.64 -50.35
O6 NAG M . -4.13 23.59 -53.77
O7 NAG M . -7.34 23.32 -46.53
C1 NAG N . 33.61 -5.58 -44.65
C2 NAG N . 33.00 -5.58 -46.03
C3 NAG N . 33.81 -6.49 -46.95
C4 NAG N . 35.31 -6.18 -46.87
C5 NAG N . 35.80 -5.92 -45.44
C6 NAG N . 37.16 -5.26 -45.39
C7 NAG N . 30.62 -5.25 -46.54
C8 NAG N . 29.24 -5.82 -46.43
N2 NAG N . 31.60 -5.98 -46.01
O3 NAG N . 33.35 -6.36 -48.28
O4 NAG N . 36.02 -7.32 -47.32
O5 NAG N . 34.90 -5.07 -44.71
O6 NAG N . 37.37 -4.61 -44.15
O7 NAG N . 30.83 -4.18 -47.09
C1 NAG N . 36.53 -7.29 -48.67
C2 NAG N . 35.81 -8.38 -49.47
C3 NAG N . 36.32 -8.40 -50.90
C4 NAG N . 36.17 -7.02 -51.54
C5 NAG N . 36.88 -5.97 -50.68
C6 NAG N . 36.69 -4.56 -51.19
C7 NAG N . 35.02 -10.25 -48.11
C8 NAG N . 35.34 -11.59 -47.53
N2 NAG N . 35.97 -9.68 -48.85
O3 NAG N . 35.59 -9.37 -51.66
O4 NAG N . 36.73 -7.03 -52.85
O5 NAG N . 36.37 -6.00 -49.34
O6 NAG N . 36.19 -4.55 -52.52
O7 NAG N . 33.93 -9.70 -47.91
C1 NAG O . 32.41 -10.64 -38.41
C2 NAG O . 33.45 -9.59 -38.80
C3 NAG O . 34.39 -10.14 -39.88
C4 NAG O . 35.00 -11.47 -39.46
C5 NAG O . 33.90 -12.45 -39.04
C6 NAG O . 34.46 -13.72 -38.45
C7 NAG O . 32.50 -7.36 -38.43
C8 NAG O . 31.86 -6.17 -39.07
N2 NAG O . 32.83 -8.36 -39.25
O3 NAG O . 35.40 -9.17 -40.13
O4 NAG O . 35.72 -12.05 -40.54
O5 NAG O . 33.09 -11.86 -38.02
O6 NAG O . 35.05 -13.49 -37.19
O7 NAG O . 32.72 -7.40 -37.22
C1 NAG O . 37.14 -11.93 -40.38
C2 NAG O . 37.85 -13.21 -40.84
C3 NAG O . 39.37 -13.03 -40.76
C4 NAG O . 39.80 -11.79 -41.55
C5 NAG O . 39.04 -10.57 -41.05
C6 NAG O . 39.34 -9.32 -41.87
C7 NAG O . 36.94 -15.46 -40.61
C8 NAG O . 36.57 -16.56 -39.65
N2 NAG O . 37.44 -14.35 -40.06
O3 NAG O . 40.01 -14.18 -41.27
O4 NAG O . 41.21 -11.58 -41.41
O5 NAG O . 37.63 -10.80 -41.14
O6 NAG O . 39.58 -9.64 -43.23
O7 NAG O . 36.80 -15.59 -41.83
C1 NAG P . 20.77 25.33 -43.76
C2 NAG P . 20.65 26.35 -44.89
C3 NAG P . 22.05 26.72 -45.39
C4 NAG P . 22.96 27.15 -44.22
C5 NAG P . 22.86 26.18 -43.04
C6 NAG P . 23.53 26.71 -41.79
C7 NAG P . 19.10 26.64 -46.77
C8 NAG P . 18.33 25.96 -47.86
N2 NAG P . 19.84 25.84 -45.99
O3 NAG P . 21.94 27.76 -46.35
O4 NAG P . 24.31 27.13 -44.67
O5 NAG P . 21.49 25.89 -42.69
O6 NAG P . 22.93 26.14 -40.63
O7 NAG P . 19.06 27.85 -46.60
C1 NAG P . 24.85 28.42 -45.04
C2 NAG P . 26.38 28.38 -44.99
C3 NAG P . 26.96 29.70 -45.49
C4 NAG P . 26.41 30.06 -46.87
C5 NAG P . 24.89 30.06 -46.84
C6 NAG P . 24.26 30.29 -48.19
C7 NAG P . 27.99 27.46 -43.38
C8 NAG P . 28.30 27.24 -41.94
N2 NAG P . 26.83 28.08 -43.65
O3 NAG P . 28.38 29.62 -45.55
O4 NAG P . 26.89 31.32 -47.28
O5 NAG P . 24.41 28.79 -46.38
O6 NAG P . 25.00 31.24 -48.95
O7 NAG P . 28.74 27.09 -44.28
C1 NAG Q . -18.09 44.10 -5.35
C2 NAG Q . -19.11 43.40 -4.45
C3 NAG Q . -20.48 44.06 -4.59
C4 NAG Q . -20.41 45.56 -4.38
C5 NAG Q . -19.34 46.15 -5.31
C6 NAG Q . -19.09 47.63 -5.11
C7 NAG Q . -19.55 41.05 -3.92
C8 NAG Q . -19.53 39.64 -4.43
N2 NAG Q . -19.17 41.99 -4.79
O3 NAG Q . -21.37 43.50 -3.63
O4 NAG Q . -21.68 46.13 -4.67
O5 NAG Q . -18.09 45.51 -5.07
O6 NAG Q . -20.15 48.42 -5.67
O7 NAG Q . -19.90 41.31 -2.77
C1 NAG Q . -22.28 46.88 -3.58
C2 NAG Q . -23.76 47.08 -3.90
C3 NAG Q . -24.43 47.91 -2.80
C4 NAG Q . -24.18 47.27 -1.44
C5 NAG Q . -22.69 47.03 -1.20
C6 NAG Q . -22.41 46.28 0.07
C7 NAG Q . -24.74 47.18 -6.14
C8 NAG Q . -24.81 47.95 -7.42
N2 NAG Q . -23.94 47.69 -5.20
O3 NAG Q . -25.82 48.00 -3.05
O4 NAG Q . -24.69 48.12 -0.40
O5 NAG Q . -22.14 46.25 -2.27
O6 NAG Q . -23.40 46.56 1.06
O7 NAG Q . -25.37 46.14 -5.96
C1 NAG R . 18.39 35.60 -46.95
C2 NAG R . 19.84 35.93 -47.34
C3 NAG R . 20.04 35.78 -48.85
C4 NAG R . 19.54 34.43 -49.35
C5 NAG R . 18.11 34.15 -48.85
C6 NAG R . 17.64 32.76 -49.17
C7 NAG R . 19.77 38.43 -47.20
C8 NAG R . 20.42 39.61 -46.56
N2 NAG R . 20.27 37.24 -46.87
O3 NAG R . 21.43 35.92 -49.16
O4 NAG R . 19.61 34.37 -50.78
O5 NAG R . 18.06 34.29 -47.41
O6 NAG R . 17.07 32.12 -48.02
O7 NAG R . 18.82 38.57 -47.98
C1 NAG R . 18.85 35.39 -51.49
C2 NAG R . 19.72 36.09 -52.55
C3 NAG R . 18.86 37.07 -53.37
C4 NAG R . 17.63 36.39 -53.93
C5 NAG R . 16.85 35.69 -52.82
C6 NAG R . 15.67 34.90 -53.33
C7 NAG R . 22.01 36.98 -52.53
C8 NAG R . 23.04 37.72 -51.74
N2 NAG R . 20.84 36.80 -51.94
O3 NAG R . 19.64 37.62 -54.43
O4 NAG R . 16.79 37.34 -54.56
O5 NAG R . 17.72 34.76 -52.13
O6 NAG R . 14.79 35.71 -54.08
O7 NAG R . 22.24 36.58 -53.67
C1 NAG S . -0.26 18.70 -34.51
C2 NAG S . 0.61 17.44 -34.55
C3 NAG S . 0.22 16.55 -35.72
C4 NAG S . -1.29 16.29 -35.78
C5 NAG S . -2.04 17.62 -35.72
C6 NAG S . -3.54 17.45 -35.61
C7 NAG S . 2.85 17.79 -33.59
C8 NAG S . 4.26 18.17 -33.87
N2 NAG S . 2.02 17.79 -34.64
O3 NAG S . 0.91 15.30 -35.63
O4 NAG S . -1.59 15.66 -37.01
O5 NAG S . -1.63 18.33 -34.54
O6 NAG S . -3.89 16.38 -34.76
O7 NAG S . 2.46 17.49 -32.46
C1 NAG S . -2.07 14.31 -36.80
C2 NAG S . -2.49 13.74 -38.15
C3 NAG S . -3.00 12.31 -37.99
C4 NAG S . -1.95 11.45 -37.27
C5 NAG S . -1.52 12.12 -35.96
C6 NAG S . -0.39 11.40 -35.28
C7 NAG S . -3.24 15.51 -39.68
C8 NAG S . -4.40 16.28 -40.21
N2 NAG S . -3.52 14.57 -38.77
O3 NAG S . -3.30 11.77 -39.26
O4 NAG S . -2.49 10.18 -36.96
O5 NAG S . -1.07 13.46 -36.22
O6 NAG S . -0.88 10.45 -34.35
O7 NAG S . -2.09 15.73 -40.06
C1 BMA S . -1.93 9.17 -37.83
C2 BMA S . -1.96 7.80 -37.09
C3 BMA S . -1.64 6.65 -38.06
C4 BMA S . -2.30 6.78 -39.44
C5 BMA S . -2.18 8.21 -39.99
C6 BMA S . -3.03 8.41 -41.22
O2 BMA S . -3.25 7.54 -36.58
O3 BMA S . -2.02 5.41 -37.49
O4 BMA S . -1.70 5.86 -40.33
O5 BMA S . -2.67 9.12 -39.01
O6 BMA S . -4.38 8.21 -40.81
C1 MAN S . -0.88 4.62 -37.14
C2 MAN S . -1.33 3.17 -37.09
C3 MAN S . -2.43 3.09 -36.03
C4 MAN S . -1.87 3.48 -34.65
C5 MAN S . -1.26 4.90 -34.72
C6 MAN S . -0.47 5.27 -33.48
O2 MAN S . -0.25 2.35 -36.63
O3 MAN S . -3.09 1.82 -35.97
O4 MAN S . -2.91 3.45 -33.70
O5 MAN S . -0.36 5.01 -35.87
O6 MAN S . 0.63 4.38 -33.38
C1 MAN S . -0.18 1.07 -37.31
C2 MAN S . 0.82 0.20 -36.50
C3 MAN S . 2.26 0.69 -36.76
C4 MAN S . 2.57 0.73 -38.26
C5 MAN S . 1.55 1.63 -38.99
C6 MAN S . 1.72 1.60 -40.50
O2 MAN S . 0.80 -1.16 -36.93
O3 MAN S . 3.21 -0.11 -36.08
O4 MAN S . 3.88 1.21 -38.46
O5 MAN S . 0.18 1.21 -38.69
O6 MAN S . 0.88 2.60 -41.07
C1 MAN S . -5.26 8.61 -41.90
C2 MAN S . -6.68 8.86 -41.30
C3 MAN S . -7.34 7.52 -40.94
C4 MAN S . -7.30 6.51 -42.10
C5 MAN S . -5.83 6.33 -42.54
C6 MAN S . -5.67 5.40 -43.74
O2 MAN S . -7.53 9.49 -42.26
O3 MAN S . -8.68 7.71 -40.50
O4 MAN S . -7.85 5.28 -41.67
O5 MAN S . -5.28 7.61 -42.91
O6 MAN S . -6.01 6.13 -44.90
C1 NAG T . 23.12 -3.31 -48.40
C2 NAG T . 22.03 -3.40 -49.46
C3 NAG T . 21.47 -4.82 -49.54
C4 NAG T . 22.61 -5.82 -49.77
C5 NAG T . 23.67 -5.65 -48.69
C6 NAG T . 24.89 -6.51 -48.92
C7 NAG T . 20.58 -1.49 -50.02
C8 NAG T . 19.45 -0.64 -49.57
N2 NAG T . 20.95 -2.46 -49.17
O3 NAG T . 20.51 -4.90 -50.57
O4 NAG T . 22.10 -7.14 -49.73
O5 NAG T . 24.14 -4.29 -48.67
O6 NAG T . 25.83 -5.88 -49.78
O7 NAG T . 21.15 -1.32 -51.08
C1 NAG T . 22.10 -7.68 -51.07
C2 NAG T . 22.47 -9.16 -51.03
C3 NAG T . 22.44 -9.75 -52.43
C4 NAG T . 21.08 -9.50 -53.09
C5 NAG T . 20.74 -8.01 -53.04
C6 NAG T . 19.34 -7.72 -53.53
C7 NAG T . 23.90 -10.06 -49.26
C8 NAG T . 25.31 -10.19 -48.75
N2 NAG T . 23.76 -9.38 -50.40
O3 NAG T . 22.70 -11.14 -52.38
O4 NAG T . 21.09 -9.94 -54.44
O5 NAG T . 20.82 -7.52 -51.70
O6 NAG T . 18.37 -8.43 -52.77
O7 NAG T . 22.96 -10.55 -48.67
C1 NAG U . 0.60 47.74 22.63
C2 NAG U . 1.37 47.17 23.82
C3 NAG U . 2.56 48.06 24.19
C4 NAG U . 3.42 48.38 22.97
C5 NAG U . 2.55 48.88 21.81
C6 NAG U . 3.29 49.02 20.50
C7 NAG U . -0.22 47.77 25.66
C8 NAG U . -1.01 47.19 26.80
N2 NAG U . 0.52 46.89 24.97
O3 NAG U . 3.34 47.41 25.17
O4 NAG U . 4.35 49.39 23.35
O5 NAG U . 1.49 47.95 21.55
O6 NAG U . 3.68 50.37 20.26
O7 NAG U . -0.26 48.97 25.41
C1 NAG U . 5.75 49.04 23.08
C2 NAG U . 6.64 49.82 24.06
C3 NAG U . 8.11 49.51 23.77
C4 NAG U . 8.35 48.00 23.81
C5 NAG U . 7.37 47.28 22.87
C6 NAG U . 7.47 45.77 22.95
C7 NAG U . 6.40 52.06 25.02
C8 NAG U . 6.12 53.50 24.73
N2 NAG U . 6.39 51.24 23.96
O3 NAG U . 8.93 50.15 24.73
O4 NAG U . 9.69 47.72 23.39
O5 NAG U . 6.02 47.62 23.21
O6 NAG U . 7.15 45.29 24.25
O7 NAG U . 6.63 51.65 26.15
C1 NAG V . 35.74 -21.21 -2.46
C2 NAG V . 35.35 -22.18 -1.35
C3 NAG V . 36.32 -22.08 -0.18
C4 NAG V . 37.75 -22.29 -0.64
C5 NAG V . 38.08 -21.28 -1.75
C6 NAG V . 39.45 -21.46 -2.37
C7 NAG V . 32.94 -22.63 -1.37
C8 NAG V . 31.61 -22.28 -0.78
N2 NAG V . 33.99 -21.95 -0.90
O3 NAG V . 35.98 -23.05 0.80
O4 NAG V . 38.63 -22.16 0.47
O5 NAG V . 37.13 -21.41 -2.82
O6 NAG V . 39.43 -22.30 -3.50
O7 NAG V . 33.05 -23.49 -2.24
C1 NAG V . 39.44 -23.35 0.67
C2 NAG V . 40.42 -23.05 1.81
C3 NAG V . 41.35 -24.24 2.02
C4 NAG V . 40.55 -25.53 2.21
C5 NAG V . 39.54 -25.71 1.09
C6 NAG V . 38.63 -26.90 1.31
C7 NAG V . 40.95 -20.69 2.18
C8 NAG V . 41.83 -19.54 1.78
N2 NAG V . 41.19 -21.84 1.54
O3 NAG V . 42.18 -24.00 3.16
O4 NAG V . 41.44 -26.65 2.21
O5 NAG V . 38.70 -24.55 0.98
O6 NAG V . 39.31 -27.95 1.97
O7 NAG V . 40.08 -20.57 3.02
C1 FUC V . 40.01 -23.60 -3.20
C2 FUC V . 39.83 -24.50 -4.47
C3 FUC V . 40.85 -24.15 -5.56
C4 FUC V . 42.27 -24.21 -5.00
C5 FUC V . 42.39 -23.23 -3.83
C6 FUC V . 43.73 -23.31 -3.13
O2 FUC V . 38.49 -24.45 -4.96
O3 FUC V . 40.75 -25.07 -6.63
O4 FUC V . 42.56 -25.52 -4.57
O5 FUC V . 41.40 -23.49 -2.80
C1 NAG W . 44.75 -12.14 -22.68
C2 NAG W . 45.48 -13.25 -21.92
C3 NAG W . 46.66 -13.76 -22.74
C4 NAG W . 46.22 -14.16 -24.14
C5 NAG W . 45.45 -13.03 -24.81
C6 NAG W . 44.85 -13.42 -26.14
C7 NAG W . 45.43 -13.23 -19.47
C8 NAG W . 46.02 -12.64 -18.22
N2 NAG W . 45.92 -12.78 -20.62
O3 NAG W . 47.24 -14.87 -22.07
O4 NAG W . 47.39 -14.45 -24.91
O5 NAG W . 44.36 -12.64 -23.97
O6 NAG W . 45.85 -13.59 -27.13
O7 NAG W . 44.56 -14.09 -19.43
C1 NAG W . 47.47 -15.85 -25.31
C2 NAG W . 48.74 -16.00 -26.13
C3 NAG W . 48.90 -17.44 -26.60
C4 NAG W . 48.86 -18.39 -25.40
C5 NAG W . 47.59 -18.15 -24.58
C6 NAG W . 47.55 -18.96 -23.31
C7 NAG W . 49.59 -14.07 -27.40
C8 NAG W . 49.44 -13.23 -28.63
N2 NAG W . 48.73 -15.09 -27.27
O3 NAG W . 50.14 -17.58 -27.29
O4 NAG W . 48.90 -19.74 -25.84
O5 NAG W . 47.50 -16.77 -24.19
O6 NAG W . 48.67 -18.69 -22.48
O7 NAG W . 50.44 -13.83 -26.55
C1 NAG X . 51.84 -13.57 -18.27
C2 NAG X . 52.93 -12.52 -18.29
C3 NAG X . 54.04 -12.95 -19.24
C4 NAG X . 54.54 -14.36 -18.89
C5 NAG X . 53.38 -15.33 -18.73
C6 NAG X . 53.79 -16.67 -18.17
C7 NAG X . 52.87 -10.07 -18.18
C8 NAG X . 52.22 -8.82 -18.68
N2 NAG X . 52.41 -11.21 -18.68
O3 NAG X . 55.10 -12.00 -19.16
O4 NAG X . 55.35 -14.86 -19.96
O5 NAG X . 52.38 -14.81 -17.83
O6 NAG X . 52.65 -17.48 -17.88
O7 NAG X . 53.79 -10.03 -17.36
C1 NAG X . 56.78 -14.70 -19.78
C2 NAG X . 57.27 -13.99 -21.04
C3 NAG X . 58.77 -13.72 -20.94
C4 NAG X . 59.11 -12.98 -19.65
C5 NAG X . 58.55 -13.73 -18.45
C6 NAG X . 58.73 -12.98 -17.15
C7 NAG X . 56.60 -14.20 -23.39
C8 NAG X . 56.32 -15.15 -24.51
N2 NAG X . 56.97 -14.76 -22.23
O3 NAG X . 59.18 -12.94 -22.06
O4 NAG X . 60.52 -12.86 -19.52
O5 NAG X . 57.13 -13.94 -18.62
O6 NAG X . 58.86 -11.58 -17.37
O7 NAG X . 56.50 -12.98 -23.52
C1 NAG Y . 53.76 -3.44 -12.76
C2 NAG Y . 54.69 -2.22 -12.53
C3 NAG Y . 54.49 -1.15 -13.62
C4 NAG Y . 54.57 -1.76 -15.01
C5 NAG Y . 53.69 -3.00 -15.12
C6 NAG Y . 53.89 -3.75 -16.42
C7 NAG Y . 53.86 -1.07 -10.34
C8 NAG Y . 52.42 -0.85 -10.82
N2 NAG Y . 54.75 -1.68 -11.17
O3 NAG Y . 55.48 -0.14 -13.45
O4 NAG Y . 54.07 -0.81 -15.96
O5 NAG Y . 53.98 -3.94 -14.07
O6 NAG Y . 54.96 -4.67 -16.33
O7 NAG Y . 54.19 -0.70 -9.22
C1 NAG Y . 55.12 -0.17 -16.70
C2 NAG Y . 54.47 0.46 -17.97
C3 NAG Y . 55.45 1.36 -18.74
C4 NAG Y . 56.15 2.33 -17.80
C5 NAG Y . 56.79 1.56 -16.65
C6 NAG Y . 57.47 2.46 -15.64
C7 NAG Y . 54.03 -1.56 -19.57
C8 NAG Y . 55.47 -2.03 -19.62
N2 NAG Y . 53.71 -0.46 -18.82
O3 NAG Y . 54.73 2.09 -19.74
O4 NAG Y . 57.16 3.05 -18.50
O5 NAG Y . 55.77 0.85 -15.94
O6 NAG Y . 58.63 3.08 -16.20
O7 NAG Y . 53.16 -2.15 -20.20
C1 NAG Z . 54.09 6.16 15.94
C2 NAG Z . 54.01 7.44 15.12
C3 NAG Z . 55.31 7.64 14.34
C4 NAG Z . 56.50 7.65 15.30
C5 NAG Z . 56.49 6.37 16.14
C6 NAG Z . 57.55 6.35 17.22
C7 NAG Z . 51.75 8.08 14.44
C8 NAG Z . 50.68 7.96 13.40
N2 NAG Z . 52.88 7.42 14.20
O3 NAG Z . 55.24 8.87 13.63
O4 NAG Z . 57.73 7.71 14.57
O5 NAG Z . 55.23 6.21 16.80
O6 NAG Z . 57.00 6.69 18.48
O7 NAG Z . 51.59 8.74 15.47
C1 NAG Z . 58.32 9.01 14.69
C2 NAG Z . 59.84 8.88 14.65
C3 NAG Z . 60.49 10.25 14.71
C4 NAG Z . 59.96 11.14 13.58
C5 NAG Z . 58.43 11.20 13.65
C6 NAG Z . 57.83 11.95 12.50
C7 NAG Z . 60.84 6.82 15.55
C8 NAG Z . 61.28 6.10 16.78
N2 NAG Z . 60.32 8.04 15.74
O3 NAG Z . 61.90 10.12 14.59
O4 NAG Z . 60.49 12.46 13.70
O5 NAG Z . 57.88 9.87 13.61
O6 NAG Z . 58.74 12.91 11.95
O7 NAG Z . 60.93 6.32 14.44
C1 NAG AA . 50.31 10.01 19.05
C2 NAG AA . 50.51 11.40 18.43
C3 NAG AA . 51.10 12.36 19.47
C4 NAG AA . 50.35 12.31 20.80
C5 NAG AA . 50.17 10.87 21.25
C6 NAG AA . 49.34 10.74 22.51
C7 NAG AA . 51.35 12.23 16.28
C8 NAG AA . 52.32 11.99 15.15
N2 NAG AA . 51.36 11.32 17.26
O3 NAG AA . 51.07 13.69 18.95
O4 NAG AA . 51.11 12.99 21.79
O5 NAG AA . 49.51 10.11 20.23
O6 NAG AA . 49.65 9.53 23.20
O7 NAG AA . 50.61 13.20 16.28
C1 NAG AA . 50.62 14.31 22.11
C2 NAG AA . 51.77 15.31 21.86
C3 NAG AA . 51.31 16.73 22.17
C4 NAG AA . 50.04 17.07 21.40
C5 NAG AA . 48.96 16.03 21.67
C6 NAG AA . 47.72 16.25 20.84
C7 NAG AA . 54.19 15.22 22.23
C8 NAG AA . 55.28 14.79 23.16
N2 NAG AA . 52.94 14.96 22.64
O3 NAG AA . 52.34 17.65 21.84
O4 NAG AA . 49.56 18.36 21.79
O5 NAG AA . 49.45 14.72 21.34
O6 NAG AA . 47.46 17.63 20.64
O7 NAG AA . 54.42 15.78 21.16
C1 NAG BA . 38.98 11.79 23.04
C2 NAG BA . 38.65 12.77 21.91
C3 NAG BA . 38.87 14.21 22.38
C4 NAG BA . 38.09 14.48 23.65
C5 NAG BA . 38.46 13.45 24.72
C6 NAG BA . 37.64 13.57 25.99
C7 NAG BA . 38.96 12.05 19.59
C8 NAG BA . 39.96 11.82 18.48
N2 NAG BA . 39.47 12.49 20.74
O3 NAG BA . 38.45 15.11 21.35
O4 NAG BA . 38.41 15.79 24.13
O5 NAG BA . 38.21 12.13 24.20
O6 NAG BA . 38.33 13.02 27.09
O7 NAG BA . 37.77 11.85 19.44
C1 NAG BA . 37.25 16.66 24.09
C2 NAG BA . 37.38 17.66 25.22
C3 NAG BA . 36.16 18.58 25.24
C4 NAG BA . 36.00 19.26 23.89
C5 NAG BA . 35.95 18.22 22.76
C6 NAG BA . 35.97 18.84 21.38
C7 NAG BA . 38.67 17.05 27.21
C8 NAG BA . 38.67 16.30 28.51
N2 NAG BA . 37.54 16.99 26.50
O3 NAG BA . 36.32 19.55 26.26
O4 NAG BA . 34.79 20.01 23.88
O5 NAG BA . 37.11 17.36 22.83
O6 NAG BA . 34.68 19.33 21.03
O7 NAG BA . 39.64 17.69 26.82
C1 NAG CA . 37.23 8.58 15.78
C2 NAG CA . 37.40 8.08 14.34
C3 NAG CA . 38.50 8.87 13.64
C4 NAG CA . 38.25 10.37 13.72
C5 NAG CA . 38.06 10.78 15.18
C6 NAG CA . 37.68 12.22 15.36
C7 NAG CA . 36.82 5.75 13.88
C8 NAG CA . 37.28 4.33 13.91
N2 NAG CA . 37.69 6.66 14.32
O3 NAG CA . 38.59 8.46 12.28
O4 NAG CA . 39.35 11.07 13.17
O5 NAG CA . 37.01 10.00 15.78
O6 NAG CA . 36.78 12.66 14.35
O7 NAG CA . 35.71 6.05 13.48
C1 NAG CA . 38.97 11.78 11.96
C2 NAG CA . 40.02 12.86 11.72
C3 NAG CA . 39.67 13.65 10.46
C4 NAG CA . 39.50 12.72 9.27
C5 NAG CA . 38.51 11.59 9.60
C6 NAG CA . 38.44 10.53 8.52
C7 NAG CA . 41.17 13.77 13.69
C8 NAG CA . 41.11 14.75 14.81
N2 NAG CA . 40.11 13.76 12.86
O3 NAG CA . 40.70 14.60 10.21
O4 NAG CA . 38.98 13.44 8.16
O5 NAG CA . 38.92 10.91 10.81
O6 NAG CA . 39.74 10.13 8.10
O7 NAG CA . 42.13 13.03 13.53
C1 BMA CA . 39.98 13.62 7.12
C2 BMA CA . 39.21 13.94 5.81
C3 BMA CA . 40.18 14.31 4.69
C4 BMA CA . 41.19 15.38 5.15
C5 BMA CA . 41.89 14.93 6.44
C6 BMA CA . 42.82 16.00 6.99
O2 BMA CA . 38.37 15.05 6.00
O3 BMA CA . 39.48 14.79 3.54
O4 BMA CA . 42.17 15.57 4.15
O5 BMA CA . 40.88 14.66 7.44
O6 BMA CA . 42.07 17.18 7.20
C1 MAN CA . 39.26 13.72 2.60
C2 MAN CA . 39.33 14.32 1.17
C3 MAN CA . 38.10 15.19 0.87
C4 MAN CA . 36.76 14.58 1.35
C5 MAN CA . 36.89 14.02 2.77
C6 MAN CA . 35.67 13.24 3.21
O2 MAN CA . 39.31 13.30 0.17
O3 MAN CA . 38.00 15.48 -0.52
O4 MAN CA . 35.75 15.57 1.34
O5 MAN CA . 38.01 13.12 2.83
O6 MAN CA . 35.74 11.96 2.58
C1 MAN CA . 42.95 18.27 7.53
C2 MAN CA . 42.39 18.97 8.79
C3 MAN CA . 41.09 19.71 8.47
C4 MAN CA . 41.22 20.62 7.21
C5 MAN CA . 41.80 19.80 6.03
C6 MAN CA . 42.10 20.64 4.82
O2 MAN CA . 43.30 19.96 9.27
O3 MAN CA . 40.64 20.49 9.57
O4 MAN CA . 39.94 21.12 6.86
O5 MAN CA . 43.04 19.17 6.44
O6 MAN CA . 42.99 19.90 3.98
C1 NAG DA . 52.38 11.82 -2.18
C2 NAG DA . 53.36 12.33 -3.26
C3 NAG DA . 53.11 13.83 -3.59
C4 NAG DA . 51.63 14.13 -3.77
C5 NAG DA . 50.79 13.53 -2.65
C6 NAG DA . 49.30 13.69 -2.84
C7 NAG DA . 55.71 12.33 -2.12
C8 NAG DA . 55.32 13.22 -0.94
N2 NAG DA . 54.78 12.01 -3.07
O3 NAG DA . 53.82 14.15 -4.78
O4 NAG DA . 51.47 15.55 -3.74
O5 NAG DA . 51.04 12.12 -2.56
O6 NAG DA . 48.62 13.76 -1.59
O7 NAG DA . 56.85 11.90 -2.20
C1 NAG DA . 51.03 16.09 -5.01
C2 NAG DA . 50.54 17.51 -4.76
C3 NAG DA . 50.08 18.15 -6.06
C4 NAG DA . 51.18 18.07 -7.11
C5 NAG DA . 51.66 16.64 -7.28
C6 NAG DA . 52.85 16.51 -8.21
C7 NAG DA . 49.69 17.75 -2.47
C8 NAG DA . 48.48 17.73 -1.59
N2 NAG DA . 49.48 17.52 -3.77
O3 NAG DA . 49.73 19.50 -5.82
O4 NAG DA . 50.69 18.56 -8.36
O5 NAG DA . 52.07 16.10 -6.01
O6 NAG DA . 52.77 15.31 -8.98
O7 NAG DA . 50.81 17.96 -2.02
C1 NAG EA . 50.26 -11.28 14.83
C2 NAG EA . 51.53 -11.36 15.68
C3 NAG EA . 52.17 -12.74 15.50
C4 NAG EA . 51.16 -13.85 15.82
C5 NAG EA . 49.86 -13.64 15.04
C6 NAG EA . 48.77 -14.59 15.43
C7 NAG EA . 53.28 -9.75 16.23
C8 NAG EA . 54.20 -8.68 15.72
N2 NAG EA . 52.47 -10.32 15.33
O3 NAG EA . 53.31 -12.83 16.35
O4 NAG EA . 51.71 -15.11 15.45
O5 NAG EA . 49.35 -12.31 15.23
O6 NAG EA . 47.52 -14.19 14.89
O7 NAG EA . 53.28 -10.09 17.41
C1 NAG EA . 52.26 -15.89 16.54
C2 NAG EA . 52.76 -17.22 15.97
C3 NAG EA . 53.43 -18.06 17.06
C4 NAG EA . 54.52 -17.25 17.76
C5 NAG EA . 53.94 -15.94 18.30
C6 NAG EA . 54.98 -15.03 18.90
C7 NAG EA . 51.86 -18.75 14.28
C8 NAG EA . 50.63 -19.46 13.78
N2 NAG EA . 51.68 -17.97 15.36
O3 NAG EA . 54.00 -19.23 16.50
O4 NAG EA . 55.06 -17.99 18.84
O5 NAG EA . 53.32 -15.21 17.22
O6 NAG EA . 55.70 -14.33 17.89
O7 NAG EA . 52.95 -18.89 13.75
C1 NAG FA . -20.66 -6.09 40.00
C2 NAG FA . -22.15 -6.07 39.67
C3 NAG FA . -22.75 -7.46 39.87
C4 NAG FA . -21.94 -8.53 39.14
C5 NAG FA . -20.46 -8.41 39.51
C6 NAG FA . -19.56 -9.33 38.72
C7 NAG FA . -23.93 -4.43 40.04
C8 NAG FA . -24.53 -3.45 41.01
N2 NAG FA . -22.85 -5.09 40.46
O3 NAG FA . -24.09 -7.47 39.39
O4 NAG FA . -22.41 -9.80 39.55
O5 NAG FA . -20.01 -7.07 39.24
O6 NAG FA . -19.46 -8.91 37.37
O7 NAG FA . -24.41 -4.62 38.92
C1 NAG FA . -23.02 -10.52 38.48
C2 NAG FA . -23.02 -11.97 38.91
C3 NAG FA . -23.67 -12.82 37.83
C4 NAG FA . -25.08 -12.32 37.54
C5 NAG FA . -25.03 -10.84 37.19
C6 NAG FA . -26.40 -10.22 37.03
C7 NAG FA . -21.22 -12.55 40.45
C8 NAG FA . -19.81 -13.04 40.61
N2 NAG FA . -21.67 -12.44 39.20
O3 NAG FA . -23.67 -14.17 38.29
O4 NAG FA . -25.67 -13.00 36.45
O5 NAG FA . -24.36 -10.09 38.23
O6 NAG FA . -26.32 -8.81 36.88
O7 NAG FA . -21.91 -12.28 41.43
C1 BMA FA . -26.58 -14.01 36.94
C2 BMA FA . -28.06 -13.64 36.65
C3 BMA FA . -28.96 -14.82 37.05
C4 BMA FA . -28.44 -16.19 36.53
C5 BMA FA . -26.93 -16.34 36.86
C6 BMA FA . -26.28 -17.56 36.27
O2 BMA FA . -28.27 -13.42 35.28
O3 BMA FA . -30.30 -14.63 36.63
O4 BMA FA . -29.15 -17.24 37.14
O5 BMA FA . -26.27 -15.23 36.29
O6 BMA FA . -27.03 -18.02 35.18
C1 MAN FA . -26.38 -19.18 34.63
C2 MAN FA . -26.92 -19.41 33.22
C3 MAN FA . -28.41 -19.69 33.34
C4 MAN FA . -28.68 -20.92 34.23
C5 MAN FA . -28.05 -20.68 35.61
C6 MAN FA . -28.06 -21.88 36.50
O2 MAN FA . -26.40 -20.60 32.68
O3 MAN FA . -29.00 -19.89 32.06
O4 MAN FA . -30.07 -21.10 34.38
O5 MAN FA . -26.65 -20.30 35.44
O6 MAN FA . -27.61 -21.43 37.77
C1 NAG FA . -25.28 -20.35 31.82
C2 NAG FA . -24.35 -21.54 31.91
C3 NAG FA . -23.20 -21.40 30.92
C4 NAG FA . -23.72 -21.15 29.51
C5 NAG FA . -24.68 -19.97 29.52
C6 NAG FA . -25.37 -19.76 28.18
C7 NAG FA . -24.42 -22.48 34.18
C8 NAG FA . -23.78 -22.53 35.53
N2 NAG FA . -23.84 -21.70 33.27
O3 NAG FA . -22.42 -22.60 30.94
O4 NAG FA . -22.61 -20.84 28.67
O5 NAG FA . -25.73 -20.19 30.48
O6 NAG FA . -25.67 -21.00 27.57
O7 NAG FA . -25.44 -23.11 33.92
C1 GAL FA . -22.39 -21.86 27.68
C2 GAL FA . -21.30 -21.36 26.73
C3 GAL FA . -20.98 -22.40 25.64
C4 GAL FA . -20.69 -23.78 26.26
C5 GAL FA . -21.78 -24.15 27.27
C6 GAL FA . -21.50 -25.41 28.06
O2 GAL FA . -21.72 -20.19 26.07
O3 GAL FA . -19.83 -22.03 24.91
O4 GAL FA . -19.45 -23.73 26.90
O5 GAL FA . -21.98 -23.11 28.24
O6 GAL FA . -22.51 -25.65 29.01
C1 NAG FA . -27.05 -22.52 38.51
C2 NAG FA . -26.45 -21.96 39.80
C3 NAG FA . -25.91 -23.10 40.67
C4 NAG FA . -26.98 -24.15 40.92
C5 NAG FA . -27.55 -24.62 39.58
C6 NAG FA . -28.71 -25.58 39.73
C7 NAG FA . -25.61 -19.66 39.61
C8 NAG FA . -24.43 -18.80 39.30
N2 NAG FA . -25.41 -20.98 39.53
O3 NAG FA . -25.43 -22.55 41.89
O4 NAG FA . -26.42 -25.27 41.59
O5 NAG FA . -28.04 -23.51 38.83
O6 NAG FA . -29.00 -26.23 38.51
O7 NAG FA . -26.70 -19.19 39.94
C1 GAL FA . -26.83 -25.31 42.97
C2 GAL FA . -26.66 -26.75 43.49
C3 GAL FA . -26.87 -26.82 45.01
C4 GAL FA . -25.95 -25.82 45.71
C5 GAL FA . -26.24 -24.43 45.18
C6 GAL FA . -25.35 -23.33 45.74
O2 GAL FA . -27.60 -27.63 42.91
O3 GAL FA . -26.56 -28.11 45.50
O4 GAL FA . -24.60 -26.14 45.45
O5 GAL FA . -26.06 -24.38 43.75
O6 GAL FA . -25.65 -22.08 45.16
C1 MAN FA . -30.92 -13.57 37.39
C2 MAN FA . -31.99 -14.20 38.32
C3 MAN FA . -33.16 -14.72 37.50
C4 MAN FA . -33.70 -13.64 36.53
C5 MAN FA . -32.56 -13.10 35.66
C6 MAN FA . -32.98 -11.95 34.76
O2 MAN FA . -32.54 -13.22 39.20
O3 MAN FA . -34.21 -15.20 38.33
O4 MAN FA . -34.70 -14.20 35.70
O5 MAN FA . -31.50 -12.61 36.52
O6 MAN FA . -32.86 -10.75 35.49
C1 FUC FA . -19.02 -10.01 36.57
C2 FUC FA . -19.79 -9.94 35.24
C3 FUC FA . -19.41 -8.67 34.48
C4 FUC FA . -17.90 -8.55 34.31
C5 FUC FA . -17.17 -8.75 35.67
C6 FUC FA . -15.67 -8.91 35.53
O2 FUC FA . -21.20 -10.01 35.43
O3 FUC FA . -19.97 -8.70 33.18
O4 FUC FA . -17.46 -9.51 33.39
O5 FUC FA . -17.64 -9.93 36.36
C1 NAG GA . -5.38 -9.61 35.66
C2 NAG GA . -5.28 -10.25 37.03
C3 NAG GA . -3.99 -11.05 37.16
C4 NAG GA . -3.88 -12.07 36.03
C5 NAG GA . -4.13 -11.41 34.67
C6 NAG GA . -4.28 -12.41 33.55
C7 NAG GA . -4.65 -8.26 38.44
C8 NAG GA . -5.07 -7.46 39.63
N2 NAG GA . -5.45 -9.30 38.14
O3 NAG GA . -4.01 -11.68 38.43
O4 NAG GA . -2.56 -12.59 35.94
O5 NAG GA . -5.34 -10.63 34.68
O6 NAG GA . -4.83 -11.78 32.40
O7 NAG GA . -3.65 -7.95 37.79
C1 NAG GA . -2.34 -13.78 36.72
C2 NAG GA . -1.77 -14.87 35.82
C3 NAG GA . -1.33 -16.09 36.66
C4 NAG GA . -0.54 -15.69 37.92
C5 NAG GA . -1.19 -14.50 38.63
C6 NAG GA . -0.33 -13.93 39.73
C7 NAG GA . -2.47 -15.88 33.68
C8 NAG GA . -3.64 -16.22 32.82
N2 NAG GA . -2.76 -15.28 34.84
O3 NAG GA . -0.49 -16.89 35.84
O4 NAG GA . -0.58 -16.79 38.82
O5 NAG GA . -1.42 -13.44 37.69
O6 NAG GA . -0.61 -12.55 39.91
O7 NAG GA . -1.32 -16.12 33.35
C1 BMA GA . 0.68 -17.43 39.03
C2 BMA GA . 0.56 -18.11 40.43
C3 BMA GA . 1.49 -19.31 40.64
C4 BMA GA . 1.66 -20.15 39.36
C5 BMA GA . 2.09 -19.22 38.24
C6 BMA GA . 2.46 -19.97 36.97
O2 BMA GA . -0.75 -18.59 40.64
O3 BMA GA . 0.97 -20.13 41.70
O4 BMA GA . 2.63 -21.15 39.54
O5 BMA GA . 0.98 -18.34 37.97
O6 BMA GA . 2.23 -19.15 35.84
C1 MAN GA . 1.94 -20.45 42.72
C2 MAN GA . 1.25 -21.43 43.71
C3 MAN GA . 0.24 -20.70 44.59
C4 MAN GA . 0.87 -19.49 45.31
C5 MAN GA . 1.53 -18.56 44.28
C6 MAN GA . 2.33 -17.44 44.91
O2 MAN GA . 2.18 -22.04 44.60
O3 MAN GA . -0.33 -21.59 45.54
O4 MAN GA . -0.15 -18.76 45.98
O5 MAN GA . 2.44 -19.29 43.41
O6 MAN GA . 1.43 -16.53 45.51
C1 NAG GA . 2.45 -23.38 44.13
C2 NAG GA . 3.90 -23.74 44.42
C3 NAG GA . 4.18 -25.16 43.94
C4 NAG GA . 3.20 -26.14 44.57
C5 NAG GA . 1.76 -25.69 44.30
C6 NAG GA . 0.74 -26.54 45.03
C7 NAG GA . 5.33 -21.75 44.46
C8 NAG GA . 6.27 -20.88 43.69
N2 NAG GA . 4.82 -22.80 43.81
O3 NAG GA . 5.51 -25.53 44.28
O4 NAG GA . 3.39 -27.44 44.02
O5 NAG GA . 1.56 -24.34 44.75
O6 NAG GA . 1.29 -27.15 46.18
O7 NAG GA . 5.04 -21.52 45.63
C1 NAG GA . -0.06 -18.85 47.41
C2 NAG GA . -1.08 -17.89 48.03
C3 NAG GA . -1.08 -18.02 49.55
C4 NAG GA . -1.28 -19.46 49.97
C5 NAG GA . -0.24 -20.35 49.30
C6 NAG GA . -0.43 -21.82 49.61
C7 NAG GA . -1.79 -15.64 47.39
C8 NAG GA . -1.35 -14.26 46.99
N2 NAG GA . -0.82 -16.51 47.64
O3 NAG GA . -2.10 -17.20 50.11
O4 NAG GA . -1.20 -19.59 51.39
O5 NAG GA . -0.30 -20.20 47.88
O6 NAG GA . 0.17 -22.18 50.84
O7 NAG GA . -2.98 -15.93 47.47
C1 MAN GA . 3.36 -18.25 35.64
C2 MAN GA . 2.88 -17.17 34.64
C3 MAN GA . 2.71 -17.78 33.25
C4 MAN GA . 3.98 -18.50 32.79
C5 MAN GA . 4.37 -19.56 33.83
C6 MAN GA . 5.68 -20.24 33.51
O2 MAN GA . 3.88 -16.19 34.47
O3 MAN GA . 2.35 -16.77 32.31
O4 MAN GA . 3.75 -19.14 31.55
O5 MAN GA . 4.50 -18.94 35.14
O6 MAN GA . 6.72 -19.28 33.63
C1 NAG GA . 3.48 -15.01 35.19
C2 NAG GA . 4.74 -14.23 35.56
C3 NAG GA . 4.37 -12.92 36.25
C4 NAG GA . 3.38 -12.13 35.43
C5 NAG GA . 2.17 -12.98 35.09
C6 NAG GA . 1.19 -12.29 34.17
C7 NAG GA . 6.66 -15.71 35.90
C8 NAG GA . 7.48 -16.48 36.90
N2 NAG GA . 5.63 -15.02 36.38
O3 NAG GA . 5.56 -12.16 36.48
O4 NAG GA . 2.95 -10.97 36.14
O5 NAG GA . 2.60 -14.18 34.41
O6 NAG GA . 1.36 -12.73 32.82
O7 NAG GA . 6.95 -15.70 34.70
C1 FUC GA . -4.59 -12.62 31.24
C2 FUC GA . -5.49 -12.09 30.13
C3 FUC GA . -5.02 -10.69 29.71
C4 FUC GA . -3.55 -10.71 29.28
C5 FUC GA . -2.68 -11.32 30.38
C6 FUC GA . -1.27 -11.61 29.92
O2 FUC GA . -6.85 -12.08 30.51
O3 FUC GA . -5.80 -10.24 28.60
O4 FUC GA . -3.39 -11.47 28.09
O5 FUC GA . -3.22 -12.58 30.87
C1 NAG HA . -4.89 -43.34 -2.03
C2 NAG HA . -5.83 -44.56 -1.99
C3 NAG HA . -6.53 -44.67 -0.63
C4 NAG HA . -5.51 -44.68 0.49
C5 NAG HA . -4.68 -43.41 0.39
C6 NAG HA . -3.61 -43.28 1.48
C7 NAG HA . -6.69 -45.19 -4.20
C8 NAG HA . -7.77 -45.00 -5.21
N2 NAG HA . -6.80 -44.49 -3.07
O3 NAG HA . -7.34 -45.84 -0.60
O4 NAG HA . -6.17 -44.79 1.74
O5 NAG HA . -4.01 -43.37 -0.87
O6 NAG HA . -4.20 -43.26 2.78
O7 NAG HA . -5.74 -45.94 -4.41
C1 NAG HA . -5.84 -46.07 2.37
C2 NAG HA . -6.53 -46.13 3.74
C3 NAG HA . -6.18 -47.43 4.44
C4 NAG HA . -6.55 -48.61 3.56
C5 NAG HA . -5.90 -48.49 2.18
C6 NAG HA . -6.34 -49.56 1.22
C7 NAG HA . -7.03 -43.98 4.81
C8 NAG HA . -6.52 -42.89 5.68
N2 NAG HA . -6.18 -44.98 4.56
O3 NAG HA . -6.86 -47.50 5.68
O4 NAG HA . -6.11 -49.82 4.16
O5 NAG HA . -6.25 -47.22 1.58
O6 NAG HA . -7.76 -49.65 1.15
O7 NAG HA . -8.17 -43.98 4.36
C1 NAG IA . 17.72 -43.03 -3.01
C2 NAG IA . 17.21 -43.45 -1.63
C3 NAG IA . 18.23 -43.07 -0.57
C4 NAG IA . 19.62 -43.63 -0.89
C5 NAG IA . 20.02 -43.27 -2.34
C6 NAG IA . 21.27 -43.98 -2.81
C7 NAG IA . 14.77 -43.52 -1.45
C8 NAG IA . 13.53 -42.74 -1.12
N2 NAG IA . 15.92 -42.85 -1.35
O3 NAG IA . 17.79 -43.54 0.70
O4 NAG IA . 20.55 -43.03 0.01
O5 NAG IA . 18.98 -43.64 -3.25
O6 NAG IA . 22.30 -43.06 -3.13
O7 NAG IA . 14.71 -44.69 -1.79
C1 NAG IA . 21.36 -43.98 0.77
C2 NAG IA . 22.09 -43.19 1.85
C3 NAG IA . 22.98 -44.12 2.67
C4 NAG IA . 22.14 -45.27 3.23
C5 NAG IA . 21.39 -45.98 2.11
C6 NAG IA . 20.46 -47.06 2.60
C7 NAG IA . 22.47 -40.86 1.18
C8 NAG IA . 23.42 -39.88 0.53
N2 NAG IA . 22.89 -42.12 1.26
O3 NAG IA . 23.58 -43.38 3.74
O4 NAG IA . 23.00 -46.21 3.89
O5 NAG IA . 20.59 -45.03 1.39
O6 NAG IA . 19.98 -47.86 1.52
O7 NAG IA . 21.37 -40.51 1.59
C1 NAG JA . 24.39 -38.87 -19.43
C2 NAG JA . 24.67 -40.26 -18.77
C3 NAG JA . 25.86 -40.20 -17.79
C4 NAG JA . 27.07 -39.52 -18.41
C5 NAG JA . 26.68 -38.17 -19.01
C6 NAG JA . 27.80 -37.50 -19.78
C7 NAG JA . 22.61 -40.73 -17.24
C8 NAG JA . 22.74 -39.48 -16.40
N2 NAG JA . 23.50 -40.97 -18.24
O3 NAG JA . 26.18 -41.53 -17.41
O4 NAG JA . 28.03 -39.29 -17.37
O5 NAG JA . 25.60 -38.35 -19.96
O6 NAG JA . 28.32 -36.37 -19.10
O7 NAG JA . 21.70 -41.53 -17.02
C1 NAG JA . 29.34 -39.92 -17.54
C2 NAG JA . 29.38 -41.29 -16.79
C3 NAG JA . 30.70 -42.04 -17.03
C4 NAG JA . 31.03 -42.09 -18.51
C5 NAG JA . 30.99 -40.70 -19.13
C6 NAG JA . 31.25 -40.69 -20.62
C7 NAG JA . 29.41 -40.70 -14.26
C8 NAG JA . 30.66 -39.84 -14.31
N2 NAG JA . 28.94 -41.29 -15.38
O3 NAG JA . 30.61 -43.35 -16.49
O4 NAG JA . 32.33 -42.65 -18.70
O5 NAG JA . 29.69 -40.12 -18.93
O6 NAG JA . 30.04 -40.75 -21.36
O7 NAG JA . 28.83 -40.87 -13.19
C1 NAG KA . -3.81 -30.83 -0.63
C2 NAG KA . -2.49 -30.55 -1.35
C3 NAG KA . -1.47 -31.67 -1.05
C4 NAG KA . -1.33 -31.90 0.44
C5 NAG KA . -2.71 -32.18 1.03
C6 NAG KA . -2.70 -32.34 2.54
C7 NAG KA . -1.97 -29.63 -3.58
C8 NAG KA . -2.34 -29.64 -5.02
N2 NAG KA . -2.70 -30.43 -2.78
O3 NAG KA . -0.21 -31.34 -1.62
O4 NAG KA . -0.47 -33.01 0.68
O5 NAG KA . -3.57 -31.07 0.75
O6 NAG KA . -2.61 -31.08 3.18
O7 NAG KA . -1.06 -28.95 -3.13
C1 NAG KA . 0.75 -32.62 1.37
C2 NAG KA . 1.37 -33.88 1.95
C3 NAG KA . 2.72 -33.57 2.63
C4 NAG KA . 3.62 -32.71 1.75
C5 NAG KA . 2.85 -31.52 1.19
C6 NAG KA . 3.64 -30.69 0.20
C7 NAG KA . 0.39 -35.82 3.08
C8 NAG KA . -0.58 -36.28 4.11
N2 NAG KA . 0.48 -34.51 2.91
O3 NAG KA . 3.38 -34.79 2.93
O4 NAG KA . 4.68 -32.19 2.56
O5 NAG KA . 1.68 -31.98 0.50
O6 NAG KA . 3.47 -29.31 0.44
O7 NAG KA . 1.05 -36.61 2.41
C1 BMA KA . 5.96 -32.78 2.25
C2 BMA KA . 7.00 -31.91 2.99
C3 BMA KA . 8.40 -32.52 2.84
C4 BMA KA . 8.43 -34.04 3.13
C5 BMA KA . 7.32 -34.76 2.36
C6 BMA KA . 7.21 -36.20 2.74
O2 BMA KA . 6.71 -31.88 4.37
O3 BMA KA . 9.30 -31.83 3.70
O4 BMA KA . 9.67 -34.59 2.76
O5 BMA KA . 6.05 -34.13 2.68
O6 BMA KA . 7.46 -36.28 4.13
C1 MAN KA . 10.48 -31.43 2.96
C2 MAN KA . 11.47 -30.80 3.98
C3 MAN KA . 10.94 -29.47 4.42
C4 MAN KA . 10.81 -28.54 3.22
C5 MAN KA . 9.81 -29.14 2.22
C6 MAN KA . 9.76 -28.38 0.91
O2 MAN KA . 12.71 -30.49 3.33
O3 MAN KA . 11.78 -28.87 5.40
O4 MAN KA . 10.32 -27.27 3.64
O5 MAN KA . 10.16 -30.52 1.90
O6 MAN KA . 9.87 -29.34 -0.15
C1 MAN KA . 13.73 -31.45 3.65
C2 MAN KA . 15.07 -30.73 3.44
C3 MAN KA . 15.23 -30.38 1.96
C4 MAN KA . 15.03 -31.60 1.04
C5 MAN KA . 13.73 -32.33 1.39
C6 MAN KA . 13.60 -33.68 0.70
O2 MAN KA . 16.17 -31.60 3.74
O3 MAN KA . 16.49 -29.77 1.70
O4 MAN KA . 14.96 -31.16 -0.30
O5 MAN KA . 13.65 -32.58 2.82
O6 MAN KA . 14.04 -34.69 1.62
C1 MAN KA . 7.55 -37.65 4.55
C2 MAN KA . 7.34 -37.64 6.07
C3 MAN KA . 8.52 -36.96 6.74
C4 MAN KA . 9.87 -37.58 6.33
C5 MAN KA . 10.00 -37.60 4.81
C6 MAN KA . 11.20 -38.39 4.33
O2 MAN KA . 7.29 -38.96 6.60
O3 MAN KA . 8.40 -36.97 8.14
O4 MAN KA . 10.94 -36.83 6.86
O5 MAN KA . 8.81 -38.23 4.22
O6 MAN KA . 10.83 -39.76 4.28
C1 MAN KA . 8.06 -35.63 8.57
C2 MAN KA . 8.56 -35.49 10.03
C3 MAN KA . 7.69 -36.31 10.99
C4 MAN KA . 6.17 -36.08 10.76
C5 MAN KA . 5.83 -36.31 9.28
C6 MAN KA . 4.39 -36.01 8.94
O2 MAN KA . 8.49 -34.13 10.47
O3 MAN KA . 8.01 -36.06 12.34
O4 MAN KA . 5.42 -36.99 11.55
O5 MAN KA . 6.65 -35.42 8.48
O6 MAN KA . 4.27 -35.86 7.53
C1 NAG LA . -9.78 -34.14 2.65
C2 NAG LA . -9.66 -33.03 3.70
C3 NAG LA . -9.83 -33.60 5.10
C4 NAG LA . -11.14 -34.37 5.21
C5 NAG LA . -11.16 -35.47 4.15
C6 NAG LA . -12.48 -36.22 4.10
C7 NAG LA . -8.31 -30.98 3.59
C8 NAG LA . -6.93 -30.42 3.47
N2 NAG LA . -8.40 -32.32 3.58
O3 NAG LA . -9.80 -32.53 6.05
O4 NAG LA . -11.25 -34.95 6.51
O5 NAG LA . -11.00 -34.88 2.85
O6 NAG LA . -12.36 -37.45 3.39
O7 NAG LA . -9.29 -30.27 3.71
C1 NAG LA . -12.37 -34.37 7.23
C2 NAG LA . -12.57 -35.13 8.54
C3 NAG LA . -13.73 -34.50 9.33
C4 NAG LA . -13.51 -33.01 9.52
C5 NAG LA . -13.27 -32.33 8.17
C6 NAG LA . -12.92 -30.87 8.30
C7 NAG LA . -11.86 -37.46 8.22
C8 NAG LA . -12.30 -38.86 7.97
N2 NAG LA . -12.83 -36.53 8.31
O3 NAG LA . -13.85 -35.14 10.59
O4 NAG LA . -14.65 -32.42 10.14
O5 NAG LA . -12.16 -32.96 7.50
O6 NAG LA . -12.92 -30.22 7.02
O7 NAG LA . -10.68 -37.16 8.33
C1 NAG MA . -2.10 -46.45 -7.34
C2 NAG MA . -1.40 -46.76 -6.02
C3 NAG MA . -0.44 -47.94 -6.19
C4 NAG MA . -1.13 -49.14 -6.83
C5 NAG MA . -1.86 -48.73 -8.11
C6 NAG MA . -2.70 -49.82 -8.71
C7 NAG MA . -1.12 -44.84 -4.53
C8 NAG MA . -0.26 -43.66 -4.16
N2 NAG MA . -0.68 -45.59 -5.54
O3 NAG MA . 0.07 -48.30 -4.91
O4 NAG MA . -0.15 -50.11 -7.17
O5 NAG MA . -2.74 -47.63 -7.83
O6 NAG MA . -3.24 -50.68 -7.72
O7 NAG MA . -2.15 -45.10 -3.93
C1 NAG MA . -0.25 -51.30 -6.37
C2 NAG MA . 0.38 -52.46 -7.15
C3 NAG MA . 0.38 -53.74 -6.32
C4 NAG MA . 1.02 -53.50 -4.96
C5 NAG MA . 0.32 -52.34 -4.26
C6 NAG MA . 0.94 -51.99 -2.93
C7 NAG MA . 0.29 -53.10 -9.52
C8 NAG MA . -0.59 -53.26 -10.72
N2 NAG MA . -0.32 -52.67 -8.41
O3 NAG MA . 1.10 -54.76 -7.01
O4 NAG MA . 0.92 -54.67 -4.16
O5 NAG MA . 0.41 -51.17 -5.09
O6 NAG MA . -0.07 -51.75 -1.95
O7 NAG MA . 1.49 -53.35 -9.56
C1 NAG NA . -5.17 -38.87 -23.01
C2 NAG NA . -4.76 -38.13 -24.27
C3 NAG NA . -5.70 -38.53 -25.42
C4 NAG NA . -5.82 -40.04 -25.57
C5 NAG NA . -6.07 -40.72 -24.21
C6 NAG NA . -5.92 -42.22 -24.25
C7 NAG NA . -3.68 -35.96 -23.98
C8 NAG NA . -3.89 -34.49 -23.75
N2 NAG NA . -4.79 -36.70 -24.05
O3 NAG NA . -5.21 -37.96 -26.63
O4 NAG NA . -6.92 -40.31 -26.42
O5 NAG NA . -5.12 -40.26 -23.24
O6 NAG NA . -4.59 -42.60 -24.63
O7 NAG NA . -2.56 -36.44 -24.08
C1 NAG NA . -6.64 -41.10 -27.60
C2 NAG NA . -7.18 -40.36 -28.84
C3 NAG NA . -6.87 -41.16 -30.11
C4 NAG NA . -5.38 -41.50 -30.18
C5 NAG NA . -4.93 -42.19 -28.91
C6 NAG NA . -3.44 -42.47 -28.87
C7 NAG NA . -9.15 -38.92 -28.61
C8 NAG NA . -10.64 -38.87 -28.50
N2 NAG NA . -8.61 -40.13 -28.72
O3 NAG NA . -7.26 -40.41 -31.25
O4 NAG NA . -5.14 -42.34 -31.30
O5 NAG NA . -5.23 -41.37 -27.78
O6 NAG NA . -2.85 -42.34 -30.16
O7 NAG NA . -8.46 -37.90 -28.58
C1 NAG OA . -24.36 -12.90 -19.51
C2 NAG OA . -22.88 -13.29 -19.41
C3 NAG OA . -22.10 -12.74 -20.61
C4 NAG OA . -22.77 -13.12 -21.92
C5 NAG OA . -24.22 -12.64 -21.89
C6 NAG OA . -25.00 -12.99 -23.14
C7 NAG OA . -21.20 -13.33 -17.60
C8 NAG OA . -20.76 -12.69 -16.32
N2 NAG OA . -22.30 -12.81 -18.16
O3 NAG OA . -20.76 -13.25 -20.61
O4 NAG OA . -22.09 -12.51 -23.01
O5 NAG OA . -24.89 -13.29 -20.80
O6 NAG OA . -25.72 -11.86 -23.62
O7 NAG OA . -20.57 -14.25 -18.12
C1 NAG OA . -21.39 -13.49 -23.82
C2 NAG OA . -20.43 -12.76 -24.76
C3 NAG OA . -19.64 -13.78 -25.59
C4 NAG OA . -18.95 -14.79 -24.69
C5 NAG OA . -19.97 -15.44 -23.75
C6 NAG OA . -19.32 -16.35 -22.73
C7 NAG OA . -20.77 -10.59 -25.86
C8 NAG OA . -21.63 -9.79 -26.78
N2 NAG OA . -21.16 -11.85 -25.63
O3 NAG OA . -18.68 -13.09 -26.38
O4 NAG OA . -18.33 -15.80 -25.48
O5 NAG OA . -20.66 -14.43 -23.01
O6 NAG OA . -19.72 -16.01 -21.41
O7 NAG OA . -19.76 -10.12 -25.34
C1 NAG PA . 31.82 -27.17 -26.32
C2 NAG PA . 30.99 -27.88 -27.38
C3 NAG PA . 31.89 -28.79 -28.22
C4 NAG PA . 33.04 -28.00 -28.81
C5 NAG PA . 33.79 -27.23 -27.71
C6 NAG PA . 34.84 -26.29 -28.25
C7 NAG PA . 28.62 -28.45 -27.08
C8 NAG PA . 27.64 -29.32 -26.37
N2 NAG PA . 29.91 -28.65 -26.78
O3 NAG PA . 31.11 -29.38 -29.25
O4 NAG PA . 33.97 -28.89 -29.43
O5 NAG PA . 32.87 -26.44 -26.95
O6 NAG PA . 35.44 -25.52 -27.21
O7 NAG PA . 28.27 -27.61 -27.89
C1 NAG PA . 33.91 -28.81 -30.86
C2 NAG PA . 35.18 -29.42 -31.45
C3 NAG PA . 35.10 -29.47 -32.98
C4 NAG PA . 33.81 -30.16 -33.43
C5 NAG PA . 32.60 -29.48 -32.79
C6 NAG PA . 31.30 -30.18 -33.10
C7 NAG PA . 37.09 -29.01 -29.96
C8 NAG PA . 38.26 -28.13 -29.67
N2 NAG PA . 36.36 -28.68 -31.03
O3 NAG PA . 36.21 -30.18 -33.49
O4 NAG PA . 33.69 -30.09 -34.85
O5 NAG PA . 32.75 -29.50 -31.36
O6 NAG PA . 30.81 -30.89 -31.97
O7 NAG PA . 36.80 -29.98 -29.25
C1 NAG QA . 28.15 -34.44 -29.01
C2 NAG QA . 27.86 -35.84 -28.51
C3 NAG QA . 29.00 -36.77 -28.89
C4 NAG QA . 29.35 -36.66 -30.37
C5 NAG QA . 29.41 -35.19 -30.83
C6 NAG QA . 29.45 -35.04 -32.35
C7 NAG QA . 26.81 -36.71 -26.45
C8 NAG QA . 26.70 -36.56 -24.96
N2 NAG QA . 27.63 -35.85 -27.06
O3 NAG QA . 28.65 -38.11 -28.58
O4 NAG QA . 30.65 -37.21 -30.54
O5 NAG QA . 28.25 -34.46 -30.40
O6 NAG QA . 28.75 -33.88 -32.77
O7 NAG QA . 26.20 -37.57 -27.07
C1 NAG QA . 30.67 -38.37 -31.40
C2 NAG QA . 31.99 -39.10 -31.11
C3 NAG QA . 32.10 -40.32 -32.02
C4 NAG QA . 30.89 -41.22 -31.87
C5 NAG QA . 29.58 -40.43 -32.05
C6 NAG QA . 28.35 -41.22 -31.73
C7 NAG QA . 33.83 -37.75 -30.25
C8 NAG QA . 34.98 -36.85 -30.59
N2 NAG QA . 33.13 -38.21 -31.28
O3 NAG QA . 33.28 -41.03 -31.68
O4 NAG QA . 30.94 -42.26 -32.83
O5 NAG QA . 29.58 -39.27 -31.19
O6 NAG QA . 28.28 -41.51 -30.33
O7 NAG QA . 33.56 -38.03 -29.08
C1 NAG RA . -32.98 9.21 -6.10
C2 NAG RA . -34.44 9.03 -6.49
C3 NAG RA . -34.59 7.85 -7.46
C4 NAG RA . -33.66 8.01 -8.66
C5 NAG RA . -32.22 8.33 -8.21
C6 NAG RA . -31.35 8.74 -9.38
C7 NAG RA . -35.35 7.95 -4.41
C8 NAG RA . -36.40 8.11 -3.36
N2 NAG RA . -35.33 8.91 -5.35
O3 NAG RA . -35.94 7.82 -7.89
O4 NAG RA . -33.57 6.78 -9.37
O5 NAG RA . -32.19 9.42 -7.28
O6 NAG RA . -30.34 9.67 -9.00
O7 NAG RA . -34.56 7.00 -4.40
C1 NAG RA . -34.45 6.65 -10.51
C2 NAG RA . -33.66 6.13 -11.71
C3 NAG RA . -34.59 5.81 -12.89
C4 NAG RA . -35.83 5.02 -12.48
C5 NAG RA . -36.46 5.61 -11.22
C6 NAG RA . -37.56 4.74 -10.65
C7 NAG RA . -31.47 6.77 -12.61
C8 NAG RA . -30.56 7.90 -13.00
N2 NAG RA . -32.66 7.11 -12.12
O3 NAG RA . -33.86 5.06 -13.85
O4 NAG RA . -36.79 5.13 -13.52
O5 NAG RA . -35.47 5.74 -10.19
O6 NAG RA . -37.13 4.06 -9.49
O7 NAG RA . -31.13 5.61 -12.73
C1 BMA RA . -36.96 3.93 -14.30
C2 BMA RA . -38.44 3.91 -14.73
C3 BMA RA . -38.74 2.85 -15.81
C4 BMA RA . -37.64 2.79 -16.90
C5 BMA RA . -36.24 2.75 -16.27
C6 BMA RA . -35.13 2.76 -17.32
O2 BMA RA . -38.81 5.15 -15.30
O3 BMA RA . -40.02 3.15 -16.40
O4 BMA RA . -37.79 1.62 -17.69
O5 BMA RA . -36.09 3.90 -15.42
O6 BMA RA . -33.88 3.01 -16.71
C1 MAN RA . -40.85 1.98 -16.61
C2 MAN RA . -42.11 2.46 -17.40
C3 MAN RA . -43.07 3.22 -16.48
C4 MAN RA . -43.39 2.47 -15.17
C5 MAN RA . -42.09 2.03 -14.47
C6 MAN RA . -42.30 1.10 -13.29
O2 MAN RA . -42.85 1.37 -17.93
O3 MAN RA . -44.28 3.55 -17.15
O4 MAN RA . -44.08 3.36 -14.31
O5 MAN RA . -41.22 1.33 -15.39
O6 MAN RA . -41.04 0.93 -12.64
C1 NAG RA . -42.41 1.15 -19.29
C2 NAG RA . -42.19 -0.35 -19.50
C3 NAG RA . -41.81 -0.62 -20.96
C4 NAG RA . -42.84 -0.04 -21.91
C5 NAG RA . -43.01 1.46 -21.62
C6 NAG RA . -44.08 2.12 -22.46
C7 NAG RA . -41.20 -2.11 -18.12
C8 NAG RA . -40.08 -2.47 -17.19
N2 NAG RA . -41.18 -0.87 -18.61
O3 NAG RA . -41.69 -2.02 -21.18
O4 NAG RA . -42.45 -0.22 -23.27
O5 NAG RA . -43.38 1.64 -20.25
O6 NAG RA . -45.32 1.43 -22.34
O7 NAG RA . -42.08 -2.90 -18.40
C1 NAG RA . -45.40 2.89 -14.02
C2 NAG RA . -45.89 3.60 -12.74
C3 NAG RA . -47.33 3.21 -12.42
C4 NAG RA . -48.23 3.44 -13.63
C5 NAG RA . -47.67 2.71 -14.84
C6 NAG RA . -48.45 2.94 -16.11
C7 NAG RA . -43.99 4.08 -11.27
C8 NAG RA . -43.20 3.61 -10.07
N2 NAG RA . -45.02 3.30 -11.62
O3 NAG RA . -47.79 3.98 -11.32
O4 NAG RA . -49.55 2.99 -13.35
O5 NAG RA . -46.33 3.15 -15.09
O6 NAG RA . -48.45 1.79 -16.94
O7 NAG RA . -43.71 5.10 -11.87
C1 MAN RA . -33.46 1.82 -16.01
C2 MAN RA . -32.32 2.24 -15.07
C3 MAN RA . -31.11 2.62 -15.90
C4 MAN RA . -30.66 1.42 -16.72
C5 MAN RA . -31.79 1.02 -17.68
C6 MAN RA . -31.49 -0.28 -18.41
O2 MAN RA . -31.89 1.13 -14.31
O3 MAN RA . -30.04 3.11 -15.11
O4 MAN RA . -29.51 1.75 -17.47
O5 MAN RA . -33.04 0.80 -16.93
O6 MAN RA . -30.08 -0.34 -18.65
C1 NAG RA . -31.92 1.45 -12.92
C2 NAG RA . -32.41 0.25 -12.12
C3 NAG RA . -32.35 0.53 -10.62
C4 NAG RA . -30.94 0.98 -10.22
C5 NAG RA . -30.53 2.17 -11.07
C6 NAG RA . -29.10 2.60 -10.82
C7 NAG RA . -34.04 -0.98 -13.50
C8 NAG RA . -35.49 -1.24 -13.77
N2 NAG RA . -33.77 -0.11 -12.51
O3 NAG RA . -32.70 -0.66 -9.90
O4 NAG RA . -30.92 1.34 -8.85
O5 NAG RA . -30.60 1.82 -12.46
O6 NAG RA . -28.23 2.17 -11.85
O7 NAG RA . -33.15 -1.53 -14.14
C1 FUC RA . -29.09 9.19 -9.52
C2 FUC RA . -28.16 10.39 -9.66
C3 FUC RA . -27.96 11.04 -8.29
C4 FUC RA . -27.34 10.02 -7.31
C5 FUC RA . -28.19 8.72 -7.29
C6 FUC RA . -27.49 7.57 -6.58
O2 FUC RA . -28.64 11.34 -10.60
O3 FUC RA . -27.07 12.13 -8.38
O4 FUC RA . -26.03 9.72 -7.72
O5 FUC RA . -28.52 8.25 -8.63
C1 NAG SA . -39.32 22.39 0.69
C2 NAG SA . -39.36 23.91 0.84
C3 NAG SA . -39.97 24.54 -0.41
C4 NAG SA . -39.27 24.05 -1.68
C5 NAG SA . -39.24 22.54 -1.70
C6 NAG SA . -38.44 21.98 -2.85
C7 NAG SA . -39.78 25.36 2.76
C8 NAG SA . -40.65 25.60 3.97
N2 NAG SA . -40.10 24.29 2.03
O3 NAG SA . -39.87 25.96 -0.31
O4 NAG SA . -40.00 24.51 -2.81
O5 NAG SA . -38.62 22.04 -0.51
O6 NAG SA . -37.13 22.52 -2.86
O7 NAG SA . -38.85 26.10 2.47
C1 NAG SA . -39.28 25.51 -3.56
C2 NAG SA . -39.91 25.61 -4.94
C3 NAG SA . -39.22 26.69 -5.76
C4 NAG SA . -39.24 28.02 -5.01
C5 NAG SA . -38.63 27.84 -3.62
C6 NAG SA . -38.73 29.09 -2.77
C7 NAG SA . -40.91 23.48 -5.65
C8 NAG SA . -40.71 22.22 -6.42
N2 NAG SA . -39.88 24.34 -5.64
O3 NAG SA . -39.87 26.77 -7.02
O4 NAG SA . -38.48 29.01 -5.69
O5 NAG SA . -39.32 26.80 -2.91
O6 NAG SA . -40.06 29.27 -2.28
O7 NAG SA . -41.97 23.73 -5.06
C1 BMA SA . -39.36 29.90 -6.41
C2 BMA SA . -39.26 31.37 -5.91
C3 BMA SA . -40.08 32.30 -6.81
C4 BMA SA . -39.84 32.04 -8.33
C5 BMA SA . -39.92 30.53 -8.64
C6 BMA SA . -39.53 30.16 -10.04
O2 BMA SA . -37.92 31.82 -5.97
O3 BMA SA . -39.81 33.66 -6.52
O4 BMA SA . -40.80 32.74 -9.09
O5 BMA SA . -39.01 29.85 -7.78
O6 BMA SA . -38.60 31.11 -10.52
C1 MAN SA . -38.38 30.90 -11.93
C2 MAN SA . -37.14 31.72 -12.35
C3 MAN SA . -37.47 33.21 -12.29
C4 MAN SA . -38.74 33.54 -13.12
C5 MAN SA . -39.90 32.67 -12.64
C6 MAN SA . -41.17 32.83 -13.47
O2 MAN SA . -36.84 31.50 -13.69
O3 MAN SA . -36.38 33.99 -12.75
O4 MAN SA . -39.08 34.90 -12.94
O5 MAN SA . -39.52 31.26 -12.70
O6 MAN SA . -42.18 31.98 -12.92
C1 NAG SA . -35.70 30.66 -13.82
C2 NAG SA . -35.86 29.83 -15.10
C3 NAG SA . -34.59 29.02 -15.38
C4 NAG SA . -33.35 29.89 -15.36
C5 NAG SA . -33.31 30.71 -14.06
C6 NAG SA . -32.18 31.71 -14.02
C7 NAG SA . -38.25 29.31 -15.32
C8 NAG SA . -39.31 28.26 -15.13
N2 NAG SA . -37.01 28.95 -14.99
O3 NAG SA . -34.72 28.42 -16.66
O4 NAG SA . -32.21 29.04 -15.40
O5 NAG SA . -34.52 31.45 -13.91
O6 NAG SA . -32.46 32.78 -13.14
O7 NAG SA . -38.51 30.43 -15.73
C1 GAL SA . -31.46 29.19 -16.62
C2 GAL SA . -30.08 28.60 -16.33
C3 GAL SA . -29.18 28.75 -17.56
C4 GAL SA . -29.82 28.10 -18.80
C5 GAL SA . -31.26 28.59 -18.97
C6 GAL SA . -32.04 27.80 -20.00
O2 GAL SA . -29.45 29.27 -15.26
O3 GAL SA . -27.94 28.10 -17.34
O4 GAL SA . -29.80 26.70 -18.69
O5 GAL SA . -32.04 28.49 -17.73
O6 GAL SA . -33.28 28.42 -20.29
C1 NAG SA . -42.79 31.27 -14.01
C2 NAG SA . -43.88 30.35 -13.49
C3 NAG SA . -44.57 29.63 -14.64
C4 NAG SA . -45.09 30.63 -15.65
C5 NAG SA . -43.98 31.59 -16.10
C6 NAG SA . -44.48 32.71 -16.97
C7 NAG SA . -43.41 29.58 -11.21
C8 NAG SA . -42.81 28.49 -10.37
N2 NAG SA . -43.34 29.40 -12.53
O3 NAG SA . -45.62 28.81 -14.14
O4 NAG SA . -45.59 29.96 -16.81
O5 NAG SA . -43.37 32.20 -14.95
O6 NAG SA . -43.43 33.63 -17.27
O7 NAG SA . -43.95 30.57 -10.71
C1 GAL SA . -47.04 29.99 -16.85
C2 GAL SA . -47.52 29.74 -18.29
C3 GAL SA . -49.05 29.78 -18.35
C4 GAL SA . -49.69 28.81 -17.33
C5 GAL SA . -49.03 28.95 -15.94
C6 GAL SA . -49.33 27.79 -15.02
O2 GAL SA . -47.03 30.69 -19.21
O3 GAL SA . -49.51 29.41 -19.64
O4 GAL SA . -49.56 27.47 -17.78
O5 GAL SA . -47.59 29.00 -16.01
O6 GAL SA . -48.69 26.60 -15.48
C1 FUC SA . -36.50 22.17 -4.10
C2 FUC SA . -35.31 23.13 -4.28
C3 FUC SA . -34.24 22.83 -3.23
C4 FUC SA . -33.80 21.37 -3.35
C5 FUC SA . -35.02 20.47 -3.14
C6 FUC SA . -34.71 19.01 -3.34
O2 FUC SA . -35.70 24.48 -4.19
O3 FUC SA . -33.11 23.64 -3.43
O4 FUC SA . -33.27 21.16 -4.65
O5 FUC SA . -36.08 20.81 -4.08
C1 NAG TA . -5.14 24.30 -36.70
C2 NAG TA . -5.87 25.19 -37.70
C3 NAG TA . -7.35 24.81 -37.76
C4 NAG TA . -7.49 23.32 -38.07
C5 NAG TA . -6.66 22.47 -37.10
C6 NAG TA . -6.63 21.01 -37.48
C7 NAG TA . -5.45 27.54 -38.27
C8 NAG TA . -5.32 28.94 -37.76
N2 NAG TA . -5.72 26.60 -37.35
O3 NAG TA . -7.99 25.59 -38.75
O4 NAG TA . -8.86 22.95 -37.96
O5 NAG TA . -5.29 22.92 -37.09
O6 NAG TA . -6.05 20.82 -38.77
O7 NAG TA . -5.32 27.27 -39.46
C1 NAG UA . 0.76 44.58 -18.75
C2 NAG UA . 2.10 45.30 -18.62
C3 NAG UA . 2.45 45.48 -17.15
C4 NAG UA . 1.32 46.20 -16.41
C5 NAG UA . 0.00 45.48 -16.63
C6 NAG UA . -1.18 46.22 -16.05
C7 NAG UA . 3.62 44.94 -20.51
C8 NAG UA . 4.71 44.07 -21.07
N2 NAG UA . 3.15 44.57 -19.31
O3 NAG UA . 3.67 46.21 -17.03
O4 NAG UA . 1.61 46.27 -15.02
O5 NAG UA . -0.26 45.33 -18.04
O6 NAG UA . -0.87 47.59 -15.83
O7 NAG UA . 3.19 45.91 -21.12
C1 NAG VA . 9.76 55.96 -31.53
C2 NAG VA . 10.94 56.55 -32.34
C3 NAG VA . 10.49 57.75 -33.16
C4 NAG VA . 9.25 57.42 -33.99
C5 NAG VA . 8.15 56.87 -33.10
C6 NAG VA . 6.91 56.45 -33.87
C7 NAG VA . 13.32 56.91 -31.83
C8 NAG VA . 14.31 57.33 -30.80
N2 NAG VA . 12.04 56.91 -31.46
O3 NAG VA . 11.54 58.16 -34.03
O4 NAG VA . 8.77 58.60 -34.64
O5 NAG VA . 8.64 55.70 -32.42
O6 NAG VA . 5.95 55.84 -33.01
O7 NAG VA . 13.65 56.58 -32.97
C1 NAG WA . 6.66 1.32 -50.74
C2 NAG WA . 5.80 1.58 -52.02
C3 NAG WA . 4.50 0.77 -52.03
C4 NAG WA . 4.79 -0.70 -51.75
C5 NAG WA . 5.58 -0.84 -50.44
C6 NAG WA . 5.94 -2.27 -50.12
C7 NAG WA . 4.99 4.06 -51.81
C8 NAG WA . 4.30 3.88 -50.47
N2 NAG WA . 5.61 3.00 -52.40
O3 NAG WA . 3.89 0.89 -53.31
O4 NAG WA . 3.57 -1.41 -51.61
O5 NAG WA . 6.81 -0.10 -50.54
O6 NAG WA . 5.44 -3.17 -51.10
O7 NAG WA . 4.99 5.16 -52.37
C1 NAG XA . -3.84 55.41 13.21
C2 NAG XA . -4.13 56.90 13.19
C3 NAG XA . -3.56 57.53 11.92
C4 NAG XA . -2.08 57.19 11.77
C5 NAG XA . -1.86 55.68 11.86
C6 NAG XA . -0.40 55.28 11.86
C7 NAG XA . -6.06 58.17 14.02
C8 NAG XA . -7.56 58.28 14.01
N2 NAG XA . -5.55 57.16 13.30
O3 NAG XA . -3.72 58.94 11.97
O4 NAG XA . -1.60 57.66 10.52
O5 NAG XA . -2.43 55.18 13.08
O6 NAG XA . 0.01 54.87 13.16
O7 NAG XA . -5.35 58.95 14.63
C1 NAG YA . 5.04 45.34 8.33
C2 NAG YA . 4.50 46.66 7.77
C3 NAG YA . 5.39 47.19 6.66
C4 NAG YA . 6.86 47.23 7.08
C5 NAG YA . 7.28 45.87 7.61
C6 NAG YA . 8.69 45.84 8.13
C7 NAG YA . 2.22 47.47 7.32
C8 NAG YA . 0.87 47.11 6.79
N2 NAG YA . 3.14 46.49 7.30
O3 NAG YA . 4.96 48.49 6.26
O4 NAG YA . 7.69 47.57 5.98
O5 NAG YA . 6.42 45.51 8.70
O6 NAG YA . 9.09 44.51 8.45
O7 NAG YA . 2.48 48.59 7.73
C1 NAG ZA . -14.51 53.45 2.64
C2 NAG ZA . -13.48 53.25 1.51
C3 NAG ZA . -13.37 54.53 0.65
C4 NAG ZA . -14.75 55.00 0.21
C5 NAG ZA . -15.69 55.13 1.40
C6 NAG ZA . -17.10 55.50 1.01
C7 NAG ZA . -11.29 52.15 1.35
C8 NAG ZA . -10.00 51.86 2.05
N2 NAG ZA . -12.18 52.88 2.04
O3 NAG ZA . -12.56 54.27 -0.48
O4 NAG ZA . -14.63 56.26 -0.44
O5 NAG ZA . -15.76 53.88 2.09
O6 NAG ZA . -17.95 55.53 2.15
O7 NAG ZA . -11.52 51.75 0.22
C1 NAG AB . 35.86 -13.17 46.39
C2 NAG AB . 36.50 -13.72 47.67
C3 NAG AB . 35.50 -14.55 48.48
C4 NAG AB . 34.24 -13.73 48.75
C5 NAG AB . 33.65 -13.25 47.43
C6 NAG AB . 32.44 -12.36 47.62
C7 NAG AB . 38.75 -14.61 48.15
C8 NAG AB . 39.86 -15.48 47.67
N2 NAG AB . 37.68 -14.53 47.35
O3 NAG AB . 36.08 -14.94 49.71
O4 NAG AB . 33.28 -14.54 49.43
O5 NAG AB . 34.62 -12.48 46.72
O6 NAG AB . 32.71 -11.31 48.55
O7 NAG AB . 38.82 -13.99 49.20
C1 NAG BB . 53.86 -10.97 25.43
C2 NAG BB . 54.72 -10.81 24.18
C3 NAG BB . 55.83 -11.87 24.15
C4 NAG BB . 56.63 -11.86 25.45
C5 NAG BB . 55.68 -12.04 26.63
C6 NAG BB . 56.39 -11.90 27.96
C7 NAG BB . 54.06 -10.07 21.94
C8 NAG BB . 53.15 -10.32 20.77
N2 NAG BB . 53.91 -10.90 22.97
O3 NAG BB . 56.69 -11.60 23.05
O4 NAG BB . 57.58 -12.91 25.44
O5 NAG BB . 54.69 -11.01 26.60
O6 NAG BB . 56.51 -10.53 28.34
O7 NAG BB . 54.87 -9.16 21.95
C1 NAG CB . 23.37 -17.57 29.64
C2 NAG CB . 24.09 -18.42 28.58
C3 NAG CB . 23.09 -19.22 27.75
C4 NAG CB . 22.12 -20.00 28.64
C5 NAG CB . 21.44 -19.04 29.60
C6 NAG CB . 20.51 -19.72 30.57
C7 NAG CB . 25.97 -17.99 27.06
C8 NAG CB . 26.66 -16.96 26.20
N2 NAG CB . 24.90 -17.57 27.72
O3 NAG CB . 23.76 -20.12 26.88
O4 NAG CB . 21.14 -20.65 27.84
O5 NAG CB . 22.44 -18.39 30.38
O6 NAG CB . 20.51 -19.07 31.83
O7 NAG CB . 26.37 -19.15 27.13
C1 NAG DB . 23.17 -6.07 39.06
C2 NAG DB . 23.08 -7.58 39.31
C3 NAG DB . 21.75 -7.93 39.96
C4 NAG DB . 21.53 -7.08 41.22
C5 NAG DB . 21.71 -5.60 40.91
C6 NAG DB . 21.68 -4.74 42.15
C7 NAG DB . 24.45 -8.78 37.65
C8 NAG DB . 24.44 -9.53 36.35
N2 NAG DB . 23.26 -8.32 38.07
O3 NAG DB . 21.74 -9.31 40.30
O4 NAG DB . 20.21 -7.30 41.70
O5 NAG DB . 22.98 -5.38 40.30
O6 NAG DB . 22.98 -4.26 42.47
O7 NAG DB . 25.47 -8.59 38.29
C1 NAG EB . 9.56 11.32 47.51
C2 NAG EB . 8.48 12.39 47.66
C3 NAG EB . 8.74 13.25 48.89
C4 NAG EB . 8.90 12.38 50.13
C5 NAG EB . 9.97 11.32 49.89
C6 NAG EB . 10.09 10.34 51.03
C7 NAG EB . 7.47 13.06 45.52
C8 NAG EB . 7.53 14.00 44.37
N2 NAG EB . 8.40 13.23 46.47
O3 NAG EB . 7.66 14.16 49.08
O4 NAG EB . 9.27 13.18 51.24
O5 NAG EB . 9.64 10.55 48.72
O6 NAG EB . 8.82 9.77 51.37
O7 NAG EB . 6.62 12.18 45.60
C1 NAG FB . -12.81 -6.42 50.57
C2 NAG FB . -12.39 -7.63 51.39
C3 NAG FB . -13.49 -8.02 52.37
C4 NAG FB . -13.90 -6.82 53.23
C5 NAG FB . -14.27 -5.63 52.36
C6 NAG FB . -14.53 -4.37 53.14
C7 NAG FB . -11.06 -9.60 50.83
C8 NAG FB . -10.84 -10.71 49.84
N2 NAG FB . -12.04 -8.75 50.53
O3 NAG FB . -13.02 -9.07 53.22
O4 NAG FB . -15.02 -7.16 54.04
O5 NAG FB . -13.18 -5.33 51.46
O6 NAG FB . -14.61 -3.23 52.30
O7 NAG FB . -10.39 -9.51 51.84
C1 NAG GB . 0.95 2.69 53.32
C2 NAG GB . 1.15 1.24 52.88
C3 NAG GB . 2.33 0.61 53.65
C4 NAG GB . 3.58 1.47 53.50
C5 NAG GB . 3.30 2.89 53.95
C6 NAG GB . 4.46 3.82 53.71
C7 NAG GB . -0.37 -0.62 52.34
C8 NAG GB . -1.65 -1.31 52.70
N2 NAG GB . -0.05 0.45 53.08
O3 NAG GB . 2.58 -0.71 53.18
O4 NAG GB . 4.64 0.92 54.27
O5 NAG GB . 2.19 3.42 53.21
O6 NAG GB . 4.17 4.76 52.68
O7 NAG GB . 0.35 -1.02 51.44
C1 NAG HB . -38.29 -29.97 -18.61
C2 NAG HB . -39.37 -29.74 -19.67
C3 NAG HB . -40.76 -30.05 -19.11
C4 NAG HB . -40.81 -31.45 -18.51
C5 NAG HB . -39.76 -31.55 -17.42
C6 NAG HB . -39.67 -32.94 -16.83
C7 NAG HB . -39.16 -28.12 -21.50
C8 NAG HB . -39.13 -26.67 -21.86
N2 NAG HB . -39.32 -28.39 -20.19
O3 NAG HB . -41.72 -29.94 -20.16
O4 NAG HB . -42.10 -31.71 -17.96
O5 NAG HB . -38.47 -31.27 -17.99
O6 NAG HB . -38.78 -33.77 -17.57
O7 NAG HB . -39.04 -29.01 -22.32
C1 NAG IB . -36.49 -9.30 14.56
C2 NAG IB . -36.18 -8.51 15.83
C3 NAG IB . -37.12 -8.93 16.95
C4 NAG IB . -38.58 -8.81 16.51
C5 NAG IB . -38.79 -9.61 15.23
C6 NAG IB . -40.18 -9.45 14.65
C7 NAG IB . -33.99 -7.68 16.57
C8 NAG IB . -32.60 -8.05 16.97
N2 NAG IB . -34.80 -8.70 16.24
O3 NAG IB . -36.90 -8.09 18.09
O4 NAG IB . -39.45 -9.29 17.52
O5 NAG IB . -37.88 -9.16 14.22
O6 NAG IB . -40.13 -9.30 13.24
O7 NAG IB . -34.38 -6.52 16.55
C1 NAG JB . -13.62 -44.29 -23.31
C2 NAG JB . -14.46 -45.56 -23.16
C3 NAG JB . -14.06 -46.57 -24.23
C4 NAG JB . -14.18 -45.95 -25.62
C5 NAG JB . -13.35 -44.68 -25.70
C6 NAG JB . -13.53 -43.95 -27.01
C7 NAG JB . -15.31 -46.75 -21.20
C8 NAG JB . -14.98 -47.28 -19.83
N2 NAG JB . -14.31 -46.13 -21.84
O3 NAG JB . -14.89 -47.72 -24.14
O4 NAG JB . -13.73 -46.89 -26.60
O5 NAG JB . -13.74 -43.76 -24.66
O6 NAG JB . -12.60 -44.38 -27.99
O7 NAG JB . -16.42 -46.87 -21.69
C1 NAG KB . -31.25 -17.91 -6.97
C2 NAG KB . -31.54 -17.32 -8.36
C3 NAG KB . -32.36 -16.03 -8.23
C4 NAG KB . -33.61 -16.28 -7.39
C5 NAG KB . -33.23 -16.92 -6.06
C6 NAG KB . -34.43 -17.31 -5.22
C7 NAG KB . -29.94 -17.67 -10.19
C8 NAG KB . -28.62 -17.25 -10.79
N2 NAG KB . -30.29 -17.05 -9.07
O3 NAG KB . -32.72 -15.57 -9.52
O4 NAG KB . -34.29 -15.05 -7.16
O5 NAG KB . -32.50 -18.13 -6.29
O6 NAG KB . -34.13 -18.43 -4.41
O7 NAG KB . -30.65 -18.51 -10.72
C1 NAG LB . 10.06 -19.78 -31.16
C2 NAG LB . 8.68 -19.31 -31.64
C3 NAG LB . 7.70 -20.48 -31.69
C4 NAG LB . 8.26 -21.60 -32.56
C5 NAG LB . 9.61 -22.03 -32.02
C6 NAG LB . 10.28 -23.08 -32.89
C7 NAG LB . 7.98 -16.97 -31.24
C8 NAG LB . 8.36 -16.68 -32.67
N2 NAG LB . 8.17 -18.23 -30.82
O3 NAG LB . 6.46 -20.02 -32.22
O4 NAG LB . 7.35 -22.71 -32.55
O5 NAG LB . 10.51 -20.91 -31.97
O6 NAG LB . 9.51 -23.38 -34.04
O7 NAG LB . 7.55 -16.10 -30.51
C1 NAG MB . -44.14 -1.97 9.92
C2 NAG MB . -45.64 -2.17 9.67
C3 NAG MB . -45.89 -3.53 9.03
C4 NAG MB . -45.05 -3.71 7.78
C5 NAG MB . -43.57 -3.43 8.08
C6 NAG MB . -42.70 -3.44 6.84
C7 NAG MB . -47.64 -1.48 10.92
C8 NAG MB . -48.29 -1.38 12.26
N2 NAG MB . -46.41 -2.02 10.89
O3 NAG MB . -47.27 -3.66 8.70
O4 NAG MB . -45.18 -5.04 7.28
O5 NAG MB . -43.42 -2.13 8.68
O6 NAG MB . -41.73 -4.48 6.89
O7 NAG MB . -48.18 -1.07 9.90
C1 NAG NB . -47.26 12.18 1.54
C2 NAG NB . -48.10 11.74 0.36
C3 NAG NB . -49.41 12.52 0.30
C4 NAG NB . -50.15 12.42 1.63
C5 NAG NB . -49.23 12.84 2.79
C6 NAG NB . -49.86 12.61 4.14
C7 NAG NB . -46.91 10.83 -1.58
C8 NAG NB . -46.18 11.16 -2.85
N2 NAG NB . -47.36 11.88 -0.89
O3 NAG NB . -50.22 11.98 -0.74
O4 NAG NB . -51.29 13.28 1.63
O5 NAG NB . -48.03 12.06 2.76
O6 NAG NB . -50.14 13.84 4.81
O7 NAG NB . -47.09 9.68 -1.22
#